data_7QTQ
#
_entry.id   7QTQ
#
_cell.length_a   1.00
_cell.length_b   1.00
_cell.length_c   1.00
_cell.angle_alpha   90.00
_cell.angle_beta   90.00
_cell.angle_gamma   90.00
#
_symmetry.space_group_name_H-M   'P 1'
#
loop_
_entity.id
_entity.type
_entity.pdbx_description
1 polymer Thyroglobulin
2 branched alpha-D-mannopyranose-(1-4)-2-acetamido-2-deoxy-beta-D-glucopyranose-(1-4)-2-acetamido-2-deoxy-beta-D-glucopyranose
3 branched 2-acetamido-2-deoxy-beta-D-glucopyranose-(1-4)-2-acetamido-2-deoxy-beta-D-glucopyranose
4 non-polymer 2-acetamido-2-deoxy-beta-D-glucopyranose
#
_entity_poly.entity_id   1
_entity_poly.type   'polypeptide(L)'
_entity_poly.pdbx_seq_one_letter_code
;MALALWVFGLLDLICLASANIFEYQVDAQPLRPCELQRERAFLKREDYVPQCAEDGSFQTVQCGKDGASCWCVDADGREV
PGSRQPGRPAACLSFCQLQKQQILLSSYINSTATSYLPQCQDSGDYSPVQCDLRRRQCWCVDAEGMEVYGTRQQGRPARC
PRSCEIRNRRLLHGVGDRSPPQCSPDGAFRPVQCKFVNTTDMMIFDLVHSYSRFPDAFVTFSSFRSRFPEVSGYCYCADS
QGRELAETGLELLLDEIYDTIFAGLDLASTFAETTLYRILQRRFLAVQLVISGRFRCPTKCEVERFAATSFRHPYVPSCH
PDGEYQAAQCQQGGPCWCVDSRGQEIPGTRQRGEPPSCAEDQSCPSERRRAFSRLRFGPSGYFSRRSLLLAPEEGPVSQR
FARFTASCPPSIKELFLDSGIFQPMLQGRDTRFVAPESLKEAIRGLFPSRELARLALQFTTNAKRLQQNLFGGRFLVKVG
QFNLSGALGTRGTFNFSHFFQQLGLPGFQDGRALADLAKPLSVGLNSNPASEAPKASKIDVALRKPVVGSFGFEVNLQEN
QNALQFLSSFLELPEFLLFLQHAISVPEDIARDLGDVMEMVFSSQGCGQAPGSLFVPACTAEGSYEEVQCFAGDCWCVDA
QGRELAGSRVRGGRPRCPTECEKQRARMQSLLGSQPAGSSLFVPACTSKGNFLPVQCFNSECYCVDTEGQPIPGTRSALG
EPKKCPSPCQLQAERAFLGTVRTLVSNPSTLPALSSIYIPQCSASGQWSPVQCDGPPEQAFEWYERWEAQNSAGQALTPA
ELLMKIMSYREAASRNFRLFIQNLYEAGQQGIFPGLARYSSFQDVPVSVLEGNQTQPGGNVFLEPYLFWQILNGQLDRYP
GPYSDFSAPLAHFDLRSCWCVDEAGQKLEGTRNEPNKVPACPGSCEEVKLRVLQFIREAEEIVTYSNSSRFPLGESFLAA
KGIRLTDEELAFPPLSPSRETFLEKFLSGSDYAIRLAAQSTFDFYQRRLVTLAESPRAPSPVWSSAYLPQCDAFGGWEPV
QCHAATGHCWCVDGKGEYVPTSLTARSRQIPQCPTSCERLRASGLLSSWKQAGVQAEPSPKDLFIPTCLETGEFARLQAS
EAGTWCVDPASGEGVPPGTNSSAQCPSLCEVLQSGVPSRRTSPGYSPACRAEDGGFSPVQCDPAQGSCWCVLGSGEEVPG
TRVAGSQPACESPQCPLPFSVADVAGGAILCERASGLGAAAGQRCQLRCSQGYRSAFPPEPLLCSVQRRRWESRPPQPRA
CQRPQFWQTLQTQAQFQLLLPLGKVCSADYSGLLLAFQVFLLDELTARGFCQIQVKTAGTPVSIPVCDDSSVKVECLSRE
RLGVNITWKLQLVDAPPASLPDLQDVEEALAGKYLAGRFADLIQSGTFQLHLDSKTFSADTSIRFLQGDRFGTSPRTQFG
CLEGFGRVVAASDASQDALGCVKCPEGSYFQDEQCIPCPAGFYQEQAGSLACVPCPEGRTTVYAGAFSQTHCVTDCQKNE
VGLQCDQDSQYRASQRDRTSGKAFCVDGEGRRLPWTEAEAPLVDAQCLVMRKFEKLPESKVIFSADVAVMVRSEVPGSES
SLMQCLADCALDEACGFLTVSTAGSEVSCDFYAWASDSIACTTSGRSEDALGTSQATSFGSLQCQVKVRSREGDPLAVYL
KKGQEFTITGQKRFEQTGFQSALSGMYSPVTFSASGASLAEVHLFCLLACDHDSCCDGFILVQVQGGPLLCGLLSSPDVL
LCHVRDWRDPAEAQANASCPGVTYDQDSRQVTLRLGGQEIRGLTPLEGTQDTLTSFQQVYLWKDSDMGSRSESMGCRRDT
EPRPASPSETDLTTGLFSPVDLIQVIVDGNVSLPSQQHWLFKHLFSLQQANLWCLSRCAGEPSFCQLAEVTDSEPLYFTC
TLYPEAQVCDDILESSPKGCRLILPRRPSALYRKKVVLQDRVKNFYNRLPFQKLTGISIRNKVPMSDKSISSGFFECERL
CDMDPCCTGFGFLNVSQLKGGEVTCLTLNSLGLQTCSEEYGGVWRILDCGSPDTEVRTYPFGWYQKPVSPSDAPSFCPSV
ALPALTENVALDSWQSLALSSVIVDPSIRNFDVAHISTAAVGNFSAARDRCLWECSRHQDCLVTTLQTQPGAVRCMFYAD
TQSCTHSLQAQNCRLLLHEEATYIYRKPNIPLPGFGTSSPSVPIATHGQLLGRSQAIQVGTSWKPVDQFLGVPYAAPPLG
EKRFRAPEHLNWTGSWEATKPRARCWQPGIRTPTPPGVSEDCLYLNVFVPQNMAPNASVLVFFHNAAEGKGSGDRPAVDG
SFLAAVGNLIVVTASYRTGIFGFLSSGSSELSGNWGLLDQVVALTWVQTHIQAFGGDPRRVTLAADRGGADIASIHLVTT
RAANSRLFRRAVLMGGSALSPAAVIRPERARQQAAALAKEVGCPSSSVQEMVSCLRQEPARILNDAQTKLLAVSGPFHYW
GPVVDGQYLRETPARVLQRAPRVKVDLLIGSSQDDGLINRAKAVKQFEESQGRTSSKTAF(DHA)QALQNSLGGEAADAG
VQAAATWYYSLEHDSDD(T44)ASFSRALEQATRDYFIICPVIDMASHWARTVRGNVFMYHAPESYSHSSLELLTDVLYA
FGLPFYPAYEGQFTLEEKSLSLKIMQYFSNFIRSGNPNYPHEFSRRAPEFAAPWPDFVPRDGAESYKELSVLLPNRQGLK
KADCSFWSKYIQSLKASADETKDGPSADSEEEDQPAGSGLTEDLLGLPELASKTYSK
;
_entity_poly.pdbx_strand_id   A,B
#
loop_
_chem_comp.id
_chem_comp.type
_chem_comp.name
_chem_comp.formula
MAN D-saccharide, alpha linking alpha-D-mannopyranose 'C6 H12 O6'
NAG D-saccharide, beta linking 2-acetamido-2-deoxy-beta-D-glucopyranose 'C8 H15 N O6'
T44 non-polymer 3,5,3',5'-TETRAIODO-L-THYRONINE 'C15 H11 I4 N O4'
#
# COMPACT_ATOMS: atom_id res chain seq x y z
N LEU A 31 -12.31 -17.24 66.71
CA LEU A 31 -12.10 -16.41 65.53
C LEU A 31 -10.88 -15.50 65.74
N ARG A 32 -11.11 -14.24 66.11
CA ARG A 32 -10.03 -13.31 66.39
C ARG A 32 -10.56 -12.26 67.34
N PRO A 33 -9.70 -11.38 67.85
CA PRO A 33 -10.18 -10.34 68.77
C PRO A 33 -11.29 -9.48 68.19
N CYS A 34 -11.39 -9.34 66.87
CA CYS A 34 -12.44 -8.50 66.28
C CYS A 34 -13.79 -9.18 66.14
N GLU A 35 -13.84 -10.27 65.36
CA GLU A 35 -15.13 -10.82 64.96
C GLU A 35 -16.02 -11.10 66.16
N LEU A 36 -15.44 -11.48 67.29
CA LEU A 36 -16.22 -11.66 68.50
C LEU A 36 -16.91 -10.35 68.89
N GLN A 37 -16.16 -9.25 68.85
CA GLN A 37 -16.76 -7.95 69.06
C GLN A 37 -17.69 -7.59 67.92
N ARG A 38 -17.26 -7.85 66.68
CA ARG A 38 -18.07 -7.48 65.52
C ARG A 38 -19.40 -8.23 65.52
N GLU A 39 -19.34 -9.55 65.67
CA GLU A 39 -20.57 -10.35 65.68
C GLU A 39 -21.49 -9.92 66.80
N ARG A 40 -20.94 -9.64 67.99
CA ARG A 40 -21.76 -9.25 69.12
C ARG A 40 -22.52 -7.96 68.82
N ALA A 41 -21.85 -6.98 68.23
CA ALA A 41 -22.51 -5.70 67.96
C ALA A 41 -23.69 -5.89 67.01
N PHE A 42 -23.51 -6.71 65.97
CA PHE A 42 -24.59 -6.92 65.00
C PHE A 42 -25.80 -7.54 65.68
N LEU A 43 -25.60 -8.58 66.49
CA LEU A 43 -26.72 -9.22 67.16
C LEU A 43 -27.37 -8.27 68.16
N LYS A 44 -26.57 -7.58 68.97
CA LYS A 44 -27.10 -6.67 69.98
C LYS A 44 -27.60 -5.37 69.38
N ARG A 45 -27.08 -4.97 68.23
CA ARG A 45 -27.49 -3.77 67.49
C ARG A 45 -26.91 -2.49 68.07
N GLU A 46 -25.86 -2.58 68.89
CA GLU A 46 -25.18 -1.38 69.35
C GLU A 46 -24.79 -0.51 68.17
N ASP A 47 -24.80 0.81 68.37
CA ASP A 47 -24.69 1.71 67.23
C ASP A 47 -23.24 1.88 66.79
N TYR A 48 -22.53 0.77 66.63
CA TYR A 48 -21.18 0.77 66.08
C TYR A 48 -20.74 -0.67 65.88
N VAL A 49 -20.15 -0.98 64.73
CA VAL A 49 -19.64 -2.31 64.44
C VAL A 49 -18.14 -2.16 64.15
N PRO A 50 -17.27 -2.82 64.89
CA PRO A 50 -15.83 -2.60 64.70
C PRO A 50 -15.31 -3.20 63.41
N GLN A 51 -15.42 -2.46 62.31
CA GLN A 51 -14.87 -2.86 61.02
C GLN A 51 -13.50 -3.50 61.19
N CYS A 52 -13.35 -4.73 60.73
CA CYS A 52 -12.05 -5.37 60.69
C CYS A 52 -11.90 -6.16 59.41
N ALA A 53 -10.74 -6.00 58.78
CA ALA A 53 -10.49 -6.57 57.48
C ALA A 53 -10.25 -8.07 57.59
N GLU A 54 -9.93 -8.70 56.48
CA GLU A 54 -9.37 -10.04 56.49
C GLU A 54 -8.19 -10.03 57.45
N ASP A 55 -7.81 -11.18 57.98
CA ASP A 55 -6.85 -11.36 59.07
C ASP A 55 -7.56 -11.11 60.40
N GLY A 56 -8.86 -10.86 60.41
CA GLY A 56 -9.60 -10.72 61.66
C GLY A 56 -9.00 -9.71 62.61
N SER A 57 -8.33 -8.70 62.05
CA SER A 57 -7.67 -7.67 62.82
C SER A 57 -8.37 -6.34 62.58
N PHE A 58 -8.53 -5.56 63.64
CA PHE A 58 -9.25 -4.30 63.54
C PHE A 58 -8.66 -3.43 62.46
N GLN A 59 -9.53 -2.90 61.60
CA GLN A 59 -9.10 -1.91 60.63
C GLN A 59 -8.53 -0.72 61.37
N THR A 60 -7.40 -0.21 60.88
CA THR A 60 -6.74 0.90 61.56
C THR A 60 -7.71 2.05 61.78
N VAL A 61 -8.59 2.31 60.80
CA VAL A 61 -9.54 3.40 60.86
C VAL A 61 -10.94 2.77 60.90
N GLN A 62 -11.53 2.74 62.08
CA GLN A 62 -12.92 2.32 62.23
C GLN A 62 -13.83 3.45 61.81
N CYS A 63 -15.14 3.20 61.84
CA CYS A 63 -16.11 4.25 61.60
C CYS A 63 -17.37 4.01 62.42
N GLY A 64 -18.15 5.08 62.57
CA GLY A 64 -19.39 5.04 63.29
C GLY A 64 -20.52 4.45 62.47
N LYS A 65 -21.70 4.42 63.09
CA LYS A 65 -22.81 3.66 62.52
C LYS A 65 -23.22 4.17 61.15
N ASP A 66 -22.99 5.46 60.87
CA ASP A 66 -23.40 6.03 59.58
C ASP A 66 -22.29 6.91 59.02
N GLY A 67 -21.04 6.51 59.21
CA GLY A 67 -19.95 7.29 58.67
C GLY A 67 -19.89 8.71 59.19
N ALA A 68 -20.46 8.96 60.36
CA ALA A 68 -20.43 10.31 60.93
C ALA A 68 -19.02 10.71 61.33
N SER A 69 -18.41 9.94 62.23
CA SER A 69 -17.08 10.25 62.75
C SER A 69 -16.26 8.97 62.75
N CYS A 70 -15.32 8.85 61.81
CA CYS A 70 -14.40 7.73 61.77
C CYS A 70 -13.22 8.06 62.66
N TRP A 71 -13.11 7.36 63.78
CA TRP A 71 -11.94 7.46 64.65
C TRP A 71 -11.05 6.25 64.42
N CYS A 72 -9.74 6.49 64.42
CA CYS A 72 -8.78 5.44 64.17
C CYS A 72 -8.31 4.84 65.48
N VAL A 73 -8.07 3.53 65.48
CA VAL A 73 -7.81 2.75 66.68
C VAL A 73 -6.52 1.97 66.48
N ASP A 74 -6.17 1.16 67.48
CA ASP A 74 -5.05 0.23 67.42
C ASP A 74 -5.55 -1.21 67.47
N ALA A 75 -4.60 -2.14 67.49
CA ALA A 75 -4.95 -3.56 67.36
C ALA A 75 -5.87 -4.01 68.49
N ASP A 76 -5.63 -3.52 69.71
CA ASP A 76 -6.47 -3.94 70.82
C ASP A 76 -7.92 -3.56 70.59
N GLY A 77 -8.15 -2.37 70.04
CA GLY A 77 -9.49 -1.83 69.86
C GLY A 77 -9.74 -0.52 70.57
N ARG A 78 -8.77 -0.01 71.33
CA ARG A 78 -8.92 1.30 71.93
C ARG A 78 -8.80 2.38 70.86
N GLU A 79 -9.58 3.46 71.03
CA GLU A 79 -9.54 4.57 70.10
C GLU A 79 -8.47 5.57 70.53
N VAL A 80 -7.70 6.05 69.56
CA VAL A 80 -6.63 6.99 69.87
C VAL A 80 -7.26 8.26 70.44
N PRO A 81 -6.81 8.78 71.59
CA PRO A 81 -7.46 9.97 72.15
C PRO A 81 -7.43 11.16 71.21
N GLY A 82 -6.36 11.30 70.43
CA GLY A 82 -6.23 12.44 69.54
C GLY A 82 -6.79 12.18 68.16
N SER A 83 -7.95 11.51 68.08
CA SER A 83 -8.61 11.34 66.80
C SER A 83 -10.07 10.99 67.04
N ARG A 84 -10.97 11.93 66.71
CA ARG A 84 -12.40 11.66 66.64
C ARG A 84 -13.05 12.42 65.49
N GLN A 85 -12.24 12.94 64.56
CA GLN A 85 -12.71 13.95 63.62
C GLN A 85 -13.82 13.40 62.74
N PRO A 86 -14.82 14.22 62.38
CA PRO A 86 -15.79 13.78 61.37
C PRO A 86 -15.11 13.51 60.03
N GLY A 87 -15.64 12.53 59.31
CA GLY A 87 -15.11 12.17 58.00
C GLY A 87 -14.18 10.97 58.09
N ARG A 88 -13.04 11.06 57.42
CA ARG A 88 -12.03 10.00 57.44
C ARG A 88 -10.71 10.60 57.91
N PRO A 89 -10.11 10.10 58.99
CA PRO A 89 -8.82 10.65 59.42
C PRO A 89 -7.77 10.51 58.32
N ALA A 90 -6.88 11.49 58.26
CA ALA A 90 -5.88 11.56 57.20
C ALA A 90 -4.80 10.52 57.47
N ALA A 91 -5.09 9.28 57.06
CA ALA A 91 -4.12 8.20 57.09
C ALA A 91 -3.53 8.03 58.48
N CYS A 92 -4.40 7.61 59.41
CA CYS A 92 -4.00 7.45 60.80
C CYS A 92 -2.77 6.55 60.90
N LEU A 93 -2.04 6.68 61.99
CA LEU A 93 -0.80 5.95 62.16
C LEU A 93 -1.07 4.45 62.29
N SER A 94 -0.14 3.65 61.77
CA SER A 94 -0.34 2.21 61.70
C SER A 94 -0.13 1.55 63.05
N PHE A 95 -0.49 0.26 63.11
CA PHE A 95 -0.39 -0.48 64.36
C PHE A 95 1.04 -0.51 64.88
N CYS A 96 1.99 -0.78 63.99
CA CYS A 96 3.38 -0.92 64.42
C CYS A 96 3.85 0.33 65.15
N GLN A 97 3.68 1.50 64.52
CA GLN A 97 4.09 2.73 65.18
C GLN A 97 3.20 3.04 66.37
N LEU A 98 1.88 2.85 66.23
CA LEU A 98 0.99 3.08 67.36
C LEU A 98 1.35 2.19 68.54
N GLN A 99 2.03 1.08 68.29
CA GLN A 99 2.65 0.31 69.35
C GLN A 99 4.06 0.80 69.66
N LYS A 100 4.76 1.33 68.66
CA LYS A 100 6.11 1.85 68.89
C LYS A 100 6.07 3.04 69.83
N GLN A 101 5.37 4.10 69.44
CA GLN A 101 5.36 5.32 70.24
C GLN A 101 4.83 5.08 71.65
N GLN A 102 4.07 4.01 71.85
CA GLN A 102 3.61 3.69 73.21
C GLN A 102 4.80 3.39 74.12
N ILE A 103 5.81 2.69 73.60
CA ILE A 103 6.96 2.34 74.41
C ILE A 103 7.68 3.58 74.92
N LEU A 104 7.83 4.58 74.05
CA LEU A 104 8.60 5.77 74.42
C LEU A 104 8.02 6.44 75.66
N LEU A 105 6.71 6.35 75.86
CA LEU A 105 6.07 6.93 77.03
C LEU A 105 5.03 5.98 77.61
N TYR A 116 13.73 -1.86 73.34
CA TYR A 116 13.39 -2.37 72.02
C TYR A 116 12.32 -1.50 71.37
N LEU A 117 12.56 -1.10 70.13
CA LEU A 117 11.61 -0.32 69.34
C LEU A 117 11.31 -1.06 68.05
N PRO A 118 10.06 -1.42 67.76
CA PRO A 118 9.78 -2.15 66.52
C PRO A 118 10.22 -1.38 65.29
N GLN A 119 10.71 -2.11 64.30
CA GLN A 119 11.11 -1.50 63.02
C GLN A 119 9.93 -1.63 62.07
N CYS A 120 9.21 -0.53 61.88
CA CYS A 120 8.02 -0.52 61.05
C CYS A 120 8.41 -0.36 59.59
N GLN A 121 7.91 -1.26 58.75
CA GLN A 121 8.19 -1.17 57.33
C GLN A 121 7.59 0.12 56.76
N ASP A 122 8.00 0.46 55.54
CA ASP A 122 7.52 1.69 54.92
C ASP A 122 6.00 1.70 54.81
N SER A 123 5.40 0.53 54.57
CA SER A 123 3.94 0.45 54.48
C SER A 123 3.27 0.64 55.83
N GLY A 124 4.02 0.73 56.93
CA GLY A 124 3.46 0.89 58.24
C GLY A 124 3.25 -0.40 59.01
N ASP A 125 3.45 -1.54 58.37
CA ASP A 125 3.30 -2.83 59.03
C ASP A 125 4.65 -3.30 59.58
N TYR A 126 4.58 -4.25 60.50
CA TYR A 126 5.78 -4.79 61.12
C TYR A 126 6.72 -5.35 60.06
N SER A 127 8.01 -5.08 60.23
CA SER A 127 9.01 -5.71 59.39
C SER A 127 9.00 -7.22 59.67
N PRO A 128 9.30 -8.04 58.67
CA PRO A 128 9.24 -9.49 58.91
C PRO A 128 10.17 -9.95 60.01
N VAL A 129 11.29 -9.25 60.21
CA VAL A 129 12.25 -9.58 61.25
C VAL A 129 12.46 -8.35 62.12
N GLN A 130 12.12 -8.48 63.39
CA GLN A 130 12.44 -7.44 64.36
C GLN A 130 13.90 -7.53 64.74
N CYS A 131 14.32 -6.70 65.69
CA CYS A 131 15.68 -6.76 66.20
C CYS A 131 15.83 -5.84 67.41
N GLN A 137 20.15 -10.58 70.37
CA GLN A 137 18.73 -10.80 70.13
C GLN A 137 18.26 -10.02 68.92
N CYS A 138 18.07 -10.73 67.81
CA CYS A 138 17.63 -10.14 66.55
C CYS A 138 16.54 -11.00 65.92
N TRP A 139 15.53 -11.35 66.72
CA TRP A 139 14.54 -12.34 66.35
C TRP A 139 13.65 -11.82 65.21
N CYS A 140 12.69 -12.65 64.80
CA CYS A 140 11.72 -12.26 63.78
C CYS A 140 10.32 -12.63 64.23
N VAL A 141 9.34 -12.03 63.58
CA VAL A 141 7.97 -11.95 64.07
C VAL A 141 6.99 -12.29 62.97
N ASP A 142 5.79 -12.69 63.38
CA ASP A 142 4.67 -12.86 62.47
C ASP A 142 4.15 -11.49 62.06
N ALA A 143 3.06 -11.47 61.31
CA ALA A 143 2.44 -10.20 60.91
C ALA A 143 1.36 -9.78 61.89
N GLU A 144 1.67 -9.85 63.19
CA GLU A 144 0.81 -9.28 64.23
C GLU A 144 1.57 -8.53 65.31
N GLY A 145 2.85 -8.82 65.52
CA GLY A 145 3.66 -8.18 66.55
C GLY A 145 4.29 -9.15 67.52
N MET A 146 3.63 -10.29 67.76
CA MET A 146 4.13 -11.28 68.70
C MET A 146 5.09 -12.22 67.98
N GLU A 147 6.30 -12.33 68.51
CA GLU A 147 7.38 -12.99 67.80
C GLU A 147 7.06 -14.46 67.53
N VAL A 148 7.54 -14.95 66.38
CA VAL A 148 7.54 -16.39 66.15
C VAL A 148 8.34 -17.05 67.26
N TYR A 149 8.00 -18.31 67.54
CA TYR A 149 8.48 -18.94 68.77
C TYR A 149 10.00 -19.02 68.84
N GLY A 150 10.59 -19.83 67.98
CA GLY A 150 12.02 -20.13 68.06
C GLY A 150 12.91 -19.32 67.15
N THR A 151 13.01 -18.00 67.35
CA THR A 151 13.77 -17.17 66.42
C THR A 151 14.73 -16.20 67.11
N ARG A 152 14.90 -16.28 68.42
CA ARG A 152 15.84 -15.40 69.09
C ARG A 152 17.26 -15.71 68.63
N GLN A 153 17.94 -14.72 68.03
CA GLN A 153 19.28 -14.91 67.51
C GLN A 153 20.11 -13.66 67.74
N GLN A 154 21.44 -13.83 67.72
CA GLN A 154 22.33 -12.69 67.81
C GLN A 154 22.20 -11.79 66.58
N GLY A 155 22.28 -12.38 65.39
CA GLY A 155 22.24 -11.64 64.16
C GLY A 155 20.91 -11.83 63.43
N ARG A 156 20.76 -11.05 62.36
CA ARG A 156 19.53 -11.09 61.58
C ARG A 156 19.39 -12.46 60.92
N PRO A 157 18.30 -13.19 61.14
CA PRO A 157 18.10 -14.42 60.37
C PRO A 157 18.06 -14.13 58.87
N ALA A 158 18.66 -15.02 58.09
CA ALA A 158 18.68 -14.83 56.65
C ALA A 158 17.26 -14.84 56.08
N ARG A 159 16.44 -15.79 56.52
CA ARG A 159 15.05 -15.85 56.09
C ARG A 159 14.32 -16.77 57.05
N CYS A 160 13.26 -16.27 57.69
CA CYS A 160 12.52 -17.03 58.67
C CYS A 160 11.06 -17.17 58.22
N PRO A 161 10.32 -18.11 58.80
CA PRO A 161 9.19 -18.70 58.07
C PRO A 161 8.08 -17.70 57.77
N ARG A 162 7.20 -18.13 56.87
CA ARG A 162 6.01 -17.39 56.51
C ARG A 162 4.84 -17.85 57.39
N SER A 163 3.61 -17.46 57.04
CA SER A 163 2.47 -17.75 57.89
C SER A 163 2.07 -19.22 57.85
N CYS A 164 2.43 -19.94 56.80
CA CYS A 164 2.09 -21.36 56.70
C CYS A 164 3.14 -22.24 57.37
N GLU A 165 4.41 -22.05 57.02
CA GLU A 165 5.45 -22.92 57.55
C GLU A 165 5.44 -22.96 59.07
N ILE A 166 5.03 -21.85 59.70
CA ILE A 166 4.89 -21.85 61.15
C ILE A 166 3.78 -22.80 61.57
N ARG A 167 2.65 -22.77 60.87
CA ARG A 167 1.54 -23.64 61.23
C ARG A 167 1.92 -25.10 61.10
N ASN A 168 2.62 -25.45 60.01
CA ASN A 168 3.05 -26.84 59.85
C ASN A 168 3.97 -27.25 60.99
N ARG A 169 5.02 -26.47 61.24
CA ARG A 169 5.93 -26.80 62.33
C ARG A 169 5.21 -26.75 63.67
N ARG A 170 4.35 -25.77 63.85
CA ARG A 170 3.56 -25.70 65.06
C ARG A 170 2.58 -26.85 65.18
N LEU A 171 2.37 -27.61 64.11
CA LEU A 171 1.52 -28.79 64.15
C LEU A 171 2.28 -30.02 64.63
N LEU A 172 3.54 -30.17 64.22
CA LEU A 172 4.34 -31.28 64.72
C LEU A 172 4.54 -31.19 66.22
N HIS A 173 4.73 -29.97 66.74
CA HIS A 173 4.91 -29.79 68.16
C HIS A 173 3.64 -30.13 68.94
N GLY A 174 2.49 -30.19 68.28
CA GLY A 174 1.31 -30.78 68.87
C GLY A 174 0.25 -29.82 69.38
N VAL A 175 -0.08 -28.79 68.60
CA VAL A 175 -1.21 -27.92 68.90
C VAL A 175 -1.99 -27.72 67.60
N GLY A 176 -3.04 -28.51 67.41
CA GLY A 176 -3.90 -28.43 66.25
C GLY A 176 -4.21 -29.81 65.70
N ASP A 177 -5.26 -29.86 64.87
CA ASP A 177 -5.64 -31.11 64.23
C ASP A 177 -4.56 -31.55 63.25
N ARG A 178 -4.32 -32.86 63.20
CA ARG A 178 -3.14 -33.41 62.54
C ARG A 178 -3.34 -33.52 61.03
N SER A 179 -3.52 -32.36 60.40
CA SER A 179 -3.64 -32.26 58.96
C SER A 179 -2.94 -31.00 58.48
N PRO A 180 -1.80 -31.10 57.81
CA PRO A 180 -1.00 -29.91 57.54
C PRO A 180 -1.63 -29.05 56.45
N PRO A 181 -1.80 -27.76 56.69
CA PRO A 181 -2.29 -26.88 55.62
C PRO A 181 -1.35 -26.88 54.42
N GLN A 182 -1.93 -26.75 53.25
CA GLN A 182 -1.17 -26.78 52.00
C GLN A 182 -0.58 -25.39 51.76
N CYS A 183 0.75 -25.31 51.73
CA CYS A 183 1.46 -24.04 51.69
C CYS A 183 1.90 -23.72 50.26
N SER A 184 1.65 -22.49 49.84
CA SER A 184 2.19 -21.98 48.60
C SER A 184 3.72 -22.02 48.67
N PRO A 185 4.41 -22.18 47.53
CA PRO A 185 5.87 -22.27 47.60
C PRO A 185 6.52 -21.04 48.22
N ASP A 186 5.95 -19.86 48.04
CA ASP A 186 6.45 -18.67 48.71
C ASP A 186 6.25 -18.71 50.22
N GLY A 187 5.44 -19.64 50.71
CA GLY A 187 5.23 -19.83 52.13
C GLY A 187 3.83 -19.50 52.60
N ALA A 188 3.04 -18.80 51.80
CA ALA A 188 1.70 -18.44 52.21
C ALA A 188 0.75 -19.62 52.03
N PHE A 189 -0.43 -19.49 52.63
CA PHE A 189 -1.43 -20.55 52.51
C PHE A 189 -1.91 -20.67 51.07
N ARG A 190 -2.04 -21.91 50.61
CA ARG A 190 -2.62 -22.15 49.31
C ARG A 190 -4.08 -21.70 49.33
N PRO A 191 -4.57 -21.05 48.27
CA PRO A 191 -5.97 -20.56 48.32
C PRO A 191 -6.98 -21.64 48.58
N VAL A 192 -6.80 -22.83 48.01
CA VAL A 192 -7.76 -23.92 48.09
C VAL A 192 -7.17 -24.96 49.04
N GLN A 193 -7.61 -24.95 50.29
CA GLN A 193 -7.18 -25.98 51.24
C GLN A 193 -8.02 -27.24 51.05
N CYS A 194 -7.45 -28.37 51.44
CA CYS A 194 -8.14 -29.65 51.30
C CYS A 194 -7.71 -30.56 52.44
N LYS A 195 -8.65 -30.91 53.31
CA LYS A 195 -8.39 -31.81 54.43
C LYS A 195 -9.36 -32.97 54.35
N PHE A 196 -8.83 -34.19 54.31
CA PHE A 196 -9.69 -35.35 54.19
C PHE A 196 -10.53 -35.51 55.46
N VAL A 197 -11.55 -36.35 55.37
CA VAL A 197 -12.45 -36.58 56.49
C VAL A 197 -12.75 -38.06 56.58
N ASN A 198 -12.70 -38.59 57.80
CA ASN A 198 -13.11 -39.96 58.05
C ASN A 198 -14.63 -39.99 58.06
N THR A 199 -15.21 -40.68 57.08
CA THR A 199 -16.67 -40.67 56.92
C THR A 199 -17.37 -41.25 58.14
N THR A 200 -16.69 -42.12 58.89
CA THR A 200 -17.26 -42.69 60.10
C THR A 200 -16.83 -41.85 61.29
N ASP A 201 -17.81 -41.32 62.03
CA ASP A 201 -17.69 -40.53 63.24
C ASP A 201 -17.23 -39.10 62.97
N MET A 202 -16.89 -38.75 61.73
CA MET A 202 -16.67 -37.35 61.35
C MET A 202 -15.52 -36.72 62.14
N MET A 203 -14.40 -37.42 62.20
CA MET A 203 -13.14 -36.84 62.64
C MET A 203 -12.22 -36.66 61.44
N ILE A 204 -11.53 -35.52 61.39
CA ILE A 204 -10.62 -35.27 60.29
C ILE A 204 -9.59 -36.38 60.24
N PHE A 205 -9.22 -36.79 59.03
CA PHE A 205 -8.30 -37.89 58.83
C PHE A 205 -6.87 -37.38 58.91
N ASP A 206 -6.14 -37.83 59.92
CA ASP A 206 -4.80 -37.30 60.14
C ASP A 206 -3.89 -37.62 58.96
N LEU A 207 -2.97 -36.70 58.68
CA LEU A 207 -2.14 -36.79 57.50
C LEU A 207 -0.66 -36.60 57.76
N VAL A 208 -0.27 -35.96 58.87
CA VAL A 208 1.14 -35.98 59.25
C VAL A 208 1.57 -37.38 59.62
N HIS A 209 0.62 -38.23 60.03
CA HIS A 209 0.90 -39.61 60.40
C HIS A 209 0.64 -40.59 59.25
N SER A 210 -0.57 -40.57 58.70
CA SER A 210 -0.90 -41.52 57.65
C SER A 210 0.01 -41.37 56.44
N TYR A 211 0.27 -40.13 56.03
CA TYR A 211 1.20 -39.93 54.92
C TYR A 211 2.61 -40.33 55.30
N SER A 212 3.01 -40.05 56.55
CA SER A 212 4.37 -40.36 56.96
C SER A 212 4.65 -41.86 56.89
N ARG A 213 3.71 -42.67 57.36
CA ARG A 213 3.91 -44.10 57.42
C ARG A 213 3.48 -44.81 56.14
N PHE A 214 2.45 -44.32 55.46
CA PHE A 214 1.90 -45.00 54.29
C PHE A 214 2.01 -44.13 53.04
N PRO A 215 3.19 -43.61 52.71
CA PRO A 215 3.28 -42.68 51.57
C PRO A 215 2.90 -43.31 50.25
N ASP A 216 2.98 -44.63 50.12
CA ASP A 216 2.62 -45.27 48.85
C ASP A 216 1.11 -45.30 48.63
N ALA A 217 0.32 -45.23 49.71
CA ALA A 217 -1.13 -45.25 49.55
C ALA A 217 -1.61 -44.06 48.73
N PHE A 218 -0.85 -42.97 48.72
CA PHE A 218 -1.27 -41.72 48.10
C PHE A 218 -0.78 -41.57 46.67
N VAL A 219 -0.18 -42.61 46.09
CA VAL A 219 0.39 -42.46 44.75
C VAL A 219 -0.70 -42.15 43.73
N THR A 220 -1.88 -42.76 43.89
CA THR A 220 -3.00 -42.54 42.99
C THR A 220 -4.28 -42.73 43.77
N PHE A 221 -5.40 -42.36 43.16
CA PHE A 221 -6.67 -42.47 43.86
C PHE A 221 -7.11 -43.92 44.02
N SER A 222 -6.79 -44.78 43.07
CA SER A 222 -7.07 -46.20 43.24
C SER A 222 -6.37 -46.74 44.48
N SER A 223 -5.08 -46.42 44.62
CA SER A 223 -4.32 -46.91 45.78
C SER A 223 -4.89 -46.37 47.08
N PHE A 224 -5.27 -45.08 47.09
CA PHE A 224 -5.76 -44.48 48.32
C PHE A 224 -7.03 -45.18 48.80
N ARG A 225 -7.97 -45.44 47.89
CA ARG A 225 -9.23 -46.05 48.28
C ARG A 225 -9.00 -47.44 48.86
N SER A 226 -8.06 -48.20 48.29
CA SER A 226 -7.77 -49.54 48.76
C SER A 226 -7.05 -49.56 50.11
N ARG A 227 -6.64 -48.39 50.62
CA ARG A 227 -6.01 -48.29 51.92
C ARG A 227 -6.86 -47.55 52.95
N PHE A 228 -7.62 -46.55 52.53
CA PHE A 228 -8.51 -45.81 53.42
C PHE A 228 -9.87 -45.67 52.74
N PRO A 229 -10.60 -46.77 52.58
CA PRO A 229 -11.86 -46.71 51.80
C PRO A 229 -12.88 -45.73 52.36
N GLU A 230 -12.91 -45.51 53.67
CA GLU A 230 -13.96 -44.72 54.30
C GLU A 230 -13.60 -43.25 54.40
N VAL A 231 -12.77 -42.74 53.50
CA VAL A 231 -12.32 -41.35 53.50
C VAL A 231 -13.01 -40.62 52.35
N SER A 232 -13.56 -39.45 52.63
CA SER A 232 -14.20 -38.60 51.63
C SER A 232 -13.60 -37.21 51.75
N GLY A 233 -12.83 -36.80 50.74
CA GLY A 233 -12.12 -35.54 50.78
C GLY A 233 -13.02 -34.38 51.09
N TYR A 234 -12.44 -33.23 51.38
CA TYR A 234 -13.22 -32.05 51.75
C TYR A 234 -12.36 -30.83 51.46
N CYS A 235 -12.64 -30.14 50.37
CA CYS A 235 -11.87 -28.98 49.96
C CYS A 235 -12.65 -27.71 50.27
N TYR A 236 -11.92 -26.64 50.56
CA TYR A 236 -12.52 -25.36 50.89
C TYR A 236 -11.51 -24.27 50.57
N CYS A 237 -11.99 -23.04 50.52
CA CYS A 237 -11.12 -21.88 50.34
C CYS A 237 -10.60 -21.44 51.69
N ALA A 238 -9.45 -20.77 51.67
CA ALA A 238 -8.84 -20.28 52.90
C ALA A 238 -8.36 -18.85 52.68
N ASP A 239 -8.49 -18.03 53.73
CA ASP A 239 -8.11 -16.64 53.66
C ASP A 239 -6.59 -16.52 53.79
N SER A 240 -6.10 -15.29 53.95
CA SER A 240 -4.66 -15.08 54.05
C SER A 240 -4.08 -15.76 55.27
N GLN A 241 -4.84 -15.83 56.36
CA GLN A 241 -4.38 -16.45 57.60
C GLN A 241 -4.60 -17.96 57.62
N GLY A 242 -5.18 -18.52 56.57
CA GLY A 242 -5.42 -19.95 56.52
C GLY A 242 -6.70 -20.40 57.18
N ARG A 243 -7.42 -19.49 57.82
CA ARG A 243 -8.67 -19.83 58.49
C ARG A 243 -9.73 -20.20 57.46
N GLU A 244 -10.49 -21.25 57.78
CA GLU A 244 -11.52 -21.72 56.87
C GLU A 244 -12.53 -20.62 56.60
N LEU A 245 -12.83 -20.40 55.32
CA LEU A 245 -13.83 -19.41 54.96
C LEU A 245 -15.22 -19.96 55.25
N ALA A 246 -16.21 -19.08 55.17
CA ALA A 246 -17.56 -19.40 55.62
C ALA A 246 -18.42 -19.90 54.47
N GLU A 247 -19.01 -21.08 54.65
CA GLU A 247 -19.95 -21.65 53.69
C GLU A 247 -19.33 -21.77 52.30
N THR A 248 -18.04 -22.12 52.25
CA THR A 248 -17.37 -22.40 51.00
C THR A 248 -16.82 -23.81 50.92
N GLY A 249 -16.98 -24.62 51.96
CA GLY A 249 -16.52 -25.99 51.90
C GLY A 249 -17.38 -26.83 50.97
N LEU A 250 -16.73 -27.74 50.27
CA LEU A 250 -17.37 -28.54 49.22
C LEU A 250 -16.87 -29.98 49.39
N GLU A 251 -17.61 -30.79 50.12
CA GLU A 251 -17.13 -32.13 50.47
C GLU A 251 -17.16 -33.01 49.23
N LEU A 252 -16.01 -33.17 48.59
CA LEU A 252 -15.90 -34.03 47.42
C LEU A 252 -16.17 -35.48 47.78
N LEU A 253 -16.16 -36.36 46.79
CA LEU A 253 -16.22 -37.80 47.00
C LEU A 253 -15.05 -38.43 46.26
N LEU A 254 -14.42 -39.41 46.90
CA LEU A 254 -13.24 -40.07 46.35
C LEU A 254 -13.56 -41.41 45.71
N ASP A 255 -14.84 -41.82 45.69
CA ASP A 255 -15.18 -43.15 45.20
C ASP A 255 -14.70 -43.35 43.77
N GLU A 256 -15.21 -42.55 42.85
CA GLU A 256 -14.96 -42.72 41.41
C GLU A 256 -14.22 -41.50 40.91
N ILE A 257 -12.94 -41.67 40.60
CA ILE A 257 -12.12 -40.60 40.04
C ILE A 257 -11.23 -41.20 38.96
N LEU A 267 8.41 -40.21 43.76
CA LEU A 267 7.38 -40.02 44.78
C LEU A 267 7.43 -38.61 45.35
N ALA A 268 6.27 -38.10 45.75
CA ALA A 268 6.15 -36.74 46.25
C ALA A 268 6.26 -36.72 47.77
N SER A 269 6.06 -35.54 48.35
CA SER A 269 6.10 -35.38 49.79
C SER A 269 5.16 -34.25 50.20
N THR A 270 4.75 -34.27 51.46
CA THR A 270 3.95 -33.25 52.13
C THR A 270 2.48 -33.33 51.75
N PHE A 271 2.09 -34.12 50.76
CA PHE A 271 0.72 -34.22 50.26
C PHE A 271 0.24 -32.92 49.59
N ALA A 272 1.02 -31.85 49.67
CA ALA A 272 0.70 -30.64 48.94
C ALA A 272 1.29 -30.64 47.55
N GLU A 273 2.09 -31.64 47.22
CA GLU A 273 2.62 -31.82 45.88
C GLU A 273 2.10 -33.08 45.20
N THR A 274 1.49 -33.99 45.96
CA THR A 274 1.02 -35.23 45.37
C THR A 274 -0.16 -34.96 44.43
N THR A 275 -0.25 -35.77 43.39
CA THR A 275 -1.28 -35.56 42.38
C THR A 275 -2.69 -35.68 42.94
N LEU A 276 -2.86 -36.32 44.09
CA LEU A 276 -4.18 -36.37 44.70
C LEU A 276 -4.69 -34.96 44.97
N TYR A 277 -3.88 -34.13 45.61
CA TYR A 277 -4.31 -32.79 45.95
C TYR A 277 -4.60 -31.99 44.69
N ARG A 278 -3.65 -31.95 43.76
CA ARG A 278 -3.82 -31.12 42.58
C ARG A 278 -5.03 -31.53 41.77
N ILE A 279 -5.35 -32.83 41.74
CA ILE A 279 -6.62 -33.25 41.17
C ILE A 279 -7.78 -32.84 42.07
N LEU A 280 -7.59 -32.96 43.38
CA LEU A 280 -8.67 -32.71 44.32
C LEU A 280 -8.97 -31.23 44.49
N GLN A 281 -8.13 -30.33 43.96
CA GLN A 281 -8.46 -28.92 43.94
C GLN A 281 -8.78 -28.40 42.55
N ARG A 282 -8.36 -29.11 41.49
CA ARG A 282 -8.86 -28.79 40.16
C ARG A 282 -10.32 -29.13 40.03
N ARG A 283 -10.77 -30.18 40.73
CA ARG A 283 -12.20 -30.43 40.80
C ARG A 283 -12.90 -29.36 41.61
N PHE A 284 -12.30 -28.93 42.72
CA PHE A 284 -12.94 -27.91 43.55
C PHE A 284 -13.06 -26.59 42.80
N LEU A 285 -12.02 -26.18 42.08
CA LEU A 285 -12.12 -24.95 41.32
C LEU A 285 -13.14 -25.08 40.20
N ALA A 286 -13.20 -26.24 39.54
CA ALA A 286 -14.21 -26.46 38.52
C ALA A 286 -15.60 -26.27 39.11
N VAL A 287 -15.88 -26.93 40.23
CA VAL A 287 -17.19 -26.78 40.86
C VAL A 287 -17.40 -25.32 41.26
N GLN A 288 -16.32 -24.59 41.52
CA GLN A 288 -16.45 -23.19 41.89
C GLN A 288 -16.80 -22.33 40.69
N LEU A 289 -16.34 -22.71 39.49
CA LEU A 289 -16.67 -21.93 38.31
C LEU A 289 -18.17 -21.87 38.11
N VAL A 290 -18.86 -22.98 38.37
CA VAL A 290 -20.32 -22.98 38.29
C VAL A 290 -20.91 -22.16 39.44
N ILE A 291 -20.42 -22.37 40.65
CA ILE A 291 -20.97 -21.67 41.80
C ILE A 291 -20.76 -20.18 41.67
N SER A 292 -19.52 -19.76 41.40
CA SER A 292 -19.15 -18.35 41.48
C SER A 292 -18.89 -17.70 40.14
N GLY A 293 -18.66 -18.48 39.09
CA GLY A 293 -18.37 -17.92 37.79
C GLY A 293 -16.91 -17.70 37.50
N ARG A 294 -16.03 -17.86 38.49
CA ARG A 294 -14.60 -17.70 38.30
C ARG A 294 -13.87 -18.95 38.80
N PHE A 295 -12.93 -19.42 38.00
CA PHE A 295 -12.14 -20.60 38.31
C PHE A 295 -11.10 -20.28 39.38
N ARG A 296 -11.58 -19.89 40.55
CA ARG A 296 -10.71 -19.53 41.67
C ARG A 296 -11.57 -19.22 42.88
N CYS A 297 -10.94 -19.20 44.06
CA CYS A 297 -11.62 -18.90 45.34
C CYS A 297 -11.79 -17.39 45.50
N PRO A 298 -12.70 -16.86 46.34
CA PRO A 298 -12.86 -15.41 46.43
C PRO A 298 -11.54 -14.81 46.90
N THR A 299 -11.12 -13.69 46.33
CA THR A 299 -9.83 -12.98 46.61
C THR A 299 -9.96 -12.16 47.90
N LYS A 300 -8.86 -11.59 48.40
CA LYS A 300 -8.79 -10.81 49.66
C LYS A 300 -9.78 -9.64 49.63
N CYS A 301 -9.92 -8.98 48.48
CA CYS A 301 -10.89 -7.89 48.31
C CYS A 301 -12.33 -8.39 48.54
N GLU A 302 -12.75 -9.49 47.89
CA GLU A 302 -14.15 -9.98 47.81
C GLU A 302 -14.63 -10.50 49.17
N VAL A 303 -13.72 -11.04 49.97
CA VAL A 303 -14.08 -11.53 51.34
C VAL A 303 -14.48 -10.31 52.15
N GLU A 304 -13.73 -9.21 52.01
CA GLU A 304 -14.00 -7.93 52.71
C GLU A 304 -15.29 -7.29 52.15
N ARG A 305 -15.47 -7.28 50.83
CA ARG A 305 -16.67 -6.66 50.18
C ARG A 305 -17.92 -7.42 50.56
N PHE A 306 -17.87 -8.75 50.56
CA PHE A 306 -19.03 -9.60 50.93
C PHE A 306 -19.38 -9.34 52.39
N ALA A 307 -18.34 -9.23 53.23
CA ALA A 307 -18.45 -8.96 54.68
C ALA A 307 -19.03 -7.56 54.89
N ALA A 308 -18.57 -6.59 54.11
CA ALA A 308 -19.03 -5.18 54.20
C ALA A 308 -20.51 -5.09 53.79
N THR A 309 -20.89 -5.76 52.70
CA THR A 309 -22.27 -5.75 52.17
C THR A 309 -23.18 -6.44 53.20
N SER A 310 -22.71 -7.55 53.78
CA SER A 310 -23.43 -8.34 54.80
C SER A 310 -23.57 -7.58 56.12
N PHE A 311 -22.52 -6.85 56.53
CA PHE A 311 -22.48 -6.04 57.78
C PHE A 311 -22.97 -4.61 57.52
N ARG A 312 -23.22 -4.25 56.25
CA ARG A 312 -23.79 -2.94 55.82
C ARG A 312 -23.08 -1.78 56.54
N HIS A 313 -21.76 -1.82 56.73
CA HIS A 313 -21.03 -0.72 57.39
C HIS A 313 -20.62 0.35 56.37
N PRO A 314 -20.17 1.56 56.73
CA PRO A 314 -19.99 2.64 55.76
C PRO A 314 -19.03 2.43 54.58
N TYR A 315 -17.89 1.77 54.78
CA TYR A 315 -16.88 1.58 53.72
C TYR A 315 -17.01 0.21 53.06
N VAL A 316 -17.77 0.07 51.97
CA VAL A 316 -17.87 -1.20 51.25
C VAL A 316 -16.84 -1.13 50.11
N PRO A 317 -15.79 -1.92 50.16
CA PRO A 317 -14.76 -1.85 49.13
C PRO A 317 -15.29 -2.21 47.77
N SER A 318 -14.73 -1.55 46.76
CA SER A 318 -15.13 -1.73 45.38
C SER A 318 -14.08 -2.52 44.64
N CYS A 319 -14.51 -3.50 43.85
CA CYS A 319 -13.61 -4.35 43.09
C CYS A 319 -14.29 -4.78 41.80
N HIS A 320 -13.48 -5.31 40.89
CA HIS A 320 -13.90 -5.74 39.57
C HIS A 320 -13.46 -7.19 39.37
N PRO A 321 -14.14 -7.95 38.50
CA PRO A 321 -13.99 -9.41 38.53
C PRO A 321 -12.56 -9.91 38.36
N ASP A 322 -11.61 -9.05 38.00
CA ASP A 322 -10.22 -9.44 38.06
C ASP A 322 -9.83 -9.90 39.46
N GLY A 323 -10.50 -9.36 40.48
CA GLY A 323 -10.25 -9.68 41.85
C GLY A 323 -9.41 -8.65 42.57
N GLU A 324 -8.53 -7.96 41.85
CA GLU A 324 -7.72 -6.93 42.47
C GLU A 324 -8.59 -5.78 42.95
N TYR A 325 -8.11 -5.07 43.96
CA TYR A 325 -8.82 -3.91 44.44
C TYR A 325 -9.00 -2.89 43.33
N GLN A 326 -10.20 -2.31 43.27
CA GLN A 326 -10.48 -1.27 42.29
C GLN A 326 -9.51 -0.12 42.50
N ALA A 327 -9.20 0.57 41.39
CA ALA A 327 -8.22 1.65 41.46
C ALA A 327 -8.61 2.70 42.50
N ALA A 328 -9.90 2.99 42.63
CA ALA A 328 -10.38 4.02 43.55
C ALA A 328 -11.59 3.50 44.29
N GLN A 329 -11.50 3.45 45.62
CA GLN A 329 -12.61 3.06 46.48
C GLN A 329 -13.21 4.31 47.09
N CYS A 330 -14.50 4.52 46.87
CA CYS A 330 -15.19 5.73 47.30
C CYS A 330 -16.12 5.38 48.45
N GLN A 331 -15.67 5.66 49.66
CA GLN A 331 -16.53 5.49 50.83
C GLN A 331 -17.77 6.37 50.69
N GLN A 332 -18.94 5.79 50.91
CA GLN A 332 -20.18 6.53 50.81
C GLN A 332 -20.39 7.38 52.05
N GLY A 333 -20.75 8.64 51.85
CA GLY A 333 -20.87 9.57 52.96
C GLY A 333 -19.54 10.17 53.38
N GLY A 334 -18.65 10.43 52.43
CA GLY A 334 -17.35 10.98 52.75
C GLY A 334 -16.43 10.95 51.55
N PRO A 335 -15.13 11.15 51.78
CA PRO A 335 -14.19 11.30 50.67
C PRO A 335 -13.86 9.98 50.00
N CYS A 336 -13.42 10.08 48.75
CA CYS A 336 -12.90 8.97 47.98
C CYS A 336 -11.38 9.05 47.93
N TRP A 337 -10.75 7.97 47.46
CA TRP A 337 -9.30 7.93 47.41
C TRP A 337 -8.85 6.72 46.62
N CYS A 338 -7.74 6.87 45.89
CA CYS A 338 -7.15 5.76 45.18
C CYS A 338 -6.58 4.75 46.18
N VAL A 339 -6.39 3.52 45.71
CA VAL A 339 -5.91 2.44 46.57
C VAL A 339 -5.03 1.52 45.74
N ASP A 340 -4.05 0.90 46.40
CA ASP A 340 -3.13 -0.02 45.75
C ASP A 340 -3.71 -1.44 45.80
N SER A 341 -2.92 -2.42 45.37
CA SER A 341 -3.39 -3.79 45.33
C SER A 341 -3.69 -4.33 46.73
N ARG A 342 -2.84 -3.98 47.71
CA ARG A 342 -3.00 -4.45 49.07
C ARG A 342 -4.13 -3.76 49.81
N GLY A 343 -4.73 -2.73 49.23
CA GLY A 343 -5.80 -2.04 49.90
C GLY A 343 -5.36 -0.82 50.69
N GLN A 344 -4.06 -0.58 50.79
CA GLN A 344 -3.58 0.55 51.55
C GLN A 344 -3.90 1.84 50.82
N GLU A 345 -4.49 2.79 51.54
CA GLU A 345 -4.82 4.08 50.96
C GLU A 345 -3.54 4.76 50.47
N ILE A 346 -3.61 5.34 49.28
CA ILE A 346 -2.48 6.13 48.77
C ILE A 346 -2.28 7.33 49.67
N PRO A 347 -1.05 7.76 49.98
CA PRO A 347 -0.85 8.69 51.11
C PRO A 347 -1.73 9.93 51.06
N GLY A 348 -1.93 10.51 49.88
CA GLY A 348 -3.00 11.47 49.74
C GLY A 348 -3.62 11.45 48.36
N THR A 349 -4.93 11.14 48.30
CA THR A 349 -5.69 11.28 47.07
C THR A 349 -7.12 11.73 47.35
N ARG A 350 -7.38 12.28 48.53
CA ARG A 350 -8.75 12.56 48.92
C ARG A 350 -9.38 13.58 47.98
N GLN A 351 -10.60 13.30 47.54
CA GLN A 351 -11.31 14.18 46.62
C GLN A 351 -12.73 13.69 46.40
N GLN A 362 -2.95 8.12 30.09
CA GLN A 362 -2.53 8.15 31.48
C GLN A 362 -1.02 7.93 31.60
N SER A 363 -0.41 7.36 30.55
CA SER A 363 1.01 7.06 30.55
C SER A 363 1.74 7.73 29.39
N CYS A 364 1.24 8.89 28.95
CA CYS A 364 1.92 9.62 27.88
C CYS A 364 3.13 10.39 28.40
N PRO A 365 3.04 11.14 29.50
CA PRO A 365 4.15 12.05 29.82
C PRO A 365 5.45 11.32 30.07
N SER A 366 5.40 10.10 30.60
CA SER A 366 6.60 9.29 30.70
C SER A 366 7.11 8.94 29.31
N GLU A 367 6.24 8.41 28.45
CA GLU A 367 6.65 8.07 27.10
C GLU A 367 7.17 9.31 26.37
N ARG A 368 6.50 10.45 26.56
CA ARG A 368 6.99 11.69 25.98
C ARG A 368 8.41 12.00 26.48
N ARG A 369 8.61 11.86 27.79
CA ARG A 369 9.93 12.17 28.34
C ARG A 369 11.00 11.24 27.80
N ARG A 370 10.69 9.95 27.72
CA ARG A 370 11.70 9.00 27.26
C ARG A 370 12.10 9.28 25.82
N ALA A 371 11.12 9.62 24.97
CA ALA A 371 11.43 9.93 23.58
C ALA A 371 12.37 11.12 23.48
N PHE A 372 12.19 12.12 24.34
CA PHE A 372 13.07 13.27 24.32
C PHE A 372 14.51 12.86 24.63
N SER A 373 14.68 11.96 25.59
CA SER A 373 16.03 11.49 25.90
C SER A 373 16.69 10.91 24.65
N ARG A 374 15.93 10.19 23.82
CA ARG A 374 16.50 9.66 22.59
C ARG A 374 16.93 10.78 21.65
N LEU A 375 16.25 11.92 21.69
CA LEU A 375 16.75 13.09 20.98
C LEU A 375 17.99 13.65 21.66
N ARG A 376 18.00 13.66 23.00
CA ARG A 376 19.14 14.22 23.73
C ARG A 376 20.41 13.41 23.55
N PHE A 377 20.30 12.15 23.12
CA PHE A 377 21.48 11.32 22.95
C PHE A 377 22.43 11.88 21.89
N GLY A 378 21.94 12.72 20.99
CA GLY A 378 22.77 13.26 19.94
C GLY A 378 23.10 12.21 18.91
N PRO A 379 23.87 12.58 17.89
CA PRO A 379 24.23 11.61 16.85
C PRO A 379 24.99 10.42 17.43
N SER A 380 25.23 9.44 16.56
CA SER A 380 25.96 8.25 16.96
C SER A 380 25.17 7.43 17.96
N CYS A 408 6.47 -2.99 23.87
CA CYS A 408 5.88 -4.27 23.48
C CYS A 408 6.79 -5.33 24.10
N PRO A 409 6.26 -6.46 24.53
CA PRO A 409 7.11 -7.43 25.23
C PRO A 409 8.10 -8.06 24.28
N PRO A 410 9.26 -8.51 24.77
CA PRO A 410 10.30 -8.98 23.87
C PRO A 410 10.10 -10.41 23.39
N SER A 411 9.96 -10.59 22.08
CA SER A 411 9.86 -11.88 21.43
C SER A 411 8.59 -12.64 21.76
N ILE A 412 7.56 -11.94 22.24
CA ILE A 412 6.31 -12.58 22.65
C ILE A 412 5.19 -12.35 21.64
N LYS A 413 5.31 -11.35 20.77
CA LYS A 413 4.30 -11.15 19.74
C LYS A 413 4.45 -12.14 18.60
N GLU A 414 5.68 -12.54 18.26
CA GLU A 414 5.94 -13.36 17.09
C GLU A 414 6.13 -14.83 17.43
N LEU A 415 5.73 -15.26 18.61
CA LEU A 415 5.65 -16.67 18.97
C LEU A 415 4.28 -17.10 19.42
N PHE A 416 3.51 -16.19 20.04
CA PHE A 416 2.15 -16.48 20.47
C PHE A 416 1.11 -15.92 19.51
N LEU A 417 1.17 -14.60 19.26
CA LEU A 417 0.11 -13.95 18.50
C LEU A 417 0.25 -14.17 17.01
N ASP A 418 1.47 -14.05 16.47
CA ASP A 418 1.66 -14.21 15.03
C ASP A 418 1.14 -15.56 14.58
N SER A 419 1.76 -16.64 15.06
CA SER A 419 1.26 -17.97 14.78
C SER A 419 0.01 -18.24 15.61
N GLY A 420 -0.75 -19.25 15.19
CA GLY A 420 -2.04 -19.49 15.78
C GLY A 420 -2.02 -20.27 17.08
N ILE A 421 -0.99 -20.06 17.90
CA ILE A 421 -0.96 -20.69 19.22
C ILE A 421 -1.84 -19.93 20.21
N PHE A 422 -2.17 -18.68 19.91
CA PHE A 422 -2.98 -17.86 20.79
C PHE A 422 -4.34 -17.51 20.22
N GLN A 423 -4.42 -17.13 18.95
CA GLN A 423 -5.70 -16.70 18.38
C GLN A 423 -6.82 -17.70 18.61
N PRO A 424 -6.63 -19.02 18.42
CA PRO A 424 -7.69 -19.97 18.74
C PRO A 424 -7.98 -20.10 20.22
N MET A 425 -7.09 -19.62 21.10
CA MET A 425 -7.32 -19.78 22.53
C MET A 425 -8.54 -19.00 22.99
N LEU A 426 -8.70 -17.76 22.51
CA LEU A 426 -9.83 -16.96 22.95
C LEU A 426 -11.13 -17.34 22.23
N GLN A 427 -11.05 -17.98 21.06
CA GLN A 427 -12.20 -18.21 20.22
C GLN A 427 -12.60 -19.69 20.25
N GLY A 428 -13.90 -19.92 20.09
CA GLY A 428 -14.44 -21.26 20.09
C GLY A 428 -15.75 -21.35 19.35
N VAL A 434 -13.99 -17.29 26.72
CA VAL A 434 -15.00 -16.24 26.76
C VAL A 434 -14.32 -14.93 27.10
N ALA A 435 -13.94 -14.77 28.36
CA ALA A 435 -13.30 -13.56 28.86
C ALA A 435 -11.84 -13.83 29.18
N PRO A 436 -10.97 -12.82 29.12
CA PRO A 436 -9.58 -13.04 29.57
C PRO A 436 -9.50 -13.41 31.03
N GLU A 437 -10.42 -12.95 31.86
CA GLU A 437 -10.40 -13.30 33.27
C GLU A 437 -10.60 -14.80 33.46
N SER A 438 -11.66 -15.35 32.87
CA SER A 438 -11.89 -16.79 32.97
C SER A 438 -10.85 -17.61 32.24
N LEU A 439 -10.04 -16.98 31.40
CA LEU A 439 -8.92 -17.64 30.73
C LEU A 439 -7.60 -17.38 31.42
N LYS A 440 -7.47 -16.23 32.08
CA LYS A 440 -6.32 -15.97 32.94
C LYS A 440 -6.25 -16.99 34.07
N GLU A 441 -7.35 -17.14 34.79
CA GLU A 441 -7.40 -17.93 36.01
C GLU A 441 -7.61 -19.41 35.75
N ALA A 442 -8.02 -19.78 34.55
CA ALA A 442 -8.13 -21.19 34.19
C ALA A 442 -6.78 -21.83 33.94
N ILE A 443 -5.69 -21.09 34.12
CA ILE A 443 -4.34 -21.62 34.00
C ILE A 443 -3.51 -21.34 35.23
N ARG A 444 -4.08 -20.68 36.24
CA ARG A 444 -3.51 -20.74 37.58
C ARG A 444 -4.10 -21.89 38.38
N GLY A 445 -5.42 -22.10 38.29
CA GLY A 445 -6.00 -23.27 38.90
C GLY A 445 -5.37 -24.54 38.35
N LEU A 446 -5.33 -24.67 37.03
CA LEU A 446 -4.47 -25.64 36.39
C LEU A 446 -3.04 -25.12 36.41
N PHE A 447 -2.08 -26.04 36.43
CA PHE A 447 -0.67 -25.67 36.38
C PHE A 447 -0.33 -24.53 37.33
N PRO A 448 -0.44 -24.75 38.65
CA PRO A 448 -0.17 -23.64 39.58
C PRO A 448 1.23 -23.07 39.44
N SER A 449 2.20 -23.85 38.97
CA SER A 449 3.58 -23.40 38.87
C SER A 449 4.17 -23.84 37.54
N ARG A 450 5.13 -23.06 37.05
CA ARG A 450 5.76 -23.36 35.77
C ARG A 450 6.50 -24.69 35.79
N GLU A 451 7.03 -25.07 36.95
CA GLU A 451 7.69 -26.38 37.07
C GLU A 451 6.70 -27.52 36.97
N LEU A 452 5.40 -27.24 37.02
CA LEU A 452 4.38 -28.27 36.88
C LEU A 452 3.92 -28.41 35.44
N ALA A 453 3.63 -27.28 34.78
CA ALA A 453 3.23 -27.33 33.38
C ALA A 453 4.26 -28.07 32.54
N ARG A 454 5.54 -27.91 32.88
CA ARG A 454 6.57 -28.69 32.19
C ARG A 454 6.35 -30.18 32.39
N LEU A 455 6.03 -30.59 33.61
CA LEU A 455 5.72 -31.99 33.86
C LEU A 455 4.46 -32.41 33.10
N ALA A 456 3.44 -31.56 33.12
CA ALA A 456 2.15 -31.94 32.57
C ALA A 456 2.23 -32.17 31.07
N LEU A 457 2.99 -31.34 30.35
CA LEU A 457 3.00 -31.41 28.90
C LEU A 457 3.94 -32.47 28.36
N GLN A 458 4.69 -33.16 29.22
CA GLN A 458 5.54 -34.26 28.78
C GLN A 458 4.99 -35.63 29.15
N PHE A 459 3.96 -35.70 29.99
CA PHE A 459 3.30 -36.94 30.35
C PHE A 459 1.91 -37.06 29.72
N THR A 460 1.57 -36.21 28.75
CA THR A 460 0.25 -36.26 28.12
C THR A 460 0.35 -36.64 26.64
N THR A 461 1.10 -35.89 25.84
CA THR A 461 1.29 -36.19 24.42
C THR A 461 -0.03 -36.41 23.68
N ASN A 462 -1.14 -35.93 24.22
CA ASN A 462 -2.44 -36.16 23.62
C ASN A 462 -3.38 -35.06 24.10
N ALA A 463 -3.76 -34.16 23.19
CA ALA A 463 -4.56 -33.01 23.59
C ALA A 463 -5.88 -33.44 24.21
N LYS A 464 -6.56 -34.42 23.58
CA LYS A 464 -7.83 -34.87 24.11
C LYS A 464 -7.66 -35.48 25.50
N ARG A 465 -6.59 -36.23 25.71
CA ARG A 465 -6.37 -36.91 26.98
C ARG A 465 -6.00 -35.95 28.11
N LEU A 466 -5.67 -34.69 27.81
CA LEU A 466 -5.22 -33.78 28.85
C LEU A 466 -6.31 -33.55 29.89
N GLN A 467 -7.54 -33.32 29.43
CA GLN A 467 -8.62 -33.05 30.37
C GLN A 467 -8.97 -34.27 31.20
N GLN A 468 -8.61 -35.47 30.73
CA GLN A 468 -8.82 -36.66 31.55
C GLN A 468 -7.81 -36.73 32.68
N ASN A 469 -6.55 -36.40 32.39
CA ASN A 469 -5.50 -36.49 33.40
C ASN A 469 -5.68 -35.41 34.47
N LEU A 470 -5.92 -34.17 34.05
CA LEU A 470 -5.90 -33.06 35.00
C LEU A 470 -6.98 -33.23 36.06
N PHE A 471 -8.19 -33.57 35.66
CA PHE A 471 -9.33 -33.66 36.57
C PHE A 471 -9.66 -35.09 36.95
N GLY A 472 -8.88 -36.07 36.51
CA GLY A 472 -9.19 -37.45 36.78
C GLY A 472 -10.50 -37.87 36.15
N GLY A 473 -10.69 -37.52 34.88
CA GLY A 473 -11.87 -37.86 34.15
C GLY A 473 -12.35 -36.69 33.32
N ARG A 474 -13.62 -36.72 32.96
CA ARG A 474 -14.24 -35.68 32.13
C ARG A 474 -14.98 -34.67 33.01
N PHE A 475 -14.42 -34.39 34.18
CA PHE A 475 -15.17 -33.75 35.25
C PHE A 475 -15.94 -32.53 34.77
N LEU A 476 -15.23 -31.50 34.31
CA LEU A 476 -15.87 -30.19 34.17
C LEU A 476 -17.06 -30.24 33.23
N VAL A 477 -16.96 -31.00 32.13
CA VAL A 477 -18.13 -31.15 31.27
C VAL A 477 -19.30 -31.76 32.05
N LYS A 478 -19.01 -32.74 32.91
CA LYS A 478 -20.03 -33.26 33.80
C LYS A 478 -20.49 -32.24 34.83
N VAL A 479 -19.75 -31.14 34.99
CA VAL A 479 -20.17 -30.10 35.91
C VAL A 479 -21.11 -29.10 35.26
N GLY A 480 -20.97 -28.87 33.95
CA GLY A 480 -21.82 -27.88 33.30
C GLY A 480 -23.30 -28.20 33.45
N GLN A 481 -23.67 -29.46 33.25
CA GLN A 481 -25.05 -29.89 33.37
C GLN A 481 -25.39 -30.37 34.76
N PHE A 482 -24.54 -30.09 35.76
CA PHE A 482 -24.79 -30.46 37.14
C PHE A 482 -24.94 -31.96 37.33
N ASN A 483 -24.31 -32.74 36.45
CA ASN A 483 -24.25 -34.17 36.66
C ASN A 483 -23.44 -34.54 37.89
N LEU A 484 -22.67 -33.59 38.44
CA LEU A 484 -21.91 -33.87 39.66
C LEU A 484 -22.82 -34.08 40.85
N SER A 485 -23.95 -33.36 40.90
CA SER A 485 -24.74 -33.27 42.12
C SER A 485 -25.38 -34.62 42.37
N GLY A 486 -24.59 -35.51 42.98
CA GLY A 486 -24.96 -36.90 43.16
C GLY A 486 -23.77 -37.78 42.84
N ALA A 487 -22.93 -37.34 41.90
CA ALA A 487 -21.75 -38.10 41.53
C ALA A 487 -20.57 -37.80 42.46
N LEU A 488 -20.18 -36.52 42.55
CA LEU A 488 -19.05 -36.11 43.37
C LEU A 488 -19.47 -35.24 44.55
N GLY A 489 -20.17 -34.13 44.30
CA GLY A 489 -20.61 -33.27 45.36
C GLY A 489 -21.32 -34.03 46.47
N THR A 490 -21.43 -33.43 47.64
CA THR A 490 -21.97 -34.11 48.81
C THR A 490 -22.17 -33.06 49.90
N ARG A 491 -22.91 -33.46 50.95
CA ARG A 491 -23.11 -32.59 52.10
C ARG A 491 -21.76 -32.09 52.62
N GLY A 492 -21.54 -30.78 52.49
CA GLY A 492 -20.36 -30.13 53.04
C GLY A 492 -20.81 -28.90 53.80
N THR A 493 -20.27 -27.72 53.48
CA THR A 493 -20.89 -26.46 53.87
C THR A 493 -20.95 -25.57 52.64
N PHE A 494 -21.94 -25.81 51.79
CA PHE A 494 -22.35 -24.82 50.79
C PHE A 494 -23.85 -24.73 50.59
N ASN A 495 -24.64 -25.71 51.04
CA ASN A 495 -26.08 -25.68 50.89
C ASN A 495 -26.48 -25.59 49.41
N PHE A 496 -26.15 -26.67 48.69
CA PHE A 496 -26.64 -26.80 47.33
C PHE A 496 -28.16 -26.77 47.27
N SER A 497 -28.83 -27.12 48.36
CA SER A 497 -30.28 -26.98 48.41
C SER A 497 -30.69 -25.54 48.15
N HIS A 498 -30.12 -24.60 48.91
CA HIS A 498 -30.47 -23.20 48.72
C HIS A 498 -30.04 -22.69 47.36
N PHE A 499 -28.86 -23.14 46.89
CA PHE A 499 -28.40 -22.72 45.57
C PHE A 499 -29.36 -23.15 44.48
N PHE A 500 -29.89 -24.37 44.59
CA PHE A 500 -30.87 -24.87 43.62
C PHE A 500 -32.27 -24.33 43.85
N GLN A 501 -32.59 -23.88 45.07
CA GLN A 501 -33.92 -23.36 45.31
C GLN A 501 -34.20 -22.13 44.47
N GLN A 502 -33.15 -21.41 44.07
CA GLN A 502 -33.27 -20.28 43.15
C GLN A 502 -33.10 -20.71 41.70
N LEU A 503 -32.90 -22.01 41.44
CA LEU A 503 -32.59 -22.51 40.11
C LEU A 503 -33.55 -23.65 39.76
N GLY A 504 -33.28 -24.34 38.66
CA GLY A 504 -34.11 -25.46 38.25
C GLY A 504 -33.47 -26.82 38.50
N LEU A 505 -34.14 -27.65 39.27
CA LEU A 505 -33.75 -29.04 39.43
C LEU A 505 -35.01 -29.91 39.44
N GLY A 549 -25.60 -15.97 45.83
CA GLY A 549 -24.31 -16.55 45.42
C GLY A 549 -23.47 -16.95 46.61
N SER A 550 -22.33 -17.60 46.38
CA SER A 550 -21.44 -18.16 47.43
C SER A 550 -20.80 -17.10 48.34
N PHE A 551 -20.15 -16.09 47.76
CA PHE A 551 -19.51 -14.97 48.51
C PHE A 551 -19.87 -13.64 47.86
N GLY A 552 -21.18 -13.38 47.78
CA GLY A 552 -21.77 -12.15 47.21
C GLY A 552 -21.61 -12.07 45.71
N PHE A 553 -21.40 -13.21 45.05
CA PHE A 553 -21.19 -13.32 43.59
C PHE A 553 -22.53 -13.58 42.92
N GLU A 554 -23.06 -12.65 42.12
CA GLU A 554 -24.34 -12.93 41.43
C GLU A 554 -24.04 -14.12 40.51
N VAL A 555 -24.87 -15.17 40.52
CA VAL A 555 -24.63 -16.40 39.72
C VAL A 555 -25.34 -16.28 38.37
N ASN A 556 -24.62 -16.00 37.29
CA ASN A 556 -25.20 -15.94 35.93
C ASN A 556 -25.07 -17.39 35.44
N LEU A 557 -26.01 -18.25 35.80
CA LEU A 557 -25.87 -19.72 35.61
C LEU A 557 -25.62 -20.05 34.14
N GLN A 558 -26.32 -19.40 33.21
CA GLN A 558 -26.13 -19.73 31.77
C GLN A 558 -24.71 -19.38 31.34
N GLU A 559 -24.18 -18.23 31.74
CA GLU A 559 -22.82 -17.77 31.33
C GLU A 559 -21.76 -18.72 31.88
N ASN A 560 -21.90 -19.17 33.13
CA ASN A 560 -20.95 -20.11 33.82
C ASN A 560 -20.94 -21.46 33.09
N GLN A 561 -22.10 -21.95 32.66
CA GLN A 561 -22.21 -23.22 31.91
C GLN A 561 -21.50 -23.03 30.57
N ASN A 562 -21.65 -21.85 29.97
CA ASN A 562 -20.98 -21.51 28.69
C ASN A 562 -19.46 -21.43 28.91
N ALA A 563 -19.05 -20.76 29.99
CA ALA A 563 -17.63 -20.49 30.36
C ALA A 563 -16.92 -21.80 30.74
N LEU A 564 -17.59 -22.68 31.46
CA LEU A 564 -17.00 -23.96 31.92
C LEU A 564 -16.83 -24.85 30.71
N GLN A 565 -17.83 -24.84 29.84
CA GLN A 565 -17.80 -25.56 28.55
C GLN A 565 -16.63 -25.01 27.72
N PHE A 566 -16.45 -23.68 27.73
CA PHE A 566 -15.36 -22.99 27.01
C PHE A 566 -14.03 -23.63 27.42
N LEU A 567 -13.72 -23.71 28.72
CA LEU A 567 -12.50 -24.34 29.22
C LEU A 567 -12.37 -25.77 28.72
N SER A 568 -13.48 -26.52 28.73
CA SER A 568 -13.43 -27.92 28.34
C SER A 568 -12.88 -28.07 26.92
N SER A 569 -13.47 -27.36 25.97
CA SER A 569 -12.98 -27.41 24.60
C SER A 569 -11.62 -26.72 24.47
N PHE A 570 -11.40 -25.68 25.26
CA PHE A 570 -10.10 -25.01 25.26
C PHE A 570 -9.00 -25.94 25.74
N LEU A 571 -9.31 -26.80 26.70
CA LEU A 571 -8.31 -27.69 27.28
C LEU A 571 -7.98 -28.86 26.37
N GLU A 572 -8.96 -29.39 25.65
CA GLU A 572 -8.73 -30.47 24.69
C GLU A 572 -8.46 -29.91 23.30
N LEU A 573 -7.52 -28.96 23.23
CA LEU A 573 -7.25 -28.20 22.01
C LEU A 573 -5.79 -28.37 21.64
N PRO A 574 -5.45 -28.84 20.43
CA PRO A 574 -4.03 -29.10 20.13
C PRO A 574 -3.14 -27.90 20.29
N GLU A 575 -3.64 -26.70 20.05
CA GLU A 575 -2.81 -25.51 20.19
C GLU A 575 -2.46 -25.22 21.63
N PHE A 576 -3.27 -25.70 22.58
CA PHE A 576 -3.00 -25.41 23.98
C PHE A 576 -1.65 -25.97 24.41
N LEU A 577 -1.33 -27.19 23.97
CA LEU A 577 -0.06 -27.78 24.34
C LEU A 577 1.11 -26.92 23.90
N LEU A 578 1.03 -26.34 22.71
CA LEU A 578 2.09 -25.45 22.26
C LEU A 578 2.17 -24.22 23.15
N PHE A 579 1.04 -23.71 23.60
CA PHE A 579 1.06 -22.51 24.44
C PHE A 579 1.84 -22.77 25.72
N LEU A 580 1.62 -23.92 26.36
CA LEU A 580 2.38 -24.25 27.55
C LEU A 580 3.86 -24.32 27.26
N GLN A 581 4.23 -24.92 26.12
CA GLN A 581 5.64 -25.01 25.76
C GLN A 581 6.28 -23.64 25.65
N HIS A 582 5.52 -22.62 25.25
CA HIS A 582 6.05 -21.28 25.13
C HIS A 582 5.90 -20.49 26.43
N ALA A 583 4.72 -20.57 27.06
CA ALA A 583 4.53 -19.86 28.32
C ALA A 583 5.55 -20.27 29.35
N ILE A 584 5.98 -21.54 29.32
CA ILE A 584 7.02 -21.99 30.24
C ILE A 584 8.34 -21.29 29.92
N SER A 585 8.60 -21.02 28.64
CA SER A 585 9.89 -20.48 28.26
C SER A 585 10.07 -19.03 28.70
N VAL A 586 8.99 -18.24 28.72
CA VAL A 586 9.17 -16.79 28.88
C VAL A 586 9.83 -16.52 30.23
N PRO A 587 10.77 -15.59 30.31
CA PRO A 587 11.54 -15.42 31.56
C PRO A 587 10.63 -15.08 32.72
N GLU A 588 10.96 -15.66 33.88
CA GLU A 588 10.12 -15.47 35.06
C GLU A 588 10.08 -14.02 35.53
N ASP A 589 11.12 -13.23 35.21
CA ASP A 589 11.14 -11.86 35.69
C ASP A 589 10.01 -11.03 35.09
N ILE A 590 9.72 -11.22 33.80
CA ILE A 590 8.64 -10.45 33.17
C ILE A 590 7.28 -11.07 33.43
N ALA A 591 7.23 -12.37 33.78
CA ALA A 591 5.97 -13.03 34.08
C ALA A 591 6.23 -13.99 35.23
N ARG A 592 5.72 -13.66 36.42
CA ARG A 592 6.01 -14.46 37.60
C ARG A 592 5.48 -15.89 37.44
N ASP A 593 4.25 -16.04 36.95
CA ASP A 593 3.62 -17.34 36.84
C ASP A 593 2.79 -17.39 35.57
N LEU A 594 2.37 -18.60 35.20
CA LEU A 594 1.71 -18.80 33.91
C LEU A 594 0.48 -17.90 33.78
N GLY A 595 -0.16 -17.56 34.89
CA GLY A 595 -1.26 -16.61 34.81
C GLY A 595 -0.81 -15.25 34.32
N ASP A 596 0.29 -14.74 34.90
CA ASP A 596 0.82 -13.46 34.45
C ASP A 596 1.50 -13.56 33.10
N VAL A 597 1.94 -14.75 32.70
CA VAL A 597 2.39 -14.93 31.32
C VAL A 597 1.26 -14.62 30.36
N MET A 598 0.04 -14.97 30.73
CA MET A 598 -1.03 -14.89 29.76
C MET A 598 -1.52 -13.44 29.59
N GLU A 599 -1.54 -12.64 30.65
CA GLU A 599 -1.92 -11.23 30.47
C GLU A 599 -0.99 -10.54 29.50
N MET A 600 0.31 -10.62 29.74
CA MET A 600 1.25 -9.85 28.93
C MET A 600 1.17 -10.26 27.46
N VAL A 601 0.69 -11.47 27.19
CA VAL A 601 0.47 -11.87 25.80
C VAL A 601 -0.92 -11.43 25.33
N PHE A 602 -1.90 -11.35 26.23
CA PHE A 602 -3.13 -10.65 25.85
C PHE A 602 -2.85 -9.20 25.51
N SER A 603 -1.99 -8.53 26.29
CA SER A 603 -1.74 -7.07 26.21
C SER A 603 -1.03 -6.70 24.92
N SER A 604 -0.41 -7.66 24.25
CA SER A 604 0.26 -7.48 22.94
C SER A 604 -0.55 -8.17 21.84
N GLN A 605 -1.89 -8.17 21.92
CA GLN A 605 -2.75 -8.82 20.91
C GLN A 605 -2.48 -8.18 19.54
N GLY A 606 -2.41 -6.86 19.47
CA GLY A 606 -2.11 -6.13 18.23
C GLY A 606 -0.70 -5.57 18.25
N CYS A 607 -0.46 -4.71 19.24
CA CYS A 607 0.82 -4.06 19.52
C CYS A 607 1.43 -3.42 18.28
N SER A 613 10.23 5.43 15.62
CA SER A 613 11.59 5.78 15.23
C SER A 613 12.14 6.88 16.14
N LEU A 614 11.78 8.11 15.83
CA LEU A 614 12.22 9.29 16.57
C LEU A 614 11.01 10.14 16.94
N PHE A 615 9.90 9.50 17.25
CA PHE A 615 8.63 10.17 17.48
C PHE A 615 8.42 10.46 18.95
N VAL A 616 7.92 11.65 19.24
CA VAL A 616 7.56 12.05 20.60
C VAL A 616 6.06 12.24 20.65
N PRO A 617 5.35 11.59 21.56
CA PRO A 617 3.91 11.84 21.69
C PRO A 617 3.63 13.19 22.34
N ALA A 618 2.50 13.77 21.95
CA ALA A 618 2.02 14.95 22.64
C ALA A 618 1.32 14.53 23.94
N CYS A 619 1.02 15.52 24.77
CA CYS A 619 0.37 15.24 26.04
C CYS A 619 -0.54 16.41 26.40
N THR A 620 -1.73 16.08 26.88
CA THR A 620 -2.63 17.06 27.45
C THR A 620 -2.45 17.07 28.97
N ALA A 621 -3.27 17.88 29.64
CA ALA A 621 -3.15 18.00 31.08
C ALA A 621 -3.34 16.65 31.75
N GLU A 622 -2.50 16.36 32.75
CA GLU A 622 -2.59 15.14 33.54
C GLU A 622 -2.48 13.91 32.64
N GLY A 623 -1.30 13.77 32.04
CA GLY A 623 -1.06 12.68 31.12
C GLY A 623 -2.01 12.77 29.94
N SER A 624 -2.98 11.85 29.88
CA SER A 624 -4.09 11.96 28.94
C SER A 624 -3.55 12.04 27.50
N TYR A 625 -3.00 10.91 27.06
CA TYR A 625 -2.45 10.76 25.73
C TYR A 625 -3.30 11.49 24.71
N GLU A 626 -2.68 12.45 24.02
CA GLU A 626 -3.43 13.37 23.17
C GLU A 626 -3.98 12.63 21.96
N GLU A 627 -5.12 13.11 21.46
CA GLU A 627 -5.90 12.32 20.52
C GLU A 627 -5.18 12.14 19.18
N VAL A 628 -4.57 13.20 18.65
CA VAL A 628 -4.02 13.22 17.30
C VAL A 628 -2.52 13.50 17.37
N GLN A 629 -1.72 12.49 17.06
CA GLN A 629 -0.27 12.58 17.14
C GLN A 629 0.31 12.83 15.76
N CYS A 630 1.12 13.86 15.63
CA CYS A 630 1.71 14.26 14.36
C CYS A 630 3.21 13.99 14.40
N PHE A 631 3.75 13.61 13.24
CA PHE A 631 5.19 13.42 13.11
C PHE A 631 5.62 13.30 11.65
N ALA A 632 6.55 14.16 11.24
CA ALA A 632 7.14 14.10 9.90
C ALA A 632 6.05 14.10 8.83
N GLY A 633 5.11 15.02 8.98
CA GLY A 633 3.98 15.13 8.06
C GLY A 633 2.81 14.24 8.44
N ASP A 634 3.10 13.04 8.94
CA ASP A 634 2.04 12.15 9.37
C ASP A 634 1.26 12.76 10.52
N CYS A 635 -0.02 12.42 10.59
CA CYS A 635 -0.85 12.75 11.74
C CYS A 635 -1.93 11.68 11.85
N TRP A 636 -1.95 10.97 12.97
CA TRP A 636 -2.85 9.83 13.14
C TRP A 636 -3.50 9.91 14.51
N CYS A 637 -4.82 9.71 14.56
CA CYS A 637 -5.55 9.76 15.84
C CYS A 637 -5.50 8.42 16.55
N ALA A 646 -6.95 4.28 16.47
CA ALA A 646 -5.75 4.79 15.77
C ALA A 646 -5.56 4.01 14.46
N GLY A 647 -6.55 4.06 13.57
CA GLY A 647 -6.55 3.39 12.27
C GLY A 647 -6.54 4.37 11.10
N SER A 648 -6.31 5.67 11.33
CA SER A 648 -6.35 6.70 10.27
C SER A 648 -5.19 7.70 10.33
N ARG A 649 -4.08 7.42 9.62
CA ARG A 649 -2.95 8.34 9.46
C ARG A 649 -3.08 9.03 8.11
N VAL A 650 -3.18 10.36 8.13
CA VAL A 650 -3.34 11.16 6.93
C VAL A 650 -2.23 12.19 6.87
N ARG A 651 -1.60 12.32 5.72
CA ARG A 651 -0.54 13.28 5.52
C ARG A 651 -1.06 14.71 5.44
N GLY A 652 -0.21 15.64 5.85
CA GLY A 652 -0.52 17.05 5.69
C GLY A 652 -1.44 17.57 6.76
N GLY A 653 -2.70 17.79 6.40
CA GLY A 653 -3.63 18.43 7.30
C GLY A 653 -3.84 17.63 8.57
N ARG A 654 -4.22 18.35 9.60
CA ARG A 654 -4.53 17.74 10.88
C ARG A 654 -5.83 16.94 10.74
N PRO A 655 -5.83 15.63 11.00
CA PRO A 655 -7.05 14.85 10.79
C PRO A 655 -8.13 15.20 11.79
N ARG A 656 -9.32 14.67 11.54
CA ARG A 656 -10.48 14.85 12.39
C ARG A 656 -10.73 13.57 13.17
N CYS A 657 -10.98 13.70 14.46
CA CYS A 657 -11.26 12.53 15.27
C CYS A 657 -12.57 11.89 14.81
N PRO A 658 -12.66 10.55 14.81
CA PRO A 658 -13.95 9.94 14.50
C PRO A 658 -15.02 10.34 15.51
N THR A 659 -16.01 11.09 15.04
CA THR A 659 -17.12 11.47 15.89
C THR A 659 -17.85 10.21 16.38
N GLU A 660 -18.69 10.40 17.40
CA GLU A 660 -19.48 9.28 17.89
C GLU A 660 -20.27 8.64 16.76
N CYS A 661 -20.78 9.46 15.85
CA CYS A 661 -21.51 8.91 14.71
C CYS A 661 -20.63 7.97 13.90
N GLU A 662 -19.41 8.39 13.61
CA GLU A 662 -18.53 7.56 12.80
C GLU A 662 -18.14 6.28 13.53
N LYS A 663 -17.94 6.37 14.84
CA LYS A 663 -17.61 5.17 15.61
C LYS A 663 -18.78 4.18 15.57
N GLN A 664 -20.00 4.67 15.76
CA GLN A 664 -21.15 3.79 15.70
C GLN A 664 -21.33 3.22 14.30
N ARG A 665 -21.10 4.03 13.28
CA ARG A 665 -21.21 3.55 11.90
C ARG A 665 -20.23 2.43 11.64
N ALA A 666 -18.97 2.61 12.05
CA ALA A 666 -17.97 1.58 11.84
C ALA A 666 -18.32 0.32 12.62
N ARG A 667 -18.76 0.47 13.87
CA ARG A 667 -19.10 -0.70 14.67
C ARG A 667 -20.23 -1.48 14.03
N MET A 668 -21.28 -0.79 13.57
CA MET A 668 -22.40 -1.49 12.97
C MET A 668 -22.04 -2.07 11.61
N GLN A 669 -21.17 -1.41 10.85
CA GLN A 669 -20.71 -1.99 9.60
C GLN A 669 -19.95 -3.29 9.86
N SER A 670 -19.07 -3.29 10.87
CA SER A 670 -18.36 -4.50 11.20
C SER A 670 -19.32 -5.59 11.67
N LEU A 671 -20.31 -5.23 12.47
CA LEU A 671 -21.32 -6.19 12.89
C LEU A 671 -22.20 -6.65 11.74
N LEU A 672 -22.21 -5.91 10.63
CA LEU A 672 -22.99 -6.33 9.47
C LEU A 672 -22.36 -7.55 8.80
N GLY A 673 -21.02 -7.64 8.80
CA GLY A 673 -20.37 -8.76 8.17
C GLY A 673 -20.80 -10.10 8.74
N SER A 674 -21.22 -10.11 10.01
CA SER A 674 -21.71 -11.34 10.61
C SER A 674 -23.12 -11.69 10.15
N GLN A 675 -23.95 -10.69 9.88
CA GLN A 675 -25.35 -10.97 9.61
C GLN A 675 -25.50 -11.77 8.32
N PRO A 676 -26.48 -12.67 8.25
CA PRO A 676 -26.69 -13.42 7.02
C PRO A 676 -27.07 -12.52 5.86
N ALA A 677 -26.68 -12.92 4.67
CA ALA A 677 -27.00 -12.16 3.47
C ALA A 677 -28.50 -12.02 3.33
N GLY A 678 -28.93 -10.87 2.80
CA GLY A 678 -30.34 -10.58 2.65
C GLY A 678 -30.99 -9.96 3.86
N SER A 679 -30.32 -9.98 5.01
CA SER A 679 -30.78 -9.32 6.21
C SER A 679 -29.94 -8.08 6.47
N SER A 680 -30.55 -7.10 7.13
CA SER A 680 -29.88 -5.84 7.39
C SER A 680 -30.24 -5.36 8.80
N LEU A 681 -29.36 -4.53 9.35
CA LEU A 681 -29.61 -3.87 10.62
C LEU A 681 -29.20 -2.40 10.46
N PHE A 682 -29.34 -1.65 11.54
CA PHE A 682 -29.19 -0.20 11.49
C PHE A 682 -27.72 0.19 11.43
N VAL A 683 -27.34 0.90 10.38
CA VAL A 683 -26.00 1.46 10.25
C VAL A 683 -26.13 2.97 10.10
N PRO A 684 -26.07 3.74 11.20
CA PRO A 684 -26.38 5.16 11.09
C PRO A 684 -25.46 5.86 10.11
N ALA A 685 -26.02 6.81 9.37
CA ALA A 685 -25.29 7.54 8.35
C ALA A 685 -24.81 8.87 8.92
N CYS A 686 -23.56 9.21 8.63
CA CYS A 686 -22.92 10.41 9.15
C CYS A 686 -22.58 11.35 8.01
N THR A 687 -22.68 12.64 8.29
CA THR A 687 -22.40 13.65 7.28
C THR A 687 -20.90 13.72 7.02
N SER A 688 -20.49 14.68 6.21
CA SER A 688 -19.08 14.82 5.87
C SER A 688 -18.26 15.17 7.11
N LYS A 689 -18.69 16.18 7.86
CA LYS A 689 -17.96 16.57 9.06
C LYS A 689 -17.95 15.44 10.08
N GLY A 690 -19.08 14.77 10.28
CA GLY A 690 -19.16 13.66 11.21
C GLY A 690 -20.42 13.63 12.03
N ASN A 691 -21.29 14.60 11.85
CA ASN A 691 -22.53 14.64 12.63
C ASN A 691 -23.51 13.59 12.13
N PHE A 692 -24.40 13.19 13.03
CA PHE A 692 -25.50 12.31 12.64
C PHE A 692 -26.38 13.01 11.61
N LEU A 693 -26.85 12.26 10.63
CA LEU A 693 -27.74 12.85 9.66
C LEU A 693 -29.06 13.21 10.32
N PRO A 694 -29.75 14.24 9.85
CA PRO A 694 -30.95 14.68 10.55
C PRO A 694 -31.99 13.60 10.71
N VAL A 695 -32.13 12.71 9.73
CA VAL A 695 -33.15 11.67 9.75
C VAL A 695 -32.47 10.32 9.67
N GLN A 696 -32.83 9.41 10.57
CA GLN A 696 -32.31 8.06 10.58
C GLN A 696 -33.46 7.11 10.32
N CYS A 697 -33.33 6.28 9.29
CA CYS A 697 -34.33 5.29 8.95
C CYS A 697 -33.76 3.90 9.22
N PHE A 698 -34.64 2.98 9.63
CA PHE A 698 -34.26 1.59 9.79
C PHE A 698 -34.98 0.68 8.80
N ASN A 699 -36.31 0.65 8.83
CA ASN A 699 -37.06 -0.08 7.82
C ASN A 699 -38.48 0.50 7.79
N SER A 700 -38.75 1.35 6.81
CA SER A 700 -40.06 1.94 6.63
C SER A 700 -40.52 2.72 7.85
N GLU A 701 -39.60 3.08 8.74
CA GLU A 701 -39.93 3.94 9.88
C GLU A 701 -38.72 4.82 10.16
N CYS A 702 -38.86 6.10 9.85
CA CYS A 702 -37.77 7.06 9.97
C CYS A 702 -38.05 7.99 11.15
N TYR A 703 -37.05 8.21 11.99
CA TYR A 703 -37.17 9.09 13.14
C TYR A 703 -36.06 10.12 13.08
N CYS A 704 -36.42 11.39 13.14
CA CYS A 704 -35.41 12.43 13.21
C CYS A 704 -34.64 12.29 14.51
N VAL A 705 -33.34 12.56 14.47
CA VAL A 705 -32.47 12.32 15.60
C VAL A 705 -31.84 13.63 16.06
N ASP A 706 -31.48 13.67 17.33
CA ASP A 706 -30.83 14.83 17.93
C ASP A 706 -29.33 14.77 17.63
N THR A 707 -28.55 15.57 18.36
CA THR A 707 -27.13 15.71 18.04
C THR A 707 -26.42 14.36 18.10
N GLU A 708 -26.55 13.65 19.20
CA GLU A 708 -25.86 12.36 19.36
C GLU A 708 -26.77 11.19 18.98
N GLY A 709 -27.43 11.30 17.84
CA GLY A 709 -28.12 10.14 17.27
C GLY A 709 -29.11 9.48 18.20
N GLN A 710 -29.87 10.26 18.95
CA GLN A 710 -30.93 9.73 19.80
C GLN A 710 -32.28 10.13 19.24
N PRO A 711 -33.20 9.20 19.00
CA PRO A 711 -34.47 9.59 18.38
C PRO A 711 -35.18 10.65 19.21
N ILE A 712 -35.74 11.63 18.51
CA ILE A 712 -36.55 12.65 19.16
C ILE A 712 -37.96 12.08 19.39
N PRO A 713 -38.54 12.23 20.58
CA PRO A 713 -39.92 11.75 20.76
C PRO A 713 -40.85 12.42 19.77
N GLY A 714 -41.78 11.64 19.24
CA GLY A 714 -42.56 12.08 18.11
C GLY A 714 -41.68 12.12 16.87
N THR A 715 -42.29 12.49 15.75
CA THR A 715 -41.57 12.51 14.47
C THR A 715 -40.98 11.13 14.18
N ARG A 716 -41.83 10.11 14.22
CA ARG A 716 -41.41 8.75 13.92
C ARG A 716 -42.20 8.26 12.72
N SER A 717 -42.27 9.10 11.69
CA SER A 717 -43.07 8.82 10.52
C SER A 717 -42.50 7.66 9.72
N ALA A 718 -43.35 7.11 8.85
CA ALA A 718 -42.94 6.03 7.97
C ALA A 718 -42.08 6.56 6.84
N LEU A 719 -41.29 5.68 6.25
CA LEU A 719 -40.40 6.08 5.17
C LEU A 719 -41.22 6.52 3.96
N GLY A 720 -40.67 7.49 3.23
CA GLY A 720 -41.33 7.94 2.02
C GLY A 720 -42.44 8.93 2.30
N GLU A 721 -42.16 9.94 3.09
CA GLU A 721 -43.09 11.03 3.30
C GLU A 721 -42.35 12.20 3.92
N PRO A 722 -42.48 13.42 3.38
CA PRO A 722 -41.66 14.53 3.90
C PRO A 722 -41.80 14.70 5.40
N LYS A 723 -40.68 14.68 6.10
CA LYS A 723 -40.63 14.87 7.55
C LYS A 723 -39.83 16.12 7.85
N LYS A 724 -40.51 17.17 8.29
CA LYS A 724 -39.86 18.41 8.68
C LYS A 724 -39.58 18.35 10.17
N CYS A 725 -38.30 18.25 10.52
CA CYS A 725 -37.87 18.01 11.89
C CYS A 725 -36.82 19.04 12.27
N PRO A 726 -36.60 19.25 13.58
CA PRO A 726 -35.79 20.40 14.06
C PRO A 726 -34.52 20.66 13.27
N SER A 727 -34.33 21.92 12.89
CA SER A 727 -33.14 22.33 12.17
C SER A 727 -31.92 22.14 13.06
N PRO A 728 -30.73 22.00 12.47
CA PRO A 728 -29.53 21.85 13.31
C PRO A 728 -29.37 22.96 14.33
N CYS A 729 -29.73 24.18 13.98
CA CYS A 729 -29.61 25.26 14.94
C CYS A 729 -30.52 25.05 16.13
N GLN A 730 -31.77 24.65 15.90
CA GLN A 730 -32.67 24.40 17.02
C GLN A 730 -32.24 23.20 17.84
N LEU A 731 -31.67 22.18 17.20
CA LEU A 731 -31.13 21.06 17.95
C LEU A 731 -29.99 21.51 18.84
N GLN A 732 -29.09 22.33 18.32
CA GLN A 732 -28.02 22.86 19.16
C GLN A 732 -28.59 23.72 20.27
N ALA A 733 -29.64 24.48 19.98
CA ALA A 733 -30.27 25.29 21.01
C ALA A 733 -30.77 24.44 22.16
N GLU A 734 -31.55 23.41 21.86
CA GLU A 734 -32.08 22.56 22.92
C GLU A 734 -30.96 21.83 23.64
N ARG A 735 -29.96 21.35 22.90
CA ARG A 735 -28.85 20.64 23.52
C ARG A 735 -28.12 21.53 24.51
N ALA A 736 -27.83 22.77 24.10
CA ALA A 736 -27.15 23.70 24.98
C ALA A 736 -28.03 24.07 26.16
N PHE A 737 -29.34 24.21 25.93
CA PHE A 737 -30.25 24.50 27.03
C PHE A 737 -30.17 23.42 28.09
N LEU A 738 -30.28 22.15 27.67
CA LEU A 738 -30.16 21.05 28.61
C LEU A 738 -28.80 21.02 29.27
N GLY A 739 -27.73 21.23 28.51
CA GLY A 739 -26.40 21.17 29.07
C GLY A 739 -26.11 22.25 30.09
N THR A 740 -26.62 23.46 29.84
CA THR A 740 -26.33 24.60 30.70
C THR A 740 -27.27 24.72 31.89
N VAL A 741 -28.48 24.16 31.81
CA VAL A 741 -29.31 24.06 33.00
C VAL A 741 -29.04 22.76 33.76
N ARG A 742 -28.34 21.81 33.15
CA ARG A 742 -27.96 20.58 33.82
C ARG A 742 -26.69 20.74 34.64
N THR A 743 -25.91 21.81 34.40
CA THR A 743 -24.76 22.11 35.23
C THR A 743 -25.11 23.00 36.42
N LEU A 744 -26.33 23.52 36.48
CA LEU A 744 -26.75 24.36 37.58
C LEU A 744 -27.23 23.52 38.75
N TYR A 758 -23.83 28.26 26.72
CA TYR A 758 -23.96 29.16 25.57
C TYR A 758 -25.26 28.89 24.84
N ILE A 759 -25.99 29.97 24.53
CA ILE A 759 -27.31 29.89 23.94
C ILE A 759 -27.20 30.34 22.48
N PRO A 760 -27.29 29.43 21.51
CA PRO A 760 -27.48 29.87 20.11
C PRO A 760 -28.95 30.15 19.85
N GLN A 761 -29.23 31.35 19.33
CA GLN A 761 -30.59 31.74 18.96
C GLN A 761 -30.72 31.68 17.45
N CYS A 762 -31.80 31.06 16.98
CA CYS A 762 -31.95 30.70 15.58
C CYS A 762 -33.08 31.51 14.95
N SER A 763 -32.89 31.89 13.69
CA SER A 763 -33.93 32.58 12.94
C SER A 763 -35.20 31.73 12.95
N ALA A 764 -36.35 32.42 12.83
CA ALA A 764 -37.63 31.74 12.90
C ALA A 764 -37.73 30.64 11.85
N SER A 765 -37.14 30.87 10.67
CA SER A 765 -37.19 29.87 9.61
C SER A 765 -36.44 28.60 9.97
N GLY A 766 -35.51 28.68 10.92
CA GLY A 766 -34.73 27.53 11.37
C GLY A 766 -33.24 27.70 11.15
N GLN A 767 -32.85 28.47 10.13
CA GLN A 767 -31.44 28.67 9.87
C GLN A 767 -30.81 29.43 11.02
N TRP A 768 -29.49 29.28 11.16
CA TRP A 768 -28.75 30.01 12.18
C TRP A 768 -28.92 31.50 11.95
N SER A 769 -29.34 32.21 13.00
CA SER A 769 -29.46 33.64 12.90
C SER A 769 -28.08 34.24 12.63
N PRO A 770 -27.99 35.30 11.82
CA PRO A 770 -26.64 35.80 11.47
C PRO A 770 -25.81 36.17 12.68
N VAL A 771 -26.44 36.75 13.70
CA VAL A 771 -25.74 37.16 14.92
C VAL A 771 -26.09 36.17 16.03
N GLN A 772 -25.06 35.60 16.64
CA GLN A 772 -25.24 34.59 17.68
C GLN A 772 -24.54 35.02 18.95
N CYS A 773 -25.19 34.78 20.08
CA CYS A 773 -24.63 35.16 21.38
C CYS A 773 -25.49 34.62 22.52
N CYS A 898 -22.60 41.00 21.33
CA CYS A 898 -22.88 39.71 20.64
C CYS A 898 -21.81 39.46 19.56
N TRP A 899 -21.88 38.34 18.83
CA TRP A 899 -20.97 38.01 17.70
C TRP A 899 -21.80 37.51 16.52
N CYS A 900 -21.18 37.29 15.37
CA CYS A 900 -21.88 36.85 14.14
C CYS A 900 -21.20 35.60 13.56
N VAL A 901 -21.97 34.66 13.02
CA VAL A 901 -21.49 33.35 12.50
C VAL A 901 -22.08 33.10 11.11
N ASP A 902 -21.55 32.09 10.43
CA ASP A 902 -21.96 31.61 9.08
C ASP A 902 -23.22 30.76 9.21
N GLU A 903 -23.84 30.39 8.09
CA GLU A 903 -25.14 29.65 8.02
C GLU A 903 -25.04 28.24 8.63
N ALA A 904 -23.86 27.63 8.70
CA ALA A 904 -23.64 26.32 9.37
C ALA A 904 -23.67 26.47 10.88
N GLY A 905 -23.51 27.68 11.42
CA GLY A 905 -23.52 27.98 12.86
C GLY A 905 -22.13 27.98 13.47
N GLN A 906 -21.09 27.70 12.68
CA GLN A 906 -19.69 27.67 13.14
C GLN A 906 -19.30 29.11 13.49
N LYS A 907 -18.50 29.31 14.54
CA LYS A 907 -18.10 30.65 15.05
C LYS A 907 -17.29 31.42 14.00
N LEU A 908 -17.53 32.72 13.81
CA LEU A 908 -16.78 33.55 12.82
C LEU A 908 -16.19 34.77 13.53
N GLU A 909 -14.86 34.90 13.60
CA GLU A 909 -14.17 36.07 14.20
C GLU A 909 -14.77 37.36 13.62
N VAL A 918 -24.48 46.58 18.01
CA VAL A 918 -24.63 45.27 17.31
C VAL A 918 -23.47 45.12 16.32
N PRO A 919 -22.76 43.97 16.27
CA PRO A 919 -21.66 43.81 15.35
C PRO A 919 -22.20 43.32 13.99
N ALA A 920 -22.15 44.16 12.94
CA ALA A 920 -22.61 43.82 11.59
C ALA A 920 -21.65 42.75 11.05
N CYS A 921 -22.17 41.78 10.30
CA CYS A 921 -21.41 40.61 9.81
C CYS A 921 -21.01 40.78 8.35
N PRO A 922 -19.84 40.27 7.91
CA PRO A 922 -19.41 40.43 6.54
C PRO A 922 -20.22 39.59 5.54
N GLY A 923 -20.22 40.00 4.27
CA GLY A 923 -20.91 39.34 3.14
C GLY A 923 -20.11 38.16 2.60
N SER A 924 -20.53 37.60 1.48
CA SER A 924 -19.94 36.35 0.96
C SER A 924 -18.44 36.49 0.72
N CYS A 925 -17.97 37.60 0.17
CA CYS A 925 -16.54 37.81 -0.14
C CYS A 925 -15.84 38.66 0.90
N GLU A 926 -16.51 39.54 1.61
CA GLU A 926 -15.79 40.32 2.61
C GLU A 926 -15.13 39.39 3.63
N GLU A 927 -15.81 38.31 4.01
CA GLU A 927 -15.17 37.35 4.90
C GLU A 927 -13.97 36.67 4.25
N VAL A 928 -14.11 36.27 2.98
CA VAL A 928 -13.00 35.67 2.27
C VAL A 928 -11.88 36.69 2.09
N LYS A 929 -12.18 37.97 2.21
CA LYS A 929 -11.14 38.98 2.21
C LYS A 929 -10.51 39.18 3.58
N LEU A 930 -11.31 39.13 4.64
CA LEU A 930 -10.74 39.21 5.98
C LEU A 930 -9.80 38.05 6.23
N ARG A 931 -10.08 36.88 5.66
CA ARG A 931 -9.15 35.78 5.79
C ARG A 931 -7.79 36.13 5.23
N VAL A 932 -7.76 36.71 4.02
CA VAL A 932 -6.48 37.04 3.41
C VAL A 932 -5.81 38.18 4.16
N LEU A 933 -6.59 39.15 4.64
CA LEU A 933 -6.00 40.23 5.41
C LEU A 933 -5.35 39.70 6.68
N GLN A 934 -6.04 38.79 7.37
CA GLN A 934 -5.46 38.17 8.56
C GLN A 934 -4.22 37.37 8.19
N PHE A 935 -4.22 36.73 7.04
CA PHE A 935 -3.03 35.99 6.61
C PHE A 935 -1.84 36.91 6.42
N ILE A 936 -2.04 38.04 5.75
CA ILE A 936 -0.94 38.98 5.58
C ILE A 936 -0.51 39.53 6.93
N ARG A 937 -1.47 39.75 7.83
CA ARG A 937 -1.12 40.21 9.16
C ARG A 937 -0.26 39.18 9.88
N GLU A 938 -0.60 37.90 9.74
CA GLU A 938 0.21 36.85 10.36
C GLU A 938 1.61 36.82 9.76
N ALA A 939 1.72 36.99 8.45
CA ALA A 939 3.04 36.99 7.83
C ALA A 939 3.88 38.13 8.35
N GLU A 940 3.30 39.33 8.47
CA GLU A 940 4.05 40.45 9.02
C GLU A 940 4.39 40.22 10.48
N GLU A 941 3.49 39.57 11.23
CA GLU A 941 3.80 39.24 12.61
C GLU A 941 5.00 38.30 12.67
N ILE A 942 5.06 37.32 11.76
CA ILE A 942 6.22 36.43 11.71
C ILE A 942 7.49 37.23 11.43
N VAL A 943 7.42 38.11 10.43
CA VAL A 943 8.62 38.86 10.05
C VAL A 943 9.09 39.73 11.20
N THR A 944 8.17 40.37 11.92
CA THR A 944 8.57 41.23 13.03
C THR A 944 8.87 40.45 14.31
N TYR A 945 8.47 39.18 14.40
CA TYR A 945 9.01 38.33 15.46
C TYR A 945 10.46 37.97 15.15
N SER A 946 10.74 37.59 13.92
CA SER A 946 12.11 37.32 13.53
C SER A 946 12.97 38.56 13.67
N ASN A 947 12.43 39.73 13.32
CA ASN A 947 13.20 41.00 13.42
C ASN A 947 13.45 41.31 14.90
N SER A 948 12.73 40.65 15.82
CA SER A 948 13.00 40.77 17.24
C SER A 948 13.93 39.67 17.75
N SER A 949 14.30 38.71 16.91
CA SER A 949 15.22 37.65 17.29
C SER A 949 14.72 36.91 18.53
N ARG A 950 13.40 36.73 18.61
CA ARG A 950 12.79 36.15 19.79
C ARG A 950 12.60 34.65 19.69
N PHE A 951 12.87 34.04 18.53
CA PHE A 951 12.53 32.64 18.32
C PHE A 951 13.74 31.91 17.75
N PRO A 952 14.11 30.75 18.31
CA PRO A 952 15.27 30.02 17.77
C PRO A 952 15.05 29.59 16.33
N LEU A 953 16.13 29.63 15.56
CA LEU A 953 16.03 29.29 14.15
C LEU A 953 15.53 27.86 13.95
N GLY A 954 15.87 26.95 14.86
CA GLY A 954 15.56 25.55 14.64
C GLY A 954 14.16 25.16 15.01
N GLU A 955 13.50 25.88 15.92
CA GLU A 955 12.20 25.44 16.41
C GLU A 955 11.19 25.38 15.29
N SER A 956 11.21 26.35 14.39
CA SER A 956 10.28 26.34 13.27
C SER A 956 10.41 25.05 12.47
N PHE A 957 11.61 24.47 12.41
CA PHE A 957 11.78 23.17 11.77
C PHE A 957 11.09 22.07 12.58
N LEU A 958 11.30 22.06 13.90
CA LEU A 958 10.70 21.04 14.73
C LEU A 958 9.19 20.99 14.53
N ALA A 959 8.57 22.16 14.39
CA ALA A 959 7.13 22.19 14.17
C ALA A 959 6.74 21.39 12.94
N ALA A 960 7.51 21.54 11.85
CA ALA A 960 7.22 20.77 10.65
C ALA A 960 7.20 19.28 10.93
N LYS A 961 8.00 18.83 11.90
CA LYS A 961 8.01 17.43 12.31
C LYS A 961 7.10 17.17 13.50
N GLY A 962 6.36 18.16 13.96
CA GLY A 962 5.44 17.97 15.07
C GLY A 962 6.15 17.59 16.35
N ILE A 963 7.23 18.25 16.66
CA ILE A 963 7.94 17.98 17.93
C ILE A 963 7.92 19.30 18.66
N ARG A 964 6.85 20.11 18.53
CA ARG A 964 6.78 21.37 19.27
C ARG A 964 6.95 20.89 20.70
N LEU A 965 7.98 21.35 21.37
CA LEU A 965 8.33 20.89 22.72
C LEU A 965 7.45 21.68 23.73
N THR A 966 7.27 21.35 25.00
CA THR A 966 6.28 22.11 25.81
C THR A 966 6.93 23.13 26.75
N ASP A 967 6.18 24.13 27.22
CA ASP A 967 6.68 25.14 28.19
C ASP A 967 6.41 24.67 29.63
N GLU A 968 5.80 23.51 29.84
CA GLU A 968 5.68 22.87 31.18
C GLU A 968 7.08 22.42 31.59
N GLU A 969 7.84 21.83 30.64
CA GLU A 969 9.23 21.31 30.84
C GLU A 969 10.27 22.39 30.52
N LEU A 970 9.86 23.53 29.97
CA LEU A 970 10.69 24.74 29.71
C LEU A 970 9.89 25.95 30.20
N ALA A 971 9.84 26.21 31.51
CA ALA A 971 9.03 27.29 32.05
C ALA A 971 9.68 28.66 31.90
N PHE A 972 10.74 28.76 31.11
CA PHE A 972 11.43 30.04 30.98
C PHE A 972 10.51 31.14 30.46
N PRO A 973 9.79 30.99 29.35
CA PRO A 973 8.92 32.07 28.88
C PRO A 973 7.73 32.32 29.79
N SER A 978 3.22 33.90 23.95
CA SER A 978 3.50 34.37 22.57
C SER A 978 4.37 33.34 21.85
N ARG A 979 5.23 32.64 22.60
CA ARG A 979 6.11 31.60 22.02
C ARG A 979 5.21 30.48 21.47
N GLU A 980 4.20 30.08 22.23
CA GLU A 980 3.25 29.01 21.80
C GLU A 980 2.43 29.53 20.63
N THR A 981 1.95 30.76 20.72
CA THR A 981 1.01 31.36 19.75
C THR A 981 1.56 31.26 18.33
N PHE A 982 2.85 31.55 18.14
CA PHE A 982 3.53 31.51 16.82
C PHE A 982 3.60 30.08 16.30
N LEU A 983 3.92 29.13 17.19
CA LEU A 983 4.14 27.70 16.85
C LEU A 983 2.82 27.01 16.50
N GLU A 984 1.68 27.55 16.92
CA GLU A 984 0.40 26.98 16.50
C GLU A 984 0.24 27.04 14.99
N LYS A 985 0.81 28.06 14.34
CA LYS A 985 0.64 28.22 12.90
C LYS A 985 1.34 27.12 12.13
N PHE A 986 2.55 26.76 12.54
CA PHE A 986 3.35 25.79 11.80
C PHE A 986 3.09 24.35 12.21
N LEU A 987 2.78 24.11 13.49
CA LEU A 987 2.71 22.76 14.03
C LEU A 987 1.95 21.81 13.10
N SER A 988 0.70 22.12 12.81
CA SER A 988 -0.07 21.31 11.89
C SER A 988 0.41 21.57 10.47
N GLY A 989 1.47 20.87 10.05
CA GLY A 989 2.01 21.05 8.73
C GLY A 989 0.93 20.99 7.67
N SER A 990 0.64 22.13 7.05
CA SER A 990 -0.50 22.25 6.16
C SER A 990 -0.17 23.22 5.06
N ASP A 991 -0.95 23.15 3.97
CA ASP A 991 -0.75 24.06 2.86
C ASP A 991 -0.75 25.51 3.34
N TYR A 992 -1.63 25.82 4.29
CA TYR A 992 -1.66 27.17 4.84
C TYR A 992 -0.34 27.49 5.53
N ALA A 993 0.22 26.54 6.27
CA ALA A 993 1.49 26.79 6.95
C ALA A 993 2.62 27.00 5.94
N ILE A 994 2.66 26.19 4.88
CA ILE A 994 3.69 26.35 3.88
C ILE A 994 3.56 27.71 3.20
N ARG A 995 2.33 28.09 2.85
CA ARG A 995 2.12 29.39 2.22
C ARG A 995 2.57 30.52 3.14
N LEU A 996 2.22 30.42 4.43
CA LEU A 996 2.59 31.48 5.36
C LEU A 996 4.09 31.57 5.51
N ALA A 997 4.77 30.42 5.62
CA ALA A 997 6.22 30.44 5.74
C ALA A 997 6.86 31.02 4.50
N ALA A 998 6.36 30.66 3.31
CA ALA A 998 6.92 31.20 2.08
C ALA A 998 6.72 32.71 2.01
N GLN A 999 5.52 33.19 2.35
CA GLN A 999 5.29 34.63 2.34
C GLN A 999 6.21 35.33 3.31
N SER A 1000 6.37 34.78 4.51
CA SER A 1000 7.22 35.41 5.51
C SER A 1000 8.66 35.46 5.03
N THR A 1001 9.16 34.37 4.45
CA THR A 1001 10.54 34.36 3.97
C THR A 1001 10.73 35.35 2.83
N PHE A 1002 9.81 35.36 1.87
CA PHE A 1002 9.90 36.33 0.78
C PHE A 1002 9.95 37.74 1.33
N ASP A 1003 9.05 38.06 2.26
CA ASP A 1003 9.04 39.39 2.84
C ASP A 1003 10.36 39.69 3.53
N PHE A 1004 10.85 38.75 4.33
CA PHE A 1004 12.07 39.00 5.10
C PHE A 1004 13.24 39.30 4.18
N TYR A 1005 13.39 38.51 3.12
CA TYR A 1005 14.54 38.71 2.24
C TYR A 1005 14.30 39.79 1.19
N GLN A 1006 13.08 40.33 1.10
CA GLN A 1006 12.84 41.44 0.19
C GLN A 1006 12.94 42.79 0.91
N ARG A 1007 12.20 42.97 1.99
CA ARG A 1007 12.11 44.26 2.65
C ARG A 1007 13.08 44.43 3.81
N ARG A 1008 13.93 43.44 4.09
CA ARG A 1008 14.97 43.67 5.08
C ARG A 1008 16.05 44.59 4.52
N LEU A 1009 16.51 44.33 3.30
CA LEU A 1009 17.55 45.15 2.68
C LEU A 1009 16.97 46.44 2.12
N VAL A 1010 16.03 46.30 1.18
CA VAL A 1010 15.42 47.46 0.53
C VAL A 1010 14.30 48.00 1.41
N SER A 1025 1.03 41.02 -4.61
CA SER A 1025 1.45 39.89 -3.79
C SER A 1025 0.26 38.97 -3.51
N ALA A 1026 -0.14 38.84 -2.24
CA ALA A 1026 -1.27 38.00 -1.92
C ALA A 1026 -2.53 38.51 -2.60
N TYR A 1027 -3.29 37.59 -3.19
CA TYR A 1027 -4.50 37.95 -3.91
C TYR A 1027 -5.62 38.18 -2.91
N LEU A 1028 -5.91 39.45 -2.62
CA LEU A 1028 -7.12 39.74 -1.86
C LEU A 1028 -8.27 39.96 -2.83
N PRO A 1029 -9.41 39.27 -2.66
CA PRO A 1029 -10.47 39.41 -3.64
C PRO A 1029 -11.04 40.81 -3.69
N GLN A 1030 -11.40 41.24 -4.90
CA GLN A 1030 -12.09 42.49 -5.09
C GLN A 1030 -13.56 42.32 -4.76
N CYS A 1031 -14.14 43.31 -4.08
CA CYS A 1031 -15.50 43.24 -3.58
C CYS A 1031 -16.25 44.51 -3.92
N ASP A 1032 -17.57 44.41 -3.92
CA ASP A 1032 -18.43 45.55 -4.17
C ASP A 1032 -18.63 46.32 -2.88
N ALA A 1033 -19.54 47.30 -2.90
CA ALA A 1033 -19.77 48.13 -1.71
C ALA A 1033 -20.60 47.42 -0.66
N PHE A 1034 -21.33 46.37 -1.02
CA PHE A 1034 -22.21 45.67 -0.08
C PHE A 1034 -21.64 44.34 0.37
N GLY A 1035 -20.37 44.08 0.12
CA GLY A 1035 -19.75 42.84 0.53
C GLY A 1035 -20.01 41.66 -0.37
N GLY A 1036 -20.72 41.84 -1.48
CA GLY A 1036 -20.94 40.78 -2.43
C GLY A 1036 -19.80 40.67 -3.42
N TRP A 1037 -19.53 39.46 -3.87
CA TRP A 1037 -18.44 39.24 -4.81
C TRP A 1037 -18.64 40.08 -6.06
N GLU A 1038 -17.57 40.73 -6.50
CA GLU A 1038 -17.60 41.39 -7.80
C GLU A 1038 -17.66 40.32 -8.89
N PRO A 1039 -18.43 40.54 -9.96
CA PRO A 1039 -18.49 39.51 -10.99
C PRO A 1039 -17.14 39.16 -11.58
N VAL A 1040 -16.27 40.14 -11.75
CA VAL A 1040 -14.99 39.96 -12.44
C VAL A 1040 -13.89 40.12 -11.41
N GLN A 1041 -13.16 39.04 -11.15
CA GLN A 1041 -12.05 39.05 -10.21
C GLN A 1041 -10.74 39.12 -10.97
N CYS A 1042 -9.91 40.09 -10.61
CA CYS A 1042 -8.60 40.25 -11.22
C CYS A 1042 -7.52 40.00 -10.17
N HIS A 1043 -6.40 39.45 -10.60
CA HIS A 1043 -5.30 39.17 -9.68
C HIS A 1043 -4.52 40.42 -9.30
N ALA A 1044 -4.87 41.58 -9.86
CA ALA A 1044 -4.39 42.91 -9.50
C ALA A 1044 -2.97 43.18 -10.01
N ALA A 1045 -2.30 42.20 -10.59
CA ALA A 1045 -0.94 42.41 -11.09
C ALA A 1045 -0.66 41.31 -12.10
N THR A 1046 -0.40 41.69 -13.35
CA THR A 1046 -0.35 40.72 -14.43
C THR A 1046 -1.59 39.85 -14.37
N GLY A 1047 -2.74 40.52 -14.25
CA GLY A 1047 -3.95 39.83 -13.86
C GLY A 1047 -4.44 38.88 -14.94
N HIS A 1048 -4.92 37.72 -14.49
CA HIS A 1048 -5.67 36.79 -15.32
C HIS A 1048 -7.10 36.90 -14.80
N CYS A 1049 -7.85 37.87 -15.33
CA CYS A 1049 -9.11 38.28 -14.74
C CYS A 1049 -10.19 37.25 -15.02
N TRP A 1050 -10.22 36.21 -14.20
CA TRP A 1050 -11.35 35.30 -14.21
C TRP A 1050 -12.55 35.97 -13.56
N CYS A 1051 -13.73 35.38 -13.76
CA CYS A 1051 -14.95 35.92 -13.19
C CYS A 1051 -15.70 34.84 -12.44
N VAL A 1052 -16.33 35.25 -11.34
CA VAL A 1052 -16.87 34.33 -10.36
C VAL A 1052 -18.38 34.52 -10.28
N ASP A 1053 -19.04 33.54 -9.69
CA ASP A 1053 -20.49 33.58 -9.49
C ASP A 1053 -20.79 34.42 -8.25
N GLY A 1054 -22.00 34.31 -7.74
CA GLY A 1054 -22.41 35.12 -6.61
C GLY A 1054 -21.85 34.68 -5.27
N LYS A 1055 -20.98 33.66 -5.25
CA LYS A 1055 -20.36 33.24 -4.00
C LYS A 1055 -18.88 32.93 -4.17
N GLY A 1056 -18.22 33.63 -5.09
CA GLY A 1056 -16.79 33.48 -5.26
C GLY A 1056 -16.35 32.24 -6.00
N GLU A 1057 -17.28 31.35 -6.34
CA GLU A 1057 -16.92 30.11 -7.00
C GLU A 1057 -16.67 30.39 -8.48
N TYR A 1058 -15.44 30.16 -8.92
CA TYR A 1058 -15.04 30.50 -10.28
C TYR A 1058 -15.91 29.76 -11.29
N VAL A 1059 -16.39 30.48 -12.30
CA VAL A 1059 -17.18 29.91 -13.37
C VAL A 1059 -16.38 30.06 -14.66
N PRO A 1060 -16.28 29.02 -15.50
CA PRO A 1060 -15.48 29.16 -16.72
C PRO A 1060 -15.95 30.29 -17.63
N ALA A 1065 -5.22 34.24 -18.39
CA ALA A 1065 -4.85 34.73 -19.71
C ALA A 1065 -4.71 36.25 -19.69
N ARG A 1066 -3.60 36.75 -20.21
CA ARG A 1066 -3.34 38.20 -20.27
C ARG A 1066 -3.98 38.81 -21.52
N SER A 1067 -5.27 38.55 -21.69
CA SER A 1067 -5.97 38.96 -22.89
C SER A 1067 -6.37 40.43 -22.82
N ARG A 1068 -6.54 41.02 -24.00
CA ARG A 1068 -7.08 42.37 -24.10
C ARG A 1068 -8.55 42.38 -23.70
N GLN A 1069 -9.03 43.56 -23.33
CA GLN A 1069 -10.45 43.75 -23.00
C GLN A 1069 -10.87 42.79 -21.88
N ILE A 1070 -10.35 43.07 -20.69
CA ILE A 1070 -10.60 42.27 -19.49
C ILE A 1070 -12.07 41.84 -19.49
N PRO A 1071 -12.38 40.57 -19.29
CA PRO A 1071 -13.73 40.10 -19.59
C PRO A 1071 -14.77 40.80 -18.75
N GLN A 1072 -15.92 41.05 -19.34
CA GLN A 1072 -17.11 41.44 -18.58
C GLN A 1072 -17.96 40.20 -18.39
N CYS A 1073 -18.33 39.93 -17.14
CA CYS A 1073 -19.05 38.71 -16.82
C CYS A 1073 -20.32 39.06 -16.05
N PRO A 1074 -21.34 38.22 -16.19
CA PRO A 1074 -22.67 38.62 -15.72
C PRO A 1074 -22.74 38.74 -14.21
N THR A 1075 -23.59 39.64 -13.75
CA THR A 1075 -23.82 39.81 -12.33
C THR A 1075 -24.58 38.59 -11.83
N SER A 1076 -24.99 38.63 -10.57
CA SER A 1076 -25.60 37.45 -9.97
C SER A 1076 -26.90 37.06 -10.67
N CYS A 1077 -27.59 38.02 -11.28
CA CYS A 1077 -28.89 37.75 -11.86
C CYS A 1077 -28.87 37.62 -13.38
N GLU A 1078 -27.97 38.31 -14.07
CA GLU A 1078 -27.87 38.11 -15.52
C GLU A 1078 -27.47 36.67 -15.82
N ARG A 1079 -26.53 36.14 -15.05
CA ARG A 1079 -26.21 34.72 -15.16
C ARG A 1079 -27.44 33.88 -14.86
N LEU A 1080 -28.16 34.24 -13.79
CA LEU A 1080 -29.30 33.45 -13.35
C LEU A 1080 -30.46 33.58 -14.32
N ARG A 1081 -30.69 34.78 -14.86
CA ARG A 1081 -31.73 34.95 -15.87
C ARG A 1081 -31.38 34.20 -17.15
N ALA A 1082 -30.13 34.27 -17.58
CA ALA A 1082 -29.75 33.54 -18.78
C ALA A 1082 -29.94 32.04 -18.58
N SER A 1083 -29.57 31.53 -17.42
CA SER A 1083 -29.83 30.12 -17.12
C SER A 1083 -31.32 29.82 -17.19
N GLY A 1084 -32.14 30.64 -16.55
CA GLY A 1084 -33.57 30.39 -16.53
C GLY A 1084 -34.23 30.52 -17.88
N LEU A 1085 -33.63 31.27 -18.80
CA LEU A 1085 -34.18 31.39 -20.14
C LEU A 1085 -33.75 30.23 -21.03
N LEU A 1086 -32.48 29.85 -20.95
CA LEU A 1086 -31.98 28.80 -21.83
C LEU A 1086 -32.62 27.46 -21.50
N SER A 1087 -32.59 27.06 -20.23
CA SER A 1087 -32.99 25.72 -19.84
C SER A 1087 -34.13 25.68 -18.84
N SER A 1088 -34.82 26.80 -18.61
CA SER A 1088 -35.99 26.85 -17.76
C SER A 1088 -35.71 26.43 -16.32
N TRP A 1089 -34.47 26.54 -15.87
CA TRP A 1089 -34.15 26.31 -14.46
C TRP A 1089 -34.57 27.55 -13.68
N LYS A 1090 -35.86 27.64 -13.39
CA LYS A 1090 -36.41 28.83 -12.79
C LYS A 1090 -36.02 28.94 -11.32
N GLN A 1091 -36.49 29.99 -10.67
CA GLN A 1091 -36.17 30.30 -9.29
C GLN A 1091 -37.43 30.33 -8.45
N ALA A 1092 -37.37 29.79 -7.25
CA ALA A 1092 -38.54 29.74 -6.39
C ALA A 1092 -38.93 31.13 -5.91
N GLY A 1093 -40.21 31.30 -5.62
CA GLY A 1093 -40.73 32.55 -5.11
C GLY A 1093 -41.09 32.49 -3.64
N VAL A 1094 -41.56 31.33 -3.19
CA VAL A 1094 -42.02 31.17 -1.81
C VAL A 1094 -41.14 30.23 -1.00
N GLN A 1095 -40.38 29.34 -1.65
CA GLN A 1095 -39.42 28.45 -0.99
C GLN A 1095 -40.10 27.33 -0.20
N ALA A 1096 -41.42 27.35 -0.10
CA ALA A 1096 -42.18 26.34 0.64
C ALA A 1096 -43.01 25.57 -0.37
N GLU A 1097 -42.41 24.56 -0.97
CA GLU A 1097 -43.08 23.70 -1.94
C GLU A 1097 -43.80 24.54 -3.01
N PRO A 1098 -43.07 25.38 -3.74
CA PRO A 1098 -43.72 26.20 -4.74
C PRO A 1098 -44.43 25.37 -5.80
N SER A 1099 -45.60 25.83 -6.19
CA SER A 1099 -46.24 25.32 -7.38
C SER A 1099 -45.41 25.74 -8.59
N PRO A 1100 -45.57 25.09 -9.72
CA PRO A 1100 -44.78 25.49 -10.89
C PRO A 1100 -45.11 26.89 -11.38
N LYS A 1101 -46.07 27.55 -10.75
CA LYS A 1101 -46.37 28.95 -11.03
C LYS A 1101 -45.61 29.91 -10.12
N ASP A 1102 -45.26 29.48 -8.90
CA ASP A 1102 -44.49 30.33 -8.01
C ASP A 1102 -43.07 30.56 -8.52
N LEU A 1103 -42.60 29.73 -9.45
CA LEU A 1103 -41.27 29.91 -9.99
C LEU A 1103 -41.24 31.12 -10.91
N PHE A 1104 -40.11 31.81 -10.93
CA PHE A 1104 -39.93 32.96 -11.80
C PHE A 1104 -38.52 32.96 -12.35
N ILE A 1105 -38.37 33.52 -13.54
CA ILE A 1105 -37.06 33.84 -14.10
C ILE A 1105 -36.73 35.27 -13.67
N PRO A 1106 -35.61 35.52 -12.99
CA PRO A 1106 -35.35 36.86 -12.51
C PRO A 1106 -35.33 37.87 -13.65
N THR A 1107 -35.91 39.03 -13.39
CA THR A 1107 -35.86 40.15 -14.33
C THR A 1107 -34.80 41.12 -13.84
N CYS A 1108 -33.80 41.36 -14.68
CA CYS A 1108 -32.67 42.21 -14.34
C CYS A 1108 -32.80 43.52 -15.07
N LEU A 1109 -32.70 44.63 -14.33
CA LEU A 1109 -32.60 45.91 -14.98
C LEU A 1109 -31.25 46.03 -15.66
N GLU A 1110 -31.01 47.16 -16.31
CA GLU A 1110 -29.95 47.23 -17.32
C GLU A 1110 -28.57 47.03 -16.70
N THR A 1111 -28.26 47.77 -15.63
CA THR A 1111 -26.88 47.79 -15.16
C THR A 1111 -26.45 46.47 -14.53
N GLY A 1112 -27.39 45.66 -14.06
CA GLY A 1112 -27.05 44.32 -13.60
C GLY A 1112 -27.75 43.84 -12.35
N GLU A 1113 -28.11 44.74 -11.45
CA GLU A 1113 -28.74 44.31 -10.21
C GLU A 1113 -30.16 43.80 -10.46
N PHE A 1114 -30.63 42.98 -9.54
CA PHE A 1114 -31.99 42.46 -9.62
C PHE A 1114 -32.97 43.61 -9.71
N ALA A 1115 -33.97 43.46 -10.59
CA ALA A 1115 -35.04 44.43 -10.62
C ALA A 1115 -35.67 44.53 -9.23
N ARG A 1116 -36.23 45.70 -8.93
CA ARG A 1116 -36.79 45.90 -7.60
C ARG A 1116 -37.95 44.94 -7.35
N LEU A 1117 -38.80 44.73 -8.34
CA LEU A 1117 -40.01 43.94 -8.22
C LEU A 1117 -39.95 42.76 -9.18
N GLN A 1118 -39.99 41.56 -8.64
CA GLN A 1118 -39.90 40.33 -9.43
C GLN A 1118 -41.28 39.69 -9.52
N ALA A 1119 -41.65 39.27 -10.72
CA ALA A 1119 -42.99 38.80 -11.02
C ALA A 1119 -42.97 37.33 -11.42
N SER A 1120 -44.13 36.71 -11.29
CA SER A 1120 -44.31 35.30 -11.62
C SER A 1120 -45.78 35.10 -11.94
N GLU A 1121 -46.08 33.95 -12.55
CA GLU A 1121 -47.44 33.66 -12.97
C GLU A 1121 -48.42 33.70 -11.80
N ALA A 1122 -47.93 33.57 -10.58
CA ALA A 1122 -48.77 33.56 -9.39
C ALA A 1122 -48.85 34.89 -8.67
N GLY A 1123 -48.00 35.85 -9.02
CA GLY A 1123 -48.00 37.13 -8.33
C GLY A 1123 -46.62 37.75 -8.37
N THR A 1124 -46.49 38.89 -7.69
CA THR A 1124 -45.27 39.66 -7.70
C THR A 1124 -44.84 39.99 -6.28
N TRP A 1125 -43.55 40.20 -6.10
CA TRP A 1125 -43.01 40.54 -4.78
C TRP A 1125 -41.76 41.39 -4.95
N CYS A 1126 -41.46 42.17 -3.91
CA CYS A 1126 -40.35 43.09 -3.92
C CYS A 1126 -39.10 42.41 -3.39
N VAL A 1127 -38.02 42.50 -4.14
CA VAL A 1127 -36.73 41.90 -3.79
C VAL A 1127 -35.69 43.01 -3.74
N ASP A 1128 -34.65 42.78 -2.95
CA ASP A 1128 -33.58 43.77 -2.83
C ASP A 1128 -32.58 43.60 -3.97
N PRO A 1129 -32.17 44.68 -4.63
CA PRO A 1129 -31.32 44.51 -5.82
C PRO A 1129 -29.99 43.83 -5.54
N ALA A 1130 -29.54 43.78 -4.29
CA ALA A 1130 -28.28 43.11 -3.99
C ALA A 1130 -28.34 41.63 -4.31
N SER A 1131 -29.37 40.95 -3.79
CA SER A 1131 -29.55 39.53 -4.01
C SER A 1131 -31.02 39.23 -4.20
N GLY A 1132 -31.31 38.15 -4.90
CA GLY A 1132 -32.68 37.79 -5.18
C GLY A 1132 -33.41 37.19 -3.99
N GLU A 1133 -33.39 37.91 -2.86
CA GLU A 1133 -34.01 37.45 -1.63
C GLU A 1133 -35.07 38.46 -1.21
N GLY A 1134 -36.30 37.99 -1.06
CA GLY A 1134 -37.40 38.88 -0.76
C GLY A 1134 -37.16 39.70 0.49
N VAL A 1135 -38.05 40.66 0.72
CA VAL A 1135 -37.99 41.54 1.88
C VAL A 1135 -39.39 41.69 2.45
N PRO A 1136 -39.49 42.01 3.74
CA PRO A 1136 -40.82 42.25 4.33
C PRO A 1136 -41.42 43.54 3.83
N PRO A 1137 -42.48 43.48 3.01
CA PRO A 1137 -43.02 44.75 2.51
C PRO A 1137 -43.64 45.59 3.62
N GLN A 1144 -45.19 51.10 -1.55
CA GLN A 1144 -44.99 50.74 -2.95
C GLN A 1144 -44.07 49.53 -3.05
N CYS A 1145 -42.76 49.77 -3.12
CA CYS A 1145 -41.78 48.70 -3.25
C CYS A 1145 -40.45 49.17 -2.68
N PRO A 1146 -39.92 48.54 -1.64
CA PRO A 1146 -38.67 49.03 -1.04
C PRO A 1146 -37.56 49.12 -2.08
N SER A 1147 -36.84 50.24 -2.05
CA SER A 1147 -35.70 50.46 -2.92
C SER A 1147 -34.41 50.22 -2.16
N LEU A 1148 -33.30 50.17 -2.92
CA LEU A 1148 -32.01 49.78 -2.38
C LEU A 1148 -31.70 50.52 -1.08
N CYS A 1149 -31.64 51.84 -1.14
CA CYS A 1149 -31.37 52.61 0.07
C CYS A 1149 -32.44 52.38 1.12
N GLU A 1150 -33.66 52.10 0.69
CA GLU A 1150 -34.74 51.89 1.65
C GLU A 1150 -34.62 50.54 2.33
N VAL A 1151 -34.27 49.49 1.58
CA VAL A 1151 -34.07 48.19 2.21
C VAL A 1151 -32.85 48.23 3.12
N LEU A 1152 -31.80 48.93 2.71
CA LEU A 1152 -30.62 49.04 3.55
C LEU A 1152 -30.91 49.79 4.85
N GLN A 1153 -31.94 50.63 4.87
CA GLN A 1153 -32.30 51.32 6.10
C GLN A 1153 -32.73 50.35 7.19
N SER A 1154 -33.18 49.16 6.82
CA SER A 1154 -33.59 48.16 7.78
C SER A 1154 -32.96 46.81 7.47
N ALA A 1240 -21.05 76.10 -12.37
CA ALA A 1240 -19.77 75.44 -12.58
C ALA A 1240 -19.78 74.05 -11.97
N ALA A 1241 -19.21 73.08 -12.69
CA ALA A 1241 -19.16 71.71 -12.22
C ALA A 1241 -17.93 71.02 -12.80
N GLY A 1242 -17.53 69.92 -12.17
CA GLY A 1242 -16.45 69.09 -12.65
C GLY A 1242 -16.79 67.62 -12.59
N GLN A 1243 -16.80 66.96 -13.75
CA GLN A 1243 -17.30 65.59 -13.82
C GLN A 1243 -16.37 64.62 -13.07
N ARG A 1244 -16.98 63.59 -12.50
CA ARG A 1244 -16.27 62.54 -11.78
C ARG A 1244 -16.78 61.19 -12.27
N CYS A 1245 -15.88 60.21 -12.31
CA CYS A 1245 -16.24 58.86 -12.70
C CYS A 1245 -16.46 57.99 -11.47
N GLY A 1252 -16.52 53.44 -10.46
CA GLY A 1252 -15.97 52.15 -10.86
C GLY A 1252 -15.32 52.20 -12.24
N TYR A 1253 -15.72 53.17 -13.05
CA TYR A 1253 -15.17 53.34 -14.39
C TYR A 1253 -13.93 54.23 -14.30
N ARG A 1254 -13.42 54.66 -15.45
CA ARG A 1254 -12.29 55.58 -15.51
C ARG A 1254 -12.53 56.57 -16.64
N SER A 1255 -12.08 57.81 -16.41
CA SER A 1255 -12.31 58.89 -17.37
C SER A 1255 -11.29 58.80 -18.49
N ALA A 1256 -11.77 58.56 -19.71
CA ALA A 1256 -10.86 58.43 -20.85
C ALA A 1256 -10.15 59.74 -21.13
N PHE A 1257 -10.83 60.85 -20.97
CA PHE A 1257 -10.23 62.15 -21.21
C PHE A 1257 -9.51 62.64 -19.96
N PRO A 1258 -8.53 63.52 -20.12
CA PRO A 1258 -7.85 64.04 -18.94
C PRO A 1258 -8.81 64.87 -18.10
N PRO A 1259 -8.61 64.91 -16.78
CA PRO A 1259 -9.52 65.67 -15.93
C PRO A 1259 -9.42 67.16 -16.19
N GLU A 1260 -10.55 67.85 -16.00
CA GLU A 1260 -10.58 69.30 -16.14
C GLU A 1260 -11.90 69.84 -15.59
N PRO A 1261 -11.90 70.95 -14.86
CA PRO A 1261 -13.16 71.54 -14.41
C PRO A 1261 -13.75 72.50 -15.43
N LEU A 1262 -15.06 72.67 -15.34
CA LEU A 1262 -15.76 73.59 -16.24
C LEU A 1262 -15.28 75.02 -16.02
N SER A 1273 -21.55 76.90 -20.44
CA SER A 1273 -20.14 77.13 -20.71
C SER A 1273 -19.59 76.05 -21.66
N ARG A 1274 -18.46 75.45 -21.32
CA ARG A 1274 -17.90 74.41 -22.17
C ARG A 1274 -18.82 73.19 -22.20
N PRO A 1275 -18.87 72.48 -23.32
CA PRO A 1275 -19.59 71.19 -23.37
C PRO A 1275 -18.70 70.03 -22.96
N PRO A 1276 -18.61 69.69 -21.67
CA PRO A 1276 -17.85 68.50 -21.29
C PRO A 1276 -18.40 67.26 -21.98
N GLN A 1277 -17.50 66.42 -22.45
CA GLN A 1277 -17.89 65.30 -23.32
C GLN A 1277 -18.64 64.25 -22.53
N PRO A 1278 -19.86 63.87 -22.93
CA PRO A 1278 -20.59 62.82 -22.20
C PRO A 1278 -20.00 61.43 -22.35
N ARG A 1279 -19.76 60.99 -23.59
CA ARG A 1279 -19.32 59.63 -23.84
C ARG A 1279 -17.82 59.48 -23.65
N ALA A 1280 -17.32 59.88 -22.49
CA ALA A 1280 -15.89 59.86 -22.21
C ALA A 1280 -15.51 58.74 -21.24
N CYS A 1281 -16.17 58.66 -20.09
CA CYS A 1281 -15.82 57.66 -19.10
C CYS A 1281 -16.13 56.26 -19.62
N GLN A 1282 -15.17 55.35 -19.49
CA GLN A 1282 -15.34 54.00 -20.02
C GLN A 1282 -14.31 53.07 -19.38
N ARG A 1283 -14.15 51.90 -19.97
CA ARG A 1283 -13.47 50.77 -19.31
C ARG A 1283 -11.99 51.04 -19.05
N PRO A 1284 -11.52 50.94 -17.80
CA PRO A 1284 -10.08 51.06 -17.55
C PRO A 1284 -9.31 49.81 -17.98
N GLN A 1285 -8.89 49.76 -19.24
CA GLN A 1285 -8.19 48.60 -19.75
C GLN A 1285 -6.93 48.30 -18.93
N PHE A 1286 -6.35 47.12 -19.19
CA PHE A 1286 -5.15 46.66 -18.52
C PHE A 1286 -3.93 46.89 -19.39
N TRP A 1287 -2.76 46.94 -18.76
CA TRP A 1287 -1.52 47.18 -19.48
C TRP A 1287 -1.34 46.13 -20.57
N GLN A 1288 -0.87 46.58 -21.73
CA GLN A 1288 -0.67 45.68 -22.85
C GLN A 1288 0.65 45.87 -23.58
N THR A 1289 1.48 46.83 -23.18
CA THR A 1289 2.79 47.00 -23.78
C THR A 1289 3.80 47.38 -22.72
N LEU A 1290 4.97 46.74 -22.76
CA LEU A 1290 6.14 47.15 -22.00
C LEU A 1290 7.23 47.52 -23.00
N GLN A 1291 8.03 48.51 -22.66
CA GLN A 1291 9.12 48.91 -23.54
C GLN A 1291 10.29 49.40 -22.70
N THR A 1292 11.49 49.23 -23.24
CA THR A 1292 12.72 49.65 -22.61
C THR A 1292 13.59 50.36 -23.62
N GLN A 1293 14.22 51.45 -23.19
CA GLN A 1293 14.98 52.34 -24.07
C GLN A 1293 16.46 52.17 -23.80
N ALA A 1294 17.25 52.20 -24.87
CA ALA A 1294 18.70 52.16 -24.78
C ALA A 1294 19.29 53.23 -25.69
N GLN A 1295 20.46 53.73 -25.32
CA GLN A 1295 21.12 54.80 -26.05
C GLN A 1295 22.22 54.26 -26.95
N PHE A 1317 21.19 55.55 -41.58
CA PHE A 1317 19.78 55.88 -41.40
C PHE A 1317 19.10 54.86 -40.48
N GLN A 1318 18.00 55.29 -39.86
CA GLN A 1318 17.33 54.44 -38.87
C GLN A 1318 16.97 53.09 -39.45
N VAL A 1319 16.65 53.03 -40.74
CA VAL A 1319 16.33 51.75 -41.37
C VAL A 1319 17.54 50.83 -41.35
N PHE A 1320 18.73 51.37 -41.67
CA PHE A 1320 19.94 50.57 -41.60
C PHE A 1320 20.17 50.07 -40.18
N LEU A 1321 20.00 50.97 -39.21
CA LEU A 1321 20.18 50.59 -37.82
C LEU A 1321 19.29 49.42 -37.45
N LEU A 1322 17.99 49.54 -37.73
CA LEU A 1322 17.05 48.48 -37.36
C LEU A 1322 17.35 47.20 -38.10
N ASP A 1323 17.72 47.28 -39.38
CA ASP A 1323 18.02 46.09 -40.14
C ASP A 1323 19.19 45.34 -39.55
N GLU A 1324 20.32 46.03 -39.32
CA GLU A 1324 21.46 45.38 -38.73
C GLU A 1324 21.21 44.95 -37.29
N LEU A 1325 20.23 45.57 -36.62
CA LEU A 1325 19.96 45.26 -35.23
C LEU A 1325 19.13 43.99 -35.09
N THR A 1326 17.97 43.95 -35.76
CA THR A 1326 17.09 42.80 -35.64
C THR A 1326 17.74 41.53 -36.17
N ALA A 1327 18.71 41.65 -37.07
CA ALA A 1327 19.40 40.47 -37.58
C ALA A 1327 20.15 39.72 -36.48
N ARG A 1328 20.40 40.37 -35.35
CA ARG A 1328 21.06 39.75 -34.21
C ARG A 1328 20.09 39.29 -33.14
N GLY A 1329 18.79 39.23 -33.45
CA GLY A 1329 17.81 38.81 -32.48
C GLY A 1329 17.21 39.93 -31.66
N PHE A 1330 17.18 41.15 -32.20
CA PHE A 1330 16.74 42.31 -31.45
C PHE A 1330 15.44 42.87 -32.01
N VAL A 1364 22.36 56.26 -29.82
CA VAL A 1364 21.14 56.48 -30.57
C VAL A 1364 19.97 55.86 -29.81
N ASN A 1365 18.78 56.42 -30.00
CA ASN A 1365 17.60 55.97 -29.29
C ASN A 1365 17.02 54.73 -29.95
N ILE A 1366 16.97 53.63 -29.21
CA ILE A 1366 16.39 52.38 -29.69
C ILE A 1366 15.48 51.83 -28.60
N THR A 1367 14.30 51.35 -28.99
CA THR A 1367 13.29 50.87 -28.06
C THR A 1367 12.76 49.52 -28.52
N TRP A 1368 12.63 48.59 -27.57
CA TRP A 1368 12.06 47.27 -27.81
C TRP A 1368 10.74 47.20 -27.04
N LYS A 1369 9.66 47.61 -27.70
CA LYS A 1369 8.34 47.58 -27.08
C LYS A 1369 7.69 46.23 -27.33
N LEU A 1370 7.12 45.63 -26.28
CA LEU A 1370 6.56 44.29 -26.34
C LEU A 1370 5.07 44.38 -26.05
N GLN A 1371 4.24 44.17 -27.07
CA GLN A 1371 2.81 44.04 -26.85
C GLN A 1371 2.54 42.70 -26.19
N LEU A 1372 1.74 42.70 -25.13
CA LEU A 1372 1.49 41.49 -24.37
C LEU A 1372 0.46 40.60 -25.04
N ARG A 1436 14.22 50.99 -16.00
CA ARG A 1436 14.01 50.27 -17.25
C ARG A 1436 12.66 49.56 -17.26
N THR A 1437 12.22 49.14 -18.44
CA THR A 1437 10.99 48.36 -18.60
C THR A 1437 9.78 49.14 -18.07
N GLN A 1438 9.49 50.24 -18.76
CA GLN A 1438 8.33 51.05 -18.42
C GLN A 1438 7.13 50.65 -19.28
N PHE A 1439 5.94 50.74 -18.69
CA PHE A 1439 4.72 50.31 -19.33
C PHE A 1439 4.13 51.44 -20.18
N GLY A 1440 3.41 51.05 -21.23
CA GLY A 1440 2.72 52.00 -22.10
C GLY A 1440 1.47 51.37 -22.63
N CYS A 1441 1.14 51.63 -23.89
CA CYS A 1441 -0.03 50.96 -24.44
C CYS A 1441 -0.02 51.15 -25.95
N LEU A 1442 -0.85 50.35 -26.63
CA LEU A 1442 -0.91 50.41 -28.09
C LEU A 1442 -1.44 51.77 -28.55
N GLU A 1443 -0.86 52.29 -29.63
CA GLU A 1443 -1.19 53.63 -30.09
C GLU A 1443 -2.63 53.72 -30.54
N GLY A 1444 -3.29 54.81 -30.16
CA GLY A 1444 -4.71 55.00 -30.39
C GLY A 1444 -5.57 54.73 -29.18
N PHE A 1445 -5.01 54.08 -28.16
CA PHE A 1445 -5.70 53.88 -26.89
C PHE A 1445 -5.41 55.05 -25.94
N GLY A 1446 -4.14 55.31 -25.71
CA GLY A 1446 -3.74 56.44 -24.89
C GLY A 1446 -3.80 56.12 -23.42
N ARG A 1447 -2.71 56.38 -22.70
CA ARG A 1447 -2.64 56.04 -21.29
C ARG A 1447 -3.64 56.86 -20.49
N VAL A 1448 -3.71 56.58 -19.19
CA VAL A 1448 -4.61 57.29 -18.30
C VAL A 1448 -3.81 57.78 -17.09
N VAL A 1449 -4.51 58.33 -16.10
CA VAL A 1449 -3.88 58.97 -14.94
C VAL A 1449 -2.91 58.02 -14.26
N ALA A 1450 -3.11 56.71 -14.45
CA ALA A 1450 -2.11 55.74 -14.01
C ALA A 1450 -0.77 56.11 -14.62
N ALA A 1451 0.19 56.48 -13.78
CA ALA A 1451 1.48 56.97 -14.26
C ALA A 1451 2.49 55.84 -14.41
N SER A 1452 2.81 55.15 -13.31
CA SER A 1452 3.78 54.07 -13.35
C SER A 1452 3.50 53.16 -12.16
N ASP A 1453 2.78 52.04 -12.37
CA ASP A 1453 2.45 51.05 -11.30
C ASP A 1453 2.71 49.64 -11.83
N ALA A 1458 -1.08 48.99 -12.79
CA ALA A 1458 -2.53 48.88 -12.58
C ALA A 1458 -3.24 48.95 -13.92
N LEU A 1459 -4.57 48.92 -13.88
CA LEU A 1459 -5.35 49.06 -15.10
C LEU A 1459 -5.08 50.41 -15.74
N GLY A 1460 -4.91 50.41 -17.05
CA GLY A 1460 -4.61 51.65 -17.74
C GLY A 1460 -4.85 51.59 -19.22
N CYS A 1461 -4.77 52.76 -19.83
CA CYS A 1461 -4.85 53.01 -21.27
C CYS A 1461 -6.18 52.49 -21.85
N VAL A 1462 -7.25 53.18 -21.45
CA VAL A 1462 -8.55 52.89 -22.04
C VAL A 1462 -8.47 53.00 -23.55
N LYS A 1463 -9.39 52.31 -24.22
CA LYS A 1463 -9.59 52.52 -25.65
C LYS A 1463 -10.16 53.92 -25.88
N CYS A 1464 -9.64 54.62 -26.86
CA CYS A 1464 -10.08 55.98 -27.11
C CYS A 1464 -11.47 55.96 -27.75
N PRO A 1465 -12.46 56.65 -27.17
CA PRO A 1465 -13.84 56.53 -27.69
C PRO A 1465 -14.04 57.29 -29.00
N GLU A 1466 -15.30 57.35 -29.46
CA GLU A 1466 -15.59 58.03 -30.72
C GLU A 1466 -15.19 59.50 -30.69
N GLY A 1467 -15.06 60.09 -29.50
CA GLY A 1467 -14.63 61.47 -29.38
C GLY A 1467 -13.21 61.68 -29.85
N VAL A 1759 -19.50 70.03 -78.12
CA VAL A 1759 -19.41 71.36 -77.53
C VAL A 1759 -20.27 71.45 -76.28
N LEU A 1760 -19.97 72.44 -75.44
CA LEU A 1760 -20.64 72.66 -74.16
C LEU A 1760 -20.86 71.34 -73.42
N LEU A 1761 -19.75 70.69 -73.11
CA LEU A 1761 -19.75 69.43 -72.37
C LEU A 1761 -20.00 69.74 -70.89
N CYS A 1762 -19.77 68.75 -70.04
CA CYS A 1762 -19.82 68.91 -68.58
C CYS A 1762 -21.20 69.40 -68.13
N HIS A 1763 -22.18 68.53 -68.34
CA HIS A 1763 -23.54 68.81 -67.88
C HIS A 1763 -23.57 68.92 -66.36
N VAL A 1764 -24.67 69.51 -65.86
CA VAL A 1764 -24.82 69.70 -64.42
C VAL A 1764 -24.91 68.34 -63.73
N ARG A 1765 -25.73 67.46 -64.25
CA ARG A 1765 -25.97 66.13 -63.69
C ARG A 1765 -25.33 65.12 -64.64
N ASP A 1766 -24.06 64.82 -64.40
CA ASP A 1766 -23.36 63.77 -65.14
C ASP A 1766 -22.31 63.18 -64.22
N TRP A 1767 -22.13 61.87 -64.30
CA TRP A 1767 -21.19 61.20 -63.43
C TRP A 1767 -19.79 61.73 -63.64
N ARG A 1768 -19.02 61.82 -62.55
CA ARG A 1768 -17.69 62.43 -62.57
C ARG A 1768 -16.76 61.58 -61.71
N ASP A 1769 -15.49 61.99 -61.70
CA ASP A 1769 -14.45 61.30 -60.92
C ASP A 1769 -14.21 59.90 -61.47
N LEU A 1852 -11.53 54.50 -88.00
CA LEU A 1852 -10.75 53.57 -87.17
C LEU A 1852 -11.50 53.25 -85.89
N THR A 1853 -11.72 54.27 -85.05
CA THR A 1853 -12.52 54.09 -83.85
C THR A 1853 -14.00 54.00 -84.15
N THR A 1854 -14.45 54.52 -85.29
CA THR A 1854 -15.84 54.32 -85.69
C THR A 1854 -16.14 52.84 -85.92
N GLY A 1855 -15.22 52.13 -86.56
CA GLY A 1855 -15.37 50.69 -86.72
C GLY A 1855 -15.02 49.89 -85.48
N LEU A 1856 -14.33 50.52 -84.52
CA LEU A 1856 -14.01 49.85 -83.27
C LEU A 1856 -15.26 49.46 -82.50
N PHE A 1857 -16.38 50.11 -82.78
CA PHE A 1857 -17.61 49.94 -82.03
C PHE A 1857 -18.59 49.06 -82.79
N SER A 1858 -19.51 48.44 -82.04
CA SER A 1858 -20.47 47.50 -82.59
C SER A 1858 -21.86 48.11 -82.50
N PRO A 1859 -22.31 48.84 -83.51
CA PRO A 1859 -23.68 49.37 -83.49
C PRO A 1859 -24.70 48.25 -83.35
N VAL A 1860 -25.74 48.52 -82.56
CA VAL A 1860 -26.82 47.58 -82.32
C VAL A 1860 -28.14 48.27 -82.64
N ASP A 1861 -29.03 47.55 -83.33
CA ASP A 1861 -30.34 48.09 -83.69
C ASP A 1861 -31.07 48.60 -82.45
N LEU A 1862 -32.02 49.52 -82.67
CA LEU A 1862 -32.67 50.20 -81.56
C LEU A 1862 -33.73 49.34 -80.88
N ILE A 1863 -34.21 48.28 -81.53
CA ILE A 1863 -35.31 47.50 -80.99
C ILE A 1863 -34.96 46.79 -79.69
N GLN A 1864 -33.68 46.70 -79.33
CA GLN A 1864 -33.26 46.01 -78.13
C GLN A 1864 -33.37 46.86 -76.87
N VAL A 1865 -33.98 48.04 -76.94
CA VAL A 1865 -34.02 49.00 -75.84
C VAL A 1865 -35.42 49.04 -75.26
N ILE A 1866 -35.50 49.04 -73.93
CA ILE A 1866 -36.75 49.21 -73.21
C ILE A 1866 -36.73 50.63 -72.66
N VAL A 1867 -37.49 51.53 -73.29
CA VAL A 1867 -37.55 52.90 -72.79
C VAL A 1867 -38.16 52.91 -71.40
N ASP A 1868 -37.62 53.75 -70.53
CA ASP A 1868 -38.16 53.90 -69.18
C ASP A 1868 -37.76 55.27 -68.66
N GLY A 1869 -38.72 56.19 -68.60
CA GLY A 1869 -38.44 57.51 -68.07
C GLY A 1869 -38.06 57.47 -66.60
N ASN A 1870 -38.76 56.65 -65.82
CA ASN A 1870 -38.51 56.54 -64.39
C ASN A 1870 -37.41 55.50 -64.12
N VAL A 1871 -36.22 55.78 -64.67
CA VAL A 1871 -35.06 54.93 -64.50
C VAL A 1871 -33.86 55.78 -64.09
N SER A 1872 -32.92 55.14 -63.41
CA SER A 1872 -31.70 55.79 -62.94
C SER A 1872 -30.52 55.22 -63.72
N LEU A 1873 -29.79 56.10 -64.40
CA LEU A 1873 -28.63 55.67 -65.16
C LEU A 1873 -27.67 56.85 -65.36
N PRO A 1874 -26.45 56.81 -64.82
CA PRO A 1874 -25.53 57.91 -65.04
C PRO A 1874 -25.14 58.02 -66.50
N SER A 1875 -24.72 59.21 -66.89
CA SER A 1875 -24.44 59.48 -68.29
C SER A 1875 -23.59 60.76 -68.38
N GLN A 1876 -23.44 61.28 -69.60
CA GLN A 1876 -22.69 62.51 -69.82
C GLN A 1876 -23.29 63.19 -71.05
N GLN A 1877 -24.18 64.15 -70.82
CA GLN A 1877 -24.88 64.77 -71.93
C GLN A 1877 -23.91 65.58 -72.79
N HIS A 1878 -24.35 65.85 -74.02
CA HIS A 1878 -23.65 66.74 -74.93
C HIS A 1878 -24.69 67.33 -75.88
N TRP A 1879 -24.29 68.40 -76.57
CA TRP A 1879 -25.19 69.11 -77.47
C TRP A 1879 -24.49 69.46 -78.78
N LEU A 1880 -23.88 68.45 -79.40
CA LEU A 1880 -23.19 68.65 -80.68
C LEU A 1880 -24.08 69.32 -81.73
N SER A 1886 -22.39 68.66 -88.80
CA SER A 1886 -22.89 67.51 -89.56
C SER A 1886 -23.23 66.37 -88.62
N LEU A 1887 -23.54 65.20 -89.19
CA LEU A 1887 -23.91 64.02 -88.42
C LEU A 1887 -22.75 63.04 -88.26
N GLN A 1888 -22.18 62.58 -89.39
CA GLN A 1888 -21.14 61.57 -89.32
C GLN A 1888 -19.93 62.10 -88.56
N GLN A 1889 -19.52 63.34 -88.84
CA GLN A 1889 -18.44 63.94 -88.08
C GLN A 1889 -18.78 63.96 -86.60
N ALA A 1890 -20.03 64.29 -86.26
CA ALA A 1890 -20.45 64.29 -84.87
C ALA A 1890 -20.37 62.89 -84.28
N ASN A 1891 -20.78 61.87 -85.03
CA ASN A 1891 -20.71 60.51 -84.53
C ASN A 1891 -19.27 60.13 -84.21
N LEU A 1892 -18.35 60.42 -85.13
CA LEU A 1892 -16.95 60.14 -84.89
C LEU A 1892 -16.44 60.92 -83.68
N TRP A 1893 -16.88 62.16 -83.53
CA TRP A 1893 -16.47 62.97 -82.38
C TRP A 1893 -16.93 62.33 -81.09
N CYS A 1894 -18.20 61.93 -81.03
CA CYS A 1894 -18.73 61.35 -79.79
C CYS A 1894 -18.04 60.04 -79.46
N LEU A 1895 -17.76 59.22 -80.48
CA LEU A 1895 -17.08 57.96 -80.23
C LEU A 1895 -15.64 58.17 -79.80
N SER A 1896 -14.96 59.17 -80.39
CA SER A 1896 -13.62 59.50 -79.92
C SER A 1896 -13.65 59.97 -78.48
N ARG A 1897 -14.64 60.80 -78.12
CA ARG A 1897 -14.77 61.24 -76.74
C ARG A 1897 -15.03 60.04 -75.82
N CYS A 1898 -15.79 59.06 -76.30
CA CYS A 1898 -16.00 57.84 -75.52
C CYS A 1898 -14.68 57.12 -75.29
N ALA A 1899 -13.93 56.86 -76.35
CA ALA A 1899 -12.65 56.17 -76.22
C ALA A 1899 -11.67 56.97 -75.38
N GLY A 1900 -11.87 58.29 -75.26
CA GLY A 1900 -10.96 59.09 -74.46
C GLY A 1900 -10.99 58.73 -72.99
N GLU A 1901 -12.17 58.43 -72.46
CA GLU A 1901 -12.35 58.09 -71.04
C GLU A 1901 -13.09 56.76 -70.95
N PRO A 1902 -12.41 55.66 -71.27
CA PRO A 1902 -13.06 54.35 -71.31
C PRO A 1902 -13.39 53.75 -69.95
N SER A 1903 -13.24 54.49 -68.86
CA SER A 1903 -13.49 53.92 -67.54
C SER A 1903 -14.94 53.45 -67.41
N PHE A 1904 -15.88 54.24 -67.94
CA PHE A 1904 -17.30 53.92 -67.81
C PHE A 1904 -18.09 54.11 -69.10
N CYS A 1905 -17.51 54.67 -70.15
CA CYS A 1905 -18.26 54.88 -71.39
C CYS A 1905 -18.36 53.56 -72.13
N GLN A 1906 -19.57 53.01 -72.20
CA GLN A 1906 -19.78 51.76 -72.91
C GLN A 1906 -21.03 51.73 -73.77
N LEU A 1907 -21.95 52.69 -73.65
CA LEU A 1907 -23.18 52.69 -74.43
C LEU A 1907 -23.36 54.05 -75.11
N ALA A 1908 -22.31 54.53 -75.76
CA ALA A 1908 -22.39 55.83 -76.43
C ALA A 1908 -23.56 55.85 -77.41
N GLU A 1909 -24.35 56.91 -77.35
CA GLU A 1909 -25.49 57.06 -78.23
C GLU A 1909 -25.57 58.50 -78.73
N VAL A 1910 -25.89 58.65 -80.02
CA VAL A 1910 -25.95 59.95 -80.68
C VAL A 1910 -27.32 60.08 -81.32
N THR A 1911 -27.97 61.22 -81.12
CA THR A 1911 -29.30 61.48 -81.66
C THR A 1911 -29.25 62.68 -82.61
N ASP A 1912 -30.38 62.93 -83.26
CA ASP A 1912 -30.53 64.08 -84.16
C ASP A 1912 -31.91 64.70 -83.99
N SER A 1913 -32.33 64.89 -82.74
CA SER A 1913 -33.62 65.52 -82.45
C SER A 1913 -33.44 66.72 -81.52
N PHE A 1918 -27.93 68.85 -81.86
CA PHE A 1918 -28.31 67.55 -81.34
C PHE A 1918 -27.32 67.05 -80.30
N THR A 1919 -27.70 66.00 -79.58
CA THR A 1919 -26.99 65.54 -78.40
C THR A 1919 -26.28 64.22 -78.67
N CYS A 1920 -25.47 63.81 -77.71
CA CYS A 1920 -25.01 62.43 -77.63
C CYS A 1920 -24.52 62.16 -76.22
N THR A 1921 -25.05 61.10 -75.62
CA THR A 1921 -24.76 60.74 -74.24
C THR A 1921 -23.89 59.49 -74.20
N LEU A 1922 -23.32 59.23 -73.02
CA LEU A 1922 -22.39 58.12 -72.82
C LEU A 1922 -22.82 57.32 -71.59
N TYR A 1923 -23.75 56.40 -71.77
CA TYR A 1923 -24.21 55.59 -70.67
C TYR A 1923 -23.18 54.53 -70.30
N PRO A 1924 -23.23 54.02 -69.08
CA PRO A 1924 -22.50 52.79 -68.76
C PRO A 1924 -23.25 51.56 -69.25
N GLU A 1925 -22.79 50.37 -68.91
CA GLU A 1925 -23.43 49.17 -69.42
C GLU A 1925 -24.80 48.98 -68.78
N ALA A 1926 -25.83 49.46 -69.44
CA ALA A 1926 -27.20 49.41 -68.92
C ALA A 1926 -27.91 48.18 -69.49
N GLN A 1927 -27.46 47.02 -69.06
CA GLN A 1927 -27.94 45.73 -69.53
C GLN A 1927 -28.38 44.87 -68.37
N VAL A 1928 -29.22 45.43 -67.50
CA VAL A 1928 -29.66 44.69 -66.32
C VAL A 1928 -30.30 43.39 -66.74
N CYS A 1929 -29.86 42.29 -66.14
CA CYS A 1929 -30.33 40.95 -66.46
C CYS A 1929 -31.13 40.39 -65.29
N ASP A 1930 -32.21 39.70 -65.59
CA ASP A 1930 -32.97 39.03 -64.55
C ASP A 1930 -32.11 37.97 -63.89
N ASP A 1931 -32.28 37.81 -62.57
CA ASP A 1931 -31.44 36.91 -61.79
C ASP A 1931 -31.87 35.46 -61.98
N ILE A 1932 -31.78 35.00 -63.22
CA ILE A 1932 -32.08 33.63 -63.58
C ILE A 1932 -30.84 33.04 -64.23
N LEU A 1933 -30.45 31.84 -63.78
CA LEU A 1933 -29.25 31.18 -64.28
C LEU A 1933 -29.59 30.49 -65.60
N GLU A 1934 -28.98 30.95 -66.68
CA GLU A 1934 -29.25 30.39 -68.00
C GLU A 1934 -28.18 30.87 -68.96
N SER A 1935 -28.03 30.14 -70.06
CA SER A 1935 -26.98 30.41 -71.04
C SER A 1935 -27.46 31.31 -72.17
N SER A 1936 -28.02 32.47 -71.84
CA SER A 1936 -28.47 33.36 -72.89
C SER A 1936 -28.79 34.74 -72.33
N PRO A 1937 -28.39 35.82 -73.00
CA PRO A 1937 -28.78 37.15 -72.53
C PRO A 1937 -30.19 37.54 -72.97
N LYS A 1938 -30.98 36.55 -73.42
CA LYS A 1938 -32.34 36.85 -73.82
C LYS A 1938 -33.13 37.50 -72.68
N GLY A 1939 -32.81 37.16 -71.43
CA GLY A 1939 -33.40 37.84 -70.30
C GLY A 1939 -32.84 39.22 -70.04
N CYS A 1940 -31.73 39.56 -70.69
CA CYS A 1940 -31.11 40.87 -70.53
C CYS A 1940 -31.70 41.85 -71.53
N ARG A 1941 -32.16 42.99 -71.03
CA ARG A 1941 -32.80 44.00 -71.88
C ARG A 1941 -32.29 45.38 -71.51
N LEU A 1942 -31.82 46.11 -72.51
CA LEU A 1942 -31.37 47.48 -72.30
C LEU A 1942 -32.52 48.34 -71.79
N ILE A 1943 -32.24 49.13 -70.76
CA ILE A 1943 -33.21 50.09 -70.23
C ILE A 1943 -32.55 51.46 -70.23
N LEU A 1944 -33.11 52.37 -71.01
CA LEU A 1944 -32.55 53.70 -71.23
C LEU A 1944 -33.62 54.76 -70.96
N PRO A 1945 -33.20 55.98 -70.62
CA PRO A 1945 -34.21 57.03 -70.34
C PRO A 1945 -35.14 57.28 -71.51
N ARG A 1946 -34.63 57.26 -72.74
CA ARG A 1946 -35.45 57.54 -73.91
C ARG A 1946 -34.75 56.94 -75.12
N ARG A 1947 -35.55 56.41 -76.04
CA ARG A 1947 -35.00 55.75 -77.23
C ARG A 1947 -34.10 56.72 -77.99
N PRO A 1948 -32.79 56.46 -78.06
CA PRO A 1948 -31.93 57.32 -78.90
C PRO A 1948 -32.16 57.04 -80.37
N SER A 1949 -31.33 57.60 -81.24
CA SER A 1949 -31.43 57.37 -82.68
C SER A 1949 -30.38 56.42 -83.21
N ALA A 1950 -29.14 56.51 -82.74
CA ALA A 1950 -28.02 55.74 -83.26
C ALA A 1950 -27.18 55.16 -82.14
N LEU A 1951 -27.83 54.50 -81.18
CA LEU A 1951 -27.12 53.88 -80.07
C LEU A 1951 -26.08 52.89 -80.57
N TYR A 1952 -24.87 53.00 -80.05
CA TYR A 1952 -23.79 52.05 -80.28
C TYR A 1952 -23.42 51.41 -78.94
N ARG A 1953 -22.33 50.64 -78.94
CA ARG A 1953 -21.81 50.09 -77.71
C ARG A 1953 -20.33 49.78 -77.90
N LYS A 1954 -19.64 49.55 -76.79
CA LYS A 1954 -18.22 49.26 -76.84
C LYS A 1954 -17.99 47.78 -77.11
N LYS A 1955 -17.19 47.49 -78.13
CA LYS A 1955 -16.75 46.13 -78.35
C LYS A 1955 -15.96 45.65 -77.14
N VAL A 1956 -16.33 44.49 -76.61
CA VAL A 1956 -15.66 43.97 -75.43
C VAL A 1956 -14.25 43.59 -75.81
N VAL A 1957 -13.27 44.35 -75.34
CA VAL A 1957 -11.86 44.08 -75.63
C VAL A 1957 -11.30 43.21 -74.51
N LEU A 1958 -10.79 42.05 -74.88
CA LEU A 1958 -10.21 41.12 -73.91
C LEU A 1958 -8.76 41.53 -73.65
N GLN A 1959 -8.03 40.69 -72.93
CA GLN A 1959 -6.64 40.98 -72.60
C GLN A 1959 -5.89 39.67 -72.47
N ASP A 1960 -4.60 39.77 -72.13
CA ASP A 1960 -3.79 38.62 -71.77
C ASP A 1960 -3.53 38.54 -70.27
N ARG A 1961 -3.66 39.65 -69.56
CA ARG A 1961 -3.35 39.73 -68.14
C ARG A 1961 -4.62 40.03 -67.37
N VAL A 1962 -4.89 39.23 -66.34
CA VAL A 1962 -6.03 39.45 -65.47
C VAL A 1962 -5.62 40.43 -64.37
N LYS A 1963 -6.44 41.46 -64.17
CA LYS A 1963 -6.07 42.52 -63.23
C LYS A 1963 -5.95 42.00 -61.81
N ASN A 1964 -6.88 41.15 -61.38
CA ASN A 1964 -6.97 40.74 -59.99
C ASN A 1964 -7.08 39.23 -59.89
N PHE A 1965 -6.97 38.74 -58.66
CA PHE A 1965 -6.91 37.31 -58.36
C PHE A 1965 -8.24 36.90 -57.74
N TYR A 1966 -9.09 36.24 -58.52
CA TYR A 1966 -10.39 35.81 -58.06
C TYR A 1966 -10.25 34.59 -57.17
N ASN A 1967 -10.78 34.67 -55.95
CA ASN A 1967 -10.75 33.56 -55.01
C ASN A 1967 -12.14 32.96 -54.91
N ARG A 1968 -12.26 31.68 -55.23
CA ARG A 1968 -13.58 31.07 -55.34
C ARG A 1968 -14.26 31.02 -53.98
N LEU A 1969 -15.53 31.38 -53.96
CA LEU A 1969 -16.29 31.29 -52.73
C LEU A 1969 -16.55 29.82 -52.40
N PRO A 1970 -16.48 29.42 -51.12
CA PRO A 1970 -16.83 28.05 -50.74
C PRO A 1970 -18.32 27.86 -50.53
N PHE A 1971 -19.13 28.38 -51.45
CA PHE A 1971 -20.58 28.35 -51.33
C PHE A 1971 -21.17 27.90 -52.66
N GLN A 1972 -21.88 26.78 -52.64
CA GLN A 1972 -22.50 26.28 -53.86
C GLN A 1972 -23.74 27.07 -54.24
N LYS A 1973 -24.51 27.54 -53.26
CA LYS A 1973 -25.78 28.18 -53.52
C LYS A 1973 -25.66 29.68 -53.37
N LEU A 1974 -26.28 30.42 -54.27
CA LEU A 1974 -26.38 31.87 -54.17
C LEU A 1974 -27.80 32.29 -54.49
N THR A 1975 -28.40 33.05 -53.59
CA THR A 1975 -29.75 33.59 -53.78
C THR A 1975 -29.68 35.11 -53.71
N GLY A 1976 -30.52 35.76 -54.51
CA GLY A 1976 -30.46 37.21 -54.60
C GLY A 1976 -29.32 37.74 -55.42
N ILE A 1977 -28.69 36.90 -56.25
CA ILE A 1977 -27.67 37.40 -57.15
C ILE A 1977 -28.26 38.47 -58.05
N SER A 1978 -27.39 39.31 -58.61
CA SER A 1978 -27.77 40.35 -59.55
C SER A 1978 -26.92 40.17 -60.79
N ILE A 1979 -27.40 39.34 -61.72
CA ILE A 1979 -26.60 39.02 -62.88
C ILE A 1979 -26.36 40.28 -63.71
N ARG A 1980 -25.21 40.35 -64.35
CA ARG A 1980 -24.84 41.48 -65.19
C ARG A 1980 -24.79 41.12 -66.66
N ASN A 1981 -24.15 40.00 -67.01
CA ASN A 1981 -24.02 39.62 -68.41
C ASN A 1981 -23.86 38.10 -68.47
N LYS A 1982 -24.94 37.41 -68.79
CA LYS A 1982 -24.89 35.97 -69.00
C LYS A 1982 -24.29 35.68 -70.36
N VAL A 1983 -23.24 34.87 -70.38
CA VAL A 1983 -22.50 34.58 -71.60
C VAL A 1983 -22.48 33.07 -71.80
N PRO A 1984 -22.65 32.56 -73.02
CA PRO A 1984 -22.37 31.15 -73.27
C PRO A 1984 -20.88 30.91 -73.50
N MET A 1985 -20.44 29.71 -73.13
CA MET A 1985 -19.03 29.37 -73.26
C MET A 1985 -18.80 27.95 -73.77
N SER A 1986 -19.85 27.25 -74.22
CA SER A 1986 -19.67 25.89 -74.70
C SER A 1986 -18.75 25.83 -75.91
N ASP A 1987 -18.63 26.92 -76.66
CA ASP A 1987 -17.75 26.92 -77.83
C ASP A 1987 -16.30 26.71 -77.43
N LYS A 1988 -15.86 27.35 -76.35
CA LYS A 1988 -14.45 27.34 -75.97
C LYS A 1988 -14.14 26.13 -75.08
N SER A 1989 -12.85 25.88 -74.90
CA SER A 1989 -12.41 24.88 -73.93
C SER A 1989 -12.57 25.42 -72.51
N ILE A 1990 -12.58 24.50 -71.55
CA ILE A 1990 -12.93 24.87 -70.18
C ILE A 1990 -11.93 25.86 -69.62
N SER A 1991 -10.64 25.60 -69.79
CA SER A 1991 -9.64 26.53 -69.28
C SER A 1991 -9.66 27.83 -70.07
N SER A 1992 -9.75 27.74 -71.39
CA SER A 1992 -9.86 28.95 -72.21
C SER A 1992 -11.14 29.71 -71.89
N GLY A 1993 -12.24 28.98 -71.71
CA GLY A 1993 -13.48 29.64 -71.31
C GLY A 1993 -13.35 30.34 -69.98
N PHE A 1994 -12.67 29.70 -69.03
CA PHE A 1994 -12.46 30.32 -67.73
C PHE A 1994 -11.61 31.58 -67.86
N PHE A 1995 -10.58 31.54 -68.68
CA PHE A 1995 -9.76 32.72 -68.87
C PHE A 1995 -10.58 33.85 -69.48
N GLU A 1996 -11.41 33.52 -70.47
CA GLU A 1996 -12.29 34.52 -71.05
C GLU A 1996 -13.24 35.08 -69.99
N CYS A 1997 -13.72 34.22 -69.10
CA CYS A 1997 -14.64 34.68 -68.06
C CYS A 1997 -13.96 35.61 -67.08
N GLU A 1998 -12.76 35.24 -66.62
CA GLU A 1998 -12.02 36.12 -65.73
C GLU A 1998 -11.81 37.47 -66.39
N ARG A 1999 -11.38 37.46 -67.65
CA ARG A 1999 -11.12 38.72 -68.36
C ARG A 1999 -12.41 39.52 -68.51
N LEU A 2000 -13.52 38.84 -68.76
CA LEU A 2000 -14.79 39.54 -68.88
C LEU A 2000 -15.15 40.26 -67.59
N CYS A 2001 -14.98 39.58 -66.46
CA CYS A 2001 -15.30 40.24 -65.20
C CYS A 2001 -14.32 41.38 -64.89
N ASP A 2002 -13.05 41.23 -65.28
CA ASP A 2002 -12.11 42.33 -65.06
C ASP A 2002 -12.50 43.55 -65.89
N MET A 2003 -12.87 43.34 -67.15
CA MET A 2003 -13.22 44.46 -68.00
C MET A 2003 -14.47 45.18 -67.51
N ASP A 2004 -15.28 44.53 -66.67
CA ASP A 2004 -16.47 45.14 -66.12
C ASP A 2004 -16.12 45.78 -64.78
N PRO A 2005 -16.12 47.12 -64.67
CA PRO A 2005 -15.71 47.75 -63.41
C PRO A 2005 -16.70 47.52 -62.27
N CYS A 2006 -17.92 47.09 -62.56
CA CYS A 2006 -18.91 46.86 -61.51
C CYS A 2006 -19.03 45.40 -61.10
N CYS A 2007 -18.60 44.47 -61.96
CA CYS A 2007 -18.53 43.06 -61.59
C CYS A 2007 -17.83 42.91 -60.25
N THR A 2008 -18.55 42.38 -59.27
CA THR A 2008 -18.00 42.10 -57.95
C THR A 2008 -17.86 40.60 -57.75
N GLY A 2009 -17.49 39.90 -58.81
CA GLY A 2009 -17.41 38.45 -58.78
C GLY A 2009 -18.17 37.88 -59.94
N PHE A 2010 -17.88 36.64 -60.32
CA PHE A 2010 -18.54 36.02 -61.45
C PHE A 2010 -18.89 34.60 -61.09
N GLY A 2011 -19.48 33.89 -62.05
CA GLY A 2011 -19.77 32.50 -61.90
C GLY A 2011 -19.51 31.78 -63.20
N PHE A 2012 -18.64 30.79 -63.15
CA PHE A 2012 -18.34 29.91 -64.27
C PHE A 2012 -19.02 28.60 -63.93
N LEU A 2013 -20.14 28.30 -64.60
CA LEU A 2013 -20.95 27.20 -64.10
C LEU A 2013 -21.82 26.61 -65.19
N ASN A 2014 -22.31 25.41 -64.92
CA ASN A 2014 -23.29 24.77 -65.78
C ASN A 2014 -24.66 25.39 -65.57
N VAL A 2015 -25.48 25.32 -66.61
CA VAL A 2015 -26.89 25.66 -66.51
C VAL A 2015 -27.68 24.64 -67.31
N SER A 2016 -28.86 24.26 -66.79
CA SER A 2016 -29.69 23.24 -67.41
C SER A 2016 -28.94 21.92 -67.52
N GLN A 2017 -28.42 21.45 -66.39
CA GLN A 2017 -27.71 20.17 -66.38
C GLN A 2017 -28.66 19.01 -66.59
N LEU A 2018 -29.93 19.16 -66.23
CA LEU A 2018 -30.89 18.09 -66.47
C LEU A 2018 -31.00 17.81 -67.96
N LYS A 2019 -31.05 18.85 -68.79
CA LYS A 2019 -31.05 18.68 -70.23
C LYS A 2019 -29.69 18.25 -70.77
N GLY A 2020 -28.63 18.34 -69.97
CA GLY A 2020 -27.29 18.02 -70.41
C GLY A 2020 -26.28 19.03 -69.89
N GLY A 2021 -26.72 20.26 -69.71
CA GLY A 2021 -25.88 21.29 -69.14
C GLY A 2021 -25.04 22.02 -70.17
N GLU A 2022 -24.97 23.35 -70.05
CA GLU A 2022 -24.12 24.17 -70.88
C GLU A 2022 -23.34 25.14 -69.99
N VAL A 2023 -22.08 25.34 -70.32
CA VAL A 2023 -21.20 26.16 -69.50
C VAL A 2023 -21.44 27.63 -69.81
N THR A 2024 -21.55 28.44 -68.76
CA THR A 2024 -21.84 29.86 -68.87
C THR A 2024 -20.93 30.63 -67.93
N CYS A 2025 -20.58 31.83 -68.34
CA CYS A 2025 -19.82 32.77 -67.54
C CYS A 2025 -20.75 33.94 -67.26
N LEU A 2026 -21.50 33.86 -66.17
CA LEU A 2026 -22.43 34.91 -65.81
C LEU A 2026 -21.79 35.74 -64.71
N THR A 2027 -21.68 37.05 -64.95
CA THR A 2027 -20.98 37.93 -64.03
C THR A 2027 -21.99 38.61 -63.11
N LEU A 2028 -21.61 38.74 -61.86
CA LEU A 2028 -22.47 39.30 -60.82
C LEU A 2028 -21.97 40.66 -60.38
N ASN A 2029 -22.89 41.56 -60.09
CA ASN A 2029 -22.59 42.79 -59.36
C ASN A 2029 -23.09 42.71 -57.92
N SER A 2030 -23.60 41.56 -57.50
CA SER A 2030 -23.96 41.33 -56.10
C SER A 2030 -24.11 39.84 -55.89
N LEU A 2031 -23.33 39.29 -54.96
CA LEU A 2031 -23.38 37.86 -54.70
C LEU A 2031 -24.58 37.47 -53.85
N GLY A 2032 -25.30 38.42 -53.27
CA GLY A 2032 -26.48 38.09 -52.51
C GLY A 2032 -26.19 37.13 -51.37
N LEU A 2033 -27.27 36.66 -50.75
CA LEU A 2033 -27.14 35.69 -49.68
C LEU A 2033 -26.56 34.40 -50.25
N GLN A 2034 -25.34 34.08 -49.86
CA GLN A 2034 -24.62 32.93 -50.40
C GLN A 2034 -24.53 31.87 -49.31
N THR A 2035 -25.02 30.67 -49.62
CA THR A 2035 -25.22 29.63 -48.63
C THR A 2035 -24.82 28.29 -49.24
N CYS A 2036 -25.05 27.22 -48.48
CA CYS A 2036 -24.83 25.85 -48.91
C CYS A 2036 -23.35 25.61 -49.20
N SER A 2037 -22.53 25.88 -48.20
CA SER A 2037 -21.10 25.65 -48.32
C SER A 2037 -20.81 24.16 -48.38
N GLU A 2038 -19.53 23.83 -48.45
CA GLU A 2038 -19.09 22.44 -48.53
C GLU A 2038 -18.53 21.94 -47.20
N GLU A 2039 -17.57 22.66 -46.62
CA GLU A 2039 -16.97 22.21 -45.37
C GLU A 2039 -17.91 22.38 -44.18
N TYR A 2040 -18.91 23.25 -44.30
CA TYR A 2040 -19.75 23.64 -43.18
C TYR A 2040 -21.13 23.04 -43.33
N GLY A 2041 -21.67 22.49 -42.26
CA GLY A 2041 -22.96 21.85 -42.30
C GLY A 2041 -23.00 20.63 -43.18
N GLY A 2042 -21.92 19.84 -43.19
CA GLY A 2042 -21.98 18.55 -43.85
C GLY A 2042 -23.10 17.70 -43.29
N VAL A 2043 -23.22 17.66 -41.97
CA VAL A 2043 -24.47 17.29 -41.32
C VAL A 2043 -25.27 18.55 -41.09
N TRP A 2044 -26.58 18.41 -40.95
CA TRP A 2044 -27.45 19.53 -40.61
C TRP A 2044 -27.34 20.63 -41.67
N ARG A 2045 -27.82 20.30 -42.87
CA ARG A 2045 -27.92 21.29 -43.92
C ARG A 2045 -29.28 21.96 -43.87
N ILE A 2046 -29.31 23.24 -44.25
CA ILE A 2046 -30.54 24.03 -44.21
C ILE A 2046 -31.15 24.10 -45.60
N LEU A 2047 -30.32 24.16 -46.63
CA LEU A 2047 -30.80 24.21 -48.01
C LEU A 2047 -30.32 22.99 -48.79
N SER A 2051 -30.06 21.52 -56.10
CA SER A 2051 -30.19 22.31 -57.32
C SER A 2051 -29.59 21.57 -58.52
N PRO A 2052 -30.26 20.51 -58.96
CA PRO A 2052 -29.71 19.74 -60.10
C PRO A 2052 -29.56 20.55 -61.37
N ASP A 2053 -30.36 21.60 -61.55
CA ASP A 2053 -30.31 22.36 -62.80
C ASP A 2053 -28.91 22.89 -63.07
N THR A 2054 -28.32 23.57 -62.09
CA THR A 2054 -26.95 24.06 -62.18
C THR A 2054 -26.02 23.13 -61.41
N GLU A 2055 -24.72 23.35 -61.59
CA GLU A 2055 -23.73 22.52 -60.91
C GLU A 2055 -22.45 23.33 -60.76
N VAL A 2056 -22.22 23.84 -59.56
CA VAL A 2056 -20.93 24.45 -59.25
C VAL A 2056 -20.24 23.63 -58.16
N ARG A 2057 -19.58 22.56 -58.56
CA ARG A 2057 -18.66 21.85 -57.68
C ARG A 2057 -17.36 21.47 -58.38
N THR A 2058 -17.36 21.16 -59.64
CA THR A 2058 -16.18 20.71 -60.34
C THR A 2058 -15.16 21.84 -60.39
N TYR A 2059 -13.90 21.48 -60.53
CA TYR A 2059 -12.80 22.38 -60.19
C TYR A 2059 -12.94 23.76 -60.82
N PRO A 2060 -12.98 23.89 -62.15
CA PRO A 2060 -13.03 25.24 -62.71
C PRO A 2060 -14.25 26.00 -62.28
N PHE A 2061 -15.37 25.31 -62.10
CA PHE A 2061 -16.62 25.99 -61.79
C PHE A 2061 -16.64 26.47 -60.35
N GLY A 2062 -17.50 27.44 -60.10
CA GLY A 2062 -17.61 28.03 -58.78
C GLY A 2062 -18.20 29.42 -58.88
N TRP A 2063 -18.09 30.15 -57.79
CA TRP A 2063 -18.75 31.44 -57.64
C TRP A 2063 -17.72 32.50 -57.32
N TYR A 2064 -16.68 32.57 -58.13
CA TYR A 2064 -15.54 33.42 -57.87
C TYR A 2064 -15.94 34.86 -57.57
N GLN A 2065 -15.37 35.41 -56.51
CA GLN A 2065 -15.53 36.82 -56.18
C GLN A 2065 -14.18 37.49 -56.25
N LYS A 2066 -14.11 38.63 -56.93
CA LYS A 2066 -12.84 39.34 -57.02
C LYS A 2066 -12.45 39.81 -55.63
N PRO A 2067 -11.17 40.12 -55.42
CA PRO A 2067 -10.70 40.42 -54.06
C PRO A 2067 -11.50 41.55 -53.45
N VAL A 2068 -11.68 41.48 -52.12
CA VAL A 2068 -12.56 42.38 -51.38
C VAL A 2068 -12.37 43.81 -51.86
N SER A 2069 -11.11 44.24 -52.03
CA SER A 2069 -10.79 45.47 -52.75
C SER A 2069 -11.67 46.63 -52.28
N PRO A 2070 -11.44 47.19 -51.10
CA PRO A 2070 -12.36 48.22 -50.59
C PRO A 2070 -12.31 49.52 -51.39
N SER A 2071 -12.55 49.44 -52.70
CA SER A 2071 -12.69 50.62 -53.53
C SER A 2071 -14.10 51.21 -53.48
N ASP A 2072 -15.06 50.47 -52.94
CA ASP A 2072 -16.44 50.92 -52.77
C ASP A 2072 -17.21 50.95 -54.09
N ALA A 2073 -16.84 50.09 -55.04
CA ALA A 2073 -17.68 49.85 -56.22
C ALA A 2073 -18.03 51.16 -56.90
N PRO A 2074 -17.12 51.76 -57.70
CA PRO A 2074 -17.23 53.19 -58.07
C PRO A 2074 -18.65 53.66 -58.33
N SER A 2075 -18.94 54.90 -57.92
CA SER A 2075 -20.31 55.36 -57.75
C SER A 2075 -20.97 55.68 -59.10
N PHE A 2076 -20.98 54.68 -59.97
CA PHE A 2076 -21.88 54.67 -61.12
C PHE A 2076 -22.49 53.30 -61.34
N CYS A 2077 -22.20 52.33 -60.47
CA CYS A 2077 -22.76 51.00 -60.62
C CYS A 2077 -24.22 50.99 -60.19
N PRO A 2078 -25.04 50.11 -60.75
CA PRO A 2078 -26.45 50.06 -60.35
C PRO A 2078 -26.57 49.67 -58.89
N SER A 2079 -27.20 50.54 -58.11
CA SER A 2079 -27.43 50.22 -56.70
C SER A 2079 -28.22 48.92 -56.61
N VAL A 2080 -27.72 48.00 -55.80
CA VAL A 2080 -28.26 46.65 -55.70
C VAL A 2080 -28.43 46.30 -54.24
N ALA A 2081 -29.60 45.77 -53.90
CA ALA A 2081 -29.87 45.31 -52.55
C ALA A 2081 -30.62 43.98 -52.63
N LEU A 2082 -30.52 43.20 -51.57
CA LEU A 2082 -31.25 41.95 -51.53
C LEU A 2082 -32.75 42.24 -51.66
N PRO A 2083 -33.52 41.33 -52.25
CA PRO A 2083 -34.96 41.57 -52.34
C PRO A 2083 -35.55 41.73 -50.95
N ALA A 2084 -36.43 42.71 -50.81
CA ALA A 2084 -37.00 43.02 -49.51
C ALA A 2084 -37.74 41.81 -48.96
N LEU A 2085 -37.65 41.61 -47.66
CA LEU A 2085 -38.33 40.49 -47.02
C LEU A 2085 -39.81 40.78 -46.95
N THR A 2086 -40.62 39.95 -47.63
CA THR A 2086 -42.06 40.11 -47.56
C THR A 2086 -42.55 39.96 -46.13
N GLU A 2087 -42.02 38.98 -45.41
CA GLU A 2087 -42.36 38.80 -44.01
C GLU A 2087 -41.54 39.76 -43.15
N ASN A 2088 -42.16 40.25 -42.08
CA ASN A 2088 -41.47 41.10 -41.12
C ASN A 2088 -41.18 40.28 -39.87
N VAL A 2089 -39.90 40.16 -39.54
CA VAL A 2089 -39.46 39.45 -38.34
C VAL A 2089 -39.23 40.47 -37.24
N ALA A 2090 -39.89 40.25 -36.10
CA ALA A 2090 -39.75 41.15 -34.96
C ALA A 2090 -38.62 40.64 -34.09
N LEU A 2091 -37.55 41.43 -33.98
CA LEU A 2091 -36.40 41.00 -33.19
C LEU A 2091 -36.79 40.71 -31.75
N ASP A 2092 -37.85 41.36 -31.25
CA ASP A 2092 -38.32 41.07 -29.90
C ASP A 2092 -38.79 39.63 -29.76
N SER A 2093 -39.15 38.98 -30.87
CA SER A 2093 -39.54 37.58 -30.83
C SER A 2093 -38.35 36.65 -30.61
N TRP A 2094 -37.12 37.16 -30.67
CA TRP A 2094 -35.92 36.37 -30.51
C TRP A 2094 -35.15 36.87 -29.30
N GLN A 2095 -34.72 35.96 -28.44
CA GLN A 2095 -33.92 36.34 -27.29
C GLN A 2095 -32.51 36.66 -27.74
N SER A 2096 -32.08 37.90 -27.52
CA SER A 2096 -30.68 38.22 -27.74
C SER A 2096 -29.88 37.75 -26.54
N LEU A 2097 -28.80 37.03 -26.78
CA LEU A 2097 -27.98 36.44 -25.74
C LEU A 2097 -26.68 37.21 -25.62
N ALA A 2098 -26.29 37.52 -24.38
CA ALA A 2098 -25.00 38.14 -24.15
C ALA A 2098 -23.89 37.16 -24.51
N LEU A 2099 -22.75 37.72 -24.91
CA LEU A 2099 -21.63 36.89 -25.33
C LEU A 2099 -21.04 36.09 -24.17
N SER A 2100 -21.40 36.40 -22.93
CA SER A 2100 -20.89 35.69 -21.78
C SER A 2100 -21.64 34.39 -21.49
N SER A 2101 -22.83 34.20 -22.09
CA SER A 2101 -23.64 33.03 -21.83
C SER A 2101 -23.44 31.93 -22.87
N VAL A 2102 -22.29 31.91 -23.53
CA VAL A 2102 -22.03 30.98 -24.63
C VAL A 2102 -20.60 30.48 -24.54
N ILE A 2103 -20.41 29.22 -24.91
CA ILE A 2103 -19.09 28.63 -24.97
C ILE A 2103 -18.62 28.66 -26.42
N VAL A 2104 -17.31 28.66 -26.60
CA VAL A 2104 -16.69 28.86 -27.90
C VAL A 2104 -16.16 27.51 -28.36
N ASP A 2105 -16.81 26.44 -27.93
CA ASP A 2105 -16.40 25.08 -28.25
C ASP A 2105 -16.23 24.87 -29.74
N PRO A 2106 -15.01 24.64 -30.24
CA PRO A 2106 -14.87 24.18 -31.62
C PRO A 2106 -15.30 22.73 -31.72
N SER A 2107 -15.13 22.11 -32.87
CA SER A 2107 -15.49 20.70 -33.05
C SER A 2107 -16.99 20.47 -32.86
N ILE A 2108 -17.79 21.53 -32.93
CA ILE A 2108 -19.24 21.41 -32.91
C ILE A 2108 -19.71 21.39 -34.35
N ARG A 2109 -20.47 20.36 -34.72
CA ARG A 2109 -20.72 20.05 -36.12
C ARG A 2109 -22.16 20.24 -36.56
N ASN A 2110 -23.09 20.50 -35.64
CA ASN A 2110 -24.49 20.66 -36.01
C ASN A 2110 -24.79 22.14 -36.22
N PHE A 2111 -24.23 22.68 -37.28
CA PHE A 2111 -24.45 24.08 -37.62
C PHE A 2111 -24.19 24.28 -39.11
N ASP A 2112 -24.51 25.48 -39.58
CA ASP A 2112 -24.35 25.77 -41.00
C ASP A 2112 -24.20 27.27 -41.18
N VAL A 2113 -23.37 27.67 -42.13
CA VAL A 2113 -22.93 29.05 -42.27
C VAL A 2113 -23.55 29.68 -43.50
N ALA A 2114 -23.67 31.00 -43.48
CA ALA A 2114 -24.10 31.76 -44.63
C ALA A 2114 -23.41 33.11 -44.59
N HIS A 2115 -23.20 33.70 -45.75
CA HIS A 2115 -22.64 35.03 -45.87
C HIS A 2115 -23.64 35.94 -46.55
N ILE A 2116 -23.57 37.23 -46.25
CA ILE A 2116 -24.33 38.24 -46.97
C ILE A 2116 -23.33 39.29 -47.47
N SER A 2117 -23.46 39.63 -48.75
CA SER A 2117 -22.56 40.60 -49.38
C SER A 2117 -21.12 40.13 -49.27
N VAL A 2121 -24.20 44.85 -48.96
CA VAL A 2121 -25.52 44.79 -49.65
C VAL A 2121 -26.64 44.99 -48.62
N GLY A 2122 -26.98 46.25 -48.31
CA GLY A 2122 -28.00 46.64 -47.34
C GLY A 2122 -27.37 46.92 -45.98
N ASN A 2123 -28.00 47.75 -45.14
CA ASN A 2123 -27.50 48.11 -43.79
C ASN A 2123 -27.57 46.87 -42.91
N PHE A 2124 -26.65 46.74 -41.94
CA PHE A 2124 -26.52 45.59 -41.00
C PHE A 2124 -27.90 45.08 -40.55
N SER A 2125 -28.82 45.96 -40.18
CA SER A 2125 -30.17 45.54 -39.79
C SER A 2125 -30.81 44.69 -40.87
N ALA A 2126 -30.62 45.06 -42.14
CA ALA A 2126 -31.21 44.28 -43.22
C ALA A 2126 -30.62 42.88 -43.28
N ALA A 2127 -29.30 42.78 -43.14
CA ALA A 2127 -28.66 41.47 -43.15
C ALA A 2127 -29.12 40.63 -41.96
N ARG A 2128 -29.24 41.25 -40.79
CA ARG A 2128 -29.71 40.52 -39.62
C ARG A 2128 -31.12 40.01 -39.84
N ASP A 2129 -32.01 40.84 -40.37
CA ASP A 2129 -33.37 40.39 -40.65
C ASP A 2129 -33.36 39.25 -41.65
N ARG A 2130 -32.50 39.34 -42.66
CA ARG A 2130 -32.42 38.27 -43.65
C ARG A 2130 -32.03 36.95 -42.99
N CYS A 2131 -30.97 36.96 -42.19
CA CYS A 2131 -30.51 35.70 -41.59
C CYS A 2131 -31.52 35.19 -40.57
N LEU A 2132 -32.13 36.09 -39.80
CA LEU A 2132 -33.14 35.65 -38.83
C LEU A 2132 -34.31 35.01 -39.54
N TRP A 2133 -34.76 35.58 -40.65
CA TRP A 2133 -35.84 34.97 -41.40
C TRP A 2133 -35.41 33.62 -41.97
N GLU A 2134 -34.17 33.54 -42.46
CA GLU A 2134 -33.66 32.28 -43.01
C GLU A 2134 -33.70 31.19 -41.94
N CYS A 2135 -33.32 31.52 -40.72
CA CYS A 2135 -33.37 30.52 -39.65
C CYS A 2135 -34.80 30.25 -39.22
N SER A 2136 -35.66 31.27 -39.26
CA SER A 2136 -37.04 31.08 -38.82
C SER A 2136 -37.81 30.18 -39.76
N ARG A 2137 -37.41 30.12 -41.04
CA ARG A 2137 -38.07 29.20 -41.95
C ARG A 2137 -37.96 27.76 -41.46
N HIS A 2138 -36.80 27.38 -40.95
CA HIS A 2138 -36.57 26.02 -40.49
C HIS A 2138 -36.85 25.91 -39.00
N GLN A 2139 -37.73 24.97 -38.64
CA GLN A 2139 -37.96 24.65 -37.23
C GLN A 2139 -36.76 23.97 -36.59
N ASP A 2140 -35.78 23.55 -37.39
CA ASP A 2140 -34.61 22.85 -36.87
C ASP A 2140 -33.53 23.81 -36.37
N CYS A 2141 -33.38 24.96 -36.99
CA CYS A 2141 -32.48 25.99 -36.48
C CYS A 2141 -33.01 26.54 -35.16
N LEU A 2142 -32.11 26.79 -34.23
CA LEU A 2142 -32.51 27.26 -32.91
C LEU A 2142 -31.79 28.53 -32.48
N VAL A 2143 -30.53 28.68 -32.83
CA VAL A 2143 -29.78 29.89 -32.51
C VAL A 2143 -29.05 30.35 -33.76
N THR A 2144 -29.00 31.65 -33.98
CA THR A 2144 -28.29 32.24 -35.11
C THR A 2144 -27.38 33.34 -34.61
N THR A 2145 -26.14 33.33 -35.07
CA THR A 2145 -25.14 34.28 -34.60
C THR A 2145 -24.52 34.99 -35.79
N LEU A 2146 -24.49 36.32 -35.73
CA LEU A 2146 -23.97 37.16 -36.79
C LEU A 2146 -22.68 37.82 -36.35
N GLN A 2147 -21.67 37.77 -37.22
CA GLN A 2147 -20.42 38.50 -37.03
C GLN A 2147 -20.07 39.22 -38.32
N THR A 2148 -19.49 40.41 -38.20
CA THR A 2148 -19.22 41.24 -39.36
C THR A 2148 -17.81 40.96 -39.86
N GLN A 2149 -17.70 40.13 -40.89
CA GLN A 2149 -16.45 39.96 -41.60
C GLN A 2149 -16.19 41.17 -42.49
N PRO A 2150 -14.96 41.36 -42.96
CA PRO A 2150 -14.62 42.58 -43.70
C PRO A 2150 -15.58 42.91 -44.83
N GLY A 2151 -15.72 42.00 -45.78
CA GLY A 2151 -16.56 42.26 -46.94
C GLY A 2151 -18.00 41.87 -46.74
N ALA A 2152 -18.22 40.68 -46.17
CA ALA A 2152 -19.54 40.12 -45.95
C ALA A 2152 -19.81 40.03 -44.46
N VAL A 2153 -21.07 39.75 -44.13
CA VAL A 2153 -21.48 39.47 -42.76
C VAL A 2153 -21.87 37.99 -42.68
N ARG A 2154 -21.33 37.31 -41.69
CA ARG A 2154 -21.37 35.86 -41.58
C ARG A 2154 -22.37 35.50 -40.51
N CYS A 2155 -23.46 34.84 -40.91
CA CYS A 2155 -24.47 34.37 -39.96
C CYS A 2155 -24.47 32.86 -39.93
N MET A 2156 -24.38 32.31 -38.73
CA MET A 2156 -24.22 30.89 -38.48
C MET A 2156 -25.45 30.39 -37.73
N PHE A 2157 -26.01 29.29 -38.18
CA PHE A 2157 -27.20 28.71 -37.58
C PHE A 2157 -26.82 27.41 -36.90
N TYR A 2158 -27.03 27.34 -35.59
CA TYR A 2158 -26.85 26.12 -34.83
C TYR A 2158 -28.18 25.59 -34.34
N ALA A 2159 -28.26 24.27 -34.26
CA ALA A 2159 -29.40 23.59 -33.68
C ALA A 2159 -29.26 23.63 -32.16
N ASP A 2160 -30.06 22.82 -31.47
CA ASP A 2160 -29.95 22.73 -30.01
C ASP A 2160 -28.52 22.39 -29.63
N THR A 2161 -27.84 23.32 -28.98
CA THR A 2161 -26.49 23.09 -28.49
C THR A 2161 -26.33 23.91 -27.22
N GLN A 2162 -26.63 23.29 -26.08
CA GLN A 2162 -26.42 23.92 -24.80
C GLN A 2162 -25.81 22.89 -23.86
N SER A 2163 -24.85 23.33 -23.06
CA SER A 2163 -24.09 22.47 -22.18
C SER A 2163 -24.31 22.96 -20.75
N CYS A 2164 -25.34 22.44 -20.10
CA CYS A 2164 -25.60 22.80 -18.72
C CYS A 2164 -24.59 22.13 -17.79
N THR A 2165 -24.12 22.88 -16.81
CA THR A 2165 -23.29 22.35 -15.74
C THR A 2165 -24.11 22.42 -14.45
N HIS A 2166 -24.24 21.29 -13.79
CA HIS A 2166 -25.09 21.17 -12.62
C HIS A 2166 -24.24 21.10 -11.36
N SER A 2167 -24.81 21.59 -10.27
CA SER A 2167 -24.17 21.53 -8.97
C SER A 2167 -25.23 21.78 -7.93
N LEU A 2168 -24.88 21.54 -6.67
CA LEU A 2168 -25.85 21.73 -5.61
C LEU A 2168 -26.11 23.20 -5.30
N GLN A 2169 -25.42 24.12 -5.95
CA GLN A 2169 -25.68 25.54 -5.74
C GLN A 2169 -26.68 26.07 -6.76
N ALA A 2170 -26.33 26.02 -8.05
CA ALA A 2170 -27.21 26.52 -9.08
C ALA A 2170 -26.76 25.97 -10.42
N GLN A 2171 -27.73 25.77 -11.30
CA GLN A 2171 -27.52 25.10 -12.58
C GLN A 2171 -27.31 26.18 -13.65
N ASN A 2172 -26.09 26.29 -14.13
CA ASN A 2172 -25.69 27.38 -15.03
C ASN A 2172 -25.59 26.84 -16.44
N CYS A 2173 -26.63 27.07 -17.24
CA CYS A 2173 -26.64 26.64 -18.63
C CYS A 2173 -26.09 27.73 -19.54
N ARG A 2174 -25.58 27.31 -20.69
CA ARG A 2174 -24.99 28.24 -21.63
C ARG A 2174 -24.74 27.53 -22.95
N LEU A 2175 -24.93 28.26 -24.05
CA LEU A 2175 -24.87 27.67 -25.37
C LEU A 2175 -23.45 27.25 -25.72
N LEU A 2176 -23.35 26.31 -26.65
CA LEU A 2176 -22.10 25.97 -27.30
C LEU A 2176 -22.09 26.59 -28.68
N LEU A 2177 -21.06 27.36 -28.99
CA LEU A 2177 -20.92 28.01 -30.28
C LEU A 2177 -19.58 27.63 -30.89
N HIS A 2178 -19.54 27.58 -32.22
CA HIS A 2178 -18.32 27.19 -32.91
C HIS A 2178 -17.27 28.30 -32.89
N GLU A 2179 -17.65 29.54 -32.60
CA GLU A 2179 -16.72 30.65 -32.56
C GLU A 2179 -17.47 31.89 -32.13
N GLU A 2180 -16.71 32.87 -31.65
CA GLU A 2180 -17.32 34.09 -31.13
C GLU A 2180 -18.13 34.79 -32.21
N ALA A 2181 -19.17 35.51 -31.77
CA ALA A 2181 -19.99 36.28 -32.67
C ALA A 2181 -20.47 37.53 -31.95
N THR A 2182 -20.59 38.63 -32.70
CA THR A 2182 -20.96 39.89 -32.09
C THR A 2182 -22.44 39.94 -31.74
N TYR A 2183 -23.30 39.25 -32.48
CA TYR A 2183 -24.72 39.20 -32.18
C TYR A 2183 -25.14 37.75 -32.09
N ILE A 2184 -25.91 37.40 -31.07
CA ILE A 2184 -26.43 36.05 -30.90
C ILE A 2184 -27.91 36.14 -30.62
N TYR A 2185 -28.71 35.38 -31.36
CA TYR A 2185 -30.15 35.35 -31.18
C TYR A 2185 -30.60 33.90 -31.04
N ARG A 2186 -31.60 33.68 -30.20
CA ARG A 2186 -32.12 32.35 -29.95
C ARG A 2186 -33.64 32.39 -30.04
N LYS A 2187 -34.21 31.43 -30.71
CA LYS A 2187 -35.66 31.45 -30.82
C LYS A 2187 -36.27 30.74 -29.61
N PRO A 2188 -37.20 31.36 -28.88
CA PRO A 2188 -37.71 30.71 -27.67
C PRO A 2188 -38.46 29.44 -28.02
N ASN A 2189 -38.43 28.49 -27.08
CA ASN A 2189 -39.12 27.22 -27.30
C ASN A 2189 -40.62 27.44 -27.16
N ILE A 2190 -41.37 27.07 -28.20
CA ILE A 2190 -42.82 27.22 -28.20
C ILE A 2190 -43.42 25.92 -27.66
N PRO A 2191 -44.23 25.98 -26.59
CA PRO A 2191 -44.79 24.74 -26.06
C PRO A 2191 -45.70 24.05 -27.08
N LEU A 2192 -45.72 22.72 -27.01
CA LEU A 2192 -46.56 21.95 -27.89
C LEU A 2192 -48.02 22.13 -27.50
N PRO A 2193 -48.96 21.84 -28.39
CA PRO A 2193 -50.37 21.98 -28.04
C PRO A 2193 -50.75 21.17 -26.82
N GLY A 2194 -51.11 21.86 -25.75
CA GLY A 2194 -51.50 21.22 -24.51
C GLY A 2194 -50.70 21.70 -23.32
N PHE A 2195 -49.41 21.94 -23.53
CA PHE A 2195 -48.53 22.34 -22.44
C PHE A 2195 -48.56 23.85 -22.24
N GLY A 2196 -47.89 24.29 -21.18
CA GLY A 2196 -47.83 25.69 -20.85
C GLY A 2196 -48.56 25.99 -19.55
N THR A 2197 -49.73 25.37 -19.38
CA THR A 2197 -50.52 25.55 -18.18
C THR A 2197 -49.97 24.66 -17.07
N SER A 2198 -50.73 24.53 -15.97
CA SER A 2198 -50.40 23.60 -14.90
C SER A 2198 -51.32 22.39 -14.90
N SER A 2199 -51.97 22.11 -16.03
CA SER A 2199 -52.74 20.88 -16.22
C SER A 2199 -52.63 20.49 -17.68
N PRO A 2200 -51.48 19.96 -18.08
CA PRO A 2200 -51.17 19.88 -19.51
C PRO A 2200 -51.97 18.84 -20.26
N SER A 2201 -53.16 19.21 -20.74
CA SER A 2201 -54.02 18.27 -21.45
C SER A 2201 -53.45 17.93 -22.81
N VAL A 2202 -52.57 16.92 -22.86
CA VAL A 2202 -51.92 16.55 -24.12
C VAL A 2202 -52.93 15.86 -25.03
N PRO A 2203 -53.16 16.33 -26.25
CA PRO A 2203 -54.04 15.58 -27.16
C PRO A 2203 -53.29 14.49 -27.89
N ILE A 2204 -53.59 13.23 -27.61
CA ILE A 2204 -52.95 12.10 -28.27
C ILE A 2204 -53.95 11.50 -29.25
N ALA A 2205 -53.48 11.27 -30.48
CA ALA A 2205 -54.38 10.95 -31.58
C ALA A 2205 -55.15 9.67 -31.30
N THR A 2206 -56.32 9.59 -31.93
CA THR A 2206 -57.25 8.45 -31.90
C THR A 2206 -57.66 8.05 -30.50
N HIS A 2207 -57.30 8.80 -29.47
CA HIS A 2207 -57.78 8.60 -28.11
C HIS A 2207 -58.43 9.85 -27.55
N GLY A 2208 -57.78 11.00 -27.67
CA GLY A 2208 -58.32 12.24 -27.15
C GLY A 2208 -57.34 12.89 -26.18
N GLN A 2209 -57.89 13.63 -25.24
CA GLN A 2209 -57.07 14.32 -24.28
C GLN A 2209 -56.55 13.35 -23.24
N LEU A 2210 -55.33 13.60 -22.79
CA LEU A 2210 -54.71 12.89 -21.68
C LEU A 2210 -54.15 14.00 -20.81
N LEU A 2211 -54.83 14.31 -19.72
CA LEU A 2211 -54.47 15.46 -18.91
C LEU A 2211 -53.72 14.98 -17.69
N GLY A 2212 -52.53 15.51 -17.50
CA GLY A 2212 -51.70 15.15 -16.37
C GLY A 2212 -51.70 16.24 -15.34
N ARG A 2213 -50.52 16.56 -14.84
CA ARG A 2213 -50.36 17.67 -13.93
C ARG A 2213 -48.95 18.20 -14.10
N SER A 2214 -48.52 19.09 -13.22
CA SER A 2214 -47.17 19.60 -13.25
C SER A 2214 -46.66 19.75 -11.84
N GLN A 2215 -45.34 19.69 -11.69
CA GLN A 2215 -44.73 19.79 -10.38
C GLN A 2215 -43.38 20.45 -10.53
N ALA A 2216 -43.05 21.35 -9.61
CA ALA A 2216 -41.76 22.03 -9.64
C ALA A 2216 -40.78 21.23 -8.81
N ILE A 2217 -39.67 20.84 -9.42
CA ILE A 2217 -38.67 20.01 -8.76
C ILE A 2217 -37.42 20.84 -8.52
N GLN A 2218 -36.85 20.70 -7.33
CA GLN A 2218 -35.66 21.43 -6.93
C GLN A 2218 -34.47 20.49 -7.00
N VAL A 2219 -33.40 20.93 -7.63
CA VAL A 2219 -32.15 20.17 -7.69
C VAL A 2219 -31.05 20.89 -6.92
N GLY A 2220 -30.67 22.07 -7.37
CA GLY A 2220 -29.74 22.86 -6.60
C GLY A 2220 -30.50 23.77 -5.66
N THR A 2221 -30.35 25.07 -5.84
CA THR A 2221 -31.25 26.05 -5.29
C THR A 2221 -32.30 26.49 -6.29
N SER A 2222 -32.29 25.90 -7.49
CA SER A 2222 -33.11 26.35 -8.61
C SER A 2222 -34.13 25.29 -8.96
N TRP A 2223 -35.30 25.72 -9.39
CA TRP A 2223 -36.45 24.86 -9.61
C TRP A 2223 -36.76 24.77 -11.10
N LYS A 2224 -37.13 23.58 -11.55
CA LYS A 2224 -37.58 23.36 -12.90
C LYS A 2224 -39.00 22.83 -12.87
N PRO A 2225 -39.92 23.38 -13.65
CA PRO A 2225 -41.27 22.78 -13.71
C PRO A 2225 -41.27 21.59 -14.66
N VAL A 2226 -41.86 20.48 -14.20
CA VAL A 2226 -41.87 19.23 -14.94
C VAL A 2226 -43.31 18.75 -15.00
N ASP A 2227 -43.82 18.56 -16.21
CA ASP A 2227 -45.14 17.97 -16.36
C ASP A 2227 -45.08 16.48 -16.09
N GLN A 2228 -46.11 15.95 -15.46
CA GLN A 2228 -46.16 14.56 -15.04
C GLN A 2228 -47.50 13.98 -15.42
N PHE A 2229 -47.49 12.97 -16.27
CA PHE A 2229 -48.68 12.22 -16.66
C PHE A 2229 -48.53 10.85 -16.06
N LEU A 2230 -49.05 10.67 -14.85
CA LEU A 2230 -48.94 9.42 -14.13
C LEU A 2230 -50.14 8.54 -14.44
N GLY A 2231 -49.89 7.28 -14.77
CA GLY A 2231 -50.96 6.36 -15.01
C GLY A 2231 -51.53 6.44 -16.41
N VAL A 2232 -50.68 6.40 -17.42
CA VAL A 2232 -51.10 6.45 -18.81
C VAL A 2232 -51.21 5.02 -19.34
N PRO A 2233 -52.42 4.47 -19.49
CA PRO A 2233 -52.51 3.05 -19.85
C PRO A 2233 -51.88 2.79 -21.20
N TYR A 2234 -51.30 1.61 -21.35
CA TYR A 2234 -50.82 1.16 -22.65
C TYR A 2234 -51.35 -0.22 -23.01
N ALA A 2235 -52.35 -0.72 -22.29
CA ALA A 2235 -52.92 -2.02 -22.59
C ALA A 2235 -54.12 -2.24 -21.69
N ALA A 2236 -55.05 -3.06 -22.15
CA ALA A 2236 -56.25 -3.31 -21.39
C ALA A 2236 -55.90 -4.02 -20.09
N PRO A 2237 -56.61 -3.74 -19.01
CA PRO A 2237 -56.24 -4.28 -17.71
C PRO A 2237 -56.32 -5.80 -17.72
N PRO A 2238 -55.19 -6.50 -17.61
CA PRO A 2238 -55.24 -7.96 -17.70
C PRO A 2238 -55.94 -8.59 -16.51
N LEU A 2239 -57.26 -8.51 -16.47
CA LEU A 2239 -58.05 -9.09 -15.40
C LEU A 2239 -58.93 -10.19 -15.98
N GLY A 2240 -59.13 -11.24 -15.18
CA GLY A 2240 -60.07 -12.28 -15.58
C GLY A 2240 -59.57 -13.05 -16.80
N GLU A 2241 -60.43 -13.16 -17.81
CA GLU A 2241 -60.08 -13.97 -18.96
C GLU A 2241 -58.91 -13.40 -19.75
N LYS A 2242 -58.59 -12.12 -19.57
CA LYS A 2242 -57.39 -11.54 -20.17
C LYS A 2242 -56.21 -11.60 -19.21
N ARG A 2243 -55.96 -12.76 -18.60
CA ARG A 2243 -54.96 -12.86 -17.56
C ARG A 2243 -53.63 -13.40 -18.09
N PHE A 2244 -53.65 -14.59 -18.67
CA PHE A 2244 -52.44 -15.22 -19.19
C PHE A 2244 -52.43 -15.18 -20.70
N ARG A 2245 -52.86 -14.06 -21.27
CA ARG A 2245 -52.80 -13.84 -22.71
C ARG A 2245 -52.16 -12.50 -22.98
N ALA A 2246 -51.57 -12.38 -24.17
CA ALA A 2246 -50.85 -11.18 -24.58
C ALA A 2246 -51.73 -9.96 -24.38
N PRO A 2247 -51.15 -8.77 -24.26
CA PRO A 2247 -51.95 -7.56 -24.08
C PRO A 2247 -52.57 -7.12 -25.41
N GLU A 2248 -53.34 -6.04 -25.34
CA GLU A 2248 -53.84 -5.42 -26.56
C GLU A 2248 -54.22 -3.98 -26.28
N HIS A 2249 -54.34 -3.21 -27.36
CA HIS A 2249 -54.67 -1.80 -27.28
C HIS A 2249 -55.89 -1.58 -26.41
N LEU A 2250 -55.88 -0.53 -25.57
CA LEU A 2250 -56.93 -0.33 -24.54
C LEU A 2250 -58.18 0.34 -25.10
N ASN A 2251 -58.10 1.01 -26.26
CA ASN A 2251 -59.24 1.71 -26.90
C ASN A 2251 -59.92 2.67 -25.92
N TRP A 2252 -59.15 3.51 -25.25
CA TRP A 2252 -59.86 4.47 -24.40
C TRP A 2252 -60.19 5.67 -25.27
N THR A 2253 -61.07 6.49 -24.78
CA THR A 2253 -61.48 7.67 -25.51
C THR A 2253 -61.83 8.78 -24.53
N GLY A 2254 -61.85 10.00 -25.04
CA GLY A 2254 -62.30 11.13 -24.26
C GLY A 2254 -61.20 11.85 -23.52
N SER A 2255 -61.07 11.57 -22.22
CA SER A 2255 -60.15 12.31 -21.37
C SER A 2255 -59.70 11.42 -20.23
N TRP A 2256 -58.40 11.14 -20.18
CA TRP A 2256 -57.82 10.31 -19.13
C TRP A 2256 -57.29 11.20 -18.02
N GLU A 2257 -57.63 10.87 -16.78
CA GLU A 2257 -57.18 11.64 -15.62
C GLU A 2257 -55.85 11.09 -15.13
N ALA A 2258 -54.82 11.33 -15.93
CA ALA A 2258 -53.48 10.79 -15.67
C ALA A 2258 -52.73 11.66 -14.67
N THR A 2259 -53.28 11.75 -13.47
CA THR A 2259 -52.73 12.60 -12.42
C THR A 2259 -52.48 11.86 -11.12
N LYS A 2260 -52.51 10.52 -11.12
CA LYS A 2260 -52.32 9.75 -9.91
C LYS A 2260 -51.66 8.43 -10.27
N PRO A 2261 -50.60 8.02 -9.58
CA PRO A 2261 -50.02 6.70 -9.85
C PRO A 2261 -51.06 5.61 -9.63
N ARG A 2262 -51.03 4.60 -10.49
CA ARG A 2262 -52.00 3.54 -10.46
C ARG A 2262 -51.44 2.33 -9.74
N ALA A 2263 -52.28 1.30 -9.59
CA ALA A 2263 -51.88 0.12 -8.85
C ALA A 2263 -50.69 -0.54 -9.53
N ARG A 2264 -49.81 -1.09 -8.71
CA ARG A 2264 -48.62 -1.77 -9.21
C ARG A 2264 -48.87 -3.26 -9.33
N CYS A 2265 -48.03 -3.92 -10.12
CA CYS A 2265 -48.29 -5.31 -10.45
C CYS A 2265 -48.14 -6.20 -9.23
N TRP A 2266 -48.79 -7.35 -9.30
CA TRP A 2266 -48.56 -8.40 -8.31
C TRP A 2266 -47.13 -8.91 -8.44
N GLN A 2267 -46.45 -9.06 -7.33
CA GLN A 2267 -45.09 -9.55 -7.29
C GLN A 2267 -44.99 -10.69 -6.30
N PRO A 2268 -43.98 -11.54 -6.43
CA PRO A 2268 -43.79 -12.59 -5.43
C PRO A 2268 -43.63 -11.98 -4.04
N GLY A 2269 -44.29 -12.59 -3.08
CA GLY A 2269 -44.18 -12.14 -1.70
C GLY A 2269 -44.75 -10.76 -1.46
N ILE A 2270 -46.06 -10.63 -1.56
CA ILE A 2270 -46.77 -9.43 -1.12
C ILE A 2270 -47.39 -9.74 0.23
N ARG A 2271 -47.11 -8.89 1.21
CA ARG A 2271 -47.62 -9.11 2.56
C ARG A 2271 -49.14 -9.15 2.56
N THR A 2272 -49.70 -10.12 3.28
CA THR A 2272 -51.15 -10.24 3.37
C THR A 2272 -51.67 -9.47 4.58
N PRO A 2273 -52.84 -8.82 4.50
CA PRO A 2273 -53.76 -8.77 3.36
C PRO A 2273 -53.23 -7.89 2.25
N THR A 2274 -53.68 -8.15 1.02
CA THR A 2274 -53.20 -7.43 -0.15
C THR A 2274 -53.21 -5.94 0.13
N PRO A 2275 -52.05 -5.29 0.23
CA PRO A 2275 -52.03 -3.88 0.60
C PRO A 2275 -52.70 -3.04 -0.45
N PRO A 2276 -52.95 -1.76 -0.17
CA PRO A 2276 -53.56 -0.91 -1.20
C PRO A 2276 -52.62 -0.74 -2.37
N GLY A 2277 -53.20 -0.58 -3.55
CA GLY A 2277 -52.42 -0.31 -4.75
C GLY A 2277 -51.59 -1.48 -5.23
N VAL A 2278 -52.13 -2.68 -5.21
CA VAL A 2278 -51.60 -3.81 -5.98
C VAL A 2278 -52.76 -4.50 -6.65
N SER A 2279 -52.66 -4.73 -7.94
CA SER A 2279 -53.73 -5.39 -8.67
C SER A 2279 -53.18 -5.82 -10.02
N GLU A 2280 -53.96 -6.63 -10.72
CA GLU A 2280 -53.52 -7.11 -12.02
C GLU A 2280 -53.57 -6.00 -13.07
N ASP A 2281 -54.49 -5.04 -12.92
CA ASP A 2281 -54.53 -3.91 -13.85
C ASP A 2281 -53.39 -2.97 -13.48
N CYS A 2282 -52.19 -3.35 -13.93
CA CYS A 2282 -50.97 -2.65 -13.60
C CYS A 2282 -50.17 -2.25 -14.83
N LEU A 2283 -50.80 -2.26 -16.00
CA LEU A 2283 -50.13 -1.92 -17.26
C LEU A 2283 -50.32 -0.43 -17.53
N TYR A 2284 -49.61 0.38 -16.74
CA TYR A 2284 -49.67 1.83 -16.82
C TYR A 2284 -48.26 2.37 -16.84
N LEU A 2285 -48.00 3.39 -17.66
CA LEU A 2285 -46.69 3.99 -17.77
C LEU A 2285 -46.77 5.47 -17.43
N ASN A 2286 -45.91 5.93 -16.53
CA ASN A 2286 -45.88 7.31 -16.11
C ASN A 2286 -44.88 8.09 -16.94
N VAL A 2287 -45.31 9.17 -17.57
CA VAL A 2287 -44.44 10.01 -18.37
C VAL A 2287 -44.07 11.23 -17.56
N PHE A 2288 -42.79 11.57 -17.53
CA PHE A 2288 -42.32 12.80 -16.90
C PHE A 2288 -41.56 13.60 -17.94
N VAL A 2289 -42.08 14.76 -18.30
CA VAL A 2289 -41.55 15.56 -19.39
C VAL A 2289 -41.30 16.98 -18.89
N PRO A 2290 -40.07 17.50 -18.94
CA PRO A 2290 -39.84 18.87 -18.47
C PRO A 2290 -40.71 19.86 -19.22
N GLN A 2291 -40.81 21.07 -18.66
CA GLN A 2291 -41.84 21.99 -19.12
C GLN A 2291 -41.65 22.34 -20.59
N ASN A 2292 -40.57 23.02 -20.94
CA ASN A 2292 -40.29 23.33 -22.33
C ASN A 2292 -38.81 23.08 -22.59
N MET A 2293 -38.53 22.49 -23.75
CA MET A 2293 -37.19 22.03 -24.07
C MET A 2293 -37.11 21.87 -25.58
N ALA A 2294 -35.97 21.39 -26.05
CA ALA A 2294 -35.70 21.26 -27.47
C ALA A 2294 -36.84 20.53 -28.16
N PRO A 2295 -37.01 20.71 -29.47
CA PRO A 2295 -38.15 20.08 -30.15
C PRO A 2295 -38.17 18.56 -30.01
N ASN A 2296 -37.10 17.88 -30.44
CA ASN A 2296 -37.04 16.43 -30.46
C ASN A 2296 -36.15 15.97 -29.30
N ALA A 2297 -36.76 15.85 -28.13
CA ALA A 2297 -36.03 15.38 -26.96
C ALA A 2297 -35.92 13.86 -26.99
N SER A 2298 -34.95 13.35 -26.25
CA SER A 2298 -34.78 11.91 -26.13
C SER A 2298 -35.73 11.37 -25.06
N VAL A 2299 -35.87 10.05 -25.04
CA VAL A 2299 -36.82 9.38 -24.17
C VAL A 2299 -36.08 8.25 -23.46
N LEU A 2300 -36.42 8.01 -22.20
CA LEU A 2300 -35.89 6.89 -21.45
C LEU A 2300 -37.07 6.04 -20.98
N VAL A 2301 -37.24 4.86 -21.57
CA VAL A 2301 -38.30 3.95 -21.14
C VAL A 2301 -37.69 3.01 -20.11
N PHE A 2302 -37.96 3.29 -18.85
CA PHE A 2302 -37.42 2.54 -17.73
C PHE A 2302 -38.49 1.58 -17.25
N PHE A 2303 -38.21 0.28 -17.32
CA PHE A 2303 -39.22 -0.72 -16.97
C PHE A 2303 -39.02 -1.12 -15.52
N HIS A 2304 -39.91 -0.63 -14.66
CA HIS A 2304 -39.79 -0.78 -13.22
C HIS A 2304 -41.12 -1.19 -12.65
N ASN A 2305 -41.10 -2.15 -11.75
CA ASN A 2305 -42.26 -2.57 -10.98
C ASN A 2305 -42.03 -2.09 -9.55
N ALA A 2306 -42.82 -1.11 -9.12
CA ALA A 2306 -42.62 -0.53 -7.81
C ALA A 2306 -42.72 -1.59 -6.73
N ALA A 2307 -41.80 -1.54 -5.77
CA ALA A 2307 -41.83 -2.47 -4.65
C ALA A 2307 -43.08 -2.19 -3.80
N GLU A 2308 -43.27 -3.03 -2.78
CA GLU A 2308 -44.50 -2.94 -2.00
C GLU A 2308 -44.58 -1.61 -1.26
N GLY A 2309 -43.48 -1.13 -0.71
CA GLY A 2309 -43.52 0.03 0.14
C GLY A 2309 -43.50 1.35 -0.58
N LYS A 2310 -42.66 1.47 -1.60
CA LYS A 2310 -42.47 2.76 -2.26
C LYS A 2310 -43.76 3.24 -2.91
N GLY A 2311 -44.01 4.54 -2.81
CA GLY A 2311 -45.21 5.14 -3.35
C GLY A 2311 -46.26 5.36 -2.31
N SER A 2312 -46.79 6.59 -2.23
CA SER A 2312 -47.80 6.95 -1.25
C SER A 2312 -49.13 7.32 -1.90
N GLY A 2313 -49.41 6.76 -3.07
CA GLY A 2313 -50.64 7.03 -3.79
C GLY A 2313 -50.70 8.36 -4.49
N ASP A 2314 -49.87 9.32 -4.09
CA ASP A 2314 -49.74 10.60 -4.79
C ASP A 2314 -48.45 10.68 -5.57
N ARG A 2315 -47.37 10.14 -5.04
CA ARG A 2315 -46.06 10.21 -5.66
C ARG A 2315 -45.70 8.86 -6.28
N PRO A 2316 -45.15 8.81 -7.48
CA PRO A 2316 -44.69 7.53 -8.03
C PRO A 2316 -43.49 7.01 -7.26
N ALA A 2317 -43.31 5.69 -7.34
CA ALA A 2317 -42.24 5.05 -6.59
C ALA A 2317 -40.88 5.58 -7.03
N VAL A 2318 -40.60 5.54 -8.32
CA VAL A 2318 -39.41 6.12 -8.92
C VAL A 2318 -39.87 7.36 -9.67
N ASP A 2319 -39.52 8.53 -9.14
CA ASP A 2319 -40.10 9.77 -9.66
C ASP A 2319 -39.64 10.02 -11.08
N GLY A 2320 -38.35 9.91 -11.34
CA GLY A 2320 -37.87 10.11 -12.69
C GLY A 2320 -38.03 11.52 -13.19
N SER A 2321 -38.61 12.42 -12.40
CA SER A 2321 -38.64 13.83 -12.78
C SER A 2321 -37.25 14.43 -12.65
N PHE A 2322 -36.44 13.91 -11.74
CA PHE A 2322 -35.14 14.49 -11.49
C PHE A 2322 -34.13 14.09 -12.54
N LEU A 2323 -34.27 12.89 -13.12
CA LEU A 2323 -33.45 12.54 -14.26
C LEU A 2323 -33.92 13.25 -15.52
N ALA A 2324 -35.22 13.48 -15.63
CA ALA A 2324 -35.75 14.21 -16.78
C ALA A 2324 -35.30 15.66 -16.77
N ALA A 2325 -35.27 16.28 -15.60
CA ALA A 2325 -34.94 17.70 -15.52
C ALA A 2325 -33.45 17.95 -15.74
N VAL A 2326 -32.60 17.12 -15.13
CA VAL A 2326 -31.16 17.36 -15.19
C VAL A 2326 -30.57 16.67 -16.41
N GLY A 2327 -31.43 16.25 -17.34
CA GLY A 2327 -30.96 15.71 -18.59
C GLY A 2327 -31.66 16.34 -19.79
N ASN A 2328 -32.73 17.07 -19.53
CA ASN A 2328 -33.57 17.62 -20.59
C ASN A 2328 -34.01 16.51 -21.54
N LEU A 2329 -34.70 15.54 -20.96
CA LEU A 2329 -35.22 14.40 -21.71
C LEU A 2329 -36.52 13.97 -21.08
N ILE A 2330 -37.29 13.21 -21.80
CA ILE A 2330 -38.51 12.62 -21.29
C ILE A 2330 -38.16 11.31 -20.61
N VAL A 2331 -38.79 11.02 -19.49
CA VAL A 2331 -38.58 9.76 -18.79
C VAL A 2331 -39.91 9.07 -18.67
N VAL A 2332 -40.11 8.04 -19.46
CA VAL A 2332 -41.25 7.16 -19.33
C VAL A 2332 -40.85 6.05 -18.38
N THR A 2333 -41.66 5.80 -17.35
CA THR A 2333 -41.41 4.74 -16.39
C THR A 2333 -42.59 3.79 -16.48
N ALA A 2334 -42.38 2.63 -17.07
CA ALA A 2334 -43.45 1.73 -17.40
C ALA A 2334 -43.42 0.53 -16.48
N SER A 2335 -44.59 0.14 -15.97
CA SER A 2335 -44.70 -1.12 -15.25
C SER A 2335 -45.11 -2.20 -16.24
N TYR A 2336 -44.92 -3.44 -15.80
CA TYR A 2336 -45.19 -4.60 -16.62
C TYR A 2336 -45.44 -5.76 -15.67
N ARG A 2337 -46.18 -6.74 -16.13
CA ARG A 2337 -46.56 -7.85 -15.26
C ARG A 2337 -45.46 -8.90 -15.27
N THR A 2338 -44.93 -9.20 -14.09
CA THR A 2338 -43.90 -10.20 -13.89
C THR A 2338 -44.42 -11.29 -12.96
N GLY A 2339 -43.60 -12.30 -12.72
CA GLY A 2339 -44.03 -13.42 -11.90
C GLY A 2339 -44.70 -14.48 -12.73
N ILE A 2340 -45.70 -15.18 -12.19
CA ILE A 2340 -46.46 -16.11 -13.02
C ILE A 2340 -47.32 -15.34 -14.00
N PHE A 2341 -47.90 -14.22 -13.57
CA PHE A 2341 -48.82 -13.49 -14.44
C PHE A 2341 -48.11 -13.06 -15.70
N GLY A 2342 -46.88 -12.57 -15.56
CA GLY A 2342 -46.14 -12.17 -16.73
C GLY A 2342 -45.76 -13.33 -17.62
N PHE A 2343 -45.30 -14.43 -17.03
CA PHE A 2343 -44.54 -15.43 -17.75
C PHE A 2343 -44.99 -16.87 -17.55
N LEU A 2344 -46.24 -17.11 -17.14
CA LEU A 2344 -46.64 -18.49 -16.87
C LEU A 2344 -46.76 -19.23 -18.20
N SER A 2345 -45.63 -19.74 -18.68
CA SER A 2345 -45.60 -20.50 -19.91
C SER A 2345 -45.82 -21.98 -19.64
N SER A 2346 -45.96 -22.74 -20.71
CA SER A 2346 -45.93 -24.19 -20.61
C SER A 2346 -45.17 -24.81 -21.79
N GLY A 2347 -44.34 -24.03 -22.48
CA GLY A 2347 -43.54 -24.54 -23.58
C GLY A 2347 -44.34 -25.09 -24.73
N SER A 2348 -45.67 -25.00 -24.66
CA SER A 2348 -46.55 -25.63 -25.63
C SER A 2348 -46.83 -24.64 -26.76
N SER A 2349 -47.85 -24.94 -27.57
CA SER A 2349 -48.33 -24.01 -28.56
C SER A 2349 -49.57 -23.25 -28.11
N GLU A 2350 -50.20 -23.67 -27.02
CA GLU A 2350 -51.46 -23.08 -26.59
C GLU A 2350 -51.30 -22.07 -25.45
N LEU A 2351 -50.46 -22.37 -24.46
CA LEU A 2351 -50.21 -21.43 -23.38
C LEU A 2351 -48.81 -20.84 -23.40
N SER A 2352 -47.91 -21.37 -24.22
CA SER A 2352 -46.55 -20.87 -24.20
C SER A 2352 -46.53 -19.39 -24.53
N GLY A 2353 -45.65 -18.67 -23.85
CA GLY A 2353 -45.53 -17.27 -24.06
C GLY A 2353 -44.89 -16.61 -22.87
N ASN A 2354 -44.47 -15.38 -23.08
CA ASN A 2354 -43.86 -14.57 -22.06
C ASN A 2354 -44.59 -13.22 -22.04
N TRP A 2355 -45.71 -13.21 -21.33
CA TRP A 2355 -46.66 -12.12 -21.47
C TRP A 2355 -46.09 -10.83 -20.94
N GLY A 2356 -45.33 -10.89 -19.86
CA GLY A 2356 -44.70 -9.70 -19.36
C GLY A 2356 -43.63 -9.15 -20.26
N LEU A 2357 -43.31 -9.85 -21.35
CA LEU A 2357 -42.39 -9.37 -22.36
C LEU A 2357 -43.08 -8.94 -23.64
N LEU A 2358 -44.32 -9.37 -23.85
CA LEU A 2358 -45.14 -8.85 -24.93
C LEU A 2358 -45.89 -7.59 -24.55
N ASP A 2359 -46.15 -7.38 -23.26
CA ASP A 2359 -46.66 -6.11 -22.75
C ASP A 2359 -45.54 -5.24 -22.22
N GLN A 2360 -44.31 -5.57 -22.56
CA GLN A 2360 -43.17 -4.72 -22.40
C GLN A 2360 -42.69 -4.18 -23.73
N VAL A 2361 -43.08 -4.84 -24.81
CA VAL A 2361 -42.91 -4.33 -26.16
C VAL A 2361 -44.16 -3.63 -26.67
N VAL A 2362 -45.20 -3.55 -25.85
CA VAL A 2362 -46.35 -2.70 -26.17
C VAL A 2362 -46.20 -1.33 -25.54
N ALA A 2363 -45.54 -1.23 -24.39
CA ALA A 2363 -45.16 0.07 -23.87
C ALA A 2363 -44.21 0.77 -24.80
N LEU A 2364 -43.28 0.03 -25.39
CA LEU A 2364 -42.32 0.65 -26.29
C LEU A 2364 -42.96 1.08 -27.59
N THR A 2365 -43.94 0.33 -28.11
CA THR A 2365 -44.63 0.82 -29.29
C THR A 2365 -45.55 1.98 -28.96
N TRP A 2366 -46.15 2.00 -27.77
CA TRP A 2366 -46.88 3.19 -27.34
C TRP A 2366 -45.95 4.39 -27.35
N VAL A 2367 -44.78 4.25 -26.75
CA VAL A 2367 -43.80 5.34 -26.75
C VAL A 2367 -43.39 5.67 -28.17
N GLN A 2368 -43.39 4.70 -29.08
CA GLN A 2368 -43.06 4.99 -30.46
C GLN A 2368 -44.11 5.89 -31.09
N THR A 2369 -45.37 5.53 -30.94
CA THR A 2369 -46.44 6.26 -31.63
C THR A 2369 -46.73 7.58 -30.95
N HIS A 2370 -47.18 7.53 -29.69
CA HIS A 2370 -47.79 8.68 -29.05
C HIS A 2370 -46.81 9.50 -28.22
N ILE A 2371 -45.50 9.41 -28.47
CA ILE A 2371 -44.56 10.27 -27.75
C ILE A 2371 -44.20 11.51 -28.54
N GLN A 2372 -44.56 11.57 -29.82
CA GLN A 2372 -44.47 12.84 -30.52
C GLN A 2372 -45.43 13.85 -29.94
N ALA A 2373 -46.54 13.38 -29.36
CA ALA A 2373 -47.51 14.31 -28.77
C ALA A 2373 -46.89 15.07 -27.61
N PHE A 2374 -46.08 14.40 -26.81
CA PHE A 2374 -45.24 15.07 -25.83
C PHE A 2374 -44.04 15.60 -26.59
N GLY A 2375 -43.01 16.04 -25.91
CA GLY A 2375 -41.89 16.59 -26.64
C GLY A 2375 -40.95 15.58 -27.26
N GLY A 2376 -41.27 14.30 -27.19
CA GLY A 2376 -40.29 13.26 -27.41
C GLY A 2376 -39.92 13.08 -28.86
N ASP A 2377 -39.03 12.11 -29.08
CA ASP A 2377 -38.54 11.76 -30.40
C ASP A 2377 -38.52 10.24 -30.55
N PRO A 2378 -39.34 9.66 -31.41
CA PRO A 2378 -39.37 8.19 -31.52
C PRO A 2378 -38.06 7.57 -31.94
N ARG A 2379 -37.13 8.34 -32.52
CA ARG A 2379 -35.87 7.82 -33.00
C ARG A 2379 -34.77 7.82 -31.96
N ARG A 2380 -35.06 8.23 -30.73
CA ARG A 2380 -34.02 8.36 -29.71
C ARG A 2380 -34.41 7.71 -28.39
N VAL A 2381 -35.35 6.77 -28.41
CA VAL A 2381 -35.73 6.09 -27.18
C VAL A 2381 -34.55 5.32 -26.63
N THR A 2382 -34.55 5.09 -25.32
CA THR A 2382 -33.51 4.34 -24.63
C THR A 2382 -34.16 3.38 -23.66
N LEU A 2383 -33.98 2.09 -23.87
CA LEU A 2383 -34.65 1.07 -23.06
C LEU A 2383 -33.79 0.75 -21.86
N ALA A 2384 -34.30 1.04 -20.66
CA ALA A 2384 -33.56 0.80 -19.43
C ALA A 2384 -34.36 -0.11 -18.52
N ALA A 2385 -33.65 -0.82 -17.65
CA ALA A 2385 -34.30 -1.70 -16.70
C ALA A 2385 -33.29 -2.07 -15.63
N ASP A 2386 -33.79 -2.34 -14.43
CA ASP A 2386 -33.00 -2.48 -13.23
C ASP A 2386 -32.82 -3.96 -12.88
N ARG A 2387 -32.37 -4.20 -11.65
CA ARG A 2387 -32.18 -5.52 -11.09
C ARG A 2387 -33.21 -6.53 -11.58
N GLY A 2388 -32.77 -7.67 -12.09
CA GLY A 2388 -33.70 -8.75 -12.34
C GLY A 2388 -34.61 -8.51 -13.52
N GLY A 2389 -35.29 -7.36 -13.53
CA GLY A 2389 -35.97 -6.94 -14.73
C GLY A 2389 -35.04 -6.57 -15.86
N ALA A 2390 -33.75 -6.49 -15.58
CA ALA A 2390 -32.78 -6.23 -16.64
C ALA A 2390 -32.59 -7.44 -17.53
N ASP A 2391 -32.74 -8.65 -16.99
CA ASP A 2391 -32.72 -9.83 -17.86
C ASP A 2391 -33.88 -9.80 -18.84
N ILE A 2392 -35.08 -9.54 -18.34
CA ILE A 2392 -36.26 -9.47 -19.19
C ILE A 2392 -36.09 -8.37 -20.22
N ALA A 2393 -35.60 -7.21 -19.79
CA ALA A 2393 -35.40 -6.11 -20.74
C ALA A 2393 -34.36 -6.47 -21.78
N SER A 2394 -33.24 -7.03 -21.35
CA SER A 2394 -32.16 -7.33 -22.28
C SER A 2394 -32.54 -8.41 -23.26
N ILE A 2395 -33.59 -9.18 -22.98
CA ILE A 2395 -34.11 -10.09 -23.99
C ILE A 2395 -34.62 -9.33 -25.22
N HIS A 2396 -34.78 -8.02 -25.13
CA HIS A 2396 -35.18 -7.24 -26.31
C HIS A 2396 -34.04 -7.02 -27.28
N LEU A 2397 -32.78 -7.05 -26.80
CA LEU A 2397 -31.64 -6.88 -27.67
C LEU A 2397 -31.38 -8.10 -28.55
N VAL A 2398 -32.06 -9.21 -28.31
CA VAL A 2398 -31.81 -10.44 -29.02
C VAL A 2398 -33.05 -10.86 -29.80
N THR A 2399 -34.23 -10.45 -29.32
CA THR A 2399 -35.44 -10.70 -30.08
C THR A 2399 -35.41 -9.90 -31.37
N THR A 2400 -35.91 -10.51 -32.45
CA THR A 2400 -35.92 -9.91 -33.77
C THR A 2400 -37.29 -9.29 -34.01
N ARG A 2401 -37.34 -7.96 -34.06
CA ARG A 2401 -38.54 -7.25 -34.45
C ARG A 2401 -38.64 -7.29 -35.97
N ALA A 2402 -39.53 -6.48 -36.54
CA ALA A 2402 -39.61 -6.37 -37.99
C ALA A 2402 -38.29 -5.89 -38.60
N ALA A 2403 -37.43 -5.25 -37.81
CA ALA A 2403 -36.12 -4.72 -38.17
C ALA A 2403 -36.24 -3.42 -38.98
N ASN A 2404 -37.44 -2.99 -39.35
CA ASN A 2404 -37.65 -1.71 -40.00
C ASN A 2404 -38.08 -0.62 -39.03
N SER A 2405 -38.80 -0.99 -37.98
CA SER A 2405 -39.21 -0.07 -36.92
C SER A 2405 -38.55 -0.55 -35.63
N ARG A 2406 -37.36 -0.04 -35.36
CA ARG A 2406 -36.70 -0.32 -34.10
C ARG A 2406 -37.45 0.38 -32.97
N LEU A 2407 -37.38 -0.20 -31.78
CA LEU A 2407 -38.06 0.34 -30.61
C LEU A 2407 -37.13 1.04 -29.65
N PHE A 2408 -35.84 1.09 -29.93
CA PHE A 2408 -34.93 1.82 -29.07
C PHE A 2408 -33.58 1.92 -29.76
N ARG A 2409 -32.86 2.99 -29.45
CA ARG A 2409 -31.53 3.19 -30.00
C ARG A 2409 -30.43 2.70 -29.09
N ARG A 2410 -30.68 2.61 -27.79
CA ARG A 2410 -29.66 2.30 -26.81
C ARG A 2410 -30.26 1.35 -25.80
N ALA A 2411 -29.52 1.08 -24.74
CA ALA A 2411 -30.01 0.18 -23.70
C ALA A 2411 -29.18 0.39 -22.45
N VAL A 2412 -29.82 0.75 -21.35
CA VAL A 2412 -29.13 0.90 -20.08
C VAL A 2412 -29.57 -0.22 -19.17
N LEU A 2413 -28.84 -1.33 -19.18
CA LEU A 2413 -29.18 -2.48 -18.36
C LEU A 2413 -28.39 -2.40 -17.07
N MET A 2414 -29.07 -2.41 -15.94
CA MET A 2414 -28.44 -2.25 -14.64
C MET A 2414 -28.68 -3.50 -13.83
N GLY A 2415 -27.76 -4.45 -13.92
CA GLY A 2415 -27.77 -5.63 -13.10
C GLY A 2415 -28.21 -6.90 -13.77
N GLY A 2416 -28.11 -6.99 -15.08
CA GLY A 2416 -28.48 -8.22 -15.76
C GLY A 2416 -28.04 -8.18 -17.19
N SER A 2417 -28.20 -9.31 -17.85
CA SER A 2417 -27.85 -9.41 -19.26
C SER A 2417 -28.58 -10.59 -19.88
N ALA A 2418 -28.64 -10.58 -21.20
CA ALA A 2418 -29.28 -11.68 -21.91
C ALA A 2418 -28.54 -12.99 -21.71
N LEU A 2419 -27.30 -12.94 -21.26
CA LEU A 2419 -26.45 -14.13 -21.17
C LEU A 2419 -26.48 -14.79 -19.80
N SER A 2420 -27.25 -14.28 -18.86
CA SER A 2420 -27.27 -14.87 -17.55
C SER A 2420 -27.85 -16.28 -17.62
N PRO A 2421 -27.53 -17.15 -16.66
CA PRO A 2421 -28.02 -18.54 -16.74
C PRO A 2421 -29.52 -18.65 -16.81
N ALA A 2422 -30.25 -17.81 -16.06
CA ALA A 2422 -31.69 -17.86 -16.01
C ALA A 2422 -32.35 -16.80 -16.87
N ALA A 2423 -31.65 -16.33 -17.90
CA ALA A 2423 -32.25 -15.34 -18.79
C ALA A 2423 -33.48 -15.90 -19.49
N VAL A 2424 -33.45 -17.19 -19.85
CA VAL A 2424 -34.58 -17.88 -20.45
C VAL A 2424 -34.68 -19.26 -19.85
N ILE A 2425 -35.87 -19.69 -19.52
CA ILE A 2425 -36.06 -21.01 -18.92
C ILE A 2425 -36.35 -22.02 -20.01
N ARG A 2426 -36.03 -23.27 -19.75
CA ARG A 2426 -36.16 -24.31 -20.76
C ARG A 2426 -37.63 -24.74 -20.88
N PRO A 2427 -38.05 -25.17 -22.07
CA PRO A 2427 -39.44 -25.61 -22.23
C PRO A 2427 -39.90 -26.66 -21.24
N GLU A 2428 -39.20 -27.79 -21.12
CA GLU A 2428 -39.66 -28.83 -20.21
C GLU A 2428 -39.65 -28.33 -18.77
N ARG A 2429 -38.65 -27.53 -18.41
CA ARG A 2429 -38.62 -26.93 -17.09
C ARG A 2429 -39.82 -26.02 -16.88
N ALA A 2430 -40.17 -25.24 -17.90
CA ALA A 2430 -41.34 -24.38 -17.80
C ALA A 2430 -42.60 -25.22 -17.59
N ARG A 2431 -42.72 -26.30 -18.35
CA ARG A 2431 -43.91 -27.15 -18.24
C ARG A 2431 -44.05 -27.69 -16.83
N GLN A 2432 -42.96 -28.22 -16.27
CA GLN A 2432 -43.08 -28.81 -14.95
C GLN A 2432 -43.27 -27.73 -13.88
N GLN A 2433 -42.71 -26.53 -14.07
CA GLN A 2433 -42.98 -25.46 -13.12
C GLN A 2433 -44.45 -25.09 -13.10
N ALA A 2434 -45.04 -24.93 -14.29
CA ALA A 2434 -46.46 -24.58 -14.35
C ALA A 2434 -47.30 -25.69 -13.76
N ALA A 2435 -46.94 -26.94 -14.03
CA ALA A 2435 -47.68 -28.05 -13.43
C ALA A 2435 -47.59 -28.02 -11.90
N ALA A 2436 -46.40 -27.71 -11.37
CA ALA A 2436 -46.24 -27.62 -9.93
C ALA A 2436 -47.13 -26.54 -9.36
N LEU A 2437 -47.15 -25.36 -10.00
CA LEU A 2437 -48.01 -24.29 -9.50
C LEU A 2437 -49.48 -24.71 -9.54
N ALA A 2438 -49.91 -25.30 -10.65
CA ALA A 2438 -51.31 -25.67 -10.79
C ALA A 2438 -51.69 -26.69 -9.73
N LYS A 2439 -50.83 -27.68 -9.49
CA LYS A 2439 -51.10 -28.62 -8.41
C LYS A 2439 -51.18 -27.90 -7.08
N GLU A 2440 -50.28 -26.94 -6.85
CA GLU A 2440 -50.24 -26.27 -5.56
C GLU A 2440 -51.54 -25.54 -5.29
N VAL A 2441 -52.01 -24.74 -6.24
CA VAL A 2441 -53.25 -23.99 -6.01
C VAL A 2441 -54.43 -24.95 -5.91
N GLY A 2442 -54.48 -25.96 -6.76
CA GLY A 2442 -55.53 -26.95 -6.72
C GLY A 2442 -56.10 -27.29 -8.08
N CYS A 2443 -55.59 -26.67 -9.13
CA CYS A 2443 -56.13 -26.91 -10.46
C CYS A 2443 -55.66 -28.26 -11.00
N PRO A 2444 -56.45 -28.88 -11.89
CA PRO A 2444 -56.03 -30.17 -12.47
C PRO A 2444 -55.06 -29.97 -13.61
N SER A 2445 -53.81 -30.34 -13.38
CA SER A 2445 -52.74 -30.12 -14.35
C SER A 2445 -52.63 -31.27 -15.35
N SER A 2446 -53.76 -31.63 -15.96
CA SER A 2446 -53.80 -32.73 -16.92
C SER A 2446 -53.54 -32.23 -18.34
N SER A 2447 -54.40 -31.35 -18.83
CA SER A 2447 -54.25 -30.73 -20.13
C SER A 2447 -54.14 -29.22 -19.94
N VAL A 2448 -53.34 -28.59 -20.79
CA VAL A 2448 -53.08 -27.17 -20.61
C VAL A 2448 -54.38 -26.38 -20.62
N GLN A 2449 -55.25 -26.66 -21.59
CA GLN A 2449 -56.48 -25.88 -21.72
C GLN A 2449 -57.37 -26.02 -20.49
N GLU A 2450 -57.17 -27.04 -19.68
CA GLU A 2450 -57.92 -27.17 -18.43
C GLU A 2450 -57.18 -26.54 -17.25
N MET A 2451 -55.87 -26.77 -17.17
CA MET A 2451 -55.09 -26.18 -16.08
C MET A 2451 -55.16 -24.67 -16.12
N VAL A 2452 -54.93 -24.07 -17.29
CA VAL A 2452 -54.94 -22.61 -17.37
C VAL A 2452 -56.35 -22.09 -17.20
N SER A 2453 -57.34 -22.77 -17.76
CA SER A 2453 -58.71 -22.31 -17.62
C SER A 2453 -59.21 -22.44 -16.19
N CYS A 2454 -58.54 -23.24 -15.36
CA CYS A 2454 -58.84 -23.25 -13.93
C CYS A 2454 -58.05 -22.19 -13.19
N LEU A 2455 -56.80 -21.94 -13.58
CA LEU A 2455 -56.02 -20.88 -12.97
C LEU A 2455 -56.69 -19.53 -13.19
N ARG A 2456 -57.22 -19.31 -14.38
CA ARG A 2456 -57.84 -18.03 -14.71
C ARG A 2456 -59.01 -17.66 -13.81
N GLN A 2457 -59.48 -18.59 -12.98
CA GLN A 2457 -60.53 -18.30 -12.01
C GLN A 2457 -59.98 -17.93 -10.65
N GLU A 2458 -58.78 -18.39 -10.31
CA GLU A 2458 -58.27 -18.18 -8.97
C GLU A 2458 -58.08 -16.68 -8.73
N PRO A 2459 -58.44 -16.18 -7.55
CA PRO A 2459 -58.12 -14.78 -7.24
C PRO A 2459 -56.62 -14.57 -7.18
N ALA A 2460 -56.19 -13.36 -7.51
CA ALA A 2460 -54.76 -13.11 -7.60
C ALA A 2460 -54.06 -13.35 -6.27
N ARG A 2461 -54.73 -13.14 -5.16
CA ARG A 2461 -54.09 -13.30 -3.86
C ARG A 2461 -53.63 -14.74 -3.66
N ILE A 2462 -54.53 -15.70 -3.86
CA ILE A 2462 -54.19 -17.11 -3.71
C ILE A 2462 -53.14 -17.49 -4.74
N LEU A 2463 -53.35 -17.09 -5.98
CA LEU A 2463 -52.47 -17.45 -7.08
C LEU A 2463 -51.09 -16.83 -6.95
N ASN A 2464 -50.94 -15.81 -6.11
CA ASN A 2464 -49.64 -15.18 -5.87
C ASN A 2464 -48.98 -15.68 -4.60
N ASP A 2465 -49.76 -15.99 -3.56
CA ASP A 2465 -49.22 -16.75 -2.45
C ASP A 2465 -48.64 -18.06 -2.94
N ALA A 2466 -49.27 -18.67 -3.93
CA ALA A 2466 -48.73 -19.91 -4.49
C ALA A 2466 -47.34 -19.70 -5.07
N GLN A 2467 -47.19 -18.71 -5.95
CA GLN A 2467 -45.88 -18.53 -6.59
C GLN A 2467 -44.83 -18.13 -5.56
N THR A 2468 -45.18 -17.30 -4.58
CA THR A 2468 -44.20 -17.00 -3.55
C THR A 2468 -43.84 -18.26 -2.77
N LYS A 2469 -44.76 -19.20 -2.63
CA LYS A 2469 -44.46 -20.45 -1.95
C LYS A 2469 -43.49 -21.30 -2.75
N LEU A 2470 -43.68 -21.34 -4.07
CA LEU A 2470 -42.83 -22.16 -4.92
C LEU A 2470 -41.50 -21.50 -5.25
N LEU A 2471 -41.36 -20.20 -5.04
CA LEU A 2471 -40.22 -19.47 -5.54
C LEU A 2471 -39.07 -19.43 -4.57
N ALA A 2472 -39.29 -19.68 -3.29
CA ALA A 2472 -38.23 -19.54 -2.29
C ALA A 2472 -37.10 -20.52 -2.59
N VAL A 2473 -35.86 -20.03 -2.51
CA VAL A 2473 -34.73 -20.92 -2.75
C VAL A 2473 -34.32 -21.58 -1.44
N SER A 2474 -35.15 -22.51 -0.99
CA SER A 2474 -34.75 -23.58 -0.09
C SER A 2474 -35.43 -24.89 -0.44
N GLY A 2475 -36.52 -24.86 -1.19
CA GLY A 2475 -37.15 -26.04 -1.73
C GLY A 2475 -37.10 -26.00 -3.24
N PRO A 2476 -38.19 -25.60 -3.89
CA PRO A 2476 -38.25 -25.74 -5.35
C PRO A 2476 -37.37 -24.75 -6.11
N PHE A 2477 -37.37 -23.48 -5.72
CA PHE A 2477 -36.70 -22.43 -6.49
C PHE A 2477 -37.18 -22.43 -7.93
N HIS A 2478 -38.49 -22.21 -8.09
CA HIS A 2478 -39.11 -22.13 -9.40
C HIS A 2478 -39.11 -20.67 -9.83
N TYR A 2479 -38.20 -20.30 -10.72
CA TYR A 2479 -38.11 -18.93 -11.22
C TYR A 2479 -38.77 -18.87 -12.58
N TRP A 2480 -39.56 -17.83 -12.79
CA TRP A 2480 -40.37 -17.66 -13.99
C TRP A 2480 -39.74 -16.59 -14.87
N GLY A 2481 -39.53 -16.92 -16.13
CA GLY A 2481 -38.77 -16.06 -17.00
C GLY A 2481 -39.15 -16.21 -18.45
N PRO A 2482 -38.46 -15.49 -19.32
CA PRO A 2482 -38.82 -15.52 -20.74
C PRO A 2482 -38.54 -16.86 -21.40
N VAL A 2483 -39.58 -17.64 -21.65
CA VAL A 2483 -39.43 -18.85 -22.43
C VAL A 2483 -39.12 -18.49 -23.88
N VAL A 2484 -38.61 -19.46 -24.63
CA VAL A 2484 -38.51 -19.33 -26.08
C VAL A 2484 -39.74 -19.95 -26.71
N ASP A 2485 -40.35 -19.24 -27.65
CA ASP A 2485 -41.62 -19.68 -28.22
C ASP A 2485 -41.69 -19.51 -29.73
N GLY A 2486 -40.60 -19.13 -30.39
CA GLY A 2486 -40.63 -19.00 -31.84
C GLY A 2486 -41.31 -17.77 -32.38
N GLN A 2487 -42.52 -17.47 -31.91
CA GLN A 2487 -43.28 -16.37 -32.49
C GLN A 2487 -42.64 -15.02 -32.17
N TYR A 2488 -42.20 -14.80 -30.93
CA TYR A 2488 -41.57 -13.54 -30.54
C TYR A 2488 -40.08 -13.71 -30.28
N LEU A 2489 -39.70 -14.62 -29.40
CA LEU A 2489 -38.32 -15.00 -29.18
C LEU A 2489 -38.15 -16.43 -29.66
N ARG A 2490 -37.24 -16.64 -30.60
CA ARG A 2490 -37.16 -17.91 -31.32
C ARG A 2490 -35.90 -18.71 -31.03
N GLU A 2491 -34.82 -18.07 -30.62
CA GLU A 2491 -33.57 -18.75 -30.32
C GLU A 2491 -33.05 -18.28 -28.97
N THR A 2492 -32.29 -19.13 -28.30
CA THR A 2492 -31.74 -18.76 -27.01
C THR A 2492 -30.85 -17.53 -27.17
N PRO A 2493 -30.87 -16.59 -26.21
CA PRO A 2493 -30.08 -15.37 -26.40
C PRO A 2493 -28.61 -15.65 -26.64
N ALA A 2494 -28.02 -16.60 -25.92
CA ALA A 2494 -26.63 -16.93 -26.14
C ALA A 2494 -26.38 -17.34 -27.59
N ARG A 2495 -27.36 -18.01 -28.20
CA ARG A 2495 -27.25 -18.38 -29.60
C ARG A 2495 -27.48 -17.20 -30.54
N VAL A 2496 -28.37 -16.29 -30.17
CA VAL A 2496 -28.67 -15.16 -31.05
C VAL A 2496 -27.48 -14.22 -31.13
N LEU A 2497 -26.78 -14.02 -30.02
CA LEU A 2497 -25.65 -13.09 -30.04
C LEU A 2497 -24.51 -13.59 -30.90
N GLN A 2498 -24.49 -14.87 -31.26
CA GLN A 2498 -23.43 -15.37 -32.13
C GLN A 2498 -23.53 -14.75 -33.52
N ARG A 2499 -24.75 -14.58 -34.03
CA ARG A 2499 -24.93 -14.04 -35.36
C ARG A 2499 -24.33 -12.64 -35.46
N ALA A 2500 -24.23 -12.14 -36.68
CA ALA A 2500 -23.58 -10.87 -36.93
C ALA A 2500 -24.50 -9.71 -36.58
N PRO A 2501 -23.94 -8.55 -36.25
CA PRO A 2501 -24.80 -7.38 -35.96
C PRO A 2501 -25.62 -6.99 -37.17
N ARG A 2502 -26.80 -6.43 -36.88
CA ARG A 2502 -27.62 -5.79 -37.89
C ARG A 2502 -27.88 -4.32 -37.59
N VAL A 2503 -27.90 -3.94 -36.33
CA VAL A 2503 -28.16 -2.56 -35.91
C VAL A 2503 -27.27 -2.26 -34.71
N LYS A 2504 -26.69 -1.06 -34.69
CA LYS A 2504 -25.76 -0.68 -33.64
C LYS A 2504 -26.55 -0.07 -32.48
N VAL A 2505 -26.62 -0.81 -31.37
CA VAL A 2505 -27.38 -0.42 -30.18
C VAL A 2505 -26.38 -0.19 -29.07
N ASP A 2506 -26.14 1.08 -28.73
CA ASP A 2506 -25.24 1.39 -27.64
C ASP A 2506 -25.67 0.64 -26.39
N LEU A 2507 -24.77 0.56 -25.41
CA LEU A 2507 -25.07 -0.22 -24.21
C LEU A 2507 -24.31 0.37 -23.04
N LEU A 2508 -25.03 0.74 -22.00
CA LEU A 2508 -24.44 1.13 -20.72
C LEU A 2508 -24.90 0.07 -19.74
N ILE A 2509 -24.02 -0.86 -19.45
CA ILE A 2509 -24.34 -2.02 -18.63
C ILE A 2509 -23.58 -1.89 -17.34
N GLY A 2510 -23.97 -2.67 -16.35
CA GLY A 2510 -23.26 -2.62 -15.09
C GLY A 2510 -24.01 -3.36 -14.02
N SER A 2511 -23.43 -3.32 -12.83
CA SER A 2511 -23.98 -4.07 -11.71
C SER A 2511 -23.57 -3.38 -10.42
N SER A 2512 -24.11 -3.88 -9.32
CA SER A 2512 -23.74 -3.40 -8.00
C SER A 2512 -23.39 -4.59 -7.13
N GLN A 2513 -22.63 -4.33 -6.08
CA GLN A 2513 -22.22 -5.37 -5.16
C GLN A 2513 -23.27 -5.65 -4.09
N ASP A 2514 -24.16 -4.70 -3.81
CA ASP A 2514 -25.29 -4.99 -2.95
C ASP A 2514 -26.21 -6.03 -3.55
N ASP A 2515 -26.10 -6.26 -4.86
CA ASP A 2515 -26.96 -7.19 -5.54
C ASP A 2515 -26.68 -8.61 -5.07
N GLY A 2516 -27.51 -9.53 -5.53
CA GLY A 2516 -27.33 -10.92 -5.17
C GLY A 2516 -28.63 -11.68 -5.24
N LEU A 2517 -28.57 -12.93 -5.70
CA LEU A 2517 -29.79 -13.69 -5.90
C LEU A 2517 -30.58 -13.86 -4.61
N ILE A 2518 -29.93 -13.73 -3.45
CA ILE A 2518 -30.65 -13.79 -2.19
C ILE A 2518 -31.22 -12.43 -1.82
N ASN A 2519 -30.59 -11.35 -2.28
CA ASN A 2519 -31.11 -10.01 -1.98
C ASN A 2519 -32.38 -9.73 -2.76
N ARG A 2520 -32.47 -10.18 -4.01
CA ARG A 2520 -33.66 -9.93 -4.80
C ARG A 2520 -34.87 -10.67 -4.24
N ALA A 2521 -34.65 -11.85 -3.67
CA ALA A 2521 -35.73 -12.65 -3.09
C ALA A 2521 -35.99 -12.30 -1.64
N LYS A 2522 -35.65 -11.08 -1.23
CA LYS A 2522 -35.88 -10.68 0.16
C LYS A 2522 -37.34 -10.79 0.54
N ALA A 2523 -38.23 -10.27 -0.31
CA ALA A 2523 -39.65 -10.32 0.00
C ALA A 2523 -40.13 -11.75 0.12
N VAL A 2524 -39.59 -12.64 -0.71
CA VAL A 2524 -40.01 -14.04 -0.66
C VAL A 2524 -39.57 -14.67 0.65
N LYS A 2525 -38.37 -14.36 1.11
CA LYS A 2525 -37.91 -14.89 2.39
C LYS A 2525 -38.77 -14.38 3.53
N GLN A 2526 -39.11 -13.09 3.50
CA GLN A 2526 -39.96 -12.55 4.57
C GLN A 2526 -41.32 -13.21 4.55
N PHE A 2527 -41.88 -13.42 3.37
CA PHE A 2527 -43.17 -14.12 3.28
C PHE A 2527 -43.05 -15.53 3.81
N GLU A 2528 -41.96 -16.22 3.48
CA GLU A 2528 -41.76 -17.58 4.00
C GLU A 2528 -41.71 -17.58 5.52
N GLU A 2529 -40.98 -16.63 6.11
CA GLU A 2529 -40.96 -16.51 7.55
C GLU A 2529 -42.36 -16.29 8.09
N SER A 2530 -43.16 -15.47 7.40
CA SER A 2530 -44.53 -15.27 7.82
C SER A 2530 -45.32 -16.57 7.80
N GLN A 2531 -45.10 -17.41 6.78
CA GLN A 2531 -45.73 -18.71 6.73
C GLN A 2531 -45.17 -19.68 7.76
N GLY A 2532 -44.07 -19.32 8.42
CA GLY A 2532 -43.57 -20.09 9.54
C GLY A 2532 -42.38 -20.97 9.21
N ARG A 2533 -42.43 -21.65 8.07
CA ARG A 2533 -41.32 -22.53 7.72
C ARG A 2533 -40.08 -21.71 7.38
N THR A 2534 -38.94 -22.14 7.91
CA THR A 2534 -37.71 -21.36 7.83
C THR A 2534 -36.56 -22.29 7.47
N SER A 2535 -35.34 -21.76 7.59
CA SER A 2535 -34.16 -22.52 7.22
C SER A 2535 -34.03 -23.77 8.08
N SER A 2536 -33.49 -24.84 7.48
CA SER A 2536 -33.32 -26.11 8.16
C SER A 2536 -32.10 -26.80 7.57
N LYS A 2537 -31.77 -27.97 8.15
CA LYS A 2537 -30.63 -28.74 7.65
C LYS A 2537 -30.80 -29.11 6.19
N THR A 2538 -32.04 -29.40 5.78
CA THR A 2538 -32.31 -29.74 4.39
C THR A 2538 -32.04 -28.55 3.48
N ALA A 2539 -32.38 -27.35 3.93
CA ALA A 2539 -32.28 -26.17 3.08
C ALA A 2539 -30.84 -25.95 2.63
N PHE A 2540 -29.89 -26.12 3.54
CA PHE A 2540 -28.50 -25.76 3.26
C PHE A 2540 -27.96 -26.48 2.04
N DHA A 2541 -28.17 -27.78 1.98
CA DHA A 2541 -27.72 -28.58 0.84
CB DHA A 2541 -26.61 -29.27 0.87
C DHA A 2541 -28.74 -28.46 -0.34
O DHA A 2541 -28.36 -28.85 -1.47
H DHA A 2541 -28.64 -28.37 2.66
HB1 DHA A 2541 -25.93 -29.35 1.71
HB2 DHA A 2541 -26.30 -29.86 0.00
N GLN A 2542 -29.93 -27.94 -0.09
CA GLN A 2542 -30.91 -27.76 -1.14
C GLN A 2542 -30.67 -26.42 -1.83
N ALA A 2543 -30.53 -25.36 -1.04
CA ALA A 2543 -30.34 -24.04 -1.63
C ALA A 2543 -29.14 -24.03 -2.56
N LEU A 2544 -27.98 -24.48 -2.06
CA LEU A 2544 -26.79 -24.56 -2.90
C LEU A 2544 -27.08 -25.33 -4.17
N GLN A 2545 -27.82 -26.42 -4.07
CA GLN A 2545 -28.14 -27.20 -5.26
C GLN A 2545 -29.03 -26.43 -6.21
N ASN A 2546 -30.04 -25.74 -5.69
CA ASN A 2546 -30.92 -24.96 -6.56
C ASN A 2546 -30.15 -23.82 -7.20
N SER A 2547 -29.37 -23.11 -6.41
CA SER A 2547 -28.76 -21.88 -6.89
C SER A 2547 -27.68 -22.15 -7.93
N LEU A 2548 -26.80 -23.10 -7.66
CA LEU A 2548 -25.62 -23.32 -8.51
C LEU A 2548 -25.79 -24.50 -9.46
N GLY A 2549 -26.69 -25.42 -9.15
CA GLY A 2549 -26.94 -26.56 -10.01
C GLY A 2549 -28.33 -26.53 -10.62
N GLY A 2550 -29.25 -27.29 -10.03
CA GLY A 2550 -30.62 -27.33 -10.50
C GLY A 2550 -30.88 -28.51 -11.42
N ASP A 2554 -26.00 -29.95 -12.16
CA ASP A 2554 -24.83 -30.78 -12.44
C ASP A 2554 -24.15 -31.19 -11.13
N ALA A 2555 -23.26 -32.17 -11.22
CA ALA A 2555 -22.57 -32.71 -10.06
C ALA A 2555 -21.12 -32.28 -9.95
N GLY A 2556 -20.46 -32.00 -11.07
CA GLY A 2556 -19.09 -31.55 -11.04
C GLY A 2556 -18.99 -30.05 -10.87
N VAL A 2557 -19.88 -29.32 -11.54
CA VAL A 2557 -19.92 -27.88 -11.39
C VAL A 2557 -20.15 -27.51 -9.94
N GLN A 2558 -21.01 -28.26 -9.25
CA GLN A 2558 -21.25 -27.97 -7.85
C GLN A 2558 -20.01 -28.19 -7.01
N ALA A 2559 -19.25 -29.25 -7.31
CA ALA A 2559 -18.02 -29.47 -6.56
C ALA A 2559 -17.03 -28.34 -6.80
N ALA A 2560 -16.89 -27.91 -8.05
CA ALA A 2560 -15.96 -26.82 -8.35
C ALA A 2560 -16.37 -25.55 -7.63
N ALA A 2561 -17.65 -25.19 -7.69
CA ALA A 2561 -18.10 -23.98 -7.03
C ALA A 2561 -17.98 -24.09 -5.52
N THR A 2562 -18.31 -25.25 -4.96
CA THR A 2562 -18.22 -25.45 -3.52
C THR A 2562 -16.79 -25.26 -3.04
N TRP A 2563 -15.82 -25.81 -3.77
CA TRP A 2563 -14.44 -25.55 -3.40
C TRP A 2563 -14.10 -24.07 -3.56
N TYR A 2564 -14.37 -23.52 -4.74
CA TYR A 2564 -13.86 -22.19 -5.06
C TYR A 2564 -14.37 -21.15 -4.09
N TYR A 2565 -15.66 -21.17 -3.80
CA TYR A 2565 -16.25 -20.24 -2.85
C TYR A 2565 -16.30 -20.80 -1.45
N SER A 2566 -15.77 -22.00 -1.23
CA SER A 2566 -15.72 -22.60 0.10
C SER A 2566 -17.12 -22.69 0.71
N LEU A 2567 -18.10 -23.02 -0.11
CA LEU A 2567 -19.46 -23.18 0.39
C LEU A 2567 -19.56 -24.45 1.21
N GLU A 2568 -19.42 -24.34 2.52
CA GLU A 2568 -19.51 -25.50 3.40
C GLU A 2568 -20.99 -25.73 3.71
N HIS A 2569 -21.66 -26.40 2.78
CA HIS A 2569 -23.10 -26.67 2.94
C HIS A 2569 -23.39 -27.49 4.20
N ASP A 2570 -22.45 -28.31 4.64
CA ASP A 2570 -22.66 -29.06 5.87
C ASP A 2570 -22.74 -28.12 7.07
N SER A 2571 -21.90 -27.09 7.08
CA SER A 2571 -21.92 -26.13 8.18
C SER A 2571 -23.30 -25.51 8.32
N ASP A 2572 -23.88 -25.63 9.51
CA ASP A 2572 -25.28 -25.27 9.75
C ASP A 2572 -25.41 -23.86 10.32
N ASP A 2573 -24.90 -22.87 9.61
CA ASP A 2573 -25.04 -21.46 10.00
C ASP A 2573 -25.34 -20.58 8.80
C1 T44 A 2574 -29.13 -18.77 6.23
C2 T44 A 2574 -29.24 -19.82 5.33
C3 T44 A 2574 -29.83 -19.62 4.09
C4 T44 A 2574 -30.33 -18.38 3.73
C5 T44 A 2574 -30.23 -17.33 4.65
C6 T44 A 2574 -29.64 -17.53 5.88
C7 T44 A 2574 -28.49 -19.00 7.59
CA T44 A 2574 -26.99 -19.29 7.53
C T44 A 2574 -26.17 -17.99 7.56
C1' T44 A 2574 -32.26 -18.32 2.31
C2' T44 A 2574 -32.94 -19.20 3.12
C3' T44 A 2574 -34.29 -19.41 2.90
C4' T44 A 2574 -34.97 -18.75 1.87
C5' T44 A 2574 -34.25 -17.86 1.06
C6' T44 A 2574 -32.89 -17.65 1.28
N T44 A 2574 -26.59 -20.15 8.67
O4 T44 A 2574 -30.88 -18.15 2.47
O4' T44 A 2574 -36.29 -18.97 1.64
O T44 A 2574 -25.99 -17.39 6.47
I3 T44 A 2574 -30.00 -21.23 2.76
I3' T44 A 2574 -35.35 -20.73 4.15
I5 T44 A 2574 -31.00 -15.44 4.19
I5' T44 A 2574 -35.22 -16.84 -0.48
N ALA A 2575 -25.66 -17.57 8.72
CA ALA A 2575 -24.91 -16.33 8.84
C ALA A 2575 -23.69 -16.31 7.92
N SER A 2576 -23.02 -17.45 7.77
CA SER A 2576 -21.81 -17.54 6.97
C SER A 2576 -22.01 -18.32 5.68
N PHE A 2577 -22.71 -19.46 5.73
CA PHE A 2577 -22.99 -20.18 4.51
C PHE A 2577 -23.72 -19.30 3.52
N SER A 2578 -24.75 -18.60 3.98
CA SER A 2578 -25.50 -17.72 3.09
C SER A 2578 -24.65 -16.55 2.63
N ARG A 2579 -23.80 -16.02 3.51
CA ARG A 2579 -22.98 -14.89 3.12
C ARG A 2579 -21.96 -15.28 2.06
N ALA A 2580 -21.51 -16.53 2.07
CA ALA A 2580 -20.61 -17.04 1.04
C ALA A 2580 -21.34 -17.61 -0.16
N LEU A 2581 -22.65 -17.83 -0.05
CA LEU A 2581 -23.44 -18.29 -1.18
C LEU A 2581 -24.03 -17.14 -1.97
N GLU A 2582 -24.36 -16.03 -1.33
CA GLU A 2582 -24.79 -14.86 -2.11
C GLU A 2582 -23.68 -14.42 -3.04
N GLN A 2583 -22.43 -14.52 -2.60
CA GLN A 2583 -21.32 -14.16 -3.47
C GLN A 2583 -21.25 -15.09 -4.68
N ALA A 2584 -21.42 -16.39 -4.47
CA ALA A 2584 -21.38 -17.31 -5.59
C ALA A 2584 -22.52 -17.06 -6.56
N THR A 2585 -23.72 -16.82 -6.04
CA THR A 2585 -24.86 -16.57 -6.93
C THR A 2585 -24.74 -15.23 -7.63
N ARG A 2586 -24.20 -14.23 -6.95
CA ARG A 2586 -23.95 -12.96 -7.59
C ARG A 2586 -22.95 -13.10 -8.72
N ASP A 2587 -21.87 -13.86 -8.48
CA ASP A 2587 -20.89 -14.05 -9.55
C ASP A 2587 -21.50 -14.82 -10.71
N TYR A 2588 -22.31 -15.83 -10.42
CA TYR A 2588 -22.81 -16.70 -11.48
C TYR A 2588 -23.86 -15.99 -12.30
N PHE A 2589 -24.81 -15.33 -11.65
CA PHE A 2589 -26.01 -14.80 -12.29
C PHE A 2589 -25.92 -13.33 -12.62
N ILE A 2590 -25.38 -12.52 -11.73
CA ILE A 2590 -25.62 -11.09 -11.73
C ILE A 2590 -24.45 -10.32 -12.32
N ILE A 2591 -23.22 -10.72 -12.03
CA ILE A 2591 -22.07 -9.86 -12.30
C ILE A 2591 -21.13 -10.41 -13.36
N CYS A 2592 -21.11 -11.70 -13.60
CA CYS A 2592 -20.31 -12.20 -14.71
C CYS A 2592 -21.08 -12.12 -16.02
N PRO A 2593 -22.37 -12.48 -16.05
CA PRO A 2593 -23.13 -12.28 -17.29
C PRO A 2593 -23.17 -10.84 -17.74
N VAL A 2594 -23.15 -9.86 -16.83
CA VAL A 2594 -23.05 -8.46 -17.23
C VAL A 2594 -21.64 -8.07 -17.60
N ILE A 2595 -20.69 -8.98 -17.52
CA ILE A 2595 -19.37 -8.77 -18.12
C ILE A 2595 -19.22 -9.59 -19.39
N ASP A 2596 -19.82 -10.78 -19.42
CA ASP A 2596 -19.86 -11.55 -20.66
C ASP A 2596 -20.59 -10.80 -21.74
N MET A 2597 -21.73 -10.17 -21.40
CA MET A 2597 -22.47 -9.41 -22.40
C MET A 2597 -21.72 -8.16 -22.81
N ALA A 2598 -21.07 -7.48 -21.88
CA ALA A 2598 -20.30 -6.31 -22.27
C ALA A 2598 -19.17 -6.70 -23.22
N SER A 2599 -18.45 -7.79 -22.91
CA SER A 2599 -17.37 -8.23 -23.77
C SER A 2599 -17.90 -8.67 -25.13
N HIS A 2600 -19.01 -9.41 -25.16
CA HIS A 2600 -19.53 -9.86 -26.44
C HIS A 2600 -20.14 -8.73 -27.23
N TRP A 2601 -20.57 -7.67 -26.58
CA TRP A 2601 -21.10 -6.51 -27.28
C TRP A 2601 -19.97 -5.68 -27.87
N ALA A 2602 -18.85 -5.57 -27.16
CA ALA A 2602 -17.71 -4.83 -27.70
C ALA A 2602 -16.98 -5.62 -28.78
N ARG A 2603 -16.76 -6.91 -28.57
CA ARG A 2603 -15.97 -7.71 -29.50
C ARG A 2603 -16.62 -7.77 -30.87
N THR A 2604 -17.76 -8.44 -30.97
CA THR A 2604 -18.50 -8.51 -32.22
C THR A 2604 -19.28 -7.21 -32.32
N VAL A 2605 -18.58 -6.16 -32.74
CA VAL A 2605 -18.98 -4.78 -32.45
C VAL A 2605 -20.46 -4.57 -32.77
N ARG A 2606 -21.23 -4.24 -31.73
CA ARG A 2606 -22.63 -3.88 -31.88
C ARG A 2606 -22.89 -2.44 -31.49
N GLY A 2607 -21.86 -1.67 -31.20
CA GLY A 2607 -22.00 -0.34 -30.66
C GLY A 2607 -21.21 -0.17 -29.39
N ASN A 2608 -21.16 1.07 -28.93
CA ASN A 2608 -20.36 1.41 -27.76
C ASN A 2608 -20.74 0.51 -26.60
N VAL A 2609 -19.85 0.35 -25.63
CA VAL A 2609 -20.17 -0.33 -24.39
C VAL A 2609 -19.53 0.45 -23.26
N PHE A 2610 -20.30 0.71 -22.21
CA PHE A 2610 -19.79 1.36 -21.02
C PHE A 2610 -20.24 0.56 -19.82
N MET A 2611 -19.29 0.00 -19.09
CA MET A 2611 -19.60 -0.83 -17.95
C MET A 2611 -19.41 -0.02 -16.68
N TYR A 2612 -20.26 -0.24 -15.70
CA TYR A 2612 -20.09 0.36 -14.39
C TYR A 2612 -20.29 -0.67 -13.30
N HIS A 2613 -19.60 -0.45 -12.19
CA HIS A 2613 -19.74 -1.27 -11.00
C HIS A 2613 -20.00 -0.35 -9.84
N ALA A 2614 -21.02 -0.65 -9.06
CA ALA A 2614 -21.39 0.19 -7.92
C ALA A 2614 -20.99 -0.53 -6.64
N PRO A 2615 -19.96 -0.08 -5.93
CA PRO A 2615 -19.45 -0.89 -4.82
C PRO A 2615 -20.49 -1.05 -3.72
N GLU A 2616 -20.23 -2.01 -2.84
CA GLU A 2616 -21.14 -2.28 -1.75
C GLU A 2616 -21.33 -1.04 -0.89
N SER A 2617 -22.58 -0.70 -0.61
CA SER A 2617 -22.92 0.43 0.24
C SER A 2617 -23.81 -0.09 1.36
N TYR A 2618 -23.39 0.16 2.59
CA TYR A 2618 -24.04 -0.40 3.77
C TYR A 2618 -25.15 0.50 4.30
N SER A 2619 -25.37 1.65 3.69
CA SER A 2619 -26.24 2.65 4.29
C SER A 2619 -27.72 2.36 4.03
N HIS A 2620 -28.13 2.35 2.76
CA HIS A 2620 -29.52 2.55 2.41
C HIS A 2620 -30.21 1.22 2.12
N SER A 2621 -30.50 0.50 3.19
CA SER A 2621 -31.58 -0.46 3.16
C SER A 2621 -32.90 0.26 3.38
N SER A 2622 -33.99 -0.46 3.28
CA SER A 2622 -35.35 0.05 3.38
C SER A 2622 -35.77 0.77 2.10
N LEU A 2623 -34.88 0.97 1.15
CA LEU A 2623 -35.24 1.32 -0.22
C LEU A 2623 -34.92 0.11 -1.08
N GLU A 2624 -35.92 -0.42 -1.77
CA GLU A 2624 -35.68 -1.59 -2.60
C GLU A 2624 -35.05 -1.15 -3.91
N LEU A 2625 -33.95 -0.40 -3.82
CA LEU A 2625 -33.26 0.18 -4.95
C LEU A 2625 -31.79 0.23 -4.59
N LEU A 2626 -30.93 -0.24 -5.48
CA LEU A 2626 -29.52 -0.28 -5.14
C LEU A 2626 -28.82 0.97 -5.63
N THR A 2627 -27.58 1.15 -5.20
CA THR A 2627 -26.93 2.45 -5.25
C THR A 2627 -26.67 2.96 -6.66
N ASP A 2628 -27.04 2.22 -7.70
CA ASP A 2628 -26.91 2.71 -9.05
C ASP A 2628 -28.24 3.11 -9.67
N VAL A 2629 -29.36 2.65 -9.10
CA VAL A 2629 -30.67 3.11 -9.51
C VAL A 2629 -31.17 4.22 -8.61
N LEU A 2630 -30.63 4.35 -7.40
CA LEU A 2630 -30.96 5.49 -6.57
C LEU A 2630 -29.91 6.59 -6.64
N TYR A 2631 -29.00 6.49 -7.60
CA TYR A 2631 -28.16 7.61 -8.00
C TYR A 2631 -28.43 8.05 -9.42
N ALA A 2632 -28.79 7.11 -10.30
CA ALA A 2632 -29.09 7.46 -11.67
C ALA A 2632 -30.42 8.16 -11.82
N PHE A 2633 -31.30 8.06 -10.83
CA PHE A 2633 -32.64 8.63 -10.92
C PHE A 2633 -32.88 9.72 -9.90
N GLY A 2634 -31.84 10.19 -9.23
CA GLY A 2634 -31.97 11.31 -8.32
C GLY A 2634 -32.82 11.02 -7.10
N LEU A 2635 -32.68 9.84 -6.52
CA LEU A 2635 -33.35 9.58 -5.25
C LEU A 2635 -32.92 10.54 -4.16
N PRO A 2636 -31.66 10.94 -4.05
CA PRO A 2636 -31.29 11.90 -3.01
C PRO A 2636 -32.09 13.19 -3.06
N PHE A 2637 -32.48 13.64 -4.24
CA PHE A 2637 -33.14 14.92 -4.37
C PHE A 2637 -34.64 14.86 -4.11
N TYR A 2638 -35.20 13.69 -3.84
CA TYR A 2638 -36.64 13.60 -3.67
C TYR A 2638 -37.06 14.40 -2.44
N PRO A 2639 -38.22 15.04 -2.47
CA PRO A 2639 -38.69 15.71 -1.25
C PRO A 2639 -38.86 14.75 -0.09
N ALA A 2640 -39.30 13.52 -0.37
CA ALA A 2640 -39.53 12.57 0.71
C ALA A 2640 -38.24 12.24 1.44
N TYR A 2641 -37.17 12.04 0.69
CA TYR A 2641 -35.87 11.68 1.27
C TYR A 2641 -35.01 12.92 1.47
N GLU A 2642 -35.54 13.87 2.23
CA GLU A 2642 -34.81 15.07 2.60
C GLU A 2642 -34.20 14.84 3.97
N GLY A 2643 -32.88 14.98 4.05
CA GLY A 2643 -32.18 14.74 5.29
C GLY A 2643 -31.70 13.32 5.48
N GLN A 2644 -32.01 12.41 4.57
CA GLN A 2644 -31.50 11.05 4.66
C GLN A 2644 -30.23 10.83 3.88
N PHE A 2645 -29.91 11.72 2.93
CA PHE A 2645 -28.75 11.59 2.07
C PHE A 2645 -27.79 12.74 2.32
N THR A 2646 -26.52 12.41 2.51
CA THR A 2646 -25.52 13.44 2.72
C THR A 2646 -25.31 14.23 1.44
N LEU A 2647 -24.80 15.46 1.59
CA LEU A 2647 -24.52 16.26 0.42
C LEU A 2647 -23.51 15.58 -0.49
N GLU A 2648 -22.64 14.74 0.06
CA GLU A 2648 -21.76 13.94 -0.80
C GLU A 2648 -22.58 13.03 -1.68
N GLU A 2649 -23.59 12.37 -1.11
CA GLU A 2649 -24.45 11.50 -1.90
C GLU A 2649 -25.23 12.29 -2.94
N LYS A 2650 -25.72 13.48 -2.58
CA LYS A 2650 -26.46 14.26 -3.56
C LYS A 2650 -25.57 14.71 -4.70
N SER A 2651 -24.34 15.12 -4.41
CA SER A 2651 -23.45 15.52 -5.48
C SER A 2651 -23.07 14.35 -6.36
N LEU A 2652 -22.77 13.19 -5.76
CA LEU A 2652 -22.47 12.01 -6.54
C LEU A 2652 -23.66 11.62 -7.41
N SER A 2653 -24.87 11.70 -6.86
CA SER A 2653 -26.04 11.38 -7.64
C SER A 2653 -26.22 12.34 -8.80
N LEU A 2654 -25.88 13.61 -8.59
CA LEU A 2654 -25.99 14.55 -9.70
C LEU A 2654 -24.99 14.22 -10.80
N LYS A 2655 -23.76 13.86 -10.42
CA LYS A 2655 -22.79 13.46 -11.44
C LYS A 2655 -23.25 12.22 -12.19
N ILE A 2656 -23.82 11.26 -11.48
CA ILE A 2656 -24.26 10.03 -12.15
C ILE A 2656 -25.49 10.28 -13.00
N MET A 2657 -26.39 11.17 -12.56
CA MET A 2657 -27.51 11.55 -13.41
C MET A 2657 -27.03 12.21 -14.68
N GLN A 2658 -25.98 13.02 -14.59
CA GLN A 2658 -25.40 13.60 -15.79
C GLN A 2658 -24.81 12.52 -16.70
N TYR A 2659 -24.13 11.54 -16.13
CA TYR A 2659 -23.60 10.45 -16.95
C TYR A 2659 -24.72 9.73 -17.69
N PHE A 2660 -25.79 9.38 -16.98
CA PHE A 2660 -26.84 8.61 -17.61
C PHE A 2660 -27.65 9.45 -18.57
N SER A 2661 -27.81 10.75 -18.32
CA SER A 2661 -28.48 11.61 -19.28
C SER A 2661 -27.64 11.80 -20.52
N ASN A 2662 -26.33 11.92 -20.36
CA ASN A 2662 -25.46 12.00 -21.53
C ASN A 2662 -25.57 10.74 -22.35
N PHE A 2663 -25.61 9.58 -21.70
CA PHE A 2663 -25.77 8.35 -22.47
C PHE A 2663 -27.09 8.32 -23.19
N ILE A 2664 -28.17 8.69 -22.51
CA ILE A 2664 -29.49 8.64 -23.13
C ILE A 2664 -29.57 9.60 -24.30
N ARG A 2665 -28.84 10.70 -24.24
CA ARG A 2665 -28.92 11.72 -25.28
C ARG A 2665 -28.02 11.39 -26.46
N SER A 2666 -26.73 11.23 -26.20
CA SER A 2666 -25.74 11.08 -27.26
C SER A 2666 -25.30 9.65 -27.49
N GLY A 2667 -25.40 8.78 -26.50
CA GLY A 2667 -24.89 7.44 -26.61
C GLY A 2667 -23.49 7.26 -26.10
N ASN A 2668 -22.96 8.22 -25.38
CA ASN A 2668 -21.59 8.17 -24.86
C ASN A 2668 -21.58 9.05 -23.63
N PRO A 2669 -21.57 8.47 -22.42
CA PRO A 2669 -21.82 9.28 -21.22
C PRO A 2669 -20.95 10.51 -21.08
N ASN A 2670 -19.79 10.51 -21.72
CA ASN A 2670 -18.91 11.66 -21.60
C ASN A 2670 -19.48 12.88 -22.31
N TYR A 2671 -20.20 12.69 -23.41
CA TYR A 2671 -20.56 13.77 -24.32
C TYR A 2671 -22.07 13.96 -24.39
N PRO A 2672 -22.61 15.13 -24.00
CA PRO A 2672 -24.07 15.27 -23.94
C PRO A 2672 -24.73 15.47 -25.28
N HIS A 2673 -23.99 15.82 -26.32
CA HIS A 2673 -24.53 15.99 -27.67
C HIS A 2673 -23.78 15.08 -28.61
N GLU A 2674 -24.51 14.39 -29.48
CA GLU A 2674 -23.86 13.47 -30.40
C GLU A 2674 -23.15 14.18 -31.53
N PHE A 2675 -23.15 15.51 -31.56
CA PHE A 2675 -22.45 16.28 -32.57
C PHE A 2675 -21.55 17.32 -31.93
N SER A 2676 -20.96 17.00 -30.78
CA SER A 2676 -20.01 17.89 -30.12
C SER A 2676 -19.23 17.08 -29.11
N ARG A 2677 -17.93 16.94 -29.33
CA ARG A 2677 -17.08 16.09 -28.50
C ARG A 2677 -16.31 16.91 -27.46
N ARG A 2678 -16.94 17.94 -26.91
CA ARG A 2678 -16.35 18.63 -25.78
C ARG A 2678 -16.20 17.67 -24.61
N ALA A 2679 -15.03 17.69 -23.98
CA ALA A 2679 -14.77 16.76 -22.89
C ALA A 2679 -15.62 17.11 -21.68
N PRO A 2680 -16.03 16.10 -20.90
CA PRO A 2680 -16.87 16.39 -19.73
C PRO A 2680 -16.08 17.03 -18.61
N GLU A 2681 -16.72 17.96 -17.92
CA GLU A 2681 -16.12 18.64 -16.77
C GLU A 2681 -16.69 18.20 -15.45
N PHE A 2682 -17.92 17.70 -15.41
CA PHE A 2682 -18.56 17.37 -14.14
C PHE A 2682 -17.81 16.28 -13.40
N ALA A 2683 -17.32 15.27 -14.11
CA ALA A 2683 -16.63 14.15 -13.49
C ALA A 2683 -15.59 13.61 -14.46
N ALA A 2684 -14.83 12.63 -13.99
CA ALA A 2684 -13.77 12.07 -14.82
C ALA A 2684 -14.38 11.36 -16.04
N PRO A 2685 -13.68 11.36 -17.17
CA PRO A 2685 -14.22 10.69 -18.36
C PRO A 2685 -14.52 9.24 -18.09
N TRP A 2686 -15.61 8.76 -18.69
CA TRP A 2686 -16.00 7.38 -18.58
C TRP A 2686 -15.40 6.63 -19.76
N PRO A 2687 -14.44 5.74 -19.56
CA PRO A 2687 -13.78 5.10 -20.70
C PRO A 2687 -14.63 4.01 -21.32
N ASP A 2688 -14.57 3.93 -22.65
CA ASP A 2688 -15.25 2.87 -23.36
C ASP A 2688 -14.69 1.52 -22.97
N PHE A 2689 -15.55 0.53 -22.88
CA PHE A 2689 -15.15 -0.80 -22.40
C PHE A 2689 -14.64 -1.59 -23.58
N VAL A 2690 -13.32 -1.76 -23.65
CA VAL A 2690 -12.67 -2.59 -24.66
C VAL A 2690 -12.27 -3.91 -24.02
N PRO A 2691 -12.62 -5.06 -24.61
CA PRO A 2691 -12.44 -6.33 -23.91
C PRO A 2691 -11.02 -6.86 -23.86
N ARG A 2692 -10.02 -6.11 -24.30
CA ARG A 2692 -8.65 -6.60 -24.25
C ARG A 2692 -8.21 -6.78 -22.80
N ASP A 2693 -7.56 -7.91 -22.52
CA ASP A 2693 -7.14 -8.20 -21.16
C ASP A 2693 -6.18 -7.16 -20.63
N GLY A 2694 -5.45 -6.48 -21.52
CA GLY A 2694 -4.54 -5.44 -21.07
C GLY A 2694 -5.25 -4.34 -20.30
N ALA A 2695 -6.42 -3.93 -20.79
CA ALA A 2695 -7.20 -2.91 -20.09
C ALA A 2695 -8.63 -2.96 -20.60
N GLU A 2696 -9.56 -3.33 -19.73
CA GLU A 2696 -11.00 -3.28 -20.02
C GLU A 2696 -11.64 -2.45 -18.93
N SER A 2697 -11.81 -1.16 -19.20
CA SER A 2697 -12.08 -0.20 -18.14
C SER A 2697 -13.56 -0.13 -17.81
N TYR A 2698 -13.84 0.34 -16.60
CA TYR A 2698 -15.20 0.57 -16.16
C TYR A 2698 -15.17 1.69 -15.13
N LYS A 2699 -16.33 2.10 -14.68
CA LYS A 2699 -16.49 3.23 -13.78
C LYS A 2699 -17.02 2.73 -12.45
N GLU A 2700 -16.30 3.02 -11.37
CA GLU A 2700 -16.73 2.62 -10.04
C GLU A 2700 -17.62 3.73 -9.48
N LEU A 2701 -18.91 3.46 -9.33
CA LEU A 2701 -19.85 4.48 -8.88
C LEU A 2701 -19.68 4.72 -7.38
N SER A 2702 -18.52 5.26 -7.04
CA SER A 2702 -18.21 5.70 -5.69
C SER A 2702 -18.13 7.21 -5.70
N VAL A 2703 -17.74 7.79 -4.56
CA VAL A 2703 -17.79 9.24 -4.42
C VAL A 2703 -16.87 9.90 -5.43
N LEU A 2704 -15.67 9.34 -5.64
CA LEU A 2704 -14.72 9.92 -6.55
C LEU A 2704 -14.95 9.53 -8.00
N LEU A 2705 -15.84 8.57 -8.26
CA LEU A 2705 -16.11 8.08 -9.61
C LEU A 2705 -14.81 7.76 -10.34
N PRO A 2706 -14.03 6.81 -9.87
CA PRO A 2706 -12.78 6.47 -10.55
C PRO A 2706 -12.94 5.35 -11.55
N ASN A 2707 -12.18 5.44 -12.63
CA ASN A 2707 -12.08 4.34 -13.57
C ASN A 2707 -11.22 3.24 -12.99
N ARG A 2708 -11.61 2.00 -13.26
CA ARG A 2708 -10.86 0.85 -12.83
C ARG A 2708 -10.82 -0.14 -13.97
N GLN A 2709 -10.10 -1.24 -13.79
CA GLN A 2709 -9.94 -2.24 -14.83
C GLN A 2709 -10.02 -3.63 -14.23
N GLY A 2710 -10.48 -4.58 -15.03
CA GLY A 2710 -10.57 -5.94 -14.57
C GLY A 2710 -11.55 -6.10 -13.44
N LEU A 2711 -12.86 -6.00 -13.74
CA LEU A 2711 -13.86 -5.97 -12.69
C LEU A 2711 -13.71 -7.16 -11.74
N LYS A 2712 -13.92 -8.37 -12.26
CA LYS A 2712 -13.66 -9.58 -11.49
C LYS A 2712 -12.98 -10.55 -12.45
N LYS A 2713 -11.66 -10.46 -12.54
CA LYS A 2713 -10.94 -11.33 -13.46
C LYS A 2713 -10.96 -12.77 -12.96
N ALA A 2714 -10.64 -12.98 -11.69
CA ALA A 2714 -10.53 -14.34 -11.18
C ALA A 2714 -11.87 -15.07 -11.20
N ASP A 2715 -12.90 -14.46 -10.61
CA ASP A 2715 -14.16 -15.17 -10.44
C ASP A 2715 -14.90 -15.34 -11.75
N CYS A 2716 -14.91 -14.31 -12.58
CA CYS A 2716 -15.57 -14.47 -13.88
C CYS A 2716 -14.73 -15.28 -14.84
N SER A 2717 -13.42 -15.32 -14.67
CA SER A 2717 -12.62 -16.32 -15.37
C SER A 2717 -13.06 -17.73 -14.99
N PHE A 2718 -13.19 -17.98 -13.68
CA PHE A 2718 -13.71 -19.25 -13.22
C PHE A 2718 -15.00 -19.60 -13.93
N TRP A 2719 -16.02 -18.76 -13.75
CA TRP A 2719 -17.34 -19.08 -14.26
C TRP A 2719 -17.37 -19.20 -15.78
N SER A 2720 -16.72 -18.27 -16.48
CA SER A 2720 -16.83 -18.24 -17.93
C SER A 2720 -15.98 -19.31 -18.60
N LYS A 2721 -14.80 -19.60 -18.08
CA LYS A 2721 -13.92 -20.58 -18.72
C LYS A 2721 -14.05 -21.97 -18.08
N TYR A 2722 -13.73 -22.11 -16.79
CA TYR A 2722 -13.63 -23.44 -16.24
C TYR A 2722 -14.99 -24.11 -16.17
N ILE A 2723 -15.98 -23.43 -15.59
CA ILE A 2723 -17.28 -24.04 -15.44
C ILE A 2723 -17.91 -24.31 -16.80
N GLN A 2724 -17.81 -23.34 -17.71
CA GLN A 2724 -18.41 -23.53 -19.02
C GLN A 2724 -17.77 -24.71 -19.74
N SER A 2725 -16.46 -24.86 -19.64
CA SER A 2725 -15.83 -26.06 -20.19
C SER A 2725 -16.35 -27.31 -19.50
N LEU A 2726 -16.49 -27.26 -18.18
CA LEU A 2726 -16.93 -28.41 -17.42
C LEU A 2726 -18.37 -28.79 -17.72
N LYS A 2727 -19.14 -27.89 -18.34
CA LYS A 2727 -20.50 -28.23 -18.73
C LYS A 2727 -20.51 -29.38 -19.72
N ALA A 2728 -19.60 -29.36 -20.68
CA ALA A 2728 -19.50 -30.42 -21.68
C ALA A 2728 -19.04 -31.72 -21.04
N LEU B 31 15.32 25.24 -63.73
CA LEU B 31 15.52 24.95 -62.32
C LEU B 31 15.27 26.21 -61.49
N ARG B 32 16.33 26.99 -61.28
CA ARG B 32 16.27 28.20 -60.48
C ARG B 32 17.56 28.98 -60.72
N PRO B 33 17.65 30.23 -60.26
CA PRO B 33 18.90 30.98 -60.50
C PRO B 33 20.12 30.40 -59.81
N CYS B 34 19.96 29.59 -58.77
CA CYS B 34 21.12 29.04 -58.07
C CYS B 34 21.58 27.71 -58.66
N GLU B 35 20.69 26.72 -58.68
CA GLU B 35 21.11 25.36 -59.04
C GLU B 35 21.92 25.34 -60.32
N LEU B 36 21.65 26.25 -61.25
CA LEU B 36 22.48 26.34 -62.44
C LEU B 36 23.92 26.70 -62.07
N GLN B 37 24.09 27.76 -61.26
CA GLN B 37 25.43 28.13 -60.84
C GLN B 37 26.06 27.02 -60.01
N ARG B 38 25.27 26.38 -59.15
CA ARG B 38 25.81 25.34 -58.29
C ARG B 38 26.33 24.17 -59.12
N GLU B 39 25.52 23.68 -60.05
CA GLU B 39 25.96 22.55 -60.86
C GLU B 39 27.12 22.95 -61.78
N ARG B 40 27.14 24.20 -62.25
CA ARG B 40 28.27 24.63 -63.05
C ARG B 40 29.56 24.58 -62.24
N ALA B 41 29.50 25.06 -60.99
CA ALA B 41 30.68 25.01 -60.14
C ALA B 41 31.09 23.56 -59.88
N PHE B 42 30.11 22.70 -59.59
CA PHE B 42 30.42 21.30 -59.27
C PHE B 42 31.05 20.59 -60.47
N LEU B 43 30.46 20.74 -61.65
CA LEU B 43 30.99 20.07 -62.84
C LEU B 43 32.35 20.63 -63.21
N LYS B 44 32.46 21.95 -63.32
CA LYS B 44 33.73 22.59 -63.67
C LYS B 44 34.76 22.48 -62.56
N ARG B 45 34.36 22.09 -61.35
CA ARG B 45 35.23 21.92 -60.19
C ARG B 45 35.82 23.24 -59.70
N GLU B 46 35.32 24.37 -60.20
CA GLU B 46 35.80 25.67 -59.74
C GLU B 46 35.70 25.74 -58.22
N ASP B 47 36.75 26.24 -57.58
CA ASP B 47 36.96 25.93 -56.17
C ASP B 47 36.07 26.75 -55.24
N TYR B 48 34.77 26.77 -55.56
CA TYR B 48 33.74 27.26 -54.68
C TYR B 48 32.39 26.89 -55.28
N VAL B 49 31.52 26.28 -54.50
CA VAL B 49 30.21 25.83 -54.96
C VAL B 49 29.16 26.62 -54.20
N PRO B 50 28.35 27.45 -54.87
CA PRO B 50 27.42 28.30 -54.13
C PRO B 50 26.24 27.54 -53.57
N GLN B 51 26.42 26.94 -52.39
CA GLN B 51 25.36 26.14 -51.80
C GLN B 51 24.09 26.96 -51.63
N CYS B 52 22.95 26.35 -51.94
CA CYS B 52 21.67 27.01 -51.76
C CYS B 52 20.64 26.02 -51.29
N ALA B 53 19.75 26.48 -50.40
CA ALA B 53 18.78 25.62 -49.76
C ALA B 53 17.71 25.21 -50.75
N GLU B 54 16.97 24.15 -50.38
CA GLU B 54 15.74 23.86 -51.08
C GLU B 54 14.90 25.12 -51.16
N ASP B 55 14.08 25.21 -52.20
CA ASP B 55 13.53 26.44 -52.76
C ASP B 55 14.52 27.06 -53.73
N GLY B 56 15.70 26.46 -53.93
CA GLY B 56 16.60 26.90 -54.99
C GLY B 56 17.00 28.36 -54.90
N SER B 57 17.05 28.92 -53.70
CA SER B 57 17.46 30.29 -53.47
C SER B 57 18.75 30.30 -52.69
N PHE B 58 19.67 31.20 -53.05
CA PHE B 58 20.99 31.21 -52.44
C PHE B 58 20.90 31.29 -50.92
N GLN B 59 21.64 30.42 -50.25
CA GLN B 59 21.75 30.50 -48.81
C GLN B 59 22.35 31.85 -48.43
N THR B 60 21.78 32.48 -47.41
CA THR B 60 22.19 33.82 -47.05
C THR B 60 23.70 33.89 -46.78
N VAL B 61 24.27 32.84 -46.19
CA VAL B 61 25.70 32.78 -45.87
C VAL B 61 26.29 31.64 -46.68
N GLN B 62 26.87 31.97 -47.83
CA GLN B 62 27.62 31.00 -48.59
C GLN B 62 28.93 30.68 -47.88
N CYS B 63 29.65 29.68 -48.39
CA CYS B 63 30.95 29.34 -47.85
C CYS B 63 31.89 28.83 -48.93
N GLY B 64 33.18 28.89 -48.59
CA GLY B 64 34.23 28.47 -49.48
C GLY B 64 34.38 26.97 -49.53
N LYS B 65 35.27 26.53 -50.42
CA LYS B 65 35.40 25.11 -50.71
C LYS B 65 35.78 24.28 -49.50
N ASP B 66 36.38 24.88 -48.47
CA ASP B 66 36.79 24.15 -47.28
C ASP B 66 36.42 24.91 -46.02
N GLY B 67 35.26 25.55 -46.02
CA GLY B 67 34.83 26.30 -44.85
C GLY B 67 35.81 27.36 -44.41
N ALA B 68 36.57 27.92 -45.35
CA ALA B 68 37.58 28.91 -44.99
C ALA B 68 36.94 30.27 -44.71
N SER B 69 36.24 30.83 -45.69
CA SER B 69 35.70 32.19 -45.60
C SER B 69 34.23 32.15 -46.05
N CYS B 70 33.31 32.09 -45.09
CA CYS B 70 31.89 32.14 -45.40
C CYS B 70 31.48 33.60 -45.58
N TRP B 71 31.23 33.99 -46.83
CA TRP B 71 30.69 35.30 -47.15
C TRP B 71 29.21 35.18 -47.47
N CYS B 72 28.45 36.21 -47.11
CA CYS B 72 27.02 36.22 -47.30
C CYS B 72 26.65 37.04 -48.54
N VAL B 73 25.55 36.66 -49.19
CA VAL B 73 25.18 37.16 -50.49
C VAL B 73 23.74 37.64 -50.45
N ASP B 74 23.23 38.07 -51.60
CA ASP B 74 21.84 38.46 -51.80
C ASP B 74 21.21 37.55 -52.85
N ALA B 75 19.92 37.76 -53.11
CA ALA B 75 19.21 36.92 -54.06
C ALA B 75 19.83 36.98 -55.44
N ASP B 76 20.47 38.10 -55.78
CA ASP B 76 21.10 38.21 -57.09
C ASP B 76 22.22 37.18 -57.24
N GLY B 77 23.03 37.00 -56.21
CA GLY B 77 24.10 36.03 -56.24
C GLY B 77 25.48 36.63 -56.06
N ARG B 78 25.54 37.92 -55.78
CA ARG B 78 26.80 38.58 -55.50
C ARG B 78 27.09 38.55 -54.01
N GLU B 79 28.36 38.76 -53.66
CA GLU B 79 28.77 38.84 -52.27
C GLU B 79 28.65 40.26 -51.76
N VAL B 80 28.07 40.42 -50.59
CA VAL B 80 27.95 41.75 -49.99
C VAL B 80 29.34 42.25 -49.62
N PRO B 81 29.71 43.49 -49.94
CA PRO B 81 31.11 43.90 -49.75
C PRO B 81 31.56 43.81 -48.30
N GLY B 82 30.70 44.11 -47.35
CA GLY B 82 31.10 44.21 -45.96
C GLY B 82 31.06 42.90 -45.21
N SER B 83 31.55 41.82 -45.84
CA SER B 83 31.66 40.54 -45.14
C SER B 83 32.58 39.63 -45.93
N ARG B 84 33.72 39.26 -45.33
CA ARG B 84 34.55 38.19 -45.85
C ARG B 84 35.16 37.35 -44.73
N GLN B 85 34.63 37.47 -43.52
CA GLN B 85 35.33 36.97 -42.35
C GLN B 85 35.49 35.46 -42.41
N PRO B 86 36.65 34.92 -42.07
CA PRO B 86 36.76 33.47 -41.90
C PRO B 86 35.84 32.99 -40.78
N GLY B 87 35.28 31.79 -40.97
CA GLY B 87 34.31 31.24 -40.03
C GLY B 87 32.90 31.31 -40.59
N ARG B 88 31.97 31.91 -39.84
CA ARG B 88 30.61 32.06 -40.28
C ARG B 88 30.15 33.46 -39.86
N PRO B 89 29.63 34.27 -40.78
CA PRO B 89 29.22 35.62 -40.38
C PRO B 89 28.13 35.58 -39.32
N ALA B 90 28.12 36.60 -38.47
CA ALA B 90 27.20 36.67 -37.35
C ALA B 90 25.81 37.01 -37.87
N ALA B 91 25.16 36.02 -38.46
CA ALA B 91 23.77 36.13 -38.90
C ALA B 91 23.61 37.29 -39.90
N CYS B 92 24.24 37.12 -41.05
CA CYS B 92 24.21 38.16 -42.08
C CYS B 92 22.78 38.55 -42.41
N LEU B 93 22.61 39.77 -42.90
CA LEU B 93 21.29 40.33 -43.11
C LEU B 93 20.52 39.57 -44.18
N SER B 94 19.20 39.49 -44.00
CA SER B 94 18.35 38.66 -44.84
C SER B 94 18.17 39.28 -46.23
N PHE B 95 17.64 38.47 -47.14
CA PHE B 95 17.49 38.91 -48.53
C PHE B 95 16.53 40.08 -48.63
N CYS B 96 15.40 40.02 -47.93
CA CYS B 96 14.46 41.13 -47.96
C CYS B 96 15.13 42.42 -47.53
N GLN B 97 15.80 42.39 -46.38
CA GLN B 97 16.40 43.59 -45.84
C GLN B 97 17.63 44.02 -46.64
N LEU B 98 18.35 43.06 -47.22
CA LEU B 98 19.44 43.42 -48.13
C LEU B 98 18.90 44.20 -49.32
N GLN B 99 17.83 43.71 -49.94
CA GLN B 99 17.23 44.45 -51.03
C GLN B 99 16.74 45.81 -50.57
N LYS B 100 16.17 45.88 -49.36
CA LYS B 100 15.67 47.15 -48.85
C LYS B 100 16.78 48.17 -48.72
N GLN B 101 17.86 47.81 -48.03
CA GLN B 101 18.96 48.76 -47.85
C GLN B 101 19.65 49.05 -49.17
N GLN B 102 19.62 48.13 -50.13
CA GLN B 102 20.11 48.45 -51.46
C GLN B 102 19.24 49.51 -52.12
N ILE B 103 17.92 49.38 -51.98
CA ILE B 103 17.01 50.37 -52.55
C ILE B 103 17.26 51.74 -51.93
N LEU B 104 17.50 51.78 -50.62
CA LEU B 104 17.69 53.07 -49.95
C LEU B 104 18.80 53.88 -50.59
N LEU B 105 19.80 53.22 -51.17
CA LEU B 105 20.89 53.92 -51.86
C LEU B 105 21.27 53.16 -53.12
N TYR B 116 8.60 52.64 -52.62
CA TYR B 116 8.26 51.41 -51.92
C TYR B 116 9.47 50.84 -51.19
N LEU B 117 9.27 50.42 -49.95
CA LEU B 117 10.29 49.75 -49.17
C LEU B 117 9.70 48.47 -48.61
N PRO B 118 10.31 47.30 -48.85
CA PRO B 118 9.69 46.05 -48.39
C PRO B 118 9.53 46.02 -46.87
N GLN B 119 8.52 45.28 -46.42
CA GLN B 119 8.29 45.01 -45.00
C GLN B 119 8.78 43.60 -44.73
N CYS B 120 9.99 43.48 -44.20
CA CYS B 120 10.57 42.18 -43.93
C CYS B 120 10.04 41.63 -42.61
N GLN B 121 9.56 40.40 -42.63
CA GLN B 121 9.05 39.79 -41.42
C GLN B 121 10.17 39.60 -40.41
N ASP B 122 9.79 39.43 -39.14
CA ASP B 122 10.78 39.32 -38.07
C ASP B 122 11.77 38.21 -38.35
N SER B 123 11.34 37.17 -39.06
CA SER B 123 12.24 36.09 -39.46
C SER B 123 13.28 36.53 -40.47
N GLY B 124 13.13 37.70 -41.07
CA GLY B 124 14.01 38.17 -42.10
C GLY B 124 13.47 38.00 -43.50
N ASP B 125 12.48 37.13 -43.68
CA ASP B 125 11.86 36.97 -44.99
C ASP B 125 10.77 38.01 -45.20
N TYR B 126 10.35 38.15 -46.45
CA TYR B 126 9.33 39.14 -46.79
C TYR B 126 8.04 38.86 -46.04
N SER B 127 7.38 39.92 -45.63
CA SER B 127 6.01 39.79 -45.15
C SER B 127 5.14 39.28 -46.30
N PRO B 128 4.13 38.46 -46.03
CA PRO B 128 3.41 37.83 -47.15
C PRO B 128 2.63 38.82 -47.98
N VAL B 129 2.40 40.03 -47.48
CA VAL B 129 1.70 41.08 -48.21
C VAL B 129 2.52 42.35 -48.07
N GLN B 130 3.20 42.73 -49.16
CA GLN B 130 3.88 44.01 -49.19
C GLN B 130 2.86 45.14 -49.17
N CYS B 131 3.34 46.37 -49.18
CA CYS B 131 2.46 47.53 -49.22
C CYS B 131 3.25 48.79 -49.48
N GLN B 137 -2.08 51.29 -53.54
CA GLN B 137 -1.45 50.03 -53.90
C GLN B 137 -0.88 49.34 -52.67
N CYS B 138 -1.45 48.20 -52.30
CA CYS B 138 -1.05 47.44 -51.13
C CYS B 138 -1.02 45.96 -51.47
N TRP B 139 -0.40 45.63 -52.60
CA TRP B 139 -0.41 44.27 -53.14
C TRP B 139 0.29 43.27 -52.22
N CYS B 140 0.29 41.99 -52.59
CA CYS B 140 0.99 40.98 -51.83
C CYS B 140 1.88 40.15 -52.74
N VAL B 141 2.85 39.49 -52.12
CA VAL B 141 4.02 38.95 -52.81
C VAL B 141 4.15 37.47 -52.53
N ASP B 142 4.88 36.79 -53.41
CA ASP B 142 5.24 35.40 -53.21
C ASP B 142 6.31 35.33 -52.13
N ALA B 143 6.85 34.14 -51.89
CA ALA B 143 7.99 34.00 -50.99
C ALA B 143 9.30 34.08 -51.77
N GLU B 144 9.39 35.08 -52.63
CA GLU B 144 10.63 35.39 -53.35
C GLU B 144 10.92 36.87 -53.44
N GLY B 145 9.93 37.75 -53.31
CA GLY B 145 10.08 39.17 -53.50
C GLY B 145 9.34 39.71 -54.71
N MET B 146 9.05 38.88 -55.70
CA MET B 146 8.35 39.30 -56.91
C MET B 146 6.85 39.19 -56.67
N GLU B 147 6.14 40.29 -56.89
CA GLU B 147 4.72 40.35 -56.54
C GLU B 147 3.93 39.27 -57.24
N VAL B 148 3.00 38.66 -56.50
CA VAL B 148 2.02 37.77 -57.10
C VAL B 148 1.33 38.56 -58.19
N TYR B 149 0.95 37.90 -59.28
CA TYR B 149 0.59 38.61 -60.49
C TYR B 149 -0.58 39.55 -60.32
N GLY B 150 -1.78 38.99 -60.11
CA GLY B 150 -2.98 39.80 -60.04
C GLY B 150 -3.45 40.14 -58.64
N THR B 151 -2.68 40.89 -57.87
CA THR B 151 -3.07 41.18 -56.49
C THR B 151 -2.76 42.64 -56.13
N ARG B 152 -3.00 43.56 -57.06
CA ARG B 152 -2.83 44.98 -56.78
C ARG B 152 -4.13 45.53 -56.22
N GLN B 153 -4.10 46.01 -54.99
CA GLN B 153 -5.29 46.54 -54.33
C GLN B 153 -4.95 47.80 -53.57
N GLN B 154 -5.99 48.62 -53.33
CA GLN B 154 -5.80 49.82 -52.53
C GLN B 154 -5.38 49.48 -51.11
N GLY B 155 -6.05 48.50 -50.50
CA GLY B 155 -5.79 48.12 -49.13
C GLY B 155 -5.27 46.69 -49.03
N ARG B 156 -4.91 46.31 -47.82
CA ARG B 156 -4.36 44.98 -47.58
C ARG B 156 -5.41 43.92 -47.90
N PRO B 157 -5.11 42.96 -48.77
CA PRO B 157 -6.05 41.83 -48.93
C PRO B 157 -6.21 41.07 -47.62
N ALA B 158 -7.43 40.57 -47.40
CA ALA B 158 -7.70 39.82 -46.19
C ALA B 158 -6.83 38.59 -46.10
N ARG B 159 -6.71 37.84 -47.20
CA ARG B 159 -5.82 36.70 -47.25
C ARG B 159 -5.60 36.36 -48.72
N CYS B 160 -4.35 36.48 -49.18
CA CYS B 160 -4.05 36.25 -50.58
C CYS B 160 -3.25 34.96 -50.73
N PRO B 161 -3.20 34.40 -51.94
CA PRO B 161 -3.00 32.96 -52.08
C PRO B 161 -1.63 32.49 -51.63
N ARG B 162 -1.57 31.21 -51.29
CA ARG B 162 -0.32 30.51 -51.07
C ARG B 162 0.28 30.16 -52.43
N SER B 163 1.31 29.31 -52.44
CA SER B 163 2.00 29.02 -53.69
C SER B 163 1.18 28.08 -54.58
N CYS B 164 0.55 27.07 -53.99
CA CYS B 164 -0.17 26.10 -54.80
C CYS B 164 -1.40 26.72 -55.46
N GLU B 165 -2.11 27.59 -54.74
CA GLU B 165 -3.25 28.27 -55.33
C GLU B 165 -2.81 29.11 -56.52
N ILE B 166 -1.70 29.82 -56.37
CA ILE B 166 -1.17 30.62 -57.46
C ILE B 166 -0.84 29.73 -58.65
N ARG B 167 -0.20 28.58 -58.39
CA ARG B 167 0.16 27.73 -59.51
C ARG B 167 -1.06 27.18 -60.22
N ASN B 168 -2.09 26.79 -59.46
CA ASN B 168 -3.32 26.33 -60.08
C ASN B 168 -3.92 27.41 -60.96
N ARG B 169 -4.07 28.62 -60.43
CA ARG B 169 -4.68 29.68 -61.22
C ARG B 169 -3.85 29.99 -62.45
N ARG B 170 -2.53 30.07 -62.30
CA ARG B 170 -1.67 30.32 -63.45
C ARG B 170 -1.79 29.18 -64.46
N LEU B 171 -2.15 27.99 -64.00
CA LEU B 171 -2.38 26.89 -64.92
C LEU B 171 -3.65 27.11 -65.71
N LEU B 172 -4.72 27.56 -65.04
CA LEU B 172 -5.97 27.80 -65.75
C LEU B 172 -5.79 28.86 -66.84
N HIS B 173 -4.87 29.79 -66.64
CA HIS B 173 -4.59 30.78 -67.67
C HIS B 173 -3.96 30.17 -68.91
N GLY B 174 -3.46 28.96 -68.83
CA GLY B 174 -2.99 28.24 -70.00
C GLY B 174 -1.49 28.30 -70.22
N VAL B 175 -0.71 28.24 -69.15
CA VAL B 175 0.74 28.17 -69.23
C VAL B 175 1.20 27.03 -68.33
N GLY B 176 1.69 25.95 -68.93
CA GLY B 176 2.11 24.77 -68.21
C GLY B 176 1.24 23.56 -68.54
N ASP B 177 1.75 22.40 -68.17
CA ASP B 177 1.02 21.15 -68.40
C ASP B 177 -0.30 21.18 -67.64
N ARG B 178 -1.37 20.80 -68.33
CA ARG B 178 -2.73 20.99 -67.82
C ARG B 178 -3.07 19.89 -66.81
N SER B 179 -2.37 19.93 -65.69
CA SER B 179 -2.57 19.00 -64.59
C SER B 179 -2.43 19.76 -63.28
N PRO B 180 -3.51 20.01 -62.54
CA PRO B 180 -3.41 20.93 -61.40
C PRO B 180 -2.61 20.32 -60.27
N PRO B 181 -1.59 21.01 -59.78
CA PRO B 181 -0.89 20.52 -58.58
C PRO B 181 -1.85 20.40 -57.41
N GLN B 182 -1.62 19.39 -56.59
CA GLN B 182 -2.51 19.08 -55.47
C GLN B 182 -2.12 19.94 -54.28
N CYS B 183 -3.07 20.73 -53.79
CA CYS B 183 -2.81 21.73 -52.77
C CYS B 183 -3.34 21.26 -51.42
N SER B 184 -2.52 21.43 -50.38
CA SER B 184 -2.96 21.16 -49.04
C SER B 184 -4.05 22.14 -48.64
N PRO B 185 -4.88 21.79 -47.65
CA PRO B 185 -5.92 22.74 -47.21
C PRO B 185 -5.38 24.10 -46.82
N ASP B 186 -4.21 24.15 -46.19
CA ASP B 186 -3.63 25.44 -45.84
C ASP B 186 -3.13 26.21 -47.05
N GLY B 187 -3.09 25.60 -48.22
CA GLY B 187 -2.72 26.25 -49.46
C GLY B 187 -1.35 25.86 -49.99
N ALA B 188 -0.49 25.33 -49.14
CA ALA B 188 0.82 24.91 -49.61
C ALA B 188 0.71 23.61 -50.40
N PHE B 189 1.76 23.31 -51.16
CA PHE B 189 1.77 22.10 -51.95
C PHE B 189 1.60 20.87 -51.07
N ARG B 190 0.82 19.92 -51.55
CA ARG B 190 0.78 18.61 -50.92
C ARG B 190 2.16 17.97 -51.05
N PRO B 191 2.65 17.26 -50.03
CA PRO B 191 4.00 16.67 -50.16
C PRO B 191 4.11 15.72 -51.33
N VAL B 192 3.05 14.96 -51.61
CA VAL B 192 3.01 13.98 -52.68
C VAL B 192 2.11 14.51 -53.78
N GLN B 193 2.69 14.78 -54.95
CA GLN B 193 1.95 15.27 -56.10
C GLN B 193 1.77 14.14 -57.09
N CYS B 194 0.53 13.90 -57.50
CA CYS B 194 0.19 12.81 -58.40
C CYS B 194 -0.40 13.39 -59.69
N LYS B 195 0.32 13.24 -60.79
CA LYS B 195 -0.12 13.69 -62.09
C LYS B 195 -0.25 12.47 -63.00
N PHE B 196 -1.39 12.36 -63.68
CA PHE B 196 -1.60 11.23 -64.58
C PHE B 196 -0.82 11.44 -65.86
N VAL B 197 -0.62 10.35 -66.59
CA VAL B 197 0.18 10.36 -67.81
C VAL B 197 -0.55 9.55 -68.88
N ASN B 198 -0.64 10.11 -70.08
CA ASN B 198 -1.16 9.33 -71.20
C ASN B 198 -0.10 8.34 -71.63
N THR B 199 -0.44 7.05 -71.54
CA THR B 199 0.53 6.01 -71.82
C THR B 199 1.03 6.08 -73.26
N THR B 200 0.11 6.32 -74.20
CA THR B 200 0.49 6.49 -75.60
C THR B 200 1.02 7.90 -75.80
N ASP B 201 2.20 8.01 -76.40
CA ASP B 201 2.95 9.23 -76.67
C ASP B 201 3.65 9.75 -75.42
N MET B 202 3.44 9.16 -74.24
CA MET B 202 4.09 9.60 -73.01
C MET B 202 3.91 11.11 -72.81
N MET B 203 2.70 11.58 -73.08
CA MET B 203 2.33 12.97 -72.85
C MET B 203 1.41 13.05 -71.64
N ILE B 204 1.62 14.07 -70.81
CA ILE B 204 0.83 14.20 -69.59
C ILE B 204 -0.65 14.29 -69.94
N PHE B 205 -1.48 13.69 -69.10
CA PHE B 205 -2.90 13.57 -69.37
C PHE B 205 -3.63 14.81 -68.89
N ASP B 206 -4.25 15.53 -69.81
CA ASP B 206 -4.99 16.75 -69.49
C ASP B 206 -6.00 16.46 -68.40
N LEU B 207 -5.80 17.03 -67.22
CA LEU B 207 -6.62 16.71 -66.06
C LEU B 207 -7.64 17.79 -65.74
N VAL B 208 -7.30 19.06 -65.93
CA VAL B 208 -8.28 20.12 -65.72
C VAL B 208 -9.47 19.90 -66.65
N HIS B 209 -9.19 19.68 -67.93
CA HIS B 209 -10.26 19.51 -68.91
C HIS B 209 -11.04 18.22 -68.65
N SER B 210 -10.33 17.10 -68.50
CA SER B 210 -11.00 15.82 -68.36
C SER B 210 -11.82 15.76 -67.09
N TYR B 211 -11.29 16.28 -65.98
CA TYR B 211 -12.10 16.31 -64.77
C TYR B 211 -13.23 17.31 -64.88
N SER B 212 -13.04 18.41 -65.61
CA SER B 212 -14.12 19.37 -65.78
C SER B 212 -15.30 18.73 -66.49
N ARG B 213 -15.00 18.03 -67.59
CA ARG B 213 -15.98 17.40 -68.49
C ARG B 213 -16.60 16.18 -67.83
N PHE B 214 -15.79 15.24 -67.36
CA PHE B 214 -16.25 13.99 -66.75
C PHE B 214 -15.66 13.78 -65.36
N PRO B 215 -16.16 14.41 -64.27
CA PRO B 215 -15.72 14.06 -62.93
C PRO B 215 -16.63 12.96 -62.34
N ASP B 216 -17.65 12.51 -63.08
CA ASP B 216 -18.43 11.26 -62.82
C ASP B 216 -17.46 10.11 -63.08
N ALA B 217 -16.59 10.27 -64.09
CA ALA B 217 -15.53 9.35 -64.55
C ALA B 217 -14.45 9.12 -63.49
N PHE B 218 -14.28 10.00 -62.52
CA PHE B 218 -13.32 9.86 -61.40
C PHE B 218 -14.03 9.34 -60.14
N VAL B 219 -15.26 8.82 -60.21
CA VAL B 219 -15.93 8.31 -58.98
C VAL B 219 -15.05 7.19 -58.39
N THR B 220 -14.66 6.16 -59.15
CA THR B 220 -13.79 5.10 -58.68
C THR B 220 -12.79 4.79 -59.77
N PHE B 221 -11.84 3.93 -59.47
CA PHE B 221 -10.86 3.55 -60.48
C PHE B 221 -11.49 2.74 -61.60
N SER B 222 -12.57 2.02 -61.30
CA SER B 222 -13.28 1.29 -62.36
C SER B 222 -13.76 2.24 -63.44
N SER B 223 -14.47 3.30 -63.04
CA SER B 223 -14.98 4.25 -64.02
C SER B 223 -13.86 4.93 -64.78
N PHE B 224 -12.79 5.30 -64.08
CA PHE B 224 -11.66 5.94 -64.75
C PHE B 224 -11.08 5.01 -65.82
N ARG B 225 -10.88 3.74 -65.47
CA ARG B 225 -10.37 2.79 -66.45
C ARG B 225 -11.32 2.66 -67.64
N SER B 226 -12.62 2.58 -67.35
CA SER B 226 -13.62 2.45 -68.42
C SER B 226 -13.80 3.72 -69.21
N ARG B 227 -13.23 4.83 -68.78
CA ARG B 227 -13.29 6.10 -69.50
C ARG B 227 -11.96 6.49 -70.13
N PHE B 228 -10.84 6.19 -69.47
CA PHE B 228 -9.50 6.52 -69.97
C PHE B 228 -8.60 5.31 -69.80
N PRO B 229 -8.83 4.25 -70.57
CA PRO B 229 -8.11 2.99 -70.31
C PRO B 229 -6.60 3.08 -70.47
N GLU B 230 -6.06 4.10 -71.14
CA GLU B 230 -4.65 4.14 -71.51
C GLU B 230 -3.87 5.15 -70.68
N VAL B 231 -4.36 5.46 -69.48
CA VAL B 231 -3.74 6.46 -68.60
C VAL B 231 -3.19 5.73 -67.38
N SER B 232 -1.92 5.96 -67.09
CA SER B 232 -1.24 5.33 -65.96
C SER B 232 -0.73 6.41 -65.02
N GLY B 233 -1.25 6.42 -63.80
CA GLY B 233 -0.92 7.44 -62.83
C GLY B 233 0.57 7.59 -62.64
N TYR B 234 0.99 8.62 -61.90
CA TYR B 234 2.40 8.88 -61.67
C TYR B 234 2.50 9.82 -60.50
N CYS B 235 3.10 9.37 -59.41
CA CYS B 235 3.20 10.16 -58.19
C CYS B 235 4.66 10.41 -57.84
N TYR B 236 4.96 11.62 -57.40
CA TYR B 236 6.30 12.00 -56.98
C TYR B 236 6.19 12.82 -55.72
N CYS B 237 7.33 13.10 -55.11
CA CYS B 237 7.41 13.97 -53.95
C CYS B 237 7.78 15.36 -54.43
N ALA B 238 7.01 16.35 -54.01
CA ALA B 238 7.23 17.73 -54.41
C ALA B 238 7.66 18.54 -53.21
N ASP B 239 8.69 19.37 -53.39
CA ASP B 239 9.25 20.13 -52.29
C ASP B 239 8.36 21.33 -52.01
N SER B 240 8.87 22.27 -51.19
CA SER B 240 8.05 23.40 -50.77
C SER B 240 7.56 24.23 -51.95
N GLN B 241 8.32 24.26 -53.03
CA GLN B 241 7.95 25.02 -54.22
C GLN B 241 7.14 24.21 -55.22
N GLY B 242 6.81 22.96 -54.90
CA GLY B 242 6.07 22.13 -55.83
C GLY B 242 6.91 21.54 -56.93
N ARG B 243 8.23 21.64 -56.84
CA ARG B 243 9.11 21.15 -57.89
C ARG B 243 9.38 19.66 -57.69
N GLU B 244 9.12 18.87 -58.73
CA GLU B 244 9.29 17.43 -58.64
C GLU B 244 10.71 17.10 -58.22
N LEU B 245 10.84 16.42 -57.09
CA LEU B 245 12.15 16.10 -56.55
C LEU B 245 12.86 15.15 -57.50
N ALA B 246 14.11 14.81 -57.21
CA ALA B 246 14.96 14.09 -58.15
C ALA B 246 14.89 12.60 -57.88
N GLU B 247 14.54 11.82 -58.90
CA GLU B 247 14.55 10.36 -58.81
C GLU B 247 13.68 9.85 -57.68
N THR B 248 12.55 10.51 -57.44
CA THR B 248 11.55 10.03 -56.50
C THR B 248 10.20 9.76 -57.14
N GLY B 249 10.05 10.01 -58.44
CA GLY B 249 8.83 9.67 -59.11
C GLY B 249 8.62 8.16 -59.16
N LEU B 250 7.36 7.75 -59.13
CA LEU B 250 6.99 6.35 -58.98
C LEU B 250 5.78 6.09 -59.87
N GLU B 251 6.02 5.64 -61.08
CA GLU B 251 4.94 5.55 -62.06
C GLU B 251 3.99 4.40 -61.74
N LEU B 252 2.97 4.68 -60.93
CA LEU B 252 2.02 3.66 -60.54
C LEU B 252 1.27 3.11 -61.74
N LEU B 253 0.38 2.15 -61.52
CA LEU B 253 -0.54 1.65 -62.53
C LEU B 253 -1.95 1.76 -62.00
N LEU B 254 -2.91 1.74 -62.93
CA LEU B 254 -4.32 1.84 -62.60
C LEU B 254 -5.12 0.62 -63.04
N ASP B 255 -4.46 -0.37 -63.65
CA ASP B 255 -5.19 -1.52 -64.19
C ASP B 255 -5.97 -2.24 -63.11
N GLU B 256 -5.32 -2.57 -62.00
CA GLU B 256 -5.88 -3.44 -60.96
C GLU B 256 -5.89 -2.67 -59.65
N ILE B 257 -7.08 -2.26 -59.21
CA ILE B 257 -7.23 -1.59 -57.93
C ILE B 257 -8.56 -2.01 -57.31
N LEU B 267 -20.47 13.75 -54.74
CA LEU B 267 -19.29 13.66 -55.59
C LEU B 267 -18.24 14.67 -55.15
N ALA B 268 -16.98 14.37 -55.46
CA ALA B 268 -15.87 15.21 -55.05
C ALA B 268 -15.51 16.21 -56.15
N SER B 269 -14.48 17.02 -55.89
CA SER B 269 -14.03 18.02 -56.83
C SER B 269 -12.53 18.20 -56.69
N THR B 270 -11.93 18.84 -57.70
CA THR B 270 -10.53 19.26 -57.73
C THR B 270 -9.58 18.09 -57.98
N PHE B 271 -10.04 16.84 -57.90
CA PHE B 271 -9.21 15.65 -58.03
C PHE B 271 -8.21 15.50 -56.88
N ALA B 272 -8.08 16.50 -56.02
CA ALA B 272 -7.29 16.38 -54.81
C ALA B 272 -8.13 15.94 -53.64
N GLU B 273 -9.44 15.91 -53.79
CA GLU B 273 -10.35 15.37 -52.80
C GLU B 273 -10.98 14.05 -53.24
N THR B 274 -10.81 13.67 -54.50
CA THR B 274 -11.35 12.40 -54.96
C THR B 274 -10.65 11.25 -54.26
N THR B 275 -11.40 10.17 -54.02
CA THR B 275 -10.79 8.97 -53.45
C THR B 275 -9.68 8.46 -54.34
N LEU B 276 -9.73 8.77 -55.64
CA LEU B 276 -8.66 8.38 -56.55
C LEU B 276 -7.32 8.89 -56.05
N TYR B 277 -7.22 10.19 -55.78
CA TYR B 277 -5.94 10.75 -55.38
C TYR B 277 -5.53 10.24 -54.00
N ARG B 278 -6.48 10.12 -53.07
CA ARG B 278 -6.12 9.64 -51.75
C ARG B 278 -5.55 8.23 -51.83
N ILE B 279 -6.19 7.36 -52.60
CA ILE B 279 -5.66 6.01 -52.78
C ILE B 279 -4.31 6.07 -53.49
N LEU B 280 -4.19 6.91 -54.49
CA LEU B 280 -3.00 6.94 -55.32
C LEU B 280 -1.80 7.54 -54.61
N GLN B 281 -2.02 8.28 -53.51
CA GLN B 281 -0.92 8.74 -52.68
C GLN B 281 -0.71 7.86 -51.46
N ARG B 282 -1.74 7.17 -50.98
CA ARG B 282 -1.52 6.15 -49.97
C ARG B 282 -0.65 5.03 -50.52
N ARG B 283 -0.90 4.62 -51.77
CA ARG B 283 -0.05 3.61 -52.38
C ARG B 283 1.37 4.12 -52.54
N PHE B 284 1.52 5.39 -52.93
CA PHE B 284 2.86 5.95 -53.07
C PHE B 284 3.60 5.97 -51.75
N LEU B 285 2.91 6.34 -50.68
CA LEU B 285 3.58 6.34 -49.37
C LEU B 285 3.87 4.92 -48.91
N ALA B 286 3.01 3.96 -49.22
CA ALA B 286 3.32 2.58 -48.89
C ALA B 286 4.59 2.10 -49.59
N VAL B 287 4.73 2.43 -50.88
CA VAL B 287 5.95 2.05 -51.58
C VAL B 287 7.14 2.81 -51.02
N GLN B 288 6.92 4.07 -50.62
CA GLN B 288 8.00 4.86 -50.04
C GLN B 288 8.44 4.30 -48.70
N LEU B 289 7.55 3.62 -47.98
CA LEU B 289 7.96 2.99 -46.74
C LEU B 289 9.02 1.93 -47.01
N VAL B 290 8.82 1.11 -48.03
CA VAL B 290 9.82 0.11 -48.38
C VAL B 290 11.07 0.78 -48.93
N ILE B 291 10.90 1.79 -49.79
CA ILE B 291 12.06 2.43 -50.40
C ILE B 291 12.95 3.06 -49.34
N SER B 292 12.34 3.75 -48.38
CA SER B 292 13.09 4.58 -47.44
C SER B 292 12.64 4.45 -46.00
N GLY B 293 11.84 3.45 -45.65
CA GLY B 293 11.49 3.22 -44.26
C GLY B 293 10.57 4.23 -43.63
N ARG B 294 10.36 5.39 -44.27
CA ARG B 294 9.54 6.45 -43.71
C ARG B 294 8.29 6.58 -44.54
N PHE B 295 7.12 6.43 -43.91
CA PHE B 295 5.84 6.57 -44.59
C PHE B 295 5.56 8.05 -44.85
N ARG B 296 6.44 8.67 -45.62
CA ARG B 296 6.34 10.09 -45.95
C ARG B 296 7.47 10.44 -46.91
N CYS B 297 7.33 11.57 -47.57
CA CYS B 297 8.36 12.06 -48.47
C CYS B 297 9.42 12.82 -47.68
N PRO B 298 10.64 12.92 -48.22
CA PRO B 298 11.71 13.57 -47.45
C PRO B 298 11.38 15.02 -47.12
N THR B 299 11.47 15.34 -45.84
CA THR B 299 11.19 16.70 -45.38
C THR B 299 12.21 17.68 -45.95
N LYS B 300 12.05 18.97 -45.66
CA LYS B 300 12.99 19.95 -46.17
C LYS B 300 14.40 19.67 -45.69
N CYS B 301 14.53 19.29 -44.42
CA CYS B 301 15.84 18.98 -43.88
C CYS B 301 16.53 17.93 -44.74
N GLU B 302 15.93 16.75 -44.83
CA GLU B 302 16.58 15.63 -45.50
C GLU B 302 16.95 15.98 -46.94
N VAL B 303 16.14 16.81 -47.60
CA VAL B 303 16.50 17.29 -48.94
C VAL B 303 17.78 18.11 -48.86
N GLU B 304 17.85 19.02 -47.90
CA GLU B 304 19.07 19.82 -47.72
C GLU B 304 20.27 18.92 -47.42
N ARG B 305 20.06 17.94 -46.55
CA ARG B 305 21.12 16.99 -46.23
C ARG B 305 21.64 16.34 -47.49
N PHE B 306 20.79 15.60 -48.18
CA PHE B 306 21.22 14.91 -49.39
C PHE B 306 21.92 15.86 -50.35
N ALA B 307 21.41 17.08 -50.48
CA ALA B 307 22.08 18.06 -51.33
C ALA B 307 23.52 18.29 -50.87
N ALA B 308 23.70 18.59 -49.59
CA ALA B 308 25.03 18.90 -49.08
C ALA B 308 25.96 17.70 -49.20
N THR B 309 25.48 16.53 -48.78
CA THR B 309 26.28 15.31 -48.89
C THR B 309 26.75 15.11 -50.33
N SER B 310 25.81 15.15 -51.28
CA SER B 310 26.17 15.03 -52.68
C SER B 310 27.06 16.18 -53.12
N PHE B 311 26.52 17.40 -53.06
CA PHE B 311 27.27 18.61 -53.41
C PHE B 311 28.15 18.96 -52.23
N ARG B 312 29.39 18.46 -52.25
CA ARG B 312 30.27 18.66 -51.12
C ARG B 312 30.48 20.15 -50.86
N HIS B 313 30.01 20.61 -49.71
CA HIS B 313 30.37 21.93 -49.20
C HIS B 313 30.25 21.87 -47.69
N PRO B 314 31.00 22.70 -46.96
CA PRO B 314 31.37 22.34 -45.59
C PRO B 314 30.20 22.13 -44.65
N TYR B 315 29.10 22.83 -44.84
CA TYR B 315 27.94 22.68 -43.96
C TYR B 315 27.04 21.57 -44.48
N VAL B 316 26.74 20.61 -43.62
CA VAL B 316 25.78 19.55 -43.93
C VAL B 316 24.80 19.47 -42.75
N PRO B 317 23.54 19.84 -42.91
CA PRO B 317 22.63 19.82 -41.77
C PRO B 317 22.46 18.41 -41.23
N SER B 318 21.90 18.34 -40.03
CA SER B 318 21.70 17.07 -39.34
C SER B 318 20.24 16.92 -38.96
N CYS B 319 19.72 15.71 -39.09
CA CYS B 319 18.36 15.40 -38.70
C CYS B 319 18.26 13.93 -38.29
N HIS B 320 17.15 13.59 -37.67
CA HIS B 320 16.89 12.26 -37.16
C HIS B 320 15.53 11.79 -37.66
N PRO B 321 15.29 10.46 -37.66
CA PRO B 321 14.16 9.91 -38.43
C PRO B 321 12.83 10.64 -38.35
N ASP B 322 12.58 11.40 -37.28
CA ASP B 322 11.34 12.16 -37.22
C ASP B 322 11.25 13.17 -38.36
N GLY B 323 12.39 13.59 -38.91
CA GLY B 323 12.45 14.43 -40.07
C GLY B 323 12.71 15.89 -39.81
N GLU B 324 12.47 16.36 -38.59
CA GLU B 324 12.63 17.77 -38.31
C GLU B 324 14.08 18.13 -38.10
N TYR B 325 14.37 19.43 -38.15
CA TYR B 325 15.72 19.90 -37.92
C TYR B 325 16.17 19.56 -36.51
N GLN B 326 17.35 18.95 -36.41
CA GLN B 326 17.90 18.66 -35.10
C GLN B 326 18.19 19.98 -34.39
N ALA B 327 18.19 19.92 -33.06
CA ALA B 327 18.31 21.15 -32.28
C ALA B 327 19.56 21.93 -32.65
N ALA B 328 20.72 21.27 -32.66
CA ALA B 328 22.00 21.92 -32.87
C ALA B 328 22.63 21.40 -34.16
N GLN B 329 22.86 22.29 -35.10
CA GLN B 329 23.56 21.96 -36.33
C GLN B 329 25.00 22.44 -36.22
N CYS B 330 25.91 21.58 -36.67
CA CYS B 330 27.35 21.80 -36.51
C CYS B 330 28.03 21.80 -37.86
N GLN B 331 28.97 22.73 -38.03
CA GLN B 331 29.72 22.89 -39.26
C GLN B 331 31.12 22.33 -39.07
N GLN B 332 31.50 21.34 -39.87
CA GLN B 332 32.85 20.80 -39.78
C GLN B 332 33.86 21.88 -40.13
N GLY B 333 34.86 22.03 -39.29
CA GLY B 333 35.80 23.14 -39.42
C GLY B 333 35.18 24.48 -39.11
N GLY B 334 34.31 24.53 -38.10
CA GLY B 334 33.63 25.75 -37.75
C GLY B 334 32.78 25.60 -36.50
N PRO B 335 31.93 26.58 -36.21
CA PRO B 335 31.15 26.56 -34.99
C PRO B 335 29.81 25.86 -35.14
N CYS B 336 29.24 25.48 -34.00
CA CYS B 336 27.91 24.90 -33.92
C CYS B 336 26.91 25.97 -33.57
N TRP B 337 25.63 25.63 -33.70
CA TRP B 337 24.59 26.59 -33.30
C TRP B 337 23.24 25.88 -33.29
N CYS B 338 22.39 26.28 -32.35
CA CYS B 338 21.04 25.77 -32.30
C CYS B 338 20.25 26.27 -33.51
N VAL B 339 19.25 25.50 -33.91
CA VAL B 339 18.39 25.84 -35.04
C VAL B 339 16.95 25.50 -34.68
N ASP B 340 16.02 26.32 -35.17
CA ASP B 340 14.60 26.12 -34.90
C ASP B 340 14.04 25.10 -35.89
N SER B 341 12.72 24.95 -35.90
CA SER B 341 12.09 23.95 -36.75
C SER B 341 12.23 24.29 -38.24
N ARG B 342 12.33 25.58 -38.56
CA ARG B 342 12.34 26.02 -39.96
C ARG B 342 13.74 26.14 -40.53
N GLY B 343 14.76 25.73 -39.79
CA GLY B 343 16.11 25.69 -40.29
C GLY B 343 16.90 26.96 -40.14
N GLN B 344 16.29 28.03 -39.65
CA GLN B 344 17.01 29.29 -39.48
C GLN B 344 17.78 29.26 -38.17
N GLU B 345 19.06 29.60 -38.24
CA GLU B 345 19.90 29.64 -37.06
C GLU B 345 19.32 30.62 -36.04
N ILE B 346 19.33 30.21 -34.78
CA ILE B 346 18.85 31.10 -33.72
C ILE B 346 19.75 32.33 -33.67
N PRO B 347 19.20 33.55 -33.45
CA PRO B 347 20.03 34.77 -33.54
C PRO B 347 21.46 34.64 -33.02
N GLY B 348 21.63 34.14 -31.80
CA GLY B 348 22.96 33.79 -31.35
C GLY B 348 23.00 32.58 -30.45
N THR B 349 23.70 31.53 -30.89
CA THR B 349 23.99 30.38 -30.03
C THR B 349 25.37 29.80 -30.33
N ARG B 350 26.22 30.54 -31.02
CA ARG B 350 27.50 30.00 -31.49
C ARG B 350 28.33 29.54 -30.31
N GLN B 351 28.90 28.35 -30.42
CA GLN B 351 29.75 27.79 -29.37
C GLN B 351 30.39 26.48 -29.81
N GLN B 362 15.58 20.23 -18.52
CA GLN B 362 15.68 21.39 -19.38
C GLN B 362 14.51 22.35 -19.16
N SER B 363 13.41 21.82 -18.62
CA SER B 363 12.21 22.61 -18.38
C SER B 363 11.90 22.74 -16.89
N CYS B 364 12.87 22.45 -16.02
CA CYS B 364 12.62 22.55 -14.59
C CYS B 364 12.32 23.98 -14.14
N PRO B 365 13.07 25.01 -14.55
CA PRO B 365 12.90 26.32 -13.89
C PRO B 365 11.53 26.93 -14.12
N SER B 366 10.90 26.68 -15.27
CA SER B 366 9.55 27.18 -15.48
C SER B 366 8.57 26.54 -14.51
N GLU B 367 8.67 25.22 -14.33
CA GLU B 367 7.82 24.52 -13.37
C GLU B 367 8.06 25.06 -11.96
N ARG B 368 9.33 25.28 -11.63
CA ARG B 368 9.67 25.85 -10.32
C ARG B 368 9.00 27.21 -10.14
N ARG B 369 9.12 28.07 -11.13
CA ARG B 369 8.57 29.42 -11.02
C ARG B 369 7.05 29.38 -10.88
N ARG B 370 6.39 28.53 -11.66
CA ARG B 370 4.94 28.44 -11.59
C ARG B 370 4.46 27.87 -10.26
N ALA B 371 5.17 26.88 -9.72
CA ALA B 371 4.81 26.40 -8.39
C ALA B 371 5.01 27.48 -7.35
N PHE B 372 6.06 28.28 -7.49
CA PHE B 372 6.22 29.43 -6.60
C PHE B 372 5.08 30.41 -6.76
N SER B 373 4.60 30.60 -7.99
CA SER B 373 3.44 31.46 -8.20
C SER B 373 2.22 30.90 -7.48
N ARG B 374 2.02 29.59 -7.56
CA ARG B 374 0.92 28.97 -6.85
C ARG B 374 1.04 29.18 -5.35
N LEU B 375 2.28 29.19 -4.84
CA LEU B 375 2.49 29.58 -3.45
C LEU B 375 2.10 31.04 -3.22
N ARG B 376 2.44 31.91 -4.18
CA ARG B 376 2.24 33.34 -3.99
C ARG B 376 0.77 33.70 -3.87
N PHE B 377 -0.11 32.95 -4.52
CA PHE B 377 -1.53 33.28 -4.55
C PHE B 377 -2.12 33.48 -3.15
N GLY B 378 -1.49 32.94 -2.12
CA GLY B 378 -1.96 33.11 -0.77
C GLY B 378 -3.21 32.28 -0.52
N PRO B 379 -3.80 32.41 0.65
CA PRO B 379 -5.02 31.65 0.95
C PRO B 379 -6.13 31.99 -0.02
N SER B 380 -7.22 31.22 0.08
CA SER B 380 -8.37 31.42 -0.79
C SER B 380 -8.03 31.14 -2.24
N CYS B 408 0.13 16.04 -17.15
CA CYS B 408 -0.48 15.25 -18.22
C CYS B 408 -1.42 16.13 -19.05
N PRO B 409 -1.75 15.73 -20.27
CA PRO B 409 -2.73 16.48 -21.05
C PRO B 409 -4.13 16.32 -20.48
N PRO B 410 -5.07 17.18 -20.89
CA PRO B 410 -6.40 17.21 -20.27
C PRO B 410 -7.31 16.13 -20.83
N SER B 411 -7.65 15.15 -19.98
CA SER B 411 -8.61 14.10 -20.29
C SER B 411 -8.14 13.15 -21.38
N ILE B 412 -6.84 13.16 -21.69
CA ILE B 412 -6.28 12.29 -22.72
C ILE B 412 -5.66 11.03 -22.13
N LYS B 413 -5.43 10.98 -20.83
CA LYS B 413 -4.88 9.79 -20.21
C LYS B 413 -5.93 8.71 -19.97
N GLU B 414 -7.13 9.10 -19.56
CA GLU B 414 -8.15 8.15 -19.14
C GLU B 414 -9.17 7.85 -20.22
N LEU B 415 -8.82 8.07 -21.49
CA LEU B 415 -9.66 7.63 -22.61
C LEU B 415 -8.82 6.82 -23.57
N PHE B 416 -7.54 7.17 -23.72
CA PHE B 416 -6.61 6.45 -24.58
C PHE B 416 -5.75 5.46 -23.79
N LEU B 417 -5.04 5.94 -22.78
CA LEU B 417 -3.98 5.15 -22.16
C LEU B 417 -4.54 4.19 -21.12
N ASP B 418 -5.45 4.64 -20.27
CA ASP B 418 -6.04 3.77 -19.25
C ASP B 418 -6.66 2.55 -19.90
N SER B 419 -7.72 2.76 -20.69
CA SER B 419 -8.30 1.67 -21.44
C SER B 419 -7.39 1.28 -22.59
N GLY B 420 -7.64 0.09 -23.14
CA GLY B 420 -6.74 -0.48 -24.13
C GLY B 420 -6.96 0.03 -25.54
N ILE B 421 -7.34 1.30 -25.68
CA ILE B 421 -7.45 1.88 -27.02
C ILE B 421 -6.08 2.27 -27.54
N PHE B 422 -5.08 2.39 -26.66
CA PHE B 422 -3.73 2.75 -27.06
C PHE B 422 -2.71 1.66 -26.80
N GLN B 423 -2.71 1.06 -25.62
CA GLN B 423 -1.66 0.10 -25.27
C GLN B 423 -1.48 -0.99 -26.33
N PRO B 424 -2.53 -1.57 -26.92
CA PRO B 424 -2.30 -2.53 -28.00
C PRO B 424 -1.78 -1.92 -29.28
N MET B 425 -1.82 -0.58 -29.42
CA MET B 425 -1.38 0.03 -30.67
C MET B 425 0.10 -0.19 -30.90
N LEU B 426 0.90 -0.18 -29.83
CA LEU B 426 2.34 -0.34 -29.97
C LEU B 426 2.72 -1.81 -30.09
N GLN B 427 2.36 -2.61 -29.10
CA GLN B 427 2.72 -4.02 -29.11
C GLN B 427 2.02 -4.73 -30.26
N GLY B 428 2.68 -5.75 -30.79
CA GLY B 428 2.13 -6.54 -31.88
C GLY B 428 2.54 -7.99 -31.80
N VAL B 434 6.24 -0.14 -34.97
CA VAL B 434 7.52 -0.34 -34.30
C VAL B 434 7.93 0.96 -33.63
N ALA B 435 8.44 1.89 -34.42
CA ALA B 435 8.86 3.17 -33.87
C ALA B 435 7.66 4.09 -33.70
N PRO B 436 7.68 4.96 -32.68
CA PRO B 436 6.62 5.97 -32.59
C PRO B 436 6.56 6.88 -33.80
N GLU B 437 7.70 7.19 -34.40
CA GLU B 437 7.71 8.02 -35.59
C GLU B 437 6.99 7.33 -36.74
N SER B 438 7.21 6.03 -36.91
CA SER B 438 6.55 5.30 -37.99
C SER B 438 5.04 5.35 -37.83
N LEU B 439 4.55 5.17 -36.62
CA LEU B 439 3.12 5.21 -36.38
C LEU B 439 2.56 6.62 -36.58
N LYS B 440 3.26 7.62 -36.06
CA LYS B 440 2.89 9.01 -36.26
C LYS B 440 2.72 9.33 -37.74
N GLU B 441 3.73 9.02 -38.54
CA GLU B 441 3.66 9.34 -39.96
C GLU B 441 2.75 8.40 -40.74
N ALA B 442 2.49 7.20 -40.21
CA ALA B 442 1.61 6.26 -40.88
C ALA B 442 0.14 6.56 -40.64
N ILE B 443 -0.17 7.41 -39.67
CA ILE B 443 -1.52 7.96 -39.54
C ILE B 443 -1.56 9.43 -39.89
N ARG B 444 -0.43 10.04 -40.20
CA ARG B 444 -0.49 11.31 -40.92
C ARG B 444 -0.70 11.09 -42.41
N GLY B 445 0.03 10.14 -43.00
CA GLY B 445 -0.17 9.85 -44.41
C GLY B 445 -1.57 9.35 -44.70
N LEU B 446 -2.03 8.38 -43.91
CA LEU B 446 -3.44 8.05 -43.88
C LEU B 446 -4.17 9.13 -43.11
N PHE B 447 -5.41 9.40 -43.50
CA PHE B 447 -6.23 10.42 -42.85
C PHE B 447 -5.49 11.76 -42.76
N PRO B 448 -5.20 12.40 -43.89
CA PRO B 448 -4.53 13.70 -43.81
C PRO B 448 -5.31 14.73 -43.01
N SER B 449 -6.64 14.64 -43.02
CA SER B 449 -7.49 15.60 -42.32
C SER B 449 -8.46 14.87 -41.40
N ARG B 450 -8.68 15.45 -40.22
CA ARG B 450 -9.62 14.87 -39.27
C ARG B 450 -11.00 14.68 -39.91
N GLU B 451 -11.38 15.61 -40.78
CA GLU B 451 -12.67 15.48 -41.47
C GLU B 451 -12.69 14.26 -42.36
N LEU B 452 -11.54 13.71 -42.73
CA LEU B 452 -11.50 12.46 -43.48
C LEU B 452 -11.46 11.25 -42.58
N ALA B 453 -10.76 11.33 -41.44
CA ALA B 453 -10.82 10.24 -40.49
C ALA B 453 -12.25 10.01 -40.02
N ARG B 454 -13.01 11.09 -39.86
CA ARG B 454 -14.43 10.94 -39.53
C ARG B 454 -15.16 10.17 -40.62
N LEU B 455 -14.88 10.50 -41.88
CA LEU B 455 -15.53 9.80 -42.98
C LEU B 455 -15.18 8.33 -42.99
N ALA B 456 -13.90 8.01 -42.78
CA ALA B 456 -13.45 6.64 -42.94
C ALA B 456 -14.04 5.70 -41.89
N LEU B 457 -14.16 6.17 -40.65
CA LEU B 457 -14.55 5.27 -39.56
C LEU B 457 -16.05 4.99 -39.52
N GLN B 458 -16.85 5.67 -40.35
CA GLN B 458 -18.29 5.44 -40.36
C GLN B 458 -18.78 4.70 -41.60
N PHE B 459 -17.94 4.53 -42.62
CA PHE B 459 -18.29 3.74 -43.79
C PHE B 459 -17.54 2.40 -43.82
N THR B 460 -16.99 1.98 -42.68
CA THR B 460 -16.21 0.74 -42.62
C THR B 460 -16.88 -0.31 -41.75
N THR B 461 -17.15 -0.03 -40.48
CA THR B 461 -17.84 -0.94 -39.57
C THR B 461 -17.23 -2.33 -39.55
N ASN B 462 -15.98 -2.48 -40.00
CA ASN B 462 -15.34 -3.78 -40.05
C ASN B 462 -13.83 -3.56 -40.07
N ALA B 463 -13.16 -3.86 -38.95
CA ALA B 463 -11.75 -3.55 -38.83
C ALA B 463 -10.95 -4.22 -39.95
N LYS B 464 -11.16 -5.53 -40.14
CA LYS B 464 -10.42 -6.25 -41.16
C LYS B 464 -10.65 -5.68 -42.55
N ARG B 465 -11.75 -4.97 -42.75
CA ARG B 465 -12.03 -4.38 -44.06
C ARG B 465 -11.36 -3.03 -44.27
N LEU B 466 -10.89 -2.38 -43.20
CA LEU B 466 -10.41 -1.00 -43.33
C LEU B 466 -9.25 -0.92 -44.31
N GLN B 467 -8.22 -1.74 -44.12
CA GLN B 467 -7.08 -1.70 -45.02
C GLN B 467 -7.46 -2.05 -46.45
N GLN B 468 -8.60 -2.72 -46.64
CA GLN B 468 -9.04 -3.04 -47.99
C GLN B 468 -9.47 -1.78 -48.73
N ASN B 469 -10.00 -0.79 -48.00
CA ASN B 469 -10.56 0.41 -48.62
C ASN B 469 -9.54 1.52 -48.78
N LEU B 470 -8.67 1.72 -47.80
CA LEU B 470 -7.74 2.84 -47.86
C LEU B 470 -6.82 2.73 -49.06
N PHE B 471 -6.30 1.53 -49.33
CA PHE B 471 -5.33 1.32 -50.39
C PHE B 471 -5.93 0.68 -51.63
N GLY B 472 -7.24 0.50 -51.66
CA GLY B 472 -7.87 -0.17 -52.78
C GLY B 472 -7.42 -1.60 -52.93
N GLY B 473 -7.41 -2.34 -51.83
CA GLY B 473 -7.05 -3.73 -51.83
C GLY B 473 -6.21 -4.07 -50.63
N ARG B 474 -5.45 -5.15 -50.75
CA ARG B 474 -4.57 -5.65 -49.70
C ARG B 474 -3.14 -5.18 -49.90
N PHE B 475 -2.99 -3.93 -50.33
CA PHE B 475 -1.75 -3.47 -50.94
C PHE B 475 -0.52 -3.68 -50.07
N LEU B 476 -0.40 -3.00 -48.93
CA LEU B 476 0.88 -2.94 -48.25
C LEU B 476 1.39 -4.33 -47.87
N VAL B 477 0.48 -5.27 -47.61
CA VAL B 477 0.90 -6.65 -47.39
C VAL B 477 1.61 -7.18 -48.62
N LYS B 478 1.03 -6.94 -49.81
CA LYS B 478 1.69 -7.35 -51.05
C LYS B 478 2.74 -6.35 -51.50
N VAL B 479 3.06 -5.37 -50.66
CA VAL B 479 4.23 -4.53 -50.86
C VAL B 479 5.42 -5.08 -50.10
N GLY B 480 5.18 -5.63 -48.91
CA GLY B 480 6.28 -6.09 -48.08
C GLY B 480 7.17 -7.08 -48.79
N GLN B 481 6.58 -8.05 -49.49
CA GLN B 481 7.36 -9.05 -50.22
C GLN B 481 7.67 -8.63 -51.66
N PHE B 482 7.43 -7.37 -52.00
CA PHE B 482 7.73 -6.88 -53.34
C PHE B 482 6.91 -7.59 -54.41
N ASN B 483 5.73 -8.07 -54.06
CA ASN B 483 4.84 -8.61 -55.07
C ASN B 483 4.39 -7.54 -56.06
N LEU B 484 4.54 -6.26 -55.69
CA LEU B 484 4.12 -5.18 -56.57
C LEU B 484 5.00 -5.08 -57.81
N SER B 485 6.24 -5.55 -57.74
CA SER B 485 7.23 -5.27 -58.78
C SER B 485 6.82 -6.03 -60.03
N GLY B 486 5.80 -5.49 -60.69
CA GLY B 486 5.17 -6.13 -61.82
C GLY B 486 3.66 -5.98 -61.76
N ALA B 487 3.13 -5.92 -60.54
CA ALA B 487 1.69 -5.75 -60.38
C ALA B 487 1.29 -4.29 -60.51
N LEU B 488 1.81 -3.43 -59.62
CA LEU B 488 1.48 -2.01 -59.62
C LEU B 488 2.67 -1.13 -59.93
N GLY B 489 3.72 -1.17 -59.11
CA GLY B 489 4.89 -0.36 -59.40
C GLY B 489 5.46 -0.70 -60.76
N THR B 490 5.84 0.33 -61.50
CA THR B 490 6.23 0.15 -62.89
C THR B 490 7.35 1.11 -63.22
N ARG B 491 7.97 0.88 -64.38
CA ARG B 491 9.00 1.77 -64.90
C ARG B 491 8.54 3.22 -64.82
N GLY B 492 9.23 4.00 -63.99
CA GLY B 492 8.98 5.42 -63.84
C GLY B 492 10.30 6.14 -63.75
N THR B 493 10.49 6.95 -62.69
CA THR B 493 11.81 7.48 -62.36
C THR B 493 12.08 7.23 -60.89
N PHE B 494 12.48 6.00 -60.57
CA PHE B 494 13.18 5.73 -59.32
C PHE B 494 14.33 4.75 -59.49
N ASN B 495 14.66 4.12 -60.64
CA ASN B 495 15.62 3.01 -60.84
C ASN B 495 15.39 1.86 -59.84
N PHE B 496 14.23 1.17 -59.85
CA PHE B 496 14.12 -0.07 -59.09
C PHE B 496 15.25 -1.03 -59.44
N SER B 497 15.81 -0.92 -60.65
CA SER B 497 16.94 -1.77 -61.02
C SER B 497 18.09 -1.58 -60.04
N HIS B 498 18.52 -0.33 -59.82
CA HIS B 498 19.62 -0.10 -58.89
C HIS B 498 19.23 -0.47 -57.47
N PHE B 499 18.03 -0.09 -57.05
CA PHE B 499 17.61 -0.38 -55.68
C PHE B 499 17.65 -1.88 -55.40
N PHE B 500 17.26 -2.69 -56.38
CA PHE B 500 17.31 -4.15 -56.22
C PHE B 500 18.73 -4.68 -56.37
N GLN B 501 19.56 -4.05 -57.18
CA GLN B 501 20.89 -4.58 -57.43
C GLN B 501 21.75 -4.63 -56.18
N GLN B 502 21.38 -3.88 -55.14
CA GLN B 502 21.99 -4.01 -53.83
C GLN B 502 21.16 -4.91 -52.92
N LEU B 503 20.16 -5.59 -53.46
CA LEU B 503 19.20 -6.39 -52.70
C LEU B 503 19.03 -7.72 -53.42
N GLY B 504 18.02 -8.48 -53.02
CA GLY B 504 17.78 -9.81 -53.57
C GLY B 504 16.74 -9.80 -54.68
N LEU B 505 17.18 -10.17 -55.87
CA LEU B 505 16.28 -10.46 -56.97
C LEU B 505 17.06 -11.13 -58.10
N VAL B 547 20.42 -0.31 -50.04
CA VAL B 547 21.20 0.23 -48.92
C VAL B 547 21.29 1.75 -49.04
N VAL B 548 21.68 2.23 -50.22
CA VAL B 548 21.96 3.66 -50.37
C VAL B 548 20.69 4.49 -50.20
N GLY B 549 19.60 4.10 -50.88
CA GLY B 549 18.32 4.71 -50.67
C GLY B 549 18.03 5.89 -51.57
N SER B 550 16.81 6.42 -51.41
CA SER B 550 16.30 7.43 -52.34
C SER B 550 17.12 8.70 -52.27
N PHE B 551 17.23 9.29 -51.08
CA PHE B 551 17.91 10.57 -50.87
C PHE B 551 18.98 10.36 -49.80
N GLY B 552 20.10 9.77 -50.20
CA GLY B 552 21.11 9.39 -49.22
C GLY B 552 20.53 8.80 -47.94
N PHE B 553 19.53 7.93 -48.06
CA PHE B 553 18.87 7.30 -46.91
C PHE B 553 19.35 5.86 -46.80
N GLU B 554 20.15 5.58 -45.78
CA GLU B 554 20.48 4.19 -45.49
C GLU B 554 19.18 3.42 -45.25
N VAL B 555 19.02 2.31 -45.96
CA VAL B 555 17.80 1.51 -45.90
C VAL B 555 18.13 0.16 -45.28
N ASN B 556 17.41 -0.18 -44.22
CA ASN B 556 17.53 -1.48 -43.57
C ASN B 556 16.29 -2.27 -43.97
N LEU B 557 16.39 -2.93 -45.13
CA LEU B 557 15.21 -3.50 -45.80
C LEU B 557 14.38 -4.34 -44.85
N GLN B 558 15.03 -5.20 -44.09
CA GLN B 558 14.29 -6.12 -43.23
C GLN B 558 13.42 -5.34 -42.25
N GLU B 559 13.96 -4.27 -41.67
CA GLU B 559 13.17 -3.50 -40.72
C GLU B 559 12.00 -2.81 -41.39
N ASN B 560 12.19 -2.32 -42.62
CA ASN B 560 11.09 -1.68 -43.33
C ASN B 560 9.98 -2.68 -43.60
N GLN B 561 10.33 -3.89 -44.02
CA GLN B 561 9.31 -4.91 -44.24
C GLN B 561 8.58 -5.23 -42.94
N ASN B 562 9.33 -5.39 -41.85
CA ASN B 562 8.71 -5.69 -40.57
C ASN B 562 7.76 -4.56 -40.16
N ALA B 563 8.18 -3.31 -40.34
CA ALA B 563 7.32 -2.18 -40.03
C ALA B 563 6.08 -2.18 -40.90
N LEU B 564 6.22 -2.60 -42.17
CA LEU B 564 5.07 -2.63 -43.06
C LEU B 564 4.04 -3.64 -42.58
N GLN B 565 4.50 -4.84 -42.20
CA GLN B 565 3.54 -5.81 -41.65
C GLN B 565 2.98 -5.34 -40.32
N PHE B 566 3.79 -4.64 -39.52
CA PHE B 566 3.28 -4.05 -38.29
C PHE B 566 2.13 -3.11 -38.59
N LEU B 567 2.33 -2.21 -39.55
CA LEU B 567 1.29 -1.27 -39.92
C LEU B 567 0.07 -1.98 -40.47
N SER B 568 0.27 -3.03 -41.27
CA SER B 568 -0.86 -3.77 -41.81
C SER B 568 -1.71 -4.38 -40.70
N SER B 569 -1.08 -5.13 -39.80
CA SER B 569 -1.83 -5.74 -38.71
C SER B 569 -2.40 -4.68 -37.78
N PHE B 570 -1.73 -3.54 -37.69
CA PHE B 570 -2.22 -2.42 -36.88
C PHE B 570 -3.49 -1.84 -37.46
N LEU B 571 -3.61 -1.80 -38.78
CA LEU B 571 -4.74 -1.17 -39.44
C LEU B 571 -5.97 -2.07 -39.45
N GLU B 572 -5.78 -3.39 -39.44
CA GLU B 572 -6.90 -4.34 -39.28
C GLU B 572 -7.02 -4.77 -37.83
N LEU B 573 -7.19 -3.79 -36.95
CA LEU B 573 -7.17 -4.02 -35.50
C LEU B 573 -8.44 -3.40 -34.90
N PRO B 574 -9.24 -4.16 -34.15
CA PRO B 574 -10.51 -3.59 -33.67
C PRO B 574 -10.36 -2.34 -32.84
N GLU B 575 -9.30 -2.23 -32.04
CA GLU B 575 -9.16 -1.07 -31.18
C GLU B 575 -8.80 0.18 -31.98
N PHE B 576 -8.14 0.01 -33.12
CA PHE B 576 -7.71 1.16 -33.90
C PHE B 576 -8.89 2.08 -34.21
N LEU B 577 -10.01 1.50 -34.61
CA LEU B 577 -11.20 2.30 -34.88
C LEU B 577 -11.51 3.21 -33.69
N LEU B 578 -11.57 2.63 -32.49
CA LEU B 578 -11.85 3.43 -31.31
C LEU B 578 -10.87 4.57 -31.19
N PHE B 579 -9.59 4.31 -31.43
CA PHE B 579 -8.60 5.37 -31.35
C PHE B 579 -9.00 6.54 -32.24
N LEU B 580 -9.35 6.25 -33.49
CA LEU B 580 -9.82 7.31 -34.38
C LEU B 580 -10.99 8.05 -33.74
N GLN B 581 -11.99 7.30 -33.27
CA GLN B 581 -13.16 7.93 -32.68
C GLN B 581 -12.79 8.85 -31.54
N HIS B 582 -11.67 8.59 -30.87
CA HIS B 582 -11.18 9.50 -29.84
C HIS B 582 -10.23 10.54 -30.41
N ALA B 583 -9.35 10.14 -31.33
CA ALA B 583 -8.40 11.09 -31.88
C ALA B 583 -9.10 12.22 -32.60
N ILE B 584 -10.24 11.94 -33.21
CA ILE B 584 -11.02 12.98 -33.87
C ILE B 584 -11.57 13.96 -32.83
N SER B 585 -11.96 13.46 -31.66
CA SER B 585 -12.62 14.31 -30.67
C SER B 585 -11.70 15.41 -30.17
N VAL B 586 -10.43 15.09 -29.94
CA VAL B 586 -9.57 16.00 -29.17
C VAL B 586 -9.47 17.33 -29.89
N PRO B 587 -9.51 18.46 -29.18
CA PRO B 587 -9.60 19.76 -29.87
C PRO B 587 -8.41 20.00 -30.78
N GLU B 588 -8.68 20.64 -31.91
CA GLU B 588 -7.64 20.88 -32.91
C GLU B 588 -6.53 21.78 -32.37
N ASP B 589 -6.84 22.63 -31.38
CA ASP B 589 -5.85 23.58 -30.89
C ASP B 589 -4.66 22.86 -30.27
N ILE B 590 -4.90 21.81 -29.48
CA ILE B 590 -3.81 21.06 -28.86
C ILE B 590 -3.21 20.05 -29.81
N ALA B 591 -3.85 19.75 -30.94
CA ALA B 591 -3.31 18.80 -31.90
C ALA B 591 -3.89 19.17 -33.26
N ARG B 592 -3.05 19.77 -34.10
CA ARG B 592 -3.54 20.24 -35.40
C ARG B 592 -3.99 19.09 -36.28
N ASP B 593 -3.22 18.01 -36.31
CA ASP B 593 -3.51 16.86 -37.15
C ASP B 593 -3.35 15.57 -36.36
N LEU B 594 -3.94 14.50 -36.89
CA LEU B 594 -4.00 13.25 -36.13
C LEU B 594 -2.61 12.75 -35.76
N GLY B 595 -1.59 13.11 -36.53
CA GLY B 595 -0.24 12.78 -36.13
C GLY B 595 0.17 13.47 -34.84
N ASP B 596 -0.18 14.74 -34.69
CA ASP B 596 0.11 15.44 -33.45
C ASP B 596 -0.76 14.94 -32.31
N VAL B 597 -2.02 14.59 -32.59
CA VAL B 597 -2.83 13.91 -31.59
C VAL B 597 -2.08 12.71 -31.08
N MET B 598 -1.55 11.91 -32.00
CA MET B 598 -0.84 10.72 -31.61
C MET B 598 0.41 11.05 -30.80
N GLU B 599 1.17 12.04 -31.23
CA GLU B 599 2.38 12.36 -30.48
C GLU B 599 2.07 12.79 -29.06
N MET B 600 1.02 13.58 -28.86
CA MET B 600 0.69 13.96 -27.50
C MET B 600 0.06 12.81 -26.72
N VAL B 601 -0.50 11.81 -27.41
CA VAL B 601 -0.89 10.57 -26.72
C VAL B 601 0.31 9.72 -26.36
N PHE B 602 1.42 9.85 -27.05
CA PHE B 602 2.66 9.17 -26.67
C PHE B 602 3.40 9.85 -25.55
N SER B 603 3.48 11.17 -25.56
CA SER B 603 4.17 11.88 -24.49
C SER B 603 3.35 11.84 -23.20
N SER B 604 2.03 11.81 -23.33
CA SER B 604 1.17 11.68 -22.15
C SER B 604 1.43 10.40 -21.39
N GLN B 605 2.03 9.41 -22.04
CA GLN B 605 2.48 8.18 -21.41
C GLN B 605 3.05 8.44 -20.01
N GLY B 606 2.57 7.68 -19.05
CA GLY B 606 3.09 7.81 -17.69
C GLY B 606 2.52 9.04 -17.01
N CYS B 607 3.41 9.93 -16.58
CA CYS B 607 3.03 11.16 -15.88
C CYS B 607 1.95 10.94 -14.83
N SER B 613 0.83 18.67 -5.55
CA SER B 613 -0.07 19.61 -4.89
C SER B 613 0.57 20.97 -4.72
N LEU B 614 1.38 21.12 -3.67
CA LEU B 614 2.09 22.35 -3.37
C LEU B 614 3.60 22.17 -3.52
N PHE B 615 4.01 21.36 -4.49
CA PHE B 615 5.39 20.95 -4.62
C PHE B 615 6.14 21.86 -5.58
N VAL B 616 7.37 22.20 -5.21
CA VAL B 616 8.28 22.94 -6.08
C VAL B 616 9.45 22.02 -6.41
N PRO B 617 9.79 21.83 -7.68
CA PRO B 617 10.97 21.03 -7.99
C PRO B 617 12.24 21.84 -7.81
N ALA B 618 13.33 21.13 -7.53
CA ALA B 618 14.63 21.75 -7.49
C ALA B 618 15.20 21.85 -8.90
N CYS B 619 16.24 22.66 -9.04
CA CYS B 619 16.86 22.88 -10.35
C CYS B 619 18.36 22.95 -10.20
N THR B 620 19.06 22.33 -11.13
CA THR B 620 20.50 22.44 -11.25
C THR B 620 20.83 23.51 -12.28
N ALA B 621 22.13 23.70 -12.52
CA ALA B 621 22.56 24.74 -13.44
C ALA B 621 21.95 24.53 -14.82
N GLU B 622 21.43 25.62 -15.40
CA GLU B 622 20.86 25.59 -16.74
C GLU B 622 19.72 24.58 -16.84
N GLY B 623 18.66 24.86 -16.10
CA GLY B 623 17.53 23.96 -16.03
C GLY B 623 17.96 22.64 -15.42
N SER B 624 18.00 21.58 -16.23
CA SER B 624 18.64 20.33 -15.83
C SER B 624 18.00 19.78 -14.54
N TYR B 625 16.76 19.33 -14.69
CA TYR B 625 15.94 18.85 -13.58
C TYR B 625 16.78 18.10 -12.56
N GLU B 626 16.73 18.55 -11.31
CA GLU B 626 17.63 18.02 -10.31
C GLU B 626 17.22 16.59 -9.94
N GLU B 627 18.20 15.83 -9.47
CA GLU B 627 18.04 14.38 -9.31
C GLU B 627 17.02 14.05 -8.23
N VAL B 628 17.28 14.46 -6.99
CA VAL B 628 16.51 14.05 -5.83
C VAL B 628 15.58 15.18 -5.43
N GLN B 629 14.29 15.01 -5.71
CA GLN B 629 13.28 15.99 -5.33
C GLN B 629 12.65 15.57 -4.01
N CYS B 630 12.61 16.51 -3.07
CA CYS B 630 12.06 16.26 -1.74
C CYS B 630 10.83 17.13 -1.52
N PHE B 631 9.90 16.61 -0.73
CA PHE B 631 8.72 17.38 -0.34
C PHE B 631 7.97 16.70 0.81
N ALA B 632 7.73 17.45 1.89
CA ALA B 632 6.85 17.02 2.97
C ALA B 632 7.27 15.66 3.51
N GLY B 633 8.56 15.51 3.78
CA GLY B 633 9.08 14.28 4.36
C GLY B 633 9.34 13.17 3.36
N ASP B 634 8.89 13.31 2.12
CA ASP B 634 9.19 12.36 1.07
C ASP B 634 10.39 12.86 0.27
N CYS B 635 11.07 11.92 -0.39
CA CYS B 635 12.18 12.26 -1.27
C CYS B 635 12.30 11.17 -2.31
N TRP B 636 12.15 11.54 -3.58
CA TRP B 636 12.24 10.61 -4.68
C TRP B 636 13.11 11.21 -5.78
N CYS B 637 13.82 10.35 -6.48
CA CYS B 637 14.75 10.80 -7.52
C CYS B 637 14.11 10.79 -8.89
N GLU B 644 8.60 11.04 -12.68
CA GLU B 644 9.75 10.47 -12.00
C GLU B 644 9.90 9.00 -12.36
N LEU B 645 10.58 8.24 -11.50
CA LEU B 645 10.79 6.81 -11.69
C LEU B 645 10.29 6.07 -10.46
N ALA B 646 9.70 4.90 -10.67
CA ALA B 646 9.11 4.15 -9.57
C ALA B 646 10.19 3.61 -8.64
N GLY B 647 9.76 3.20 -7.46
CA GLY B 647 10.66 2.64 -6.48
C GLY B 647 11.70 3.61 -5.97
N SER B 648 11.28 4.84 -5.68
CA SER B 648 12.19 5.87 -5.16
C SER B 648 11.66 6.61 -3.95
N ARG B 649 10.35 6.59 -3.69
CA ARG B 649 9.81 7.30 -2.54
C ARG B 649 10.36 6.72 -1.25
N VAL B 650 11.20 7.48 -0.55
CA VAL B 650 11.70 7.09 0.76
C VAL B 650 11.20 8.13 1.75
N ARG B 651 10.38 7.69 2.68
CA ARG B 651 9.78 8.57 3.68
C ARG B 651 10.84 8.89 4.71
N GLY B 652 11.27 10.15 4.76
CA GLY B 652 12.38 10.53 5.61
C GLY B 652 13.72 10.19 4.98
N GLY B 653 14.76 10.89 5.42
CA GLY B 653 16.07 10.66 4.85
C GLY B 653 16.13 11.10 3.39
N ARG B 654 17.05 10.48 2.67
CA ARG B 654 17.27 10.76 1.27
C ARG B 654 17.42 9.45 0.52
N PRO B 655 16.98 9.37 -0.74
CA PRO B 655 17.20 8.16 -1.53
C PRO B 655 18.49 8.21 -2.32
N ARG B 656 18.90 7.04 -2.77
CA ARG B 656 20.09 6.88 -3.61
C ARG B 656 19.66 6.62 -5.04
N CYS B 657 20.18 7.41 -5.97
CA CYS B 657 19.84 7.23 -7.36
C CYS B 657 20.34 5.86 -7.82
N PRO B 658 19.51 5.07 -8.52
CA PRO B 658 19.96 3.73 -8.94
C PRO B 658 21.24 3.80 -9.75
N THR B 659 22.26 3.08 -9.27
CA THR B 659 23.53 3.02 -9.97
C THR B 659 23.37 2.31 -11.31
N GLU B 660 24.42 2.37 -12.13
CA GLU B 660 24.40 1.65 -13.39
C GLU B 660 24.12 0.17 -13.18
N CYS B 661 24.71 -0.40 -12.14
CA CYS B 661 24.51 -1.82 -11.86
C CYS B 661 23.04 -2.12 -11.60
N GLU B 662 22.41 -1.36 -10.71
CA GLU B 662 21.02 -1.64 -10.36
C GLU B 662 20.10 -1.51 -11.55
N LYS B 663 20.39 -0.58 -12.47
CA LYS B 663 19.60 -0.48 -13.68
C LYS B 663 19.75 -1.72 -14.54
N GLN B 664 20.98 -2.23 -14.68
CA GLN B 664 21.19 -3.43 -15.46
C GLN B 664 20.61 -4.66 -14.76
N ARG B 665 20.65 -4.68 -13.44
CA ARG B 665 20.03 -5.78 -12.70
C ARG B 665 18.54 -5.82 -12.95
N ALA B 666 17.86 -4.69 -12.78
CA ALA B 666 16.41 -4.66 -12.96
C ALA B 666 16.02 -5.01 -14.39
N ARG B 667 16.73 -4.46 -15.36
CA ARG B 667 16.42 -4.78 -16.76
C ARG B 667 16.58 -6.26 -17.04
N MET B 668 17.68 -6.85 -16.55
CA MET B 668 17.90 -8.27 -16.80
C MET B 668 16.93 -9.13 -16.00
N GLN B 669 16.57 -8.71 -14.79
CA GLN B 669 15.56 -9.44 -14.03
C GLN B 669 14.23 -9.43 -14.77
N SER B 670 13.83 -8.27 -15.28
CA SER B 670 12.58 -8.19 -16.03
C SER B 670 12.66 -9.02 -17.30
N LEU B 671 13.79 -8.96 -18.00
CA LEU B 671 13.96 -9.80 -19.18
C LEU B 671 13.95 -11.27 -18.81
N LEU B 672 14.30 -11.61 -17.56
CA LEU B 672 14.30 -13.01 -17.15
C LEU B 672 12.91 -13.61 -17.24
N GLY B 673 11.88 -12.81 -16.93
CA GLY B 673 10.51 -13.33 -16.98
C GLY B 673 10.15 -13.90 -18.32
N SER B 674 10.75 -13.39 -19.40
CA SER B 674 10.47 -13.93 -20.72
C SER B 674 11.13 -15.30 -20.92
N GLN B 675 12.30 -15.51 -20.33
CA GLN B 675 13.03 -16.75 -20.57
C GLN B 675 12.23 -17.94 -20.05
N PRO B 676 12.19 -19.06 -20.78
CA PRO B 676 11.47 -20.23 -20.28
C PRO B 676 12.08 -20.74 -18.99
N ALA B 677 11.22 -21.32 -18.14
CA ALA B 677 11.68 -21.88 -16.88
C ALA B 677 12.69 -22.98 -17.13
N GLY B 678 13.71 -23.04 -16.28
CA GLY B 678 14.79 -23.97 -16.43
C GLY B 678 16.00 -23.40 -17.15
N SER B 679 15.83 -22.30 -17.86
CA SER B 679 16.93 -21.60 -18.52
C SER B 679 17.19 -20.30 -17.77
N SER B 680 18.42 -19.82 -17.86
CA SER B 680 18.84 -18.63 -17.14
C SER B 680 19.80 -17.84 -18.01
N LEU B 681 19.94 -16.56 -17.67
CA LEU B 681 20.90 -15.69 -18.31
C LEU B 681 21.48 -14.75 -17.25
N PHE B 682 22.37 -13.87 -17.68
CA PHE B 682 23.16 -13.09 -16.74
C PHE B 682 22.33 -12.00 -16.09
N VAL B 683 22.31 -11.98 -14.76
CA VAL B 683 21.65 -10.93 -13.99
C VAL B 683 22.69 -10.35 -13.02
N PRO B 684 23.44 -9.33 -13.42
CA PRO B 684 24.56 -8.89 -12.57
C PRO B 684 24.07 -8.48 -11.19
N ALA B 685 24.85 -8.86 -10.18
CA ALA B 685 24.49 -8.61 -8.80
C ALA B 685 25.26 -7.42 -8.27
N CYS B 686 24.58 -6.59 -7.48
CA CYS B 686 25.07 -5.30 -7.06
C CYS B 686 25.27 -5.32 -5.55
N THR B 687 26.23 -4.56 -5.06
CA THR B 687 26.43 -4.50 -3.62
C THR B 687 25.32 -3.67 -2.98
N SER B 688 25.43 -3.45 -1.67
CA SER B 688 24.43 -2.68 -0.96
C SER B 688 24.38 -1.24 -1.47
N LYS B 689 25.54 -0.60 -1.60
CA LYS B 689 25.58 0.76 -2.10
C LYS B 689 25.09 0.84 -3.53
N GLY B 690 25.50 -0.10 -4.38
CA GLY B 690 25.06 -0.13 -5.76
C GLY B 690 26.15 -0.49 -6.75
N ASN B 691 27.37 -0.72 -6.27
CA ASN B 691 28.46 -1.06 -7.16
C ASN B 691 28.34 -2.50 -7.65
N PHE B 692 28.93 -2.76 -8.80
CA PHE B 692 29.04 -4.13 -9.29
C PHE B 692 29.87 -4.94 -8.32
N LEU B 693 29.52 -6.21 -8.16
CA LEU B 693 30.33 -7.07 -7.32
C LEU B 693 31.69 -7.28 -7.97
N PRO B 694 32.72 -7.59 -7.19
CA PRO B 694 34.04 -7.78 -7.79
C PRO B 694 34.07 -8.88 -8.82
N VAL B 695 33.26 -9.93 -8.66
CA VAL B 695 33.27 -11.08 -9.54
C VAL B 695 31.86 -11.29 -10.07
N GLN B 696 31.74 -11.49 -11.37
CA GLN B 696 30.46 -11.75 -12.03
C GLN B 696 30.56 -13.09 -12.73
N CYS B 697 29.66 -14.01 -12.37
CA CYS B 697 29.65 -15.35 -12.94
C CYS B 697 28.46 -15.50 -13.87
N PHE B 698 28.64 -16.26 -14.95
CA PHE B 698 27.52 -16.58 -15.83
C PHE B 698 27.20 -18.06 -15.85
N ASN B 699 28.14 -18.92 -16.25
CA ASN B 699 27.92 -20.37 -16.17
C ASN B 699 29.26 -21.08 -16.07
N SER B 700 29.67 -21.39 -14.85
CA SER B 700 30.95 -22.05 -14.60
C SER B 700 32.13 -21.26 -15.12
N GLU B 701 31.94 -19.99 -15.48
CA GLU B 701 33.02 -19.13 -15.97
C GLU B 701 32.81 -17.75 -15.38
N CYS B 702 33.65 -17.38 -14.42
CA CYS B 702 33.51 -16.14 -13.67
C CYS B 702 34.64 -15.20 -14.06
N TYR B 703 34.30 -13.95 -14.27
CA TYR B 703 35.26 -12.92 -14.65
C TYR B 703 35.18 -11.76 -13.67
N CYS B 704 36.31 -11.30 -13.17
CA CYS B 704 36.32 -10.13 -12.32
C CYS B 704 36.02 -8.90 -13.16
N VAL B 705 35.15 -8.02 -12.65
CA VAL B 705 34.67 -6.88 -13.41
C VAL B 705 35.19 -5.60 -12.80
N ASP B 706 35.35 -4.59 -13.65
CA ASP B 706 35.80 -3.27 -13.22
C ASP B 706 34.59 -2.52 -12.65
N THR B 707 34.74 -1.20 -12.47
CA THR B 707 33.72 -0.43 -11.76
C THR B 707 32.37 -0.51 -12.47
N GLU B 708 32.34 -0.26 -13.77
CA GLU B 708 31.09 -0.29 -14.52
C GLU B 708 30.87 -1.65 -15.19
N GLY B 709 31.06 -2.72 -14.42
CA GLY B 709 30.60 -4.04 -14.86
C GLY B 709 31.13 -4.50 -16.19
N GLN B 710 32.39 -4.21 -16.51
CA GLN B 710 33.00 -4.68 -17.74
C GLN B 710 34.10 -5.68 -17.42
N PRO B 711 34.12 -6.86 -18.02
CA PRO B 711 35.13 -7.85 -17.64
C PRO B 711 36.54 -7.30 -17.78
N ILE B 712 37.40 -7.67 -16.84
CA ILE B 712 38.80 -7.29 -16.90
C ILE B 712 39.50 -8.30 -17.80
N PRO B 713 40.40 -7.89 -18.70
CA PRO B 713 41.11 -8.88 -19.52
C PRO B 713 41.86 -9.88 -18.67
N GLY B 714 41.84 -11.14 -19.10
CA GLY B 714 42.32 -12.18 -18.23
C GLY B 714 41.33 -12.34 -17.08
N THR B 715 41.78 -13.03 -16.04
CA THR B 715 40.97 -13.24 -14.85
C THR B 715 39.59 -13.76 -15.21
N ARG B 716 39.55 -14.77 -16.08
CA ARG B 716 38.29 -15.37 -16.50
C ARG B 716 38.29 -16.85 -16.09
N SER B 717 38.69 -17.11 -14.86
CA SER B 717 38.75 -18.46 -14.34
C SER B 717 37.36 -19.09 -14.32
N ALA B 718 37.34 -20.39 -14.08
CA ALA B 718 36.09 -21.12 -13.98
C ALA B 718 35.52 -20.99 -12.58
N LEU B 719 34.22 -21.24 -12.47
CA LEU B 719 33.55 -21.13 -11.18
C LEU B 719 34.09 -22.16 -10.22
N GLY B 720 34.13 -21.81 -8.95
CA GLY B 720 34.57 -22.74 -7.95
C GLY B 720 36.07 -22.87 -7.83
N GLU B 721 36.78 -21.76 -7.86
CA GLU B 721 38.21 -21.76 -7.61
C GLU B 721 38.61 -20.36 -7.18
N PRO B 722 39.42 -20.21 -6.12
CA PRO B 722 39.70 -18.85 -5.63
C PRO B 722 40.27 -17.97 -6.72
N LYS B 723 39.82 -16.72 -6.75
CA LYS B 723 40.26 -15.75 -7.73
C LYS B 723 40.60 -14.45 -7.01
N LYS B 724 41.87 -14.08 -7.04
CA LYS B 724 42.33 -12.82 -6.47
C LYS B 724 42.41 -11.81 -7.60
N CYS B 725 41.56 -10.81 -7.57
CA CYS B 725 41.41 -9.83 -8.63
C CYS B 725 41.40 -8.44 -8.04
N PRO B 726 41.62 -7.41 -8.86
CA PRO B 726 41.95 -6.08 -8.32
C PRO B 726 41.03 -5.62 -7.20
N SER B 727 41.63 -5.12 -6.14
CA SER B 727 40.87 -4.55 -5.05
C SER B 727 40.13 -3.32 -5.54
N PRO B 728 39.05 -2.91 -4.85
CA PRO B 728 38.35 -1.70 -5.30
C PRO B 728 39.26 -0.50 -5.44
N CYS B 729 40.21 -0.32 -4.54
CA CYS B 729 41.08 0.84 -4.64
C CYS B 729 41.91 0.80 -5.92
N GLN B 730 42.47 -0.36 -6.24
CA GLN B 730 43.24 -0.47 -7.47
C GLN B 730 42.35 -0.26 -8.69
N LEU B 731 41.05 -0.57 -8.57
CA LEU B 731 40.14 -0.30 -9.66
C LEU B 731 39.87 1.20 -9.78
N GLN B 732 39.66 1.87 -8.66
CA GLN B 732 39.56 3.32 -8.70
C GLN B 732 40.90 3.95 -9.09
N ALA B 733 42.00 3.22 -8.94
CA ALA B 733 43.30 3.74 -9.36
C ALA B 733 43.40 3.83 -10.87
N GLU B 734 43.04 2.74 -11.57
CA GLU B 734 43.09 2.80 -13.03
C GLU B 734 42.05 3.76 -13.57
N ARG B 735 40.83 3.74 -13.01
CA ARG B 735 39.77 4.58 -13.54
C ARG B 735 40.16 6.05 -13.49
N ALA B 736 40.71 6.49 -12.36
CA ALA B 736 41.25 7.85 -12.30
C ALA B 736 42.39 8.02 -13.29
N PHE B 737 43.26 7.02 -13.41
CA PHE B 737 44.39 7.13 -14.33
C PHE B 737 43.91 7.32 -15.75
N LEU B 738 42.88 6.59 -16.16
CA LEU B 738 42.29 6.82 -17.48
C LEU B 738 41.51 8.12 -17.49
N GLY B 739 40.68 8.36 -16.48
CA GLY B 739 39.84 9.55 -16.47
C GLY B 739 40.64 10.83 -16.46
N THR B 740 41.67 10.90 -15.61
CA THR B 740 42.44 12.12 -15.48
C THR B 740 43.36 12.35 -16.67
N VAL B 741 43.78 11.28 -17.35
CA VAL B 741 44.66 11.43 -18.51
C VAL B 741 43.86 11.46 -19.80
N ARG B 742 42.77 10.71 -19.88
CA ARG B 742 41.94 10.72 -21.09
C ARG B 742 41.39 12.11 -21.37
N THR B 743 41.20 12.93 -20.33
CA THR B 743 40.78 14.30 -20.56
C THR B 743 41.91 15.15 -21.12
N LEU B 744 43.16 14.79 -20.84
CA LEU B 744 44.30 15.51 -21.35
C LEU B 744 44.46 15.27 -22.84
N TYR B 758 43.12 13.67 -9.62
CA TYR B 758 43.24 12.94 -8.36
C TYR B 758 43.43 11.45 -8.60
N ILE B 759 44.61 10.95 -8.23
CA ILE B 759 44.94 9.53 -8.32
C ILE B 759 44.85 8.95 -6.92
N PRO B 760 43.90 8.07 -6.62
CA PRO B 760 43.86 7.45 -5.29
C PRO B 760 44.98 6.43 -5.15
N GLN B 761 45.90 6.68 -4.23
CA GLN B 761 47.01 5.77 -3.98
C GLN B 761 46.59 4.71 -2.98
N CYS B 762 46.91 3.45 -3.27
CA CYS B 762 46.45 2.32 -2.49
C CYS B 762 47.63 1.59 -1.86
N SER B 763 47.39 1.02 -0.69
CA SER B 763 48.41 0.23 -0.02
C SER B 763 48.75 -1.00 -0.84
N ALA B 764 50.00 -1.44 -0.73
CA ALA B 764 50.46 -2.58 -1.53
C ALA B 764 49.60 -3.81 -1.30
N SER B 765 49.10 -3.99 -0.08
CA SER B 765 48.25 -5.15 0.19
C SER B 765 46.96 -5.10 -0.61
N GLY B 766 46.53 -3.90 -1.00
CA GLY B 766 45.32 -3.70 -1.80
C GLY B 766 44.30 -2.80 -1.14
N GLN B 767 44.26 -2.78 0.19
CA GLN B 767 43.32 -1.92 0.89
C GLN B 767 43.63 -0.46 0.60
N TRP B 768 42.62 0.39 0.78
CA TRP B 768 42.83 1.82 0.63
C TRP B 768 43.87 2.30 1.61
N SER B 769 44.86 3.02 1.10
CA SER B 769 45.85 3.59 2.00
C SER B 769 45.16 4.59 2.92
N PRO B 770 45.61 4.69 4.18
CA PRO B 770 44.94 5.62 5.10
C PRO B 770 44.96 7.04 4.60
N VAL B 771 46.02 7.45 3.92
CA VAL B 771 46.18 8.81 3.39
C VAL B 771 45.99 8.75 1.89
N GLN B 772 45.11 9.60 1.36
CA GLN B 772 44.79 9.64 -0.06
C GLN B 772 45.00 11.04 -0.60
N CYS B 773 45.54 11.13 -1.80
CA CYS B 773 45.77 12.41 -2.46
C CYS B 773 46.27 12.20 -3.89
N CYS B 898 48.06 16.23 1.53
CA CYS B 898 47.22 15.09 1.21
C CYS B 898 46.00 15.06 2.13
N TRP B 899 45.21 14.00 2.06
CA TRP B 899 44.12 13.78 2.99
C TRP B 899 44.00 12.30 3.29
N CYS B 900 43.03 11.95 4.12
CA CYS B 900 42.87 10.58 4.61
C CYS B 900 41.43 10.14 4.49
N VAL B 901 41.25 8.85 4.20
CA VAL B 901 39.94 8.26 3.97
C VAL B 901 39.83 6.98 4.79
N ASP B 902 38.60 6.52 4.97
CA ASP B 902 38.35 5.25 5.62
C ASP B 902 38.56 4.11 4.64
N GLU B 903 38.59 2.89 5.16
CA GLU B 903 38.93 1.72 4.35
C GLU B 903 37.91 1.41 3.26
N ALA B 904 36.84 2.19 3.13
CA ALA B 904 35.99 2.13 1.96
C ALA B 904 36.40 3.12 0.88
N GLY B 905 37.42 3.94 1.15
CA GLY B 905 37.85 4.95 0.21
C GLY B 905 37.09 6.25 0.28
N GLN B 906 36.02 6.31 1.06
CA GLN B 906 35.20 7.51 1.13
C GLN B 906 35.95 8.64 1.84
N LYS B 907 35.80 9.85 1.32
CA LYS B 907 36.50 11.01 1.88
C LYS B 907 36.19 11.16 3.35
N LEU B 908 37.23 11.46 4.14
CA LEU B 908 37.10 11.67 5.57
C LEU B 908 37.66 13.04 5.91
N GLU B 909 36.77 13.99 6.18
CA GLU B 909 37.16 15.34 6.55
C GLU B 909 38.12 15.33 7.73
N VAL B 918 52.24 15.51 7.65
CA VAL B 918 51.33 14.49 7.18
C VAL B 918 49.98 14.66 7.88
N PRO B 919 48.87 14.45 7.15
CA PRO B 919 47.56 14.57 7.81
C PRO B 919 47.14 13.30 8.52
N ALA B 920 47.88 12.94 9.56
CA ALA B 920 47.45 11.86 10.43
C ALA B 920 46.09 12.21 11.02
N CYS B 921 45.21 11.22 11.09
CA CYS B 921 43.80 11.50 11.31
C CYS B 921 43.18 10.32 12.05
N PRO B 922 41.93 10.44 12.50
CA PRO B 922 41.49 9.71 13.69
C PRO B 922 41.51 8.20 13.51
N GLY B 923 41.24 7.53 14.62
CA GLY B 923 41.11 6.10 14.70
C GLY B 923 39.66 5.67 14.69
N SER B 924 39.40 4.52 15.33
CA SER B 924 38.06 3.95 15.27
C SER B 924 37.03 4.88 15.89
N CYS B 925 37.33 5.43 17.07
CA CYS B 925 36.37 6.22 17.83
C CYS B 925 36.49 7.71 17.54
N GLU B 926 37.73 8.21 17.52
CA GLU B 926 37.93 9.65 17.40
C GLU B 926 37.15 10.21 16.23
N GLU B 927 37.12 9.49 15.11
CA GLU B 927 36.28 9.92 13.99
C GLU B 927 34.82 9.96 14.42
N VAL B 928 34.37 8.95 15.17
CA VAL B 928 33.00 8.95 15.67
C VAL B 928 32.81 10.05 16.70
N LYS B 929 33.89 10.53 17.29
CA LYS B 929 33.80 11.68 18.19
C LYS B 929 33.84 12.99 17.44
N LEU B 930 34.63 13.09 16.36
CA LEU B 930 34.61 14.32 15.57
C LEU B 930 33.22 14.59 15.00
N ARG B 931 32.47 13.55 14.67
CA ARG B 931 31.10 13.77 14.22
C ARG B 931 30.27 14.44 15.30
N VAL B 932 30.39 13.97 16.54
CA VAL B 932 29.63 14.57 17.62
C VAL B 932 30.14 15.98 17.90
N LEU B 933 31.45 16.19 17.86
CA LEU B 933 31.97 17.54 18.05
C LEU B 933 31.48 18.46 16.95
N GLN B 934 31.50 17.99 15.70
CA GLN B 934 30.97 18.78 14.60
C GLN B 934 29.49 19.06 14.81
N PHE B 935 28.74 18.07 15.30
CA PHE B 935 27.31 18.24 15.49
C PHE B 935 27.02 19.37 16.48
N ILE B 936 27.67 19.34 17.64
CA ILE B 936 27.45 20.42 18.61
C ILE B 936 27.92 21.75 18.02
N ARG B 937 28.99 21.73 17.24
CA ARG B 937 29.41 22.94 16.56
C ARG B 937 28.32 23.45 15.63
N GLU B 938 27.70 22.55 14.87
CA GLU B 938 26.60 22.94 13.99
C GLU B 938 25.43 23.48 14.81
N ALA B 939 25.09 22.81 15.91
CA ALA B 939 23.98 23.28 16.74
C ALA B 939 24.25 24.66 17.28
N GLU B 940 25.48 24.92 17.74
CA GLU B 940 25.81 26.25 18.23
C GLU B 940 25.85 27.26 17.09
N GLU B 941 26.24 26.83 15.89
CA GLU B 941 26.18 27.73 14.75
C GLU B 941 24.76 28.21 14.52
N ILE B 942 23.78 27.32 14.69
CA ILE B 942 22.39 27.73 14.53
C ILE B 942 22.00 28.77 15.55
N VAL B 943 22.31 28.51 16.82
CA VAL B 943 21.89 29.42 17.89
C VAL B 943 22.49 30.81 17.67
N THR B 944 23.74 30.88 17.20
CA THR B 944 24.35 32.18 16.98
C THR B 944 23.81 32.85 15.73
N TYR B 945 23.41 32.09 14.71
CA TYR B 945 22.72 32.71 13.58
C TYR B 945 21.39 33.29 14.03
N SER B 946 20.64 32.55 14.84
CA SER B 946 19.38 33.06 15.37
C SER B 946 19.62 34.31 16.21
N ASN B 947 20.65 34.27 17.06
CA ASN B 947 20.96 35.45 17.88
C ASN B 947 21.29 36.65 17.01
N SER B 948 22.00 36.42 15.90
CA SER B 948 22.27 37.50 14.95
C SER B 948 21.05 37.87 14.13
N SER B 949 20.11 36.95 13.98
CA SER B 949 18.82 37.22 13.35
C SER B 949 19.00 37.72 11.91
N ARG B 950 19.51 36.80 11.09
CA ARG B 950 19.55 37.01 9.64
C ARG B 950 18.81 35.88 8.91
N PHE B 951 17.94 35.15 9.60
CA PHE B 951 17.14 34.11 9.00
C PHE B 951 15.74 34.19 9.58
N PRO B 952 14.70 34.03 8.77
CA PRO B 952 13.34 33.97 9.30
C PRO B 952 12.90 32.56 9.65
N LEU B 953 11.92 32.49 10.54
CA LEU B 953 11.38 31.19 10.95
C LEU B 953 10.79 30.45 9.76
N GLY B 954 10.09 31.19 8.90
CA GLY B 954 9.54 30.59 7.71
C GLY B 954 10.59 29.89 6.88
N GLU B 955 11.81 30.43 6.85
CA GLU B 955 12.87 29.78 6.08
C GLU B 955 13.14 28.39 6.63
N SER B 956 13.26 28.28 7.95
CA SER B 956 13.54 26.98 8.55
C SER B 956 12.42 25.99 8.28
N PHE B 957 11.17 26.43 8.46
CA PHE B 957 10.05 25.53 8.20
C PHE B 957 10.01 25.12 6.73
N LEU B 958 10.10 26.10 5.84
CA LEU B 958 10.02 25.84 4.41
C LEU B 958 11.11 24.87 3.99
N ALA B 959 12.32 25.02 4.52
CA ALA B 959 13.36 24.04 4.28
C ALA B 959 12.96 22.69 4.84
N ALA B 960 12.31 22.68 6.01
CA ALA B 960 11.84 21.41 6.57
C ALA B 960 10.94 20.69 5.59
N LYS B 961 10.17 21.43 4.80
CA LYS B 961 9.35 20.83 3.76
C LYS B 961 10.08 20.69 2.43
N GLY B 962 11.38 20.97 2.40
CA GLY B 962 12.14 20.86 1.17
C GLY B 962 11.74 21.85 0.09
N ILE B 963 11.56 23.12 0.47
CA ILE B 963 11.18 24.17 -0.48
C ILE B 963 12.14 25.34 -0.34
N ARG B 964 13.40 25.07 -0.02
CA ARG B 964 14.37 26.15 0.14
C ARG B 964 14.34 27.10 -1.03
N LEU B 965 14.72 28.34 -0.78
CA LEU B 965 14.75 29.39 -1.78
C LEU B 965 16.17 29.62 -2.26
N THR B 966 16.32 29.82 -3.57
CA THR B 966 17.62 30.01 -4.19
C THR B 966 17.96 31.49 -4.26
N ASP B 967 19.22 31.82 -3.97
CA ASP B 967 19.67 33.21 -4.10
C ASP B 967 19.66 33.68 -5.55
N GLU B 968 19.55 32.78 -6.52
CA GLU B 968 19.45 33.22 -7.91
C GLU B 968 18.16 33.99 -8.14
N GLU B 969 17.05 33.53 -7.56
CA GLU B 969 15.80 34.27 -7.58
C GLU B 969 15.64 35.19 -6.37
N LEU B 970 16.65 35.27 -5.52
CA LEU B 970 16.74 36.30 -4.47
C LEU B 970 18.19 36.78 -4.46
N ALA B 971 18.47 37.79 -5.29
CA ALA B 971 19.84 38.27 -5.44
C ALA B 971 20.33 39.05 -4.23
N PHE B 972 19.45 39.36 -3.29
CA PHE B 972 19.83 40.23 -2.17
C PHE B 972 21.01 39.68 -1.38
N PRO B 973 20.99 38.42 -0.89
CA PRO B 973 22.15 37.91 -0.16
C PRO B 973 23.42 37.81 -1.02
N LEU B 983 21.42 25.98 6.08
CA LEU B 983 20.17 25.49 5.49
C LEU B 983 20.37 24.13 4.82
N GLU B 984 21.59 23.85 4.38
CA GLU B 984 21.91 22.51 3.92
C GLU B 984 21.71 21.49 5.04
N LYS B 985 21.78 21.94 6.30
CA LYS B 985 21.54 21.05 7.43
C LYS B 985 20.12 20.50 7.41
N PHE B 986 19.15 21.36 7.11
CA PHE B 986 17.74 21.03 7.29
C PHE B 986 17.06 20.49 6.05
N LEU B 987 17.53 20.85 4.85
CA LEU B 987 16.81 20.48 3.63
C LEU B 987 16.52 18.99 3.58
N SER B 988 17.55 18.17 3.78
CA SER B 988 17.34 16.73 3.88
C SER B 988 16.60 16.44 5.18
N GLY B 989 15.33 16.08 5.07
CA GLY B 989 14.53 15.83 6.25
C GLY B 989 14.92 14.53 6.91
N SER B 990 16.13 14.49 7.47
CA SER B 990 16.69 13.30 8.10
C SER B 990 16.68 13.46 9.61
N ASP B 991 16.66 12.32 10.30
CA ASP B 991 16.62 12.35 11.76
C ASP B 991 17.78 13.12 12.35
N TYR B 992 18.92 13.15 11.65
CA TYR B 992 20.03 13.99 12.10
C TYR B 992 19.62 15.45 12.14
N ALA B 993 18.87 15.90 11.13
CA ALA B 993 18.38 17.27 11.14
C ALA B 993 17.42 17.51 12.31
N ILE B 994 16.56 16.53 12.60
CA ILE B 994 15.66 16.67 13.74
C ILE B 994 16.47 16.84 15.02
N ARG B 995 17.48 16.00 15.22
CA ARG B 995 18.30 16.11 16.41
C ARG B 995 18.98 17.47 16.48
N LEU B 996 19.50 17.93 15.35
CA LEU B 996 20.22 19.20 15.32
C LEU B 996 19.29 20.35 15.69
N ALA B 997 18.09 20.37 15.12
CA ALA B 997 17.14 21.43 15.45
C ALA B 997 16.71 21.34 16.91
N ALA B 998 16.49 20.13 17.42
CA ALA B 998 16.10 19.98 18.81
C ALA B 998 17.19 20.49 19.75
N GLN B 999 18.44 20.16 19.45
CA GLN B 999 19.54 20.69 20.25
C GLN B 999 19.59 22.21 20.15
N SER B 1000 19.35 22.75 18.95
CA SER B 1000 19.38 24.19 18.77
C SER B 1000 18.34 24.89 19.63
N THR B 1001 17.09 24.42 19.56
CA THR B 1001 16.03 25.11 20.28
C THR B 1001 16.16 24.90 21.79
N PHE B 1002 16.52 23.69 22.22
CA PHE B 1002 16.74 23.46 23.65
C PHE B 1002 17.78 24.43 24.18
N ASP B 1003 18.90 24.58 23.47
CA ASP B 1003 19.93 25.51 23.88
C ASP B 1003 19.37 26.92 23.99
N PHE B 1004 18.85 27.44 22.88
CA PHE B 1004 18.45 28.84 22.77
C PHE B 1004 17.69 29.32 24.00
N TYR B 1005 16.54 28.70 24.27
CA TYR B 1005 15.76 29.10 25.43
C TYR B 1005 16.56 28.91 26.72
N GLN B 1006 17.22 27.76 26.87
CA GLN B 1006 17.93 27.48 28.10
C GLN B 1006 19.02 28.51 28.35
N ARG B 1007 19.82 28.82 27.33
CA ARG B 1007 20.99 29.67 27.49
C ARG B 1007 20.74 31.10 27.05
N ARG B 1008 19.51 31.48 26.74
CA ARG B 1008 19.20 32.88 26.48
C ARG B 1008 18.83 33.59 27.78
N LEU B 1009 17.81 33.10 28.47
CA LEU B 1009 17.42 33.71 29.74
C LEU B 1009 18.53 33.59 30.78
N VAL B 1010 19.16 32.43 30.86
CA VAL B 1010 20.19 32.18 31.86
C VAL B 1010 21.57 32.25 31.21
N SER B 1025 24.34 16.40 28.20
CA SER B 1025 23.98 16.86 26.87
C SER B 1025 24.31 15.79 25.83
N ALA B 1026 24.79 16.20 24.66
CA ALA B 1026 25.09 15.24 23.61
C ALA B 1026 26.14 14.25 24.08
N TYR B 1027 25.89 12.98 23.81
CA TYR B 1027 26.82 11.91 24.17
C TYR B 1027 27.97 11.86 23.19
N LEU B 1028 29.14 12.32 23.61
CA LEU B 1028 30.34 12.17 22.81
C LEU B 1028 31.18 11.05 23.39
N PRO B 1029 31.49 10.00 22.63
CA PRO B 1029 32.08 8.81 23.24
C PRO B 1029 33.41 9.10 23.92
N GLN B 1030 33.63 8.40 25.03
CA GLN B 1030 34.91 8.46 25.71
C GLN B 1030 35.91 7.59 24.96
N CYS B 1031 37.11 8.12 24.76
CA CYS B 1031 38.13 7.46 23.97
C CYS B 1031 39.42 7.37 24.75
N ASP B 1032 40.31 6.48 24.30
CA ASP B 1032 41.61 6.31 24.92
C ASP B 1032 42.60 7.31 24.30
N ALA B 1033 43.87 7.19 24.67
CA ALA B 1033 44.88 8.11 24.15
C ALA B 1033 45.29 7.81 22.73
N PHE B 1034 45.01 6.61 22.22
CA PHE B 1034 45.43 6.20 20.89
C PHE B 1034 44.29 6.20 19.88
N GLY B 1035 43.16 6.79 20.22
CA GLY B 1035 42.04 6.87 19.31
C GLY B 1035 41.16 5.64 19.27
N GLY B 1036 41.49 4.61 20.03
CA GLY B 1036 40.66 3.42 20.07
C GLY B 1036 39.56 3.55 21.10
N TRP B 1037 38.45 2.88 20.84
CA TRP B 1037 37.32 2.95 21.75
C TRP B 1037 37.72 2.48 23.14
N GLU B 1038 37.36 3.26 24.15
CA GLU B 1038 37.51 2.79 25.52
C GLU B 1038 36.51 1.67 25.78
N PRO B 1039 36.91 0.61 26.49
CA PRO B 1039 36.01 -0.54 26.61
C PRO B 1039 34.67 -0.21 27.23
N VAL B 1040 34.65 0.68 28.22
CA VAL B 1040 33.44 1.00 28.97
C VAL B 1040 33.03 2.42 28.62
N GLN B 1041 31.86 2.54 28.00
CA GLN B 1041 31.31 3.82 27.59
C GLN B 1041 30.22 4.25 28.55
N CYS B 1042 30.29 5.50 29.01
CA CYS B 1042 29.35 6.05 29.98
C CYS B 1042 28.71 7.33 29.46
N HIS B 1043 27.40 7.47 29.71
CA HIS B 1043 26.66 8.63 29.23
C HIS B 1043 27.03 9.91 29.96
N ALA B 1044 27.85 9.83 31.00
CA ALA B 1044 28.48 10.98 31.64
C ALA B 1044 27.51 11.79 32.47
N ALA B 1045 26.22 11.45 32.43
CA ALA B 1045 25.23 12.16 33.24
C ALA B 1045 24.04 11.24 33.42
N THR B 1046 23.76 10.84 34.66
CA THR B 1046 22.82 9.77 34.94
C THR B 1046 23.14 8.59 34.04
N GLY B 1047 24.43 8.23 34.03
CA GLY B 1047 24.94 7.34 33.01
C GLY B 1047 24.43 5.93 33.18
N HIS B 1048 24.17 5.29 32.05
CA HIS B 1048 23.92 3.85 31.98
C HIS B 1048 25.13 3.29 31.24
N CYS B 1049 26.18 3.00 32.00
CA CYS B 1049 27.49 2.73 31.41
C CYS B 1049 27.49 1.36 30.73
N TRP B 1050 27.18 1.35 29.44
CA TRP B 1050 27.37 0.15 28.64
C TRP B 1050 28.83 0.07 28.21
N CYS B 1051 29.19 -1.06 27.62
CA CYS B 1051 30.54 -1.26 27.13
C CYS B 1051 30.53 -1.79 25.70
N VAL B 1052 31.55 -1.38 24.96
CA VAL B 1052 31.59 -1.56 23.52
C VAL B 1052 32.77 -2.43 23.16
N ASP B 1053 32.72 -2.97 21.94
CA ASP B 1053 33.81 -3.77 21.40
C ASP B 1053 34.91 -2.84 20.91
N GLY B 1054 35.85 -3.38 20.13
CA GLY B 1054 36.95 -2.58 19.64
C GLY B 1054 36.59 -1.64 18.51
N LYS B 1055 35.32 -1.57 18.11
CA LYS B 1055 34.88 -0.67 17.05
C LYS B 1055 33.62 0.10 17.44
N GLY B 1056 33.35 0.25 18.73
CA GLY B 1056 32.23 1.03 19.18
C GLY B 1056 30.89 0.32 19.15
N GLU B 1057 30.85 -0.93 18.69
CA GLU B 1057 29.59 -1.66 18.61
C GLU B 1057 29.23 -2.19 19.99
N TYR B 1058 28.10 -1.76 20.52
CA TYR B 1058 27.69 -2.14 21.86
C TYR B 1058 27.57 -3.65 21.97
N VAL B 1059 28.14 -4.21 23.01
CA VAL B 1059 28.06 -5.64 23.30
C VAL B 1059 27.23 -5.82 24.56
N PRO B 1060 26.27 -6.78 24.59
CA PRO B 1060 25.45 -6.95 25.78
C PRO B 1060 26.25 -7.16 27.06
N ALA B 1065 20.68 1.33 32.64
CA ALA B 1065 20.66 0.83 34.01
C ALA B 1065 21.57 1.68 34.90
N ARG B 1066 20.98 2.35 35.89
CA ARG B 1066 21.73 3.18 36.81
C ARG B 1066 22.32 2.33 37.92
N SER B 1067 23.03 1.27 37.56
CA SER B 1067 23.51 0.31 38.54
C SER B 1067 24.77 0.82 39.21
N ARG B 1068 24.99 0.32 40.43
CA ARG B 1068 26.23 0.55 41.15
C ARG B 1068 27.35 -0.24 40.50
N GLN B 1069 28.60 0.15 40.77
CA GLN B 1069 29.77 -0.50 40.19
C GLN B 1069 29.71 -0.42 38.66
N ILE B 1070 29.89 0.79 38.15
CA ILE B 1070 29.95 1.03 36.71
C ILE B 1070 30.74 -0.10 36.07
N PRO B 1071 30.13 -0.92 35.22
CA PRO B 1071 30.71 -2.23 34.94
C PRO B 1071 32.09 -2.11 34.32
N GLN B 1072 32.96 -3.05 34.69
CA GLN B 1072 34.22 -3.22 34.01
C GLN B 1072 34.02 -4.24 32.89
N CYS B 1073 34.46 -3.89 31.69
CA CYS B 1073 34.26 -4.73 30.53
C CYS B 1073 35.59 -4.97 29.82
N PRO B 1074 35.72 -6.10 29.14
CA PRO B 1074 37.04 -6.51 28.66
C PRO B 1074 37.56 -5.59 27.58
N THR B 1075 38.88 -5.48 27.52
CA THR B 1075 39.52 -4.71 26.46
C THR B 1075 39.37 -5.50 25.17
N SER B 1076 40.00 -5.02 24.11
CA SER B 1076 39.84 -5.69 22.82
C SER B 1076 40.34 -7.11 22.87
N CYS B 1077 41.51 -7.34 23.48
CA CYS B 1077 42.09 -8.69 23.41
C CYS B 1077 41.50 -9.60 24.47
N GLU B 1078 41.21 -9.08 25.67
CA GLU B 1078 40.55 -9.91 26.67
C GLU B 1078 39.22 -10.43 26.17
N ARG B 1079 38.64 -9.77 25.17
CA ARG B 1079 37.44 -10.28 24.52
C ARG B 1079 37.79 -11.34 23.49
N LEU B 1080 38.83 -11.12 22.69
CA LEU B 1080 39.25 -12.13 21.73
C LEU B 1080 39.76 -13.38 22.42
N ARG B 1081 40.55 -13.21 23.48
CA ARG B 1081 41.06 -14.37 24.19
C ARG B 1081 39.94 -15.18 24.83
N ALA B 1082 39.00 -14.50 25.47
CA ALA B 1082 37.92 -15.20 26.14
C ALA B 1082 37.08 -15.99 25.14
N SER B 1083 36.91 -15.44 23.93
CA SER B 1083 36.22 -16.18 22.89
C SER B 1083 37.07 -17.35 22.38
N GLY B 1084 38.33 -17.09 22.10
CA GLY B 1084 39.18 -18.13 21.55
C GLY B 1084 39.37 -19.30 22.48
N LEU B 1085 39.23 -19.07 23.79
CA LEU B 1085 39.32 -20.16 24.75
C LEU B 1085 38.02 -20.93 24.83
N LEU B 1086 36.90 -20.22 24.89
CA LEU B 1086 35.61 -20.88 25.06
C LEU B 1086 35.26 -21.73 23.85
N SER B 1087 35.35 -21.15 22.65
CA SER B 1087 34.84 -21.80 21.45
C SER B 1087 35.87 -21.94 20.35
N SER B 1088 37.14 -21.68 20.63
CA SER B 1088 38.21 -21.95 19.68
C SER B 1088 38.07 -21.14 18.41
N TRP B 1089 37.46 -19.95 18.49
CA TRP B 1089 37.42 -19.03 17.34
C TRP B 1089 38.73 -18.25 17.35
N LYS B 1090 39.78 -18.90 16.85
CA LYS B 1090 41.11 -18.33 16.93
C LYS B 1090 41.28 -17.19 15.94
N GLN B 1091 42.42 -16.52 16.03
CA GLN B 1091 42.75 -15.38 15.18
C GLN B 1091 43.90 -15.76 14.26
N ALA B 1092 43.84 -15.28 13.02
CA ALA B 1092 44.88 -15.62 12.06
C ALA B 1092 46.17 -14.88 12.34
N GLY B 1093 47.27 -15.47 11.90
CA GLY B 1093 48.58 -14.90 12.12
C GLY B 1093 49.21 -14.33 10.87
N VAL B 1094 48.97 -14.98 9.73
CA VAL B 1094 49.60 -14.58 8.47
C VAL B 1094 48.61 -13.96 7.49
N GLN B 1095 47.30 -14.15 7.69
CA GLN B 1095 46.25 -13.48 6.91
C GLN B 1095 46.14 -13.99 5.48
N ALA B 1096 47.03 -14.87 5.06
CA ALA B 1096 47.03 -15.41 3.70
C ALA B 1096 46.86 -16.93 3.81
N GLU B 1097 45.61 -17.38 3.85
CA GLU B 1097 45.29 -18.79 3.93
C GLU B 1097 46.06 -19.48 5.06
N PRO B 1098 45.91 -19.03 6.29
CA PRO B 1098 46.64 -19.66 7.39
C PRO B 1098 46.30 -21.13 7.51
N SER B 1099 47.33 -21.93 7.76
CA SER B 1099 47.10 -23.29 8.19
C SER B 1099 46.52 -23.26 9.59
N PRO B 1100 45.84 -24.33 10.02
CA PRO B 1100 45.29 -24.33 11.39
C PRO B 1100 46.35 -24.15 12.45
N LYS B 1101 47.63 -24.23 12.09
CA LYS B 1101 48.71 -23.95 13.02
C LYS B 1101 49.08 -22.48 13.06
N ASP B 1102 48.70 -21.70 12.04
CA ASP B 1102 48.97 -20.27 12.04
C ASP B 1102 48.01 -19.48 12.91
N LEU B 1103 46.91 -20.08 13.32
CA LEU B 1103 45.95 -19.41 14.19
C LEU B 1103 46.48 -19.37 15.61
N PHE B 1104 46.25 -18.26 16.29
CA PHE B 1104 46.64 -18.11 17.68
C PHE B 1104 45.49 -17.53 18.46
N ILE B 1105 45.40 -17.92 19.73
CA ILE B 1105 44.51 -17.27 20.69
C ILE B 1105 45.30 -16.12 21.30
N PRO B 1106 44.85 -14.87 21.17
CA PRO B 1106 45.66 -13.76 21.65
C PRO B 1106 46.00 -13.89 23.12
N THR B 1107 47.26 -13.65 23.46
CA THR B 1107 47.71 -13.64 24.84
C THR B 1107 47.71 -12.21 25.33
N CYS B 1108 46.98 -11.95 26.42
CA CYS B 1108 46.84 -10.62 26.98
C CYS B 1108 47.61 -10.54 28.28
N LEU B 1109 48.41 -9.50 28.43
CA LEU B 1109 49.04 -9.25 29.71
C LEU B 1109 47.98 -8.73 30.69
N GLU B 1110 48.42 -8.39 31.89
CA GLU B 1110 47.49 -8.23 33.00
C GLU B 1110 46.51 -7.09 32.77
N THR B 1111 47.01 -5.89 32.45
CA THR B 1111 46.13 -4.72 32.50
C THR B 1111 45.17 -4.64 31.33
N GLY B 1112 45.41 -5.36 30.24
CA GLY B 1112 44.41 -5.47 29.19
C GLY B 1112 44.92 -5.38 27.76
N GLU B 1113 46.01 -4.67 27.52
CA GLU B 1113 46.47 -4.51 26.15
C GLU B 1113 47.11 -5.80 25.65
N PHE B 1114 47.14 -5.95 24.33
CA PHE B 1114 47.71 -7.13 23.71
C PHE B 1114 49.13 -7.33 24.19
N ALA B 1115 49.49 -8.59 24.46
CA ALA B 1115 50.87 -8.89 24.79
C ALA B 1115 51.77 -8.45 23.64
N ARG B 1116 53.00 -8.09 23.98
CA ARG B 1116 53.92 -7.60 22.96
C ARG B 1116 54.17 -8.66 21.90
N LEU B 1117 54.35 -9.91 22.31
CA LEU B 1117 54.74 -11.00 21.43
C LEU B 1117 53.67 -12.09 21.48
N GLN B 1118 52.95 -12.25 20.38
CA GLN B 1118 51.91 -13.26 20.26
C GLN B 1118 52.48 -14.48 19.56
N ALA B 1119 52.20 -15.66 20.12
CA ALA B 1119 52.77 -16.90 19.66
C ALA B 1119 51.69 -17.83 19.12
N SER B 1120 52.06 -18.62 18.13
CA SER B 1120 51.18 -19.61 17.53
C SER B 1120 51.91 -20.94 17.44
N GLU B 1121 51.17 -21.97 17.02
CA GLU B 1121 51.75 -23.29 16.87
C GLU B 1121 52.83 -23.35 15.79
N ALA B 1122 52.92 -22.33 14.92
CA ALA B 1122 53.87 -22.31 13.83
C ALA B 1122 54.96 -21.27 13.99
N GLY B 1123 54.92 -20.46 15.04
CA GLY B 1123 55.94 -19.44 15.24
C GLY B 1123 55.43 -18.35 16.16
N THR B 1124 56.13 -17.22 16.12
CA THR B 1124 55.80 -16.07 16.93
C THR B 1124 56.11 -14.80 16.16
N TRP B 1125 55.47 -13.71 16.57
CA TRP B 1125 55.68 -12.42 15.92
C TRP B 1125 55.30 -11.33 16.90
N CYS B 1126 55.73 -10.11 16.58
CA CYS B 1126 55.56 -8.95 17.44
C CYS B 1126 54.31 -8.20 17.02
N VAL B 1127 53.46 -7.88 17.99
CA VAL B 1127 52.22 -7.14 17.77
C VAL B 1127 52.26 -5.87 18.60
N ASP B 1128 51.59 -4.83 18.11
CA ASP B 1128 51.53 -3.57 18.85
C ASP B 1128 50.42 -3.64 19.90
N PRO B 1129 50.71 -3.35 21.17
CA PRO B 1129 49.68 -3.54 22.20
C PRO B 1129 48.40 -2.75 21.97
N ALA B 1130 48.41 -1.74 21.10
CA ALA B 1130 47.18 -1.00 20.83
C ALA B 1130 46.13 -1.91 20.20
N SER B 1131 46.50 -2.60 19.12
CA SER B 1131 45.59 -3.51 18.43
C SER B 1131 46.35 -4.75 18.03
N GLY B 1132 45.61 -5.84 17.87
CA GLY B 1132 46.24 -7.12 17.59
C GLY B 1132 46.75 -7.23 16.17
N GLU B 1133 47.56 -6.26 15.73
CA GLU B 1133 48.00 -6.16 14.36
C GLU B 1133 49.52 -6.31 14.31
N GLY B 1134 50.00 -7.16 13.42
CA GLY B 1134 51.44 -7.36 13.30
C GLY B 1134 52.15 -6.07 12.91
N VAL B 1135 53.44 -6.04 13.19
CA VAL B 1135 54.27 -4.90 12.83
C VAL B 1135 55.58 -5.40 12.25
N PRO B 1136 56.21 -4.60 11.39
CA PRO B 1136 57.49 -5.01 10.81
C PRO B 1136 58.60 -4.95 11.85
N PRO B 1137 59.11 -6.09 12.32
CA PRO B 1137 60.15 -6.01 13.35
C PRO B 1137 61.43 -5.36 12.83
N GLN B 1144 65.06 -6.87 19.38
CA GLN B 1144 64.27 -7.80 20.19
C GLN B 1144 62.84 -7.87 19.69
N CYS B 1145 62.01 -6.94 20.14
CA CYS B 1145 60.60 -6.90 19.78
C CYS B 1145 60.09 -5.48 19.98
N PRO B 1146 59.51 -4.85 18.96
CA PRO B 1146 59.04 -3.47 19.14
C PRO B 1146 58.08 -3.36 20.31
N SER B 1147 58.27 -2.32 21.11
CA SER B 1147 57.38 -2.00 22.22
C SER B 1147 56.55 -0.77 21.87
N LEU B 1148 55.56 -0.50 22.73
CA LEU B 1148 54.50 0.43 22.37
C LEU B 1148 55.07 1.77 21.87
N CYS B 1149 56.03 2.33 22.60
CA CYS B 1149 56.59 3.61 22.17
C CYS B 1149 57.43 3.46 20.91
N GLU B 1150 58.01 2.27 20.69
CA GLU B 1150 58.78 2.05 19.47
C GLU B 1150 57.87 1.92 18.26
N VAL B 1151 56.80 1.14 18.37
CA VAL B 1151 55.85 1.04 17.27
C VAL B 1151 55.22 2.39 17.00
N LEU B 1152 54.95 3.16 18.06
CA LEU B 1152 54.43 4.51 17.89
C LEU B 1152 55.49 5.43 17.28
N GLN B 1153 56.77 5.15 17.52
CA GLN B 1153 57.82 6.03 17.01
C GLN B 1153 57.79 6.10 15.49
N SER B 1154 57.59 4.96 14.84
CA SER B 1154 57.56 4.93 13.38
C SER B 1154 56.13 5.09 12.86
N ALA B 1240 61.34 13.85 48.67
CA ALA B 1240 59.89 13.99 48.80
C ALA B 1240 59.21 13.77 47.45
N ALA B 1241 57.95 13.38 47.48
CA ALA B 1241 57.18 13.14 46.27
C ALA B 1241 55.70 13.36 46.55
N GLY B 1242 54.95 13.60 45.48
CA GLY B 1242 53.50 13.71 45.58
C GLY B 1242 52.80 12.77 44.62
N GLN B 1243 52.10 11.78 45.16
CA GLN B 1243 51.49 10.75 44.32
C GLN B 1243 50.36 11.35 43.49
N ARG B 1244 50.26 10.88 42.25
CA ARG B 1244 49.25 11.32 41.30
C ARG B 1244 48.61 10.10 40.65
N CYS B 1245 47.31 10.16 40.42
CA CYS B 1245 46.58 9.05 39.83
C CYS B 1245 46.37 9.24 38.33
N GLY B 1252 43.96 7.78 34.86
CA GLY B 1252 42.71 7.09 34.57
C GLY B 1252 41.87 6.85 35.81
N TYR B 1253 42.52 6.43 36.88
CA TYR B 1253 41.83 6.12 38.14
C TYR B 1253 41.63 7.40 38.94
N ARG B 1254 41.21 7.27 40.20
CA ARG B 1254 41.06 8.41 41.09
C ARG B 1254 41.55 8.04 42.48
N SER B 1255 42.00 9.06 43.22
CA SER B 1255 42.62 8.86 44.53
C SER B 1255 41.54 8.92 45.61
N ALA B 1256 41.35 7.82 46.32
CA ALA B 1256 40.32 7.77 47.35
C ALA B 1256 40.62 8.74 48.49
N PHE B 1257 41.89 8.82 48.88
CA PHE B 1257 42.24 9.59 50.07
C PHE B 1257 42.45 11.06 49.70
N PRO B 1258 42.30 11.97 50.66
CA PRO B 1258 42.45 13.38 50.33
C PRO B 1258 43.85 13.67 49.84
N PRO B 1259 44.00 14.64 48.94
CA PRO B 1259 45.32 14.92 48.38
C PRO B 1259 46.28 15.46 49.43
N GLU B 1260 47.50 14.93 49.43
CA GLU B 1260 48.51 15.36 50.38
C GLU B 1260 49.91 15.07 49.86
N PRO B 1261 50.59 16.06 49.29
CA PRO B 1261 52.00 15.85 48.92
C PRO B 1261 52.84 15.53 50.15
N LEU B 1262 53.85 14.68 49.96
CA LEU B 1262 54.71 14.28 51.07
C LEU B 1262 55.60 15.44 51.50
N SER B 1273 59.48 10.08 54.92
CA SER B 1273 58.81 10.63 56.09
C SER B 1273 57.48 9.90 56.32
N ARG B 1274 56.37 10.52 55.93
CA ARG B 1274 55.08 9.87 56.06
C ARG B 1274 55.03 8.64 55.14
N PRO B 1275 54.34 7.58 55.56
CA PRO B 1275 54.15 6.42 54.67
C PRO B 1275 52.95 6.58 53.77
N PRO B 1276 53.08 7.17 52.59
CA PRO B 1276 51.92 7.30 51.70
C PRO B 1276 51.29 5.94 51.44
N GLN B 1277 49.96 5.89 51.51
CA GLN B 1277 49.25 4.63 51.49
C GLN B 1277 49.20 4.08 50.07
N PRO B 1278 49.72 2.88 49.80
CA PRO B 1278 49.75 2.39 48.42
C PRO B 1278 48.38 2.04 47.88
N ARG B 1279 47.62 1.24 48.62
CA ARG B 1279 46.31 0.77 48.16
C ARG B 1279 45.25 1.86 48.38
N ALA B 1280 45.44 2.98 47.69
CA ALA B 1280 44.55 4.13 47.79
C ALA B 1280 43.82 4.42 46.49
N CYS B 1281 44.55 4.51 45.38
CA CYS B 1281 43.95 4.88 44.11
C CYS B 1281 43.08 3.73 43.60
N GLN B 1282 41.80 3.99 43.38
CA GLN B 1282 40.86 2.92 43.01
C GLN B 1282 39.64 3.55 42.32
N ARG B 1283 38.55 2.77 42.26
CA ARG B 1283 37.47 3.03 41.30
C ARG B 1283 36.66 4.28 41.61
N PRO B 1284 36.59 5.28 40.69
CA PRO B 1284 35.68 6.41 40.89
C PRO B 1284 34.24 6.03 40.63
N GLN B 1285 33.57 5.52 41.66
CA GLN B 1285 32.18 5.09 41.56
C GLN B 1285 31.29 6.26 41.12
N PHE B 1286 30.05 5.93 40.78
CA PHE B 1286 29.06 6.89 40.32
C PHE B 1286 28.13 7.28 41.46
N TRP B 1287 27.61 8.52 41.40
CA TRP B 1287 26.70 9.01 42.43
C TRP B 1287 25.60 8.00 42.68
N GLN B 1288 25.21 7.87 43.95
CA GLN B 1288 24.15 6.92 44.30
C GLN B 1288 23.18 7.46 45.35
N THR B 1289 23.31 8.72 45.76
CA THR B 1289 22.34 9.32 46.65
C THR B 1289 22.16 10.79 46.32
N LEU B 1290 20.90 11.22 46.32
CA LEU B 1290 20.54 12.63 46.32
C LEU B 1290 19.74 12.92 47.57
N GLN B 1291 19.88 14.12 48.11
CA GLN B 1291 19.21 14.48 49.35
C GLN B 1291 18.90 15.97 49.34
N THR B 1292 17.69 16.31 49.79
CA THR B 1292 17.22 17.69 49.85
C THR B 1292 16.83 18.02 51.29
N GLN B 1293 17.15 19.24 51.70
CA GLN B 1293 17.03 19.65 53.09
C GLN B 1293 15.85 20.58 53.27
N ALA B 1294 15.14 20.42 54.39
CA ALA B 1294 14.03 21.29 54.76
C ALA B 1294 14.11 21.57 56.26
N GLN B 1295 13.47 22.66 56.66
CA GLN B 1295 13.51 23.09 58.06
C GLN B 1295 12.12 23.11 58.68
N PHE B 1317 10.12 14.50 70.01
CA PHE B 1317 11.27 13.61 69.89
C PHE B 1317 11.49 13.20 68.44
N GLN B 1318 12.75 12.99 68.07
CA GLN B 1318 13.10 12.78 66.67
C GLN B 1318 12.30 11.64 66.05
N VAL B 1319 12.26 10.49 66.73
CA VAL B 1319 11.46 9.37 66.24
C VAL B 1319 9.99 9.74 66.23
N PHE B 1320 9.52 10.40 67.30
CA PHE B 1320 8.13 10.85 67.35
C PHE B 1320 7.79 11.71 66.14
N LEU B 1321 8.69 12.62 65.76
CA LEU B 1321 8.44 13.46 64.60
C LEU B 1321 8.29 12.62 63.33
N LEU B 1322 9.16 11.63 63.15
CA LEU B 1322 9.16 10.86 61.91
C LEU B 1322 7.87 10.07 61.74
N ASP B 1323 7.33 9.53 62.83
CA ASP B 1323 6.16 8.67 62.73
C ASP B 1323 5.01 9.38 62.02
N GLU B 1324 4.66 10.57 62.49
CA GLU B 1324 3.67 11.37 61.78
C GLU B 1324 4.19 11.78 60.41
N LEU B 1325 5.48 12.06 60.31
CA LEU B 1325 6.05 12.53 59.05
C LEU B 1325 5.89 11.48 57.96
N THR B 1326 6.20 10.23 58.26
CA THR B 1326 6.10 9.18 57.25
C THR B 1326 4.64 8.77 57.01
N ALA B 1327 3.78 8.93 58.01
CA ALA B 1327 2.37 8.60 57.82
C ALA B 1327 1.72 9.46 56.74
N ARG B 1328 2.29 10.62 56.44
CA ARG B 1328 1.82 11.48 55.37
C ARG B 1328 2.46 11.15 54.03
N GLY B 1329 3.25 10.08 53.95
CA GLY B 1329 3.92 9.73 52.71
C GLY B 1329 5.27 10.38 52.53
N PHE B 1330 5.97 10.72 53.60
CA PHE B 1330 7.27 11.36 53.51
C PHE B 1330 8.38 10.37 53.83
N VAL B 1364 12.53 21.99 61.76
CA VAL B 1364 13.60 21.12 62.23
C VAL B 1364 14.21 20.38 61.05
N ASN B 1365 15.50 20.05 61.16
CA ASN B 1365 16.25 19.51 60.04
C ASN B 1365 15.67 18.19 59.56
N ILE B 1366 15.10 18.19 58.34
CA ILE B 1366 14.56 17.00 57.71
C ILE B 1366 15.24 16.83 56.36
N THR B 1367 15.78 15.63 56.11
CA THR B 1367 16.46 15.32 54.88
C THR B 1367 15.86 14.07 54.26
N TRP B 1368 15.45 14.16 53.01
CA TRP B 1368 14.90 13.05 52.25
C TRP B 1368 15.97 12.58 51.28
N LYS B 1369 16.86 11.69 51.74
CA LYS B 1369 17.94 11.20 50.89
C LYS B 1369 17.47 9.97 50.13
N LEU B 1370 17.62 10.02 48.81
CA LEU B 1370 17.15 8.96 47.92
C LEU B 1370 18.36 8.18 47.42
N GLN B 1371 18.44 6.92 47.78
CA GLN B 1371 19.38 6.02 47.11
C GLN B 1371 18.89 5.76 45.70
N LEU B 1372 19.82 5.73 44.75
CA LEU B 1372 19.47 5.51 43.36
C LEU B 1372 19.45 4.02 43.02
N ARG B 1436 18.83 23.21 45.76
CA ARG B 1436 18.24 21.99 46.27
C ARG B 1436 18.82 20.77 45.55
N THR B 1437 18.63 19.58 46.13
CA THR B 1437 19.06 18.33 45.53
C THR B 1437 20.57 18.31 45.29
N GLN B 1438 21.30 18.32 46.41
CA GLN B 1438 22.75 18.19 46.37
C GLN B 1438 23.14 16.71 46.47
N PHE B 1439 23.91 16.25 45.50
CA PHE B 1439 24.27 14.83 45.43
C PHE B 1439 25.19 14.45 46.58
N GLY B 1440 25.12 13.18 46.97
CA GLY B 1440 25.97 12.65 48.02
C GLY B 1440 26.36 11.22 47.72
N CYS B 1441 26.50 10.38 48.74
CA CYS B 1441 26.78 8.98 48.50
C CYS B 1441 26.50 8.17 49.76
N LEU B 1442 26.52 6.84 49.59
CA LEU B 1442 26.25 5.91 50.67
C LEU B 1442 27.38 5.94 51.68
N GLU B 1443 27.04 5.98 52.96
CA GLU B 1443 28.05 6.05 54.01
C GLU B 1443 28.92 4.79 53.99
N GLY B 1444 30.21 4.99 54.24
CA GLY B 1444 31.20 3.94 54.08
C GLY B 1444 31.97 4.01 52.77
N PHE B 1445 31.44 4.75 51.79
CA PHE B 1445 32.15 4.98 50.54
C PHE B 1445 33.02 6.22 50.63
N GLY B 1446 32.40 7.36 50.93
CA GLY B 1446 33.13 8.59 51.14
C GLY B 1446 33.37 9.35 49.85
N ARG B 1447 32.85 10.58 49.78
CA ARG B 1447 32.89 11.34 48.54
C ARG B 1447 34.32 11.67 48.14
N VAL B 1448 34.47 12.28 46.96
CA VAL B 1448 35.77 12.63 46.41
C VAL B 1448 35.77 14.14 46.16
N VAL B 1449 36.97 14.67 45.91
CA VAL B 1449 37.20 16.10 45.70
C VAL B 1449 36.15 16.71 44.78
N ALA B 1450 35.59 15.90 43.89
CA ALA B 1450 34.43 16.33 43.11
C ALA B 1450 33.39 16.94 44.05
N ALA B 1451 33.14 18.23 43.87
CA ALA B 1451 32.30 18.96 44.82
C ALA B 1451 30.82 18.77 44.53
N SER B 1452 30.36 19.21 43.37
CA SER B 1452 28.95 19.10 43.01
C SER B 1452 28.84 19.23 41.49
N ASP B 1453 28.52 18.15 40.77
CA ASP B 1453 28.38 18.16 39.29
C ASP B 1453 27.10 17.41 38.90
N ALA B 1458 29.26 14.20 38.10
CA ALA B 1458 30.34 13.35 37.60
C ALA B 1458 30.48 12.11 38.47
N LEU B 1459 31.51 11.32 38.22
CA LEU B 1459 31.78 10.17 39.07
C LEU B 1459 32.30 10.64 40.41
N GLY B 1460 31.94 9.91 41.46
CA GLY B 1460 32.36 10.30 42.79
C GLY B 1460 32.11 9.20 43.80
N CYS B 1461 32.63 9.44 45.00
CA CYS B 1461 32.42 8.58 46.16
C CYS B 1461 32.89 7.14 45.90
N VAL B 1462 34.22 7.04 45.75
CA VAL B 1462 34.86 5.74 45.66
C VAL B 1462 34.50 4.89 46.89
N LYS B 1463 34.61 3.58 46.73
CA LYS B 1463 34.50 2.70 47.88
C LYS B 1463 35.76 2.80 48.73
N CYS B 1464 35.60 3.02 50.02
CA CYS B 1464 36.76 3.21 50.88
C CYS B 1464 37.54 1.91 50.98
N PRO B 1465 38.87 1.92 50.75
CA PRO B 1465 39.62 0.65 50.73
C PRO B 1465 39.89 0.11 52.12
N GLU B 1466 40.69 -0.95 52.22
CA GLU B 1466 40.99 -1.54 53.52
C GLU B 1466 41.65 -0.56 54.46
N GLY B 1467 42.27 0.49 53.95
CA GLY B 1467 42.88 1.50 54.79
C GLY B 1467 41.87 2.40 55.44
N VAL B 1759 39.38 -26.49 95.78
CA VAL B 1759 40.34 -25.42 96.02
C VAL B 1759 41.41 -25.46 94.96
N LEU B 1760 42.14 -24.35 94.80
CA LEU B 1760 43.19 -24.24 93.81
C LEU B 1760 42.60 -24.46 92.41
N LEU B 1761 41.75 -23.53 92.01
CA LEU B 1761 41.09 -23.58 90.72
C LEU B 1761 41.87 -22.74 89.71
N CYS B 1762 41.28 -22.51 88.54
CA CYS B 1762 41.81 -21.61 87.53
C CYS B 1762 43.22 -22.03 87.09
N HIS B 1763 43.28 -23.21 86.48
CA HIS B 1763 44.53 -23.67 85.89
C HIS B 1763 44.91 -22.74 84.72
N VAL B 1764 46.16 -22.88 84.27
CA VAL B 1764 46.65 -22.01 83.21
C VAL B 1764 45.97 -22.33 81.88
N ARG B 1765 45.81 -23.62 81.56
CA ARG B 1765 45.23 -24.06 80.30
C ARG B 1765 43.86 -24.67 80.60
N ASP B 1766 42.84 -23.84 80.60
CA ASP B 1766 41.48 -24.32 80.81
C ASP B 1766 40.49 -23.27 80.33
N TRP B 1767 39.38 -23.75 79.77
CA TRP B 1767 38.51 -22.93 78.94
C TRP B 1767 37.81 -21.86 79.76
N ARG B 1768 37.74 -20.65 79.20
CA ARG B 1768 37.13 -19.48 79.82
C ARG B 1768 35.95 -19.00 78.97
N ASP B 1769 35.36 -17.88 79.39
CA ASP B 1769 34.18 -17.31 78.75
C ASP B 1769 33.00 -18.25 78.87
N LEU B 1852 20.52 -34.73 95.73
CA LEU B 1852 19.67 -34.03 94.77
C LEU B 1852 20.42 -33.84 93.46
N THR B 1853 21.43 -32.97 93.46
CA THR B 1853 22.27 -32.78 92.28
C THR B 1853 23.28 -33.91 92.14
N THR B 1854 23.67 -34.54 93.24
CA THR B 1854 24.58 -35.68 93.15
C THR B 1854 23.96 -36.81 92.34
N GLY B 1855 22.67 -37.08 92.55
CA GLY B 1855 21.98 -38.05 91.73
C GLY B 1855 21.60 -37.53 90.36
N LEU B 1856 21.60 -36.21 90.17
CA LEU B 1856 21.23 -35.62 88.89
C LEU B 1856 22.16 -36.08 87.77
N PHE B 1857 23.36 -36.53 88.10
CA PHE B 1857 24.33 -36.99 87.12
C PHE B 1857 24.28 -38.50 87.03
N SER B 1858 24.44 -39.02 85.82
CA SER B 1858 24.37 -40.45 85.57
C SER B 1858 25.78 -40.99 85.44
N PRO B 1859 26.34 -41.61 86.48
CA PRO B 1859 27.66 -42.25 86.32
C PRO B 1859 27.64 -43.27 85.20
N VAL B 1860 28.73 -43.31 84.45
CA VAL B 1860 28.91 -44.27 83.37
C VAL B 1860 30.14 -45.12 83.66
N ASP B 1861 30.02 -46.42 83.39
CA ASP B 1861 31.14 -47.33 83.58
C ASP B 1861 32.33 -46.89 82.75
N LEU B 1862 33.51 -46.93 83.37
CA LEU B 1862 34.72 -46.43 82.72
C LEU B 1862 35.09 -47.23 81.48
N ILE B 1863 34.53 -48.44 81.32
CA ILE B 1863 34.92 -49.31 80.21
C ILE B 1863 34.64 -48.64 78.87
N GLN B 1864 33.68 -47.71 78.82
CA GLN B 1864 33.35 -47.04 77.57
C GLN B 1864 34.27 -45.86 77.27
N VAL B 1865 35.28 -45.61 78.10
CA VAL B 1865 36.23 -44.53 77.90
C VAL B 1865 37.47 -45.08 77.23
N ILE B 1866 37.87 -44.45 76.13
CA ILE B 1866 39.03 -44.88 75.36
C ILE B 1866 40.09 -43.80 75.51
N VAL B 1867 41.06 -44.04 76.40
CA VAL B 1867 42.07 -43.03 76.69
C VAL B 1867 42.90 -42.75 75.45
N ASP B 1868 43.25 -41.49 75.25
CA ASP B 1868 44.21 -41.10 74.22
C ASP B 1868 44.88 -39.82 74.71
N GLY B 1869 46.06 -39.97 75.33
CA GLY B 1869 46.76 -38.80 75.84
C GLY B 1869 47.04 -37.79 74.75
N ASN B 1870 47.17 -38.24 73.50
CA ASN B 1870 47.38 -37.36 72.37
C ASN B 1870 46.05 -36.88 71.78
N VAL B 1871 45.21 -36.30 72.64
CA VAL B 1871 43.91 -35.78 72.25
C VAL B 1871 43.79 -34.34 72.74
N SER B 1872 42.90 -33.59 72.09
CA SER B 1872 42.58 -32.22 72.46
C SER B 1872 41.16 -32.20 73.01
N LEU B 1873 41.02 -31.71 74.24
CA LEU B 1873 39.71 -31.60 74.86
C LEU B 1873 39.72 -30.52 75.93
N PRO B 1874 38.99 -29.42 75.76
CA PRO B 1874 39.00 -28.39 76.80
C PRO B 1874 38.41 -28.92 78.10
N SER B 1875 38.87 -28.36 79.20
CA SER B 1875 38.45 -28.84 80.52
C SER B 1875 38.66 -27.73 81.54
N GLN B 1876 38.56 -28.06 82.82
CA GLN B 1876 38.77 -27.11 83.91
C GLN B 1876 39.33 -27.89 85.09
N GLN B 1877 40.64 -27.94 85.19
CA GLN B 1877 41.27 -28.78 86.20
C GLN B 1877 41.06 -28.18 87.59
N HIS B 1878 41.06 -29.07 88.59
CA HIS B 1878 41.03 -28.68 89.99
C HIS B 1878 41.92 -29.65 90.76
N TRP B 1879 42.14 -29.32 92.03
CA TRP B 1879 42.90 -30.11 93.05
C TRP B 1879 42.16 -29.98 94.38
N LEU B 1880 42.05 -31.06 95.15
CA LEU B 1880 41.31 -31.11 96.45
C LEU B 1880 42.16 -31.85 97.48
N SER B 1886 38.16 -35.64 102.47
CA SER B 1886 37.49 -36.92 102.20
C SER B 1886 37.26 -37.07 100.70
N LEU B 1887 36.45 -38.07 100.35
CA LEU B 1887 36.12 -38.35 98.95
C LEU B 1887 34.67 -37.99 98.63
N GLN B 1888 33.71 -38.55 99.36
CA GLN B 1888 32.31 -38.32 99.06
C GLN B 1888 31.96 -36.85 99.18
N GLN B 1889 32.64 -36.13 100.07
CA GLN B 1889 32.36 -34.70 100.26
C GLN B 1889 32.64 -33.94 98.97
N ALA B 1890 33.77 -34.21 98.32
CA ALA B 1890 34.10 -33.53 97.08
C ALA B 1890 33.13 -33.93 95.96
N ASN B 1891 32.79 -35.21 95.89
CA ASN B 1891 31.97 -35.72 94.79
C ASN B 1891 30.71 -34.89 94.63
N LEU B 1892 30.01 -34.63 95.73
CA LEU B 1892 28.90 -33.68 95.68
C LEU B 1892 29.40 -32.29 95.30
N TRP B 1893 30.53 -31.88 95.88
CA TRP B 1893 31.07 -30.55 95.59
C TRP B 1893 31.38 -30.42 94.10
N CYS B 1894 32.32 -31.22 93.60
CA CYS B 1894 32.75 -31.06 92.22
C CYS B 1894 31.59 -31.21 91.24
N LEU B 1895 30.73 -32.21 91.47
CA LEU B 1895 29.57 -32.36 90.61
C LEU B 1895 28.65 -31.15 90.73
N SER B 1896 28.43 -30.68 91.95
CA SER B 1896 27.68 -29.44 92.12
C SER B 1896 28.40 -28.28 91.46
N ARG B 1897 29.72 -28.27 91.53
CA ARG B 1897 30.49 -27.28 90.79
C ARG B 1897 30.27 -27.38 89.29
N CYS B 1898 29.80 -28.54 88.81
CA CYS B 1898 29.44 -28.67 87.40
C CYS B 1898 28.07 -28.06 87.15
N ALA B 1899 27.04 -28.59 87.82
CA ALA B 1899 25.68 -28.09 87.60
C ALA B 1899 25.61 -26.59 87.81
N GLY B 1900 26.37 -26.07 88.76
CA GLY B 1900 26.40 -24.63 88.97
C GLY B 1900 26.89 -23.86 87.77
N GLU B 1901 27.64 -24.51 86.88
CA GLU B 1901 28.17 -23.89 85.66
C GLU B 1901 27.76 -24.76 84.49
N PRO B 1902 26.58 -24.54 83.90
CA PRO B 1902 26.08 -25.43 82.85
C PRO B 1902 26.41 -25.00 81.43
N SER B 1903 27.28 -24.01 81.23
CA SER B 1903 27.55 -23.56 79.86
C SER B 1903 28.13 -24.68 79.03
N PHE B 1904 29.16 -25.37 79.54
CA PHE B 1904 29.76 -26.47 78.81
C PHE B 1904 30.12 -27.67 79.68
N CYS B 1905 29.98 -27.59 81.00
CA CYS B 1905 30.36 -28.70 81.86
C CYS B 1905 29.39 -29.86 81.68
N GLN B 1906 29.88 -30.97 81.12
CA GLN B 1906 29.02 -32.13 80.93
C GLN B 1906 29.67 -33.47 81.22
N LEU B 1907 30.95 -33.52 81.57
CA LEU B 1907 31.63 -34.78 81.87
C LEU B 1907 32.40 -34.68 83.16
N ALA B 1908 31.82 -34.05 84.17
CA ALA B 1908 32.51 -33.88 85.45
C ALA B 1908 33.05 -35.22 85.94
N GLU B 1909 34.37 -35.29 86.10
CA GLU B 1909 35.04 -36.49 86.59
C GLU B 1909 35.92 -36.13 87.76
N VAL B 1910 36.06 -37.09 88.68
CA VAL B 1910 36.82 -36.94 89.92
C VAL B 1910 37.74 -38.14 90.05
N THR B 1911 38.96 -37.91 90.50
CA THR B 1911 39.96 -38.97 90.67
C THR B 1911 40.46 -38.99 92.11
N ASP B 1912 41.32 -39.96 92.41
CA ASP B 1912 42.00 -40.04 93.69
C ASP B 1912 43.45 -40.49 93.50
N SER B 1913 44.13 -39.90 92.52
CA SER B 1913 45.51 -40.26 92.23
C SER B 1913 46.38 -39.00 92.13
N PHE B 1918 43.09 -34.49 95.55
CA PHE B 1918 42.81 -35.12 94.26
C PHE B 1918 42.08 -34.15 93.33
N THR B 1919 42.12 -34.46 92.04
CA THR B 1919 41.63 -33.55 91.01
C THR B 1919 40.19 -33.84 90.65
N CYS B 1920 39.62 -32.92 89.87
CA CYS B 1920 38.36 -33.21 89.18
C CYS B 1920 38.20 -32.18 88.07
N THR B 1921 38.20 -32.65 86.83
CA THR B 1921 38.16 -31.80 85.65
C THR B 1921 36.78 -31.88 85.00
N LEU B 1922 36.47 -30.88 84.19
CA LEU B 1922 35.11 -30.66 83.67
C LEU B 1922 35.14 -30.45 82.16
N TYR B 1923 35.00 -31.54 81.40
CA TYR B 1923 35.09 -31.48 79.95
C TYR B 1923 33.76 -31.07 79.34
N PRO B 1924 33.74 -30.83 78.03
CA PRO B 1924 32.47 -30.84 77.30
C PRO B 1924 32.10 -32.24 76.88
N GLU B 1925 31.06 -32.40 76.08
CA GLU B 1925 30.60 -33.73 75.68
C GLU B 1925 31.62 -34.32 74.72
N ALA B 1926 32.54 -35.13 75.26
CA ALA B 1926 33.61 -35.73 74.47
C ALA B 1926 33.17 -37.12 73.99
N GLN B 1927 32.19 -37.11 73.10
CA GLN B 1927 31.54 -38.32 72.60
C GLN B 1927 31.59 -38.34 71.08
N VAL B 1928 32.77 -38.11 70.51
CA VAL B 1928 32.88 -38.03 69.05
C VAL B 1928 32.43 -39.35 68.43
N CYS B 1929 31.57 -39.25 67.42
CA CYS B 1929 30.98 -40.41 66.76
C CYS B 1929 31.44 -40.45 65.31
N ASP B 1930 31.70 -41.66 64.83
CA ASP B 1930 32.03 -41.83 63.42
C ASP B 1930 30.85 -41.43 62.55
N ASP B 1931 31.15 -40.87 61.38
CA ASP B 1931 30.13 -40.27 60.52
C ASP B 1931 29.36 -41.33 59.72
N ILE B 1932 28.82 -42.29 60.43
CA ILE B 1932 28.02 -43.37 59.85
C ILE B 1932 26.59 -43.21 60.33
N LEU B 1933 25.65 -43.24 59.40
CA LEU B 1933 24.25 -43.09 59.73
C LEU B 1933 23.70 -44.42 60.25
N GLU B 1934 23.27 -44.44 61.50
CA GLU B 1934 22.76 -45.64 62.11
C GLU B 1934 22.02 -45.28 63.39
N SER B 1935 21.15 -46.17 63.83
CA SER B 1935 20.26 -45.92 64.95
C SER B 1935 20.85 -46.38 66.28
N SER B 1936 22.07 -45.97 66.58
CA SER B 1936 22.65 -46.39 67.85
C SER B 1936 23.94 -45.62 68.15
N PRO B 1937 24.23 -45.30 69.41
CA PRO B 1937 25.53 -44.72 69.74
C PRO B 1937 26.68 -45.70 69.81
N LYS B 1938 26.53 -46.92 69.29
CA LYS B 1938 27.60 -47.91 69.39
C LYS B 1938 28.86 -47.44 68.68
N GLY B 1939 28.72 -46.65 67.61
CA GLY B 1939 29.88 -46.06 66.98
C GLY B 1939 30.54 -44.99 67.83
N CYS B 1940 29.79 -44.36 68.73
CA CYS B 1940 30.33 -43.31 69.57
C CYS B 1940 31.18 -43.90 70.68
N ARG B 1941 32.15 -43.12 71.15
CA ARG B 1941 33.10 -43.61 72.13
C ARG B 1941 33.81 -42.43 72.78
N LEU B 1942 33.81 -42.39 74.11
CA LEU B 1942 34.49 -41.33 74.84
C LEU B 1942 35.99 -41.40 74.58
N ILE B 1943 36.59 -40.26 74.29
CA ILE B 1943 38.04 -40.14 74.15
C ILE B 1943 38.49 -39.08 75.14
N LEU B 1944 39.26 -39.49 76.14
CA LEU B 1944 39.70 -38.63 77.22
C LEU B 1944 41.20 -38.74 77.38
N PRO B 1945 41.84 -37.73 77.96
CA PRO B 1945 43.30 -37.79 78.13
C PRO B 1945 43.76 -38.99 78.94
N ARG B 1946 43.01 -39.36 79.96
CA ARG B 1946 43.37 -40.50 80.81
C ARG B 1946 42.12 -40.98 81.52
N ARG B 1947 42.20 -42.19 82.05
CA ARG B 1947 41.03 -42.81 82.66
C ARG B 1947 40.82 -42.23 84.05
N PRO B 1948 39.71 -41.55 84.32
CA PRO B 1948 39.43 -41.11 85.69
C PRO B 1948 39.01 -42.27 86.57
N SER B 1949 38.60 -41.97 87.81
CA SER B 1949 38.11 -42.97 88.74
C SER B 1949 36.58 -43.06 88.76
N ALA B 1950 35.91 -41.93 88.97
CA ALA B 1950 34.46 -41.88 89.16
C ALA B 1950 33.82 -40.89 88.19
N LEU B 1951 34.14 -41.04 86.91
CA LEU B 1951 33.56 -40.19 85.87
C LEU B 1951 32.04 -40.18 85.96
N TYR B 1952 31.44 -39.02 85.73
CA TYR B 1952 30.01 -38.86 85.66
C TYR B 1952 29.63 -38.12 84.39
N ARG B 1953 28.36 -37.78 84.24
CA ARG B 1953 27.91 -36.95 83.13
C ARG B 1953 26.58 -36.32 83.51
N LYS B 1954 26.18 -35.32 82.74
CA LYS B 1954 24.95 -34.61 83.01
C LYS B 1954 23.77 -35.29 82.33
N LYS B 1955 22.66 -35.37 83.05
CA LYS B 1955 21.43 -35.87 82.46
C LYS B 1955 20.95 -34.90 81.39
N VAL B 1956 20.52 -35.44 80.26
CA VAL B 1956 20.02 -34.61 79.18
C VAL B 1956 18.63 -34.14 79.57
N VAL B 1957 18.54 -32.90 80.06
CA VAL B 1957 17.28 -32.37 80.58
C VAL B 1957 16.53 -31.70 79.43
N LEU B 1958 15.36 -32.24 79.10
CA LEU B 1958 14.57 -31.77 77.98
C LEU B 1958 13.79 -30.53 78.39
N GLN B 1959 12.94 -30.02 77.51
CA GLN B 1959 12.14 -28.84 77.78
C GLN B 1959 10.81 -28.98 77.05
N ASP B 1960 10.00 -27.92 77.12
CA ASP B 1960 8.80 -27.79 76.32
C ASP B 1960 8.94 -26.75 75.22
N ARG B 1961 9.89 -25.83 75.35
CA ARG B 1961 10.10 -24.75 74.39
C ARG B 1961 11.38 -25.02 73.61
N VAL B 1962 11.25 -25.12 72.29
CA VAL B 1962 12.43 -25.25 71.45
C VAL B 1962 13.06 -23.86 71.30
N LYS B 1963 14.38 -23.78 71.56
CA LYS B 1963 15.02 -22.49 71.61
C LYS B 1963 14.96 -21.77 70.26
N ASN B 1964 15.08 -22.52 69.17
CA ASN B 1964 15.20 -21.93 67.85
C ASN B 1964 14.33 -22.68 66.85
N PHE B 1965 14.29 -22.17 65.63
CA PHE B 1965 13.42 -22.66 64.57
C PHE B 1965 14.31 -23.22 63.45
N TYR B 1966 14.47 -24.54 63.42
CA TYR B 1966 15.30 -25.17 62.41
C TYR B 1966 14.57 -25.19 61.08
N ASN B 1967 15.26 -24.76 60.03
CA ASN B 1967 14.71 -24.76 58.69
C ASN B 1967 15.36 -25.90 57.91
N ARG B 1968 14.54 -26.81 57.41
CA ARG B 1968 15.08 -28.01 56.78
C ARG B 1968 15.87 -27.63 55.54
N LEU B 1969 17.06 -28.19 55.41
CA LEU B 1969 17.85 -27.97 54.23
C LEU B 1969 17.14 -28.56 53.01
N PRO B 1970 17.25 -27.94 51.85
CA PRO B 1970 16.72 -28.54 50.62
C PRO B 1970 17.70 -29.54 49.99
N PHE B 1971 18.27 -30.40 50.82
CA PHE B 1971 19.25 -31.38 50.39
C PHE B 1971 18.94 -32.71 51.06
N GLN B 1972 19.33 -33.80 50.41
CA GLN B 1972 19.25 -35.13 51.00
C GLN B 1972 20.61 -35.70 51.35
N LYS B 1973 21.61 -35.49 50.51
CA LYS B 1973 22.91 -36.10 50.68
C LYS B 1973 23.82 -35.09 51.37
N LEU B 1974 24.32 -35.46 52.54
CA LEU B 1974 25.38 -34.72 53.22
C LEU B 1974 26.60 -35.62 53.29
N THR B 1975 27.72 -35.13 52.77
CA THR B 1975 28.97 -35.86 52.79
C THR B 1975 29.96 -35.13 53.69
N GLY B 1976 30.65 -35.88 54.54
CA GLY B 1976 31.54 -35.27 55.49
C GLY B 1976 30.87 -34.80 56.76
N ILE B 1977 29.65 -35.28 57.04
CA ILE B 1977 29.01 -34.92 58.31
C ILE B 1977 29.91 -35.33 59.46
N SER B 1978 29.70 -34.68 60.60
CA SER B 1978 30.45 -34.97 61.82
C SER B 1978 29.42 -35.16 62.94
N ILE B 1979 28.96 -36.39 63.11
CA ILE B 1979 27.90 -36.64 64.07
C ILE B 1979 28.37 -36.31 65.47
N ARG B 1980 27.42 -36.03 66.35
CA ARG B 1980 27.67 -35.78 67.76
C ARG B 1980 27.00 -36.81 68.64
N ASN B 1981 25.73 -37.10 68.41
CA ASN B 1981 24.96 -37.99 69.29
C ASN B 1981 23.86 -38.63 68.45
N LYS B 1982 24.07 -39.88 68.07
CA LYS B 1982 23.04 -40.64 67.38
C LYS B 1982 22.06 -41.20 68.38
N VAL B 1983 20.77 -40.98 68.15
CA VAL B 1983 19.73 -41.40 69.08
C VAL B 1983 18.69 -42.20 68.31
N PRO B 1984 18.12 -43.24 68.89
CA PRO B 1984 16.96 -43.90 68.28
C PRO B 1984 15.66 -43.26 68.72
N MET B 1985 14.66 -43.32 67.82
CA MET B 1985 13.37 -42.69 68.09
C MET B 1985 12.20 -43.55 67.67
N SER B 1986 12.42 -44.84 67.34
CA SER B 1986 11.33 -45.67 66.86
C SER B 1986 10.22 -45.81 67.90
N ASP B 1987 10.54 -45.64 69.18
CA ASP B 1987 9.54 -45.81 70.22
C ASP B 1987 8.42 -44.78 70.09
N LYS B 1988 8.77 -43.53 69.78
CA LYS B 1988 7.82 -42.44 69.80
C LYS B 1988 7.11 -42.32 68.45
N SER B 1989 5.99 -41.60 68.45
CA SER B 1989 5.31 -41.28 67.22
C SER B 1989 6.09 -40.23 66.43
N ILE B 1990 5.85 -40.18 65.12
CA ILE B 1990 6.66 -39.33 64.25
C ILE B 1990 6.58 -37.88 64.68
N SER B 1991 5.37 -37.38 64.89
CA SER B 1991 5.21 -35.99 65.31
C SER B 1991 5.84 -35.75 66.67
N SER B 1992 5.67 -36.70 67.60
CA SER B 1992 6.27 -36.55 68.92
C SER B 1992 7.78 -36.79 68.87
N GLY B 1993 8.21 -37.77 68.07
CA GLY B 1993 9.63 -38.05 67.96
C GLY B 1993 10.41 -36.88 67.40
N PHE B 1994 9.79 -36.11 66.50
CA PHE B 1994 10.43 -34.90 66.01
C PHE B 1994 10.69 -33.93 67.15
N PHE B 1995 9.74 -33.80 68.06
CA PHE B 1995 9.88 -32.80 69.12
C PHE B 1995 11.05 -33.12 70.03
N GLU B 1996 11.19 -34.39 70.44
CA GLU B 1996 12.34 -34.79 71.23
C GLU B 1996 13.63 -34.61 70.47
N CYS B 1997 13.59 -34.60 69.15
CA CYS B 1997 14.79 -34.40 68.35
C CYS B 1997 15.21 -32.93 68.31
N GLU B 1998 14.25 -32.02 68.22
CA GLU B 1998 14.59 -30.61 68.17
C GLU B 1998 15.24 -30.16 69.46
N ARG B 1999 14.71 -30.62 70.59
CA ARG B 1999 15.24 -30.17 71.87
C ARG B 1999 16.61 -30.76 72.15
N LEU B 2000 16.92 -31.92 71.57
CA LEU B 2000 18.23 -32.52 71.80
C LEU B 2000 19.34 -31.64 71.25
N CYS B 2001 19.16 -31.08 70.05
CA CYS B 2001 20.20 -30.26 69.47
C CYS B 2001 20.33 -28.93 70.20
N ASP B 2002 19.26 -28.45 70.84
CA ASP B 2002 19.34 -27.18 71.55
C ASP B 2002 20.18 -27.30 72.82
N MET B 2003 20.03 -28.39 73.57
CA MET B 2003 20.86 -28.58 74.75
C MET B 2003 22.31 -28.82 74.39
N ASP B 2004 22.62 -29.08 73.13
CA ASP B 2004 24.00 -29.24 72.70
C ASP B 2004 24.50 -27.90 72.16
N PRO B 2005 25.42 -27.22 72.84
CA PRO B 2005 25.83 -25.89 72.36
C PRO B 2005 26.70 -25.93 71.13
N CYS B 2006 27.16 -27.10 70.71
CA CYS B 2006 28.01 -27.23 69.53
C CYS B 2006 27.27 -27.74 68.31
N CYS B 2007 26.17 -28.46 68.52
CA CYS B 2007 25.30 -28.88 67.42
C CYS B 2007 25.04 -27.71 66.48
N THR B 2008 25.19 -27.96 65.18
CA THR B 2008 24.91 -26.97 64.16
C THR B 2008 23.87 -27.50 63.18
N GLY B 2009 22.91 -28.25 63.69
CA GLY B 2009 21.89 -28.84 62.87
C GLY B 2009 21.71 -30.29 63.25
N PHE B 2010 20.60 -30.90 62.84
CA PHE B 2010 20.38 -32.30 63.14
C PHE B 2010 19.80 -32.98 61.91
N GLY B 2011 19.55 -34.27 62.04
CA GLY B 2011 18.89 -35.00 60.98
C GLY B 2011 17.82 -35.91 61.54
N PHE B 2012 16.49 -35.76 61.27
CA PHE B 2012 15.41 -36.68 61.70
C PHE B 2012 15.17 -37.56 60.47
N LEU B 2013 15.90 -38.68 60.35
CA LEU B 2013 15.87 -39.53 59.14
C LEU B 2013 15.58 -40.99 59.48
N ASN B 2014 15.17 -41.76 58.48
CA ASN B 2014 14.93 -43.22 58.55
C ASN B 2014 16.25 -43.86 58.12
N VAL B 2015 16.78 -44.85 58.83
CA VAL B 2015 18.05 -45.53 58.44
C VAL B 2015 17.72 -47.01 58.22
N SER B 2016 18.48 -47.70 57.37
CA SER B 2016 18.24 -49.12 57.01
C SER B 2016 16.78 -49.27 56.55
N GLN B 2017 16.36 -48.47 55.56
CA GLN B 2017 14.98 -48.47 55.04
C GLN B 2017 14.76 -49.78 54.27
N LEU B 2018 15.83 -50.37 53.72
CA LEU B 2018 15.79 -51.67 53.03
C LEU B 2018 15.33 -52.72 54.06
N LYS B 2019 15.91 -52.73 55.27
CA LYS B 2019 15.52 -53.67 56.29
C LYS B 2019 14.16 -53.35 56.90
N GLY B 2020 13.60 -52.18 56.61
CA GLY B 2020 12.33 -51.77 57.17
C GLY B 2020 12.38 -50.33 57.61
N GLY B 2021 13.54 -49.87 58.07
CA GLY B 2021 13.73 -48.50 58.45
C GLY B 2021 13.42 -48.22 59.92
N GLU B 2022 14.27 -47.41 60.55
CA GLU B 2022 14.06 -46.95 61.91
C GLU B 2022 14.39 -45.47 61.97
N VAL B 2023 13.56 -44.72 62.69
CA VAL B 2023 13.72 -43.27 62.74
C VAL B 2023 14.77 -42.92 63.79
N THR B 2024 15.71 -42.06 63.40
CA THR B 2024 16.79 -41.64 64.27
C THR B 2024 16.90 -40.13 64.25
N CYS B 2025 17.42 -39.57 65.34
CA CYS B 2025 17.69 -38.14 65.45
C CYS B 2025 19.17 -37.99 65.74
N LEU B 2026 19.98 -38.02 64.69
CA LEU B 2026 21.42 -37.84 64.82
C LEU B 2026 21.72 -36.36 64.64
N THR B 2027 22.42 -35.78 65.61
CA THR B 2027 22.69 -34.35 65.62
C THR B 2027 24.11 -34.11 65.12
N LEU B 2028 24.24 -33.21 64.15
CA LEU B 2028 25.52 -32.92 63.54
C LEU B 2028 26.23 -31.80 64.29
N ASN B 2029 27.50 -31.63 63.97
CA ASN B 2029 28.23 -30.41 64.29
C ASN B 2029 28.99 -29.89 63.08
N SER B 2030 28.80 -30.51 61.91
CA SER B 2030 29.34 -29.98 60.67
C SER B 2030 28.56 -30.62 59.55
N LEU B 2031 27.80 -29.81 58.81
CA LEU B 2031 26.98 -30.36 57.73
C LEU B 2031 27.83 -30.86 56.57
N GLY B 2032 29.09 -30.45 56.49
CA GLY B 2032 29.93 -30.92 55.41
C GLY B 2032 29.39 -30.46 54.06
N LEU B 2033 29.95 -31.06 53.01
CA LEU B 2033 29.45 -30.81 51.67
C LEU B 2033 28.07 -31.43 51.54
N GLN B 2034 27.09 -30.63 51.15
CA GLN B 2034 25.70 -31.04 51.07
C GLN B 2034 25.20 -30.82 49.66
N THR B 2035 24.57 -31.85 49.09
CA THR B 2035 24.26 -31.89 47.67
C THR B 2035 22.86 -32.47 47.48
N CYS B 2036 22.51 -32.72 46.21
CA CYS B 2036 21.33 -33.51 45.84
C CYS B 2036 20.04 -32.86 46.37
N SER B 2037 19.75 -31.69 45.82
CA SER B 2037 18.57 -30.93 46.22
C SER B 2037 17.33 -31.41 45.45
N GLU B 2038 16.24 -30.66 45.57
CA GLU B 2038 15.04 -30.88 44.78
C GLU B 2038 14.93 -29.90 43.62
N GLU B 2039 14.87 -28.61 43.92
CA GLU B 2039 14.59 -27.61 42.91
C GLU B 2039 15.74 -27.42 41.94
N TYR B 2040 16.89 -28.03 42.19
CA TYR B 2040 18.07 -27.88 41.37
C TYR B 2040 18.50 -29.23 40.81
N GLY B 2041 18.86 -29.23 39.53
CA GLY B 2041 19.29 -30.46 38.90
C GLY B 2041 18.22 -31.52 38.83
N GLY B 2042 16.99 -31.12 38.57
CA GLY B 2042 15.97 -32.11 38.25
C GLY B 2042 16.38 -32.95 37.07
N VAL B 2043 16.89 -32.30 36.03
CA VAL B 2043 17.67 -32.96 35.00
C VAL B 2043 19.14 -32.73 35.33
N TRP B 2044 20.00 -33.61 34.81
CA TRP B 2044 21.44 -33.46 35.00
C TRP B 2044 21.78 -33.46 36.49
N ARG B 2045 21.57 -34.61 37.11
CA ARG B 2045 22.00 -34.83 38.48
C ARG B 2045 23.44 -35.34 38.49
N ILE B 2046 24.17 -35.01 39.56
CA ILE B 2046 25.55 -35.44 39.71
C ILE B 2046 25.69 -36.61 40.68
N LEU B 2047 24.79 -36.77 41.63
CA LEU B 2047 24.78 -37.91 42.54
C LEU B 2047 23.50 -38.71 42.38
N SER B 2051 20.21 -43.67 46.99
CA SER B 2051 20.50 -43.76 48.41
C SER B 2051 19.32 -44.33 49.19
N PRO B 2052 18.88 -45.53 48.83
CA PRO B 2052 17.72 -46.12 49.52
C PRO B 2052 17.99 -46.47 50.96
N ASP B 2053 19.24 -46.54 51.39
CA ASP B 2053 19.54 -46.95 52.75
C ASP B 2053 18.86 -46.02 53.76
N THR B 2054 19.01 -44.72 53.57
CA THR B 2054 18.26 -43.72 54.32
C THR B 2054 17.19 -43.13 53.42
N GLU B 2055 16.26 -42.40 54.03
CA GLU B 2055 15.19 -41.77 53.26
C GLU B 2055 14.77 -40.49 53.97
N VAL B 2056 15.26 -39.36 53.46
CA VAL B 2056 14.76 -38.06 53.90
C VAL B 2056 14.02 -37.41 52.73
N ARG B 2057 12.76 -37.78 52.56
CA ARG B 2057 11.88 -37.06 51.65
C ARG B 2057 10.49 -36.80 52.20
N THR B 2058 9.94 -37.69 53.02
CA THR B 2058 8.63 -37.45 53.59
C THR B 2058 8.68 -36.20 54.46
N TYR B 2059 7.50 -35.68 54.81
CA TYR B 2059 7.47 -34.32 55.36
C TYR B 2059 8.29 -34.17 56.62
N PRO B 2060 8.08 -34.96 57.67
CA PRO B 2060 8.83 -34.70 58.91
C PRO B 2060 10.33 -34.85 58.74
N PHE B 2061 10.78 -35.79 57.92
CA PHE B 2061 12.19 -36.11 57.82
C PHE B 2061 12.92 -35.06 57.01
N GLY B 2062 14.22 -34.96 57.26
CA GLY B 2062 15.04 -33.98 56.58
C GLY B 2062 16.36 -33.81 57.31
N TRP B 2063 17.05 -32.72 56.95
CA TRP B 2063 18.40 -32.44 57.43
C TRP B 2063 18.44 -31.09 58.10
N TYR B 2064 17.53 -30.87 59.05
CA TYR B 2064 17.34 -29.56 59.65
C TYR B 2064 18.64 -28.99 60.17
N GLN B 2065 18.90 -27.73 59.82
CA GLN B 2065 20.03 -26.99 60.34
C GLN B 2065 19.51 -25.82 61.14
N LYS B 2066 20.06 -25.61 62.34
CA LYS B 2066 19.63 -24.49 63.12
C LYS B 2066 20.02 -23.20 62.43
N PRO B 2067 19.37 -22.09 62.75
CA PRO B 2067 19.63 -20.84 62.02
C PRO B 2067 21.11 -20.48 62.08
N VAL B 2068 21.58 -19.86 61.00
CA VAL B 2068 23.00 -19.58 60.81
C VAL B 2068 23.63 -19.07 62.10
N SER B 2069 22.92 -18.16 62.79
CA SER B 2069 23.25 -17.80 64.17
C SER B 2069 24.73 -17.49 64.31
N PRO B 2070 25.21 -16.34 63.84
CA PRO B 2070 26.66 -16.09 63.86
C PRO B 2070 27.25 -15.95 65.25
N SER B 2071 27.09 -17.00 66.08
CA SER B 2071 27.74 -17.06 67.38
C SER B 2071 29.12 -17.70 67.30
N ASP B 2072 29.42 -18.38 66.19
CA ASP B 2072 30.74 -18.93 65.94
C ASP B 2072 31.03 -20.19 66.77
N ALA B 2073 29.98 -20.95 67.12
CA ALA B 2073 30.17 -22.30 67.65
C ALA B 2073 31.16 -22.31 68.80
N PRO B 2074 30.75 -21.93 70.02
CA PRO B 2074 31.69 -21.49 71.06
C PRO B 2074 32.99 -22.27 71.11
N SER B 2075 34.09 -21.59 71.42
CA SER B 2075 35.41 -22.16 71.19
C SER B 2075 35.80 -23.16 72.27
N PHE B 2076 34.91 -24.13 72.53
CA PHE B 2076 35.30 -25.38 73.15
C PHE B 2076 34.84 -26.55 72.30
N CYS B 2077 34.13 -26.29 71.19
CA CYS B 2077 33.66 -27.35 70.34
C CYS B 2077 34.81 -28.00 69.59
N PRO B 2078 34.69 -29.26 69.20
CA PRO B 2078 35.75 -29.90 68.42
C PRO B 2078 35.98 -29.15 67.13
N SER B 2079 37.26 -29.03 66.75
CA SER B 2079 37.59 -28.50 65.44
C SER B 2079 37.22 -29.53 64.39
N VAL B 2080 36.51 -29.09 63.35
CA VAL B 2080 35.99 -29.98 62.33
C VAL B 2080 36.26 -29.37 60.97
N ALA B 2081 36.73 -30.20 60.04
CA ALA B 2081 36.94 -29.81 58.67
C ALA B 2081 36.58 -30.98 57.77
N LEU B 2082 36.31 -30.67 56.51
CA LEU B 2082 36.02 -31.72 55.56
C LEU B 2082 37.24 -32.63 55.43
N PRO B 2083 37.06 -33.91 55.13
CA PRO B 2083 38.23 -34.78 54.96
C PRO B 2083 39.15 -34.25 53.88
N ALA B 2084 40.45 -34.30 54.14
CA ALA B 2084 41.42 -33.75 53.21
C ALA B 2084 41.32 -34.48 51.88
N LEU B 2085 41.59 -33.74 50.80
CA LEU B 2085 41.53 -34.30 49.47
C LEU B 2085 42.79 -35.09 49.20
N THR B 2086 42.65 -36.40 48.98
CA THR B 2086 43.80 -37.22 48.62
C THR B 2086 44.37 -36.78 47.28
N GLU B 2087 43.51 -36.44 46.33
CA GLU B 2087 43.94 -35.96 45.03
C GLU B 2087 44.16 -34.45 45.10
N ASN B 2088 45.32 -34.00 44.62
CA ASN B 2088 45.65 -32.58 44.57
C ASN B 2088 45.22 -32.04 43.21
N VAL B 2089 44.12 -31.32 43.18
CA VAL B 2089 43.69 -30.65 41.95
C VAL B 2089 44.50 -29.37 41.78
N ALA B 2090 45.09 -29.20 40.60
CA ALA B 2090 45.87 -28.01 40.31
C ALA B 2090 44.97 -26.97 39.67
N LEU B 2091 44.80 -25.84 40.35
CA LEU B 2091 43.92 -24.79 39.83
C LEU B 2091 44.34 -24.35 38.44
N ASP B 2092 45.63 -24.45 38.12
CA ASP B 2092 46.08 -24.08 36.79
C ASP B 2092 45.47 -24.97 35.72
N SER B 2093 45.04 -26.18 36.08
CA SER B 2093 44.40 -27.06 35.11
C SER B 2093 43.00 -26.59 34.72
N TRP B 2094 42.45 -25.61 35.42
CA TRP B 2094 41.11 -25.11 35.17
C TRP B 2094 41.19 -23.65 34.73
N GLN B 2095 40.58 -23.33 33.60
CA GLN B 2095 40.51 -21.94 33.18
C GLN B 2095 39.63 -21.17 34.15
N SER B 2096 40.11 -20.02 34.60
CA SER B 2096 39.28 -19.09 35.35
C SER B 2096 38.73 -18.05 34.39
N LEU B 2097 37.44 -17.78 34.51
CA LEU B 2097 36.75 -16.86 33.62
C LEU B 2097 36.36 -15.60 34.38
N ALA B 2098 36.44 -14.46 33.70
CA ALA B 2098 35.99 -13.22 34.29
C ALA B 2098 34.48 -13.14 34.27
N LEU B 2099 33.92 -12.33 35.17
CA LEU B 2099 32.47 -12.17 35.23
C LEU B 2099 31.89 -11.48 34.01
N SER B 2100 32.74 -10.89 33.16
CA SER B 2100 32.27 -10.19 31.97
C SER B 2100 32.10 -11.12 30.78
N SER B 2101 32.59 -12.36 30.84
CA SER B 2101 32.49 -13.31 29.75
C SER B 2101 31.39 -14.33 29.98
N VAL B 2102 30.38 -13.98 30.77
CA VAL B 2102 29.32 -14.91 31.13
C VAL B 2102 27.99 -14.17 31.11
N ILE B 2103 26.96 -14.85 30.61
CA ILE B 2103 25.60 -14.35 30.68
C ILE B 2103 24.96 -14.90 31.95
N VAL B 2104 23.95 -14.19 32.44
CA VAL B 2104 23.32 -14.53 33.72
C VAL B 2104 21.90 -14.97 33.46
N ASP B 2105 21.69 -15.65 32.34
CA ASP B 2105 20.36 -16.07 31.94
C ASP B 2105 19.77 -17.07 32.93
N PRO B 2106 18.65 -16.78 33.58
CA PRO B 2106 17.94 -17.82 34.33
C PRO B 2106 17.24 -18.76 33.38
N SER B 2107 16.42 -19.68 33.91
CA SER B 2107 15.72 -20.68 33.11
C SER B 2107 16.67 -21.68 32.47
N ILE B 2108 17.91 -21.74 32.94
CA ILE B 2108 18.88 -22.72 32.46
C ILE B 2108 18.83 -23.90 33.42
N ARG B 2109 18.53 -25.09 32.90
CA ARG B 2109 18.14 -26.22 33.73
C ARG B 2109 19.18 -27.34 33.75
N ASN B 2110 20.25 -27.24 32.98
CA ASN B 2110 21.29 -28.27 32.97
C ASN B 2110 22.40 -27.87 33.92
N PHE B 2111 22.07 -27.86 35.20
CA PHE B 2111 23.03 -27.51 36.24
C PHE B 2111 22.63 -28.17 37.54
N ASP B 2112 23.42 -27.94 38.58
CA ASP B 2112 23.16 -28.55 39.87
C ASP B 2112 23.98 -27.80 40.92
N VAL B 2113 23.54 -27.87 42.16
CA VAL B 2113 24.05 -27.02 43.22
C VAL B 2113 24.51 -27.87 44.39
N ALA B 2114 25.41 -27.29 45.19
CA ALA B 2114 25.97 -27.96 46.35
C ALA B 2114 26.59 -26.90 47.26
N HIS B 2115 26.21 -26.90 48.52
CA HIS B 2115 26.83 -26.01 49.50
C HIS B 2115 28.00 -26.71 50.19
N ILE B 2116 28.82 -25.91 50.85
CA ILE B 2116 29.85 -26.41 51.75
C ILE B 2116 29.67 -25.75 53.10
N SER B 2117 29.66 -26.55 54.15
CA SER B 2117 29.55 -26.01 55.49
C SER B 2117 28.22 -25.31 55.68
N VAL B 2121 33.30 -24.17 57.51
CA VAL B 2121 34.13 -25.39 57.76
C VAL B 2121 35.15 -25.54 56.62
N GLY B 2122 36.37 -25.01 56.78
CA GLY B 2122 37.42 -25.02 55.77
C GLY B 2122 37.41 -23.66 55.08
N ASN B 2123 38.57 -23.02 54.89
CA ASN B 2123 38.68 -21.66 54.29
C ASN B 2123 38.46 -21.75 52.78
N PHE B 2124 38.08 -20.63 52.16
CA PHE B 2124 37.73 -20.51 50.71
C PHE B 2124 38.59 -21.39 49.81
N SER B 2125 39.91 -21.38 49.90
CA SER B 2125 40.77 -22.18 49.03
C SER B 2125 40.58 -23.67 49.27
N ALA B 2126 40.25 -24.06 50.50
CA ALA B 2126 39.96 -25.45 50.78
C ALA B 2126 38.54 -25.83 50.38
N ALA B 2127 37.63 -24.85 50.35
CA ALA B 2127 36.29 -25.11 49.85
C ALA B 2127 36.29 -25.22 48.33
N ARG B 2128 37.04 -24.36 47.65
CA ARG B 2128 37.08 -24.40 46.20
C ARG B 2128 37.61 -25.74 45.72
N ASP B 2129 38.73 -26.20 46.29
CA ASP B 2129 39.31 -27.45 45.83
C ASP B 2129 38.34 -28.61 45.97
N ARG B 2130 37.42 -28.53 46.93
CA ARG B 2130 36.44 -29.59 47.05
C ARG B 2130 35.44 -29.54 45.90
N CYS B 2131 34.91 -28.36 45.59
CA CYS B 2131 33.95 -28.26 44.49
C CYS B 2131 34.61 -28.58 43.16
N LEU B 2132 35.83 -28.06 42.93
CA LEU B 2132 36.52 -28.39 41.69
C LEU B 2132 36.76 -29.88 41.59
N TRP B 2133 37.19 -30.51 42.69
CA TRP B 2133 37.35 -31.95 42.68
C TRP B 2133 36.02 -32.65 42.47
N GLU B 2134 34.94 -32.09 43.05
CA GLU B 2134 33.62 -32.69 42.87
C GLU B 2134 33.23 -32.68 41.40
N CYS B 2135 33.49 -31.59 40.69
CA CYS B 2135 33.18 -31.54 39.27
C CYS B 2135 34.18 -32.34 38.44
N SER B 2136 35.43 -32.41 38.89
CA SER B 2136 36.45 -33.11 38.12
C SER B 2136 36.11 -34.60 37.98
N ARG B 2137 35.42 -35.17 38.95
CA ARG B 2137 35.03 -36.57 38.85
C ARG B 2137 34.11 -36.81 37.68
N HIS B 2138 33.15 -35.91 37.47
CA HIS B 2138 32.17 -36.07 36.39
C HIS B 2138 32.69 -35.44 35.11
N GLN B 2139 32.46 -36.13 34.00
CA GLN B 2139 32.91 -35.67 32.69
C GLN B 2139 31.87 -34.85 31.95
N ASP B 2140 30.66 -34.70 32.51
CA ASP B 2140 29.64 -33.86 31.90
C ASP B 2140 29.49 -32.52 32.59
N CYS B 2141 30.11 -32.32 33.75
CA CYS B 2141 30.25 -30.99 34.33
C CYS B 2141 31.42 -30.29 33.66
N LEU B 2142 31.20 -29.06 33.23
CA LEU B 2142 32.22 -28.35 32.45
C LEU B 2142 32.66 -27.04 33.08
N VAL B 2143 31.75 -26.30 33.71
CA VAL B 2143 32.10 -25.07 34.40
C VAL B 2143 31.51 -25.13 35.80
N THR B 2144 32.31 -24.77 36.79
CA THR B 2144 31.89 -24.72 38.18
C THR B 2144 32.09 -23.32 38.71
N THR B 2145 31.07 -22.75 39.31
CA THR B 2145 31.10 -21.39 39.83
C THR B 2145 30.85 -21.40 41.32
N LEU B 2146 31.64 -20.62 42.06
CA LEU B 2146 31.54 -20.55 43.50
C LEU B 2146 31.11 -19.15 43.91
N GLN B 2147 30.12 -19.07 44.78
CA GLN B 2147 29.68 -17.82 45.39
C GLN B 2147 29.63 -18.01 46.89
N THR B 2148 30.05 -17.00 47.63
CA THR B 2148 30.13 -17.08 49.09
C THR B 2148 28.80 -16.63 49.67
N GLN B 2149 27.97 -17.60 50.02
CA GLN B 2149 26.72 -17.34 50.72
C GLN B 2149 27.01 -17.05 52.18
N PRO B 2150 26.02 -16.51 52.92
CA PRO B 2150 26.28 -16.07 54.30
C PRO B 2150 26.94 -17.13 55.17
N GLY B 2151 26.30 -18.28 55.31
CA GLY B 2151 26.82 -19.33 56.16
C GLY B 2151 27.69 -20.33 55.40
N ALA B 2152 27.29 -20.65 54.18
CA ALA B 2152 27.97 -21.63 53.35
C ALA B 2152 28.49 -20.95 52.09
N VAL B 2153 29.34 -21.68 51.37
CA VAL B 2153 29.81 -21.28 50.04
C VAL B 2153 29.12 -22.17 49.03
N ARG B 2154 28.43 -21.57 48.08
CA ARG B 2154 27.52 -22.26 47.18
C ARG B 2154 28.19 -22.44 45.83
N CYS B 2155 28.61 -23.66 45.51
CA CYS B 2155 29.26 -23.94 44.25
C CYS B 2155 28.30 -24.69 43.34
N MET B 2156 28.18 -24.21 42.10
CA MET B 2156 27.24 -24.72 41.13
C MET B 2156 27.99 -25.38 39.98
N PHE B 2157 27.39 -26.39 39.38
CA PHE B 2157 28.00 -27.16 38.33
C PHE B 2157 27.11 -27.17 37.10
N TYR B 2158 27.58 -26.60 36.00
CA TYR B 2158 26.82 -26.56 34.76
C TYR B 2158 27.41 -27.50 33.73
N ALA B 2159 26.55 -27.99 32.85
CA ALA B 2159 26.98 -28.76 31.69
C ALA B 2159 27.43 -27.78 30.61
N ASP B 2160 27.59 -28.27 29.38
CA ASP B 2160 27.90 -27.38 28.27
C ASP B 2160 26.83 -26.32 28.15
N THR B 2161 27.20 -25.06 28.41
CA THR B 2161 26.24 -23.96 28.31
C THR B 2161 27.02 -22.73 27.86
N GLN B 2162 27.06 -22.52 26.55
CA GLN B 2162 27.63 -21.30 26.00
C GLN B 2162 26.78 -20.86 24.83
N SER B 2163 26.56 -19.56 24.74
CA SER B 2163 25.72 -18.97 23.70
C SER B 2163 26.59 -18.02 22.89
N CYS B 2164 27.05 -18.50 21.74
CA CYS B 2164 27.89 -17.69 20.88
C CYS B 2164 27.02 -16.78 20.01
N THR B 2165 27.45 -15.54 19.86
CA THR B 2165 26.82 -14.59 18.96
C THR B 2165 27.76 -14.35 17.79
N HIS B 2166 27.27 -14.56 16.58
CA HIS B 2166 28.07 -14.51 15.39
C HIS B 2166 27.74 -13.26 14.58
N SER B 2167 28.76 -12.71 13.94
CA SER B 2167 28.59 -11.58 13.05
C SER B 2167 29.78 -11.56 12.11
N LEU B 2168 29.74 -10.65 11.15
CA LEU B 2168 30.82 -10.56 10.18
C LEU B 2168 32.02 -9.78 10.70
N GLN B 2169 31.97 -9.29 11.94
CA GLN B 2169 33.14 -8.66 12.54
C GLN B 2169 33.98 -9.69 13.30
N ALA B 2170 33.39 -10.29 14.33
CA ALA B 2170 34.09 -11.28 15.13
C ALA B 2170 33.06 -12.04 15.95
N GLN B 2171 33.37 -13.30 16.22
CA GLN B 2171 32.46 -14.19 16.92
C GLN B 2171 32.82 -14.15 18.40
N ASN B 2172 31.85 -13.78 19.23
CA ASN B 2172 32.06 -13.50 20.65
C ASN B 2172 31.24 -14.48 21.47
N CYS B 2173 31.89 -15.52 21.97
CA CYS B 2173 31.23 -16.52 22.79
C CYS B 2173 31.32 -16.15 24.26
N ARG B 2174 30.38 -16.68 25.04
CA ARG B 2174 30.35 -16.43 26.48
C ARG B 2174 29.35 -17.38 27.12
N LEU B 2175 29.68 -17.80 28.34
CA LEU B 2175 28.91 -18.84 29.00
C LEU B 2175 27.55 -18.31 29.45
N LEU B 2176 26.60 -19.23 29.59
CA LEU B 2176 25.32 -18.96 30.21
C LEU B 2176 25.34 -19.52 31.63
N LEU B 2177 25.06 -18.66 32.60
CA LEU B 2177 25.06 -19.04 34.01
C LEU B 2177 23.70 -18.74 34.61
N HIS B 2178 23.23 -19.64 35.47
CA HIS B 2178 21.92 -19.47 36.08
C HIS B 2178 21.85 -18.26 36.99
N GLU B 2179 22.98 -17.77 37.47
CA GLU B 2179 23.00 -16.65 38.39
C GLU B 2179 24.45 -16.23 38.58
N GLU B 2180 24.62 -14.97 39.00
CA GLU B 2180 25.96 -14.43 39.14
C GLU B 2180 26.77 -15.26 40.13
N ALA B 2181 28.09 -15.23 39.94
CA ALA B 2181 28.99 -15.93 40.84
C ALA B 2181 30.30 -15.16 40.90
N THR B 2182 31.06 -15.41 41.96
CA THR B 2182 32.32 -14.69 42.16
C THR B 2182 33.44 -15.33 41.36
N TYR B 2183 33.69 -16.61 41.57
CA TYR B 2183 34.74 -17.35 40.87
C TYR B 2183 34.08 -18.31 39.90
N ILE B 2184 34.56 -18.32 38.66
CA ILE B 2184 34.03 -19.20 37.62
C ILE B 2184 35.19 -19.97 37.02
N TYR B 2185 35.15 -21.29 37.12
CA TYR B 2185 36.20 -22.16 36.60
C TYR B 2185 35.62 -23.06 35.54
N ARG B 2186 36.30 -23.15 34.40
CA ARG B 2186 35.87 -23.97 33.29
C ARG B 2186 36.98 -24.96 32.96
N LYS B 2187 36.61 -26.21 32.74
CA LYS B 2187 37.66 -27.19 32.46
C LYS B 2187 37.93 -27.23 30.96
N PRO B 2188 39.17 -27.18 30.51
CA PRO B 2188 39.42 -27.15 29.07
C PRO B 2188 39.02 -28.46 28.43
N ASN B 2189 38.77 -28.40 27.13
CA ASN B 2189 38.37 -29.58 26.39
C ASN B 2189 39.60 -30.41 26.02
N ILE B 2190 39.52 -31.71 26.29
CA ILE B 2190 40.61 -32.64 26.03
C ILE B 2190 40.31 -33.32 24.70
N PRO B 2191 41.14 -33.15 23.66
CA PRO B 2191 40.84 -33.78 22.38
C PRO B 2191 40.78 -35.30 22.51
N LEU B 2192 39.89 -35.90 21.73
CA LEU B 2192 39.76 -37.34 21.73
C LEU B 2192 41.02 -37.97 21.16
N PRO B 2193 41.28 -39.24 21.45
CA PRO B 2193 42.48 -39.89 20.90
C PRO B 2193 42.56 -39.79 19.39
N GLY B 2194 43.56 -39.06 18.89
CA GLY B 2194 43.77 -38.90 17.47
C GLY B 2194 43.81 -37.46 17.04
N PHE B 2195 42.94 -36.63 17.61
CA PHE B 2195 42.89 -35.23 17.24
C PHE B 2195 43.99 -34.45 17.95
N GLY B 2196 44.05 -33.15 17.66
CA GLY B 2196 45.04 -32.28 18.28
C GLY B 2196 46.10 -31.85 17.29
N THR B 2197 46.58 -32.78 16.48
CA THR B 2197 47.56 -32.48 15.47
C THR B 2197 46.84 -31.92 14.23
N SER B 2198 47.56 -31.80 13.12
CA SER B 2198 46.99 -31.37 11.86
C SER B 2198 46.80 -32.52 10.88
N SER B 2199 46.95 -33.75 11.34
CA SER B 2199 46.57 -34.94 10.57
C SER B 2199 45.84 -35.87 11.52
N PRO B 2200 44.56 -35.60 11.78
CA PRO B 2200 43.89 -36.27 12.89
C PRO B 2200 43.63 -37.74 12.65
N SER B 2201 44.61 -38.59 12.97
CA SER B 2201 44.49 -40.03 12.74
C SER B 2201 43.49 -40.61 13.73
N VAL B 2202 42.21 -40.49 13.39
CA VAL B 2202 41.13 -40.98 14.24
C VAL B 2202 41.11 -42.50 14.23
N PRO B 2203 41.25 -43.17 15.38
CA PRO B 2203 41.09 -44.63 15.39
C PRO B 2203 39.65 -45.06 15.54
N ILE B 2204 39.08 -45.65 14.50
CA ILE B 2204 37.71 -46.15 14.55
C ILE B 2204 37.76 -47.66 14.70
N ALA B 2205 36.94 -48.19 15.62
CA ALA B 2205 37.09 -49.56 16.05
C ALA B 2205 36.94 -50.52 14.88
N THR B 2206 37.55 -51.70 15.04
CA THR B 2206 37.48 -52.86 14.15
C THR B 2206 37.91 -52.55 12.72
N HIS B 2207 38.44 -51.36 12.45
CA HIS B 2207 39.01 -51.03 11.15
C HIS B 2207 40.46 -50.58 11.25
N GLY B 2208 40.74 -49.63 12.12
CA GLY B 2208 42.06 -49.05 12.26
C GLY B 2208 41.97 -47.56 12.18
N GLN B 2209 43.12 -46.93 11.94
CA GLN B 2209 43.17 -45.48 11.85
C GLN B 2209 42.44 -45.00 10.61
N LEU B 2210 41.82 -43.83 10.72
CA LEU B 2210 41.15 -43.15 9.62
C LEU B 2210 41.68 -41.74 9.65
N LEU B 2211 42.80 -41.51 8.97
CA LEU B 2211 43.51 -40.25 9.10
C LEU B 2211 43.00 -39.29 8.04
N GLY B 2212 42.52 -38.14 8.49
CA GLY B 2212 42.02 -37.13 7.59
C GLY B 2212 42.96 -35.97 7.46
N ARG B 2213 42.43 -34.76 7.59
CA ARG B 2213 43.25 -33.57 7.53
C ARG B 2213 42.50 -32.46 8.25
N SER B 2214 43.16 -31.32 8.38
CA SER B 2214 42.59 -30.18 9.09
C SER B 2214 42.68 -28.96 8.20
N GLN B 2215 41.67 -28.11 8.32
CA GLN B 2215 41.64 -26.88 7.55
C GLN B 2215 41.03 -25.78 8.42
N ALA B 2216 41.59 -24.59 8.32
CA ALA B 2216 41.13 -23.45 9.10
C ALA B 2216 40.19 -22.61 8.27
N ILE B 2217 38.99 -22.36 8.79
CA ILE B 2217 37.93 -21.68 8.07
C ILE B 2217 37.69 -20.32 8.70
N GLN B 2218 37.51 -19.31 7.87
CA GLN B 2218 37.23 -17.95 8.30
C GLN B 2218 35.75 -17.67 8.13
N VAL B 2219 35.11 -17.17 9.17
CA VAL B 2219 33.71 -16.76 9.11
C VAL B 2219 33.57 -15.25 9.21
N GLY B 2220 33.95 -14.68 10.34
CA GLY B 2220 33.99 -13.24 10.44
C GLY B 2220 35.35 -12.75 10.07
N THR B 2221 36.04 -12.13 11.01
CA THR B 2221 37.48 -11.91 10.92
C THR B 2221 38.26 -13.00 11.64
N SER B 2222 37.59 -13.94 12.28
CA SER B 2222 38.20 -14.91 13.17
C SER B 2222 38.09 -16.30 12.58
N TRP B 2223 39.11 -17.11 12.79
CA TRP B 2223 39.25 -18.42 12.19
C TRP B 2223 39.01 -19.51 13.21
N LYS B 2224 38.42 -20.61 12.77
CA LYS B 2224 38.21 -21.79 13.60
C LYS B 2224 38.85 -22.98 12.91
N PRO B 2225 39.80 -23.69 13.53
CA PRO B 2225 40.33 -24.88 12.87
C PRO B 2225 39.31 -26.01 12.87
N VAL B 2226 39.13 -26.64 11.72
CA VAL B 2226 38.12 -27.67 11.53
C VAL B 2226 38.80 -28.87 10.89
N ASP B 2227 38.70 -30.03 11.54
CA ASP B 2227 39.21 -31.25 10.97
C ASP B 2227 38.27 -31.74 9.88
N GLN B 2228 38.83 -32.31 8.82
CA GLN B 2228 38.04 -32.74 7.67
C GLN B 2228 38.48 -34.13 7.26
N PHE B 2229 37.57 -35.08 7.32
CA PHE B 2229 37.82 -36.45 6.89
C PHE B 2229 36.99 -36.69 5.65
N LEU B 2230 37.54 -36.36 4.49
CA LEU B 2230 36.82 -36.43 3.24
C LEU B 2230 37.02 -37.80 2.61
N GLY B 2231 35.92 -38.46 2.27
CA GLY B 2231 36.01 -39.74 1.59
C GLY B 2231 36.10 -40.92 2.52
N VAL B 2232 35.27 -40.94 3.57
CA VAL B 2232 35.21 -42.06 4.50
C VAL B 2232 34.22 -43.07 3.95
N PRO B 2233 34.64 -44.27 3.57
CA PRO B 2233 33.68 -45.21 3.00
C PRO B 2233 32.70 -45.68 4.04
N TYR B 2234 31.50 -46.02 3.60
CA TYR B 2234 30.54 -46.68 4.47
C TYR B 2234 29.91 -47.90 3.82
N ALA B 2235 30.42 -48.35 2.68
CA ALA B 2235 29.90 -49.54 2.05
C ALA B 2235 30.81 -49.90 0.89
N ALA B 2236 30.84 -51.18 0.57
CA ALA B 2236 31.72 -51.65 -0.48
C ALA B 2236 31.34 -50.99 -1.80
N PRO B 2237 32.29 -50.69 -2.67
CA PRO B 2237 31.99 -49.93 -3.87
C PRO B 2237 31.03 -50.70 -4.76
N PRO B 2238 29.81 -50.20 -4.96
CA PRO B 2238 28.85 -50.96 -5.76
C PRO B 2238 29.25 -51.02 -7.22
N LEU B 2239 30.30 -51.76 -7.52
CA LEU B 2239 30.80 -51.93 -8.87
C LEU B 2239 30.59 -53.37 -9.30
N GLY B 2240 30.16 -53.56 -10.54
CA GLY B 2240 30.11 -54.90 -11.11
C GLY B 2240 28.87 -55.63 -10.67
N GLU B 2241 29.07 -56.81 -10.08
CA GLU B 2241 27.93 -57.60 -9.64
C GLU B 2241 27.32 -57.10 -8.34
N LYS B 2242 27.99 -56.21 -7.62
CA LYS B 2242 27.39 -55.53 -6.48
C LYS B 2242 26.75 -54.21 -6.91
N ARG B 2243 25.96 -54.25 -7.98
CA ARG B 2243 25.43 -53.03 -8.57
C ARG B 2243 23.99 -52.78 -8.15
N PHE B 2244 23.10 -53.70 -8.46
CA PHE B 2244 21.69 -53.57 -8.12
C PHE B 2244 21.33 -54.45 -6.94
N ARG B 2245 22.22 -54.52 -5.95
CA ARG B 2245 21.94 -55.20 -4.70
C ARG B 2245 22.36 -54.31 -3.55
N ALA B 2246 21.70 -54.50 -2.42
CA ALA B 2246 21.89 -53.67 -1.22
C ALA B 2246 23.37 -53.58 -0.89
N PRO B 2247 23.80 -52.56 -0.16
CA PRO B 2247 25.20 -52.42 0.20
C PRO B 2247 25.59 -53.39 1.31
N GLU B 2248 26.88 -53.42 1.63
CA GLU B 2248 27.31 -54.16 2.81
C GLU B 2248 28.60 -53.58 3.32
N HIS B 2249 28.84 -53.61 4.66
CA HIS B 2249 30.04 -53.14 5.40
C HIS B 2249 31.31 -53.32 4.56
N LEU B 2250 32.12 -52.28 4.37
CA LEU B 2250 33.28 -52.33 3.45
C LEU B 2250 34.36 -53.29 3.94
N ASN B 2251 34.46 -53.58 5.24
CA ASN B 2251 35.47 -54.50 5.84
C ASN B 2251 36.87 -54.05 5.43
N TRP B 2252 37.19 -52.78 5.59
CA TRP B 2252 38.56 -52.30 5.29
C TRP B 2252 39.41 -52.48 6.55
N THR B 2253 40.68 -52.14 6.47
CA THR B 2253 41.57 -52.31 7.61
C THR B 2253 42.79 -51.44 7.42
N GLY B 2254 43.49 -51.23 8.51
CA GLY B 2254 44.76 -50.50 8.48
C GLY B 2254 44.55 -48.98 8.60
N SER B 2255 44.86 -48.27 7.53
CA SER B 2255 44.87 -46.81 7.55
C SER B 2255 44.21 -46.30 6.28
N TRP B 2256 43.13 -45.55 6.42
CA TRP B 2256 42.42 -44.97 5.29
C TRP B 2256 42.88 -43.52 5.12
N GLU B 2257 43.20 -43.15 3.88
CA GLU B 2257 43.64 -41.79 3.57
C GLU B 2257 42.45 -40.93 3.21
N ALA B 2258 41.66 -40.61 4.24
CA ALA B 2258 40.45 -39.81 4.06
C ALA B 2258 40.78 -38.32 4.01
N THR B 2259 41.55 -37.95 2.99
CA THR B 2259 42.03 -36.59 2.84
C THR B 2259 41.64 -35.95 1.51
N LYS B 2260 40.94 -36.66 0.63
CA LYS B 2260 40.58 -36.14 -0.68
C LYS B 2260 39.14 -36.54 -0.99
N PRO B 2261 38.29 -35.61 -1.45
CA PRO B 2261 36.94 -36.01 -1.84
C PRO B 2261 36.99 -37.07 -2.93
N ARG B 2262 36.04 -37.99 -2.88
CA ARG B 2262 36.03 -39.13 -3.78
C ARG B 2262 35.00 -38.92 -4.88
N ALA B 2263 34.98 -39.88 -5.81
CA ALA B 2263 34.10 -39.77 -6.96
C ALA B 2263 32.65 -39.69 -6.53
N ARG B 2264 31.89 -38.87 -7.22
CA ARG B 2264 30.47 -38.69 -6.94
C ARG B 2264 29.65 -39.63 -7.79
N CYS B 2265 28.41 -39.86 -7.37
CA CYS B 2265 27.60 -40.88 -8.01
C CYS B 2265 27.28 -40.49 -9.44
N TRP B 2266 26.81 -41.48 -10.19
CA TRP B 2266 26.24 -41.22 -11.50
C TRP B 2266 24.86 -40.61 -11.33
N GLN B 2267 24.61 -39.51 -12.02
CA GLN B 2267 23.32 -38.85 -12.01
C GLN B 2267 22.80 -38.74 -13.43
N PRO B 2268 21.50 -38.61 -13.62
CA PRO B 2268 20.99 -38.41 -14.97
C PRO B 2268 21.61 -37.19 -15.61
N GLY B 2269 21.92 -37.30 -16.90
CA GLY B 2269 22.45 -36.18 -17.64
C GLY B 2269 23.83 -35.76 -17.21
N ILE B 2270 24.79 -36.67 -17.30
CA ILE B 2270 26.20 -36.36 -17.10
C ILE B 2270 26.82 -36.14 -18.47
N ARG B 2271 27.47 -35.00 -18.65
CA ARG B 2271 28.01 -34.66 -19.96
C ARG B 2271 29.07 -35.66 -20.39
N THR B 2272 29.03 -36.02 -21.66
CA THR B 2272 29.92 -37.01 -22.26
C THR B 2272 31.13 -36.33 -22.90
N PRO B 2273 32.35 -36.88 -22.78
CA PRO B 2273 32.74 -38.10 -22.08
C PRO B 2273 32.61 -37.95 -20.58
N THR B 2274 32.54 -39.06 -19.86
CA THR B 2274 32.36 -39.01 -18.43
C THR B 2274 33.42 -38.09 -17.82
N PRO B 2275 33.03 -37.04 -17.08
CA PRO B 2275 34.02 -36.13 -16.55
C PRO B 2275 34.82 -36.80 -15.45
N PRO B 2276 35.89 -36.18 -14.98
CA PRO B 2276 36.63 -36.76 -13.86
C PRO B 2276 35.76 -36.78 -12.60
N GLY B 2277 36.01 -37.78 -11.76
CA GLY B 2277 35.31 -37.86 -10.49
C GLY B 2277 33.83 -38.13 -10.60
N VAL B 2278 33.42 -39.05 -11.46
CA VAL B 2278 32.09 -39.65 -11.40
C VAL B 2278 32.26 -41.14 -11.62
N SER B 2279 31.73 -41.94 -10.72
CA SER B 2279 31.91 -43.37 -10.81
C SER B 2279 30.86 -44.04 -9.93
N GLU B 2280 30.69 -45.34 -10.12
CA GLU B 2280 29.71 -46.07 -9.34
C GLU B 2280 30.14 -46.21 -7.89
N ASP B 2281 31.45 -46.25 -7.63
CA ASP B 2281 31.94 -46.32 -6.24
C ASP B 2281 31.86 -44.92 -5.66
N CYS B 2282 30.66 -44.55 -5.24
CA CYS B 2282 30.37 -43.21 -4.74
C CYS B 2282 29.79 -43.24 -3.34
N LEU B 2283 29.89 -44.37 -2.65
CA LEU B 2283 29.35 -44.52 -1.29
C LEU B 2283 30.42 -44.08 -0.30
N TYR B 2284 30.60 -42.77 -0.19
CA TYR B 2284 31.58 -42.17 0.70
C TYR B 2284 30.94 -40.99 1.42
N LEU B 2285 31.20 -40.84 2.70
CA LEU B 2285 30.64 -39.76 3.49
C LEU B 2285 31.77 -38.91 4.03
N ASN B 2286 31.74 -37.62 3.75
CA ASN B 2286 32.70 -36.69 4.32
C ASN B 2286 32.26 -36.26 5.70
N VAL B 2287 33.21 -36.16 6.63
CA VAL B 2287 32.95 -35.74 7.99
C VAL B 2287 33.74 -34.47 8.27
N PHE B 2288 33.08 -33.46 8.83
CA PHE B 2288 33.70 -32.17 9.12
C PHE B 2288 33.48 -31.86 10.59
N VAL B 2289 34.48 -32.14 11.42
CA VAL B 2289 34.35 -32.05 12.87
C VAL B 2289 35.23 -30.90 13.35
N PRO B 2290 34.69 -29.87 14.01
CA PRO B 2290 35.53 -28.79 14.51
C PRO B 2290 36.62 -29.32 15.42
N GLN B 2291 37.61 -28.47 15.70
CA GLN B 2291 38.84 -28.98 16.29
C GLN B 2291 38.59 -29.56 17.67
N ASN B 2292 38.17 -28.74 18.62
CA ASN B 2292 37.80 -29.23 19.94
C ASN B 2292 36.56 -28.49 20.40
N MET B 2293 35.63 -29.24 20.98
CA MET B 2293 34.32 -28.71 21.32
C MET B 2293 33.76 -29.59 22.43
N ALA B 2294 32.46 -29.46 22.69
CA ALA B 2294 31.87 -30.14 23.82
C ALA B 2294 32.00 -31.66 23.64
N PRO B 2295 31.96 -32.41 24.74
CA PRO B 2295 32.14 -33.86 24.64
C PRO B 2295 31.18 -34.53 23.67
N ASN B 2296 29.88 -34.39 23.90
CA ASN B 2296 28.86 -35.04 23.08
C ASN B 2296 28.24 -34.00 22.17
N ALA B 2297 28.88 -33.77 21.03
CA ALA B 2297 28.36 -32.84 20.05
C ALA B 2297 27.29 -33.51 19.22
N SER B 2298 26.50 -32.69 18.53
CA SER B 2298 25.45 -33.17 17.66
C SER B 2298 26.00 -33.40 16.26
N VAL B 2299 25.22 -34.08 15.44
CA VAL B 2299 25.64 -34.49 14.11
C VAL B 2299 24.57 -34.05 13.12
N LEU B 2300 24.95 -33.98 11.85
CA LEU B 2300 24.00 -33.63 10.78
C LEU B 2300 24.37 -34.46 9.57
N VAL B 2301 23.62 -35.53 9.32
CA VAL B 2301 23.91 -36.41 8.19
C VAL B 2301 23.17 -35.82 6.99
N PHE B 2302 23.88 -35.02 6.21
CA PHE B 2302 23.32 -34.38 5.03
C PHE B 2302 23.56 -35.28 3.83
N PHE B 2303 22.49 -35.78 3.23
CA PHE B 2303 22.58 -36.68 2.09
C PHE B 2303 22.56 -35.87 0.81
N HIS B 2304 23.70 -35.73 0.17
CA HIS B 2304 23.85 -34.83 -0.96
C HIS B 2304 24.74 -35.50 -1.99
N ASN B 2305 24.20 -35.63 -3.20
CA ASN B 2305 24.98 -36.07 -4.35
C ASN B 2305 25.50 -34.83 -5.06
N ALA B 2306 26.81 -34.65 -5.06
CA ALA B 2306 27.40 -33.47 -5.66
C ALA B 2306 27.03 -33.39 -7.14
N ALA B 2307 26.86 -32.17 -7.63
CA ALA B 2307 26.53 -31.97 -9.02
C ALA B 2307 27.76 -32.17 -9.89
N GLU B 2308 27.59 -32.03 -11.20
CA GLU B 2308 28.68 -32.27 -12.13
C GLU B 2308 29.83 -31.29 -11.92
N GLY B 2309 29.51 -30.01 -11.71
CA GLY B 2309 30.51 -28.97 -11.69
C GLY B 2309 31.17 -28.75 -10.34
N LYS B 2310 30.37 -28.80 -9.27
CA LYS B 2310 30.90 -28.48 -7.95
C LYS B 2310 31.96 -29.50 -7.54
N GLY B 2311 33.01 -29.00 -6.89
CA GLY B 2311 34.10 -29.85 -6.44
C GLY B 2311 35.31 -29.76 -7.35
N SER B 2312 36.49 -29.56 -6.77
CA SER B 2312 37.72 -29.41 -7.52
C SER B 2312 38.78 -30.43 -7.13
N GLY B 2313 38.37 -31.54 -6.51
CA GLY B 2313 39.32 -32.58 -6.14
C GLY B 2313 40.07 -32.28 -4.86
N ASP B 2314 40.26 -31.00 -4.55
CA ASP B 2314 40.83 -30.60 -3.28
C ASP B 2314 39.76 -30.29 -2.24
N ARG B 2315 38.63 -29.78 -2.69
CA ARG B 2315 37.55 -29.35 -1.81
C ARG B 2315 36.27 -30.13 -2.14
N PRO B 2316 35.46 -30.46 -1.14
CA PRO B 2316 34.18 -31.10 -1.44
C PRO B 2316 33.18 -30.10 -1.99
N ALA B 2317 32.13 -30.64 -2.63
CA ALA B 2317 31.12 -29.80 -3.24
C ALA B 2317 30.47 -28.90 -2.20
N VAL B 2318 29.75 -29.48 -1.25
CA VAL B 2318 29.19 -28.76 -0.12
C VAL B 2318 30.16 -28.94 1.03
N ASP B 2319 30.81 -27.85 1.43
CA ASP B 2319 31.93 -27.97 2.36
C ASP B 2319 31.46 -28.40 3.74
N GLY B 2320 30.39 -27.79 4.24
CA GLY B 2320 29.89 -28.15 5.55
C GLY B 2320 30.82 -27.82 6.70
N SER B 2321 32.04 -27.37 6.44
CA SER B 2321 32.89 -26.90 7.51
C SER B 2321 32.33 -25.64 8.14
N PHE B 2322 31.57 -24.87 7.38
CA PHE B 2322 31.11 -23.58 7.87
C PHE B 2322 29.86 -23.71 8.69
N LEU B 2323 29.03 -24.71 8.42
CA LEU B 2323 27.92 -25.00 9.33
C LEU B 2323 28.41 -25.71 10.58
N ALA B 2324 29.42 -26.55 10.44
CA ALA B 2324 29.99 -27.23 11.60
C ALA B 2324 30.61 -26.25 12.57
N ALA B 2325 31.31 -25.25 12.05
CA ALA B 2325 32.02 -24.30 12.92
C ALA B 2325 31.04 -23.37 13.62
N VAL B 2326 30.09 -22.80 12.90
CA VAL B 2326 29.21 -21.80 13.48
C VAL B 2326 28.05 -22.46 14.19
N GLY B 2327 28.11 -23.77 14.37
CA GLY B 2327 27.12 -24.46 15.17
C GLY B 2327 27.76 -25.28 16.26
N ASN B 2328 29.07 -25.51 16.16
CA ASN B 2328 29.78 -26.43 17.06
C ASN B 2328 29.11 -27.80 17.02
N LEU B 2329 29.14 -28.39 15.84
CA LEU B 2329 28.55 -29.69 15.61
C LEU B 2329 29.34 -30.39 14.51
N ILE B 2330 29.14 -31.66 14.39
CA ILE B 2330 29.72 -32.46 13.32
C ILE B 2330 28.76 -32.43 12.14
N VAL B 2331 29.30 -32.46 10.93
CA VAL B 2331 28.48 -32.40 9.72
C VAL B 2331 28.95 -33.52 8.80
N VAL B 2332 28.29 -34.66 8.86
CA VAL B 2332 28.54 -35.73 7.92
C VAL B 2332 27.78 -35.42 6.64
N THR B 2333 28.45 -35.49 5.50
CA THR B 2333 27.82 -35.19 4.21
C THR B 2333 27.90 -36.45 3.37
N ALA B 2334 26.95 -37.34 3.59
CA ALA B 2334 26.97 -38.62 2.90
C ALA B 2334 26.46 -38.46 1.48
N SER B 2335 27.04 -39.23 0.58
CA SER B 2335 26.47 -39.40 -0.74
C SER B 2335 25.82 -40.77 -0.84
N TYR B 2336 25.01 -40.95 -1.87
CA TYR B 2336 24.23 -42.16 -2.03
C TYR B 2336 23.92 -42.28 -3.51
N ARG B 2337 23.65 -43.50 -3.94
CA ARG B 2337 23.43 -43.76 -5.35
C ARG B 2337 21.96 -43.55 -5.69
N THR B 2338 21.71 -42.70 -6.69
CA THR B 2338 20.36 -42.36 -7.11
C THR B 2338 20.25 -42.58 -8.61
N GLY B 2339 19.01 -42.65 -9.09
CA GLY B 2339 18.77 -42.96 -10.48
C GLY B 2339 18.44 -44.43 -10.65
N ILE B 2340 18.78 -45.04 -11.79
CA ILE B 2340 18.57 -46.48 -11.90
C ILE B 2340 19.46 -47.21 -10.92
N PHE B 2341 20.69 -46.72 -10.72
CA PHE B 2341 21.65 -47.44 -9.90
C PHE B 2341 21.12 -47.58 -8.50
N GLY B 2342 20.51 -46.52 -7.99
CA GLY B 2342 19.99 -46.54 -6.64
C GLY B 2342 18.70 -47.32 -6.51
N PHE B 2343 17.81 -47.21 -7.51
CA PHE B 2343 16.42 -47.59 -7.33
C PHE B 2343 15.85 -48.46 -8.45
N LEU B 2344 16.68 -49.13 -9.25
CA LEU B 2344 16.12 -49.88 -10.37
C LEU B 2344 15.39 -51.10 -9.84
N SER B 2345 14.13 -50.88 -9.47
CA SER B 2345 13.29 -51.94 -8.96
C SER B 2345 12.50 -52.61 -10.08
N SER B 2346 11.85 -53.72 -9.73
CA SER B 2346 10.87 -54.32 -10.62
C SER B 2346 9.65 -54.81 -9.86
N GLY B 2347 9.44 -54.33 -8.64
CA GLY B 2347 8.27 -54.65 -7.85
C GLY B 2347 8.12 -56.11 -7.50
N SER B 2348 9.06 -56.96 -7.91
CA SER B 2348 8.93 -58.39 -7.78
C SER B 2348 9.75 -58.87 -6.59
N SER B 2349 9.87 -60.19 -6.44
CA SER B 2349 10.60 -60.75 -5.32
C SER B 2349 12.09 -60.84 -5.56
N GLU B 2350 12.56 -60.65 -6.80
CA GLU B 2350 13.96 -60.90 -7.12
C GLU B 2350 14.78 -59.63 -7.22
N LEU B 2351 14.24 -58.50 -7.70
CA LEU B 2351 15.01 -57.26 -7.93
C LEU B 2351 14.33 -56.05 -7.32
N SER B 2352 13.25 -56.17 -6.56
CA SER B 2352 12.62 -54.95 -6.02
C SER B 2352 13.46 -54.48 -4.87
N GLY B 2353 13.37 -53.21 -4.62
CA GLY B 2353 14.15 -52.60 -3.57
C GLY B 2353 14.51 -51.22 -3.98
N ASN B 2354 15.09 -50.55 -3.03
CA ASN B 2354 15.48 -49.16 -3.16
C ASN B 2354 16.91 -49.23 -2.67
N TRP B 2355 17.86 -49.64 -3.48
CA TRP B 2355 19.25 -49.86 -3.03
C TRP B 2355 19.80 -48.54 -2.50
N GLY B 2356 19.45 -47.40 -3.08
CA GLY B 2356 19.91 -46.07 -2.70
C GLY B 2356 19.32 -45.60 -1.39
N LEU B 2357 18.21 -46.18 -0.96
CA LEU B 2357 17.56 -45.92 0.35
C LEU B 2357 18.08 -46.92 1.39
N LEU B 2358 18.56 -48.07 0.95
CA LEU B 2358 19.16 -49.10 1.83
C LEU B 2358 20.60 -48.69 2.10
N ASP B 2359 21.25 -47.94 1.21
CA ASP B 2359 22.62 -47.51 1.40
C ASP B 2359 22.71 -46.04 1.79
N GLN B 2360 21.61 -45.46 2.22
CA GLN B 2360 21.64 -44.24 2.98
C GLN B 2360 21.01 -44.45 4.34
N VAL B 2361 20.51 -45.66 4.60
CA VAL B 2361 20.29 -46.14 5.97
C VAL B 2361 21.48 -46.91 6.48
N VAL B 2362 22.50 -47.12 5.64
CA VAL B 2362 23.77 -47.68 6.09
C VAL B 2362 24.78 -46.57 6.40
N ALA B 2363 24.62 -45.39 5.82
CA ALA B 2363 25.41 -44.25 6.20
C ALA B 2363 24.92 -43.61 7.49
N LEU B 2364 23.81 -44.08 8.02
CA LEU B 2364 23.32 -43.61 9.31
C LEU B 2364 23.64 -44.58 10.44
N THR B 2365 23.79 -45.88 10.15
CA THR B 2365 24.31 -46.77 11.17
C THR B 2365 25.80 -46.56 11.34
N TRP B 2366 26.53 -46.33 10.25
CA TRP B 2366 27.92 -45.93 10.39
C TRP B 2366 28.03 -44.73 11.30
N VAL B 2367 27.25 -43.68 11.03
CA VAL B 2367 27.24 -42.53 11.93
C VAL B 2367 26.76 -42.93 13.31
N GLN B 2368 25.93 -43.97 13.41
CA GLN B 2368 25.51 -44.42 14.72
C GLN B 2368 26.66 -45.03 15.49
N THR B 2369 27.40 -45.93 14.85
CA THR B 2369 28.45 -46.67 15.55
C THR B 2369 29.71 -45.83 15.70
N HIS B 2370 30.32 -45.45 14.58
CA HIS B 2370 31.66 -44.90 14.58
C HIS B 2370 31.71 -43.39 14.65
N ILE B 2371 30.67 -42.73 15.19
CA ILE B 2371 30.74 -41.29 15.41
C ILE B 2371 31.15 -40.95 16.82
N GLN B 2372 31.10 -41.90 17.75
CA GLN B 2372 31.72 -41.67 19.05
C GLN B 2372 33.22 -41.47 18.89
N ALA B 2373 33.82 -42.08 17.86
CA ALA B 2373 35.26 -41.92 17.66
C ALA B 2373 35.62 -40.48 17.40
N PHE B 2374 34.81 -39.79 16.61
CA PHE B 2374 34.91 -38.34 16.47
C PHE B 2374 34.24 -37.75 17.69
N GLY B 2375 33.97 -36.46 17.69
CA GLY B 2375 33.39 -35.90 18.89
C GLY B 2375 31.91 -36.15 19.07
N GLY B 2376 31.27 -36.84 18.14
CA GLY B 2376 29.83 -36.81 18.01
C GLY B 2376 29.10 -37.59 19.07
N ASP B 2377 27.78 -37.57 18.95
CA ASP B 2377 26.88 -38.23 19.89
C ASP B 2377 25.86 -39.02 19.09
N PRO B 2378 25.80 -40.35 19.22
CA PRO B 2378 24.86 -41.12 18.41
C PRO B 2378 23.41 -40.80 18.66
N ARG B 2379 23.08 -40.15 19.78
CA ARG B 2379 21.69 -39.88 20.14
C ARG B 2379 21.19 -38.54 19.64
N ARG B 2380 21.97 -37.81 18.85
CA ARG B 2380 21.58 -36.48 18.42
C ARG B 2380 21.82 -36.26 16.93
N VAL B 2381 21.81 -37.34 16.14
CA VAL B 2381 21.93 -37.18 14.70
C VAL B 2381 20.73 -36.41 14.18
N THR B 2382 20.86 -35.85 12.97
CA THR B 2382 19.81 -35.00 12.39
C THR B 2382 19.82 -35.21 10.89
N LEU B 2383 18.97 -36.11 10.42
CA LEU B 2383 18.93 -36.47 9.01
C LEU B 2383 18.41 -35.30 8.19
N ALA B 2384 19.26 -34.69 7.36
CA ALA B 2384 18.87 -33.63 6.46
C ALA B 2384 18.99 -34.10 5.01
N ALA B 2385 18.37 -33.35 4.10
CA ALA B 2385 18.45 -33.69 2.69
C ALA B 2385 17.81 -32.57 1.88
N ASP B 2386 18.35 -32.34 0.69
CA ASP B 2386 18.06 -31.17 -0.12
C ASP B 2386 16.99 -31.48 -1.17
N ARG B 2387 16.88 -30.58 -2.14
CA ARG B 2387 15.98 -30.70 -3.28
C ARG B 2387 15.87 -32.15 -3.76
N GLY B 2388 14.65 -32.65 -3.85
CA GLY B 2388 14.43 -33.88 -4.58
C GLY B 2388 14.96 -35.11 -3.88
N GLY B 2389 16.19 -35.06 -3.41
CA GLY B 2389 16.70 -36.09 -2.54
C GLY B 2389 16.17 -36.01 -1.14
N ALA B 2390 15.26 -35.07 -0.87
CA ALA B 2390 14.51 -35.02 0.38
C ALA B 2390 13.19 -35.75 0.30
N ASP B 2391 12.77 -36.17 -0.89
CA ASP B 2391 11.70 -37.15 -0.98
C ASP B 2391 12.20 -38.54 -0.64
N ILE B 2392 13.43 -38.84 -1.03
CA ILE B 2392 14.05 -40.11 -0.65
C ILE B 2392 14.38 -40.10 0.82
N ALA B 2393 14.91 -39.00 1.33
CA ALA B 2393 15.29 -38.92 2.72
C ALA B 2393 14.09 -39.02 3.63
N SER B 2394 12.99 -38.37 3.27
CA SER B 2394 11.82 -38.35 4.13
C SER B 2394 11.15 -39.71 4.23
N ILE B 2395 11.53 -40.68 3.39
CA ILE B 2395 11.01 -42.02 3.53
C ILE B 2395 11.53 -42.70 4.78
N HIS B 2396 12.52 -42.13 5.44
CA HIS B 2396 12.97 -42.68 6.71
C HIS B 2396 12.02 -42.32 7.83
N LEU B 2397 11.32 -41.19 7.73
CA LEU B 2397 10.32 -40.81 8.72
C LEU B 2397 9.11 -41.73 8.70
N VAL B 2398 8.96 -42.56 7.67
CA VAL B 2398 7.83 -43.46 7.58
C VAL B 2398 8.24 -44.93 7.57
N THR B 2399 9.47 -45.26 7.22
CA THR B 2399 9.91 -46.63 7.33
C THR B 2399 10.03 -47.04 8.78
N THR B 2400 9.71 -48.30 9.07
CA THR B 2400 9.79 -48.85 10.41
C THR B 2400 11.11 -49.59 10.55
N ARG B 2401 12.02 -49.04 11.35
CA ARG B 2401 13.25 -49.74 11.70
C ARG B 2401 12.92 -50.75 12.79
N ALA B 2402 13.94 -51.31 13.43
CA ALA B 2402 13.70 -52.19 14.57
C ALA B 2402 12.96 -51.47 15.69
N ALA B 2403 13.01 -50.14 15.71
CA ALA B 2403 12.37 -49.25 16.68
C ALA B 2403 13.15 -49.21 17.99
N ASN B 2404 14.19 -50.03 18.17
CA ASN B 2404 15.05 -49.96 19.33
C ASN B 2404 16.27 -49.09 19.08
N SER B 2405 16.73 -49.01 17.83
CA SER B 2405 17.85 -48.18 17.44
C SER B 2405 17.34 -47.17 16.41
N ARG B 2406 16.89 -46.02 16.91
CA ARG B 2406 16.56 -44.92 16.03
C ARG B 2406 17.82 -44.36 15.42
N LEU B 2407 17.75 -44.00 14.14
CA LEU B 2407 18.90 -43.51 13.41
C LEU B 2407 18.96 -41.99 13.33
N PHE B 2408 18.01 -41.28 13.93
CA PHE B 2408 18.08 -39.83 13.94
C PHE B 2408 17.02 -39.31 14.89
N ARG B 2409 17.27 -38.12 15.42
CA ARG B 2409 16.34 -37.48 16.33
C ARG B 2409 15.47 -36.44 15.66
N ARG B 2410 15.95 -35.82 14.59
CA ARG B 2410 15.27 -34.71 13.95
C ARG B 2410 15.31 -34.95 12.44
N ALA B 2411 14.85 -33.97 11.67
CA ALA B 2411 14.86 -34.12 10.22
C ALA B 2411 14.73 -32.75 9.60
N VAL B 2412 15.68 -32.37 8.76
CA VAL B 2412 15.63 -31.09 8.07
C VAL B 2412 15.44 -31.35 6.59
N LEU B 2413 14.21 -31.42 6.13
CA LEU B 2413 13.90 -31.71 4.73
C LEU B 2413 13.73 -30.40 3.99
N MET B 2414 14.63 -30.12 3.07
CA MET B 2414 14.63 -28.87 2.33
C MET B 2414 14.15 -29.16 0.91
N GLY B 2415 12.86 -29.04 0.69
CA GLY B 2415 12.31 -29.11 -0.64
C GLY B 2415 11.60 -30.40 -0.99
N GLY B 2416 11.07 -31.12 -0.02
CA GLY B 2416 10.34 -32.33 -0.33
C GLY B 2416 9.68 -32.89 0.90
N SER B 2417 8.87 -33.92 0.68
CA SER B 2417 8.19 -34.57 1.79
C SER B 2417 7.79 -35.96 1.37
N ALA B 2418 7.53 -36.81 2.37
CA ALA B 2418 7.08 -38.17 2.10
C ALA B 2418 5.76 -38.19 1.36
N LEU B 2419 4.97 -37.12 1.45
CA LEU B 2419 3.63 -37.11 0.92
C LEU B 2419 3.55 -36.64 -0.53
N SER B 2420 4.66 -36.31 -1.16
CA SER B 2420 4.61 -35.82 -2.52
C SER B 2420 4.10 -36.92 -3.43
N PRO B 2421 3.53 -36.57 -4.58
CA PRO B 2421 2.94 -37.60 -5.44
C PRO B 2421 3.91 -38.69 -5.86
N ALA B 2422 5.16 -38.33 -6.13
CA ALA B 2422 6.15 -39.28 -6.63
C ALA B 2422 7.12 -39.73 -5.53
N ALA B 2423 6.68 -39.70 -4.27
CA ALA B 2423 7.54 -40.15 -3.19
C ALA B 2423 7.78 -41.64 -3.25
N VAL B 2424 6.86 -42.40 -3.84
CA VAL B 2424 7.04 -43.82 -4.07
C VAL B 2424 6.34 -44.17 -5.37
N ILE B 2425 6.96 -45.01 -6.18
CA ILE B 2425 6.40 -45.39 -7.47
C ILE B 2425 5.68 -46.72 -7.33
N ARG B 2426 4.54 -46.85 -7.98
CA ARG B 2426 3.75 -48.05 -7.86
C ARG B 2426 4.48 -49.24 -8.47
N PRO B 2427 4.28 -50.44 -7.95
CA PRO B 2427 4.91 -51.62 -8.55
C PRO B 2427 4.65 -51.76 -10.03
N GLU B 2428 3.38 -51.77 -10.45
CA GLU B 2428 3.10 -51.99 -11.87
C GLU B 2428 3.76 -50.93 -12.74
N ARG B 2429 3.95 -49.73 -12.20
CA ARG B 2429 4.72 -48.72 -12.92
C ARG B 2429 6.21 -49.05 -12.89
N ALA B 2430 6.72 -49.47 -11.73
CA ALA B 2430 8.13 -49.81 -11.65
C ALA B 2430 8.46 -50.98 -12.56
N ARG B 2431 7.60 -51.99 -12.59
CA ARG B 2431 7.89 -53.20 -13.36
C ARG B 2431 8.11 -52.86 -14.82
N GLN B 2432 7.32 -51.95 -15.37
CA GLN B 2432 7.46 -51.54 -16.76
C GLN B 2432 8.43 -50.39 -16.95
N GLN B 2433 8.67 -49.61 -15.91
CA GLN B 2433 9.60 -48.49 -16.02
C GLN B 2433 11.04 -48.96 -16.20
N ALA B 2434 11.34 -50.20 -15.82
CA ALA B 2434 12.65 -50.80 -16.05
C ALA B 2434 12.68 -51.65 -17.29
N ALA B 2435 11.55 -52.25 -17.68
CA ALA B 2435 11.49 -52.93 -18.97
C ALA B 2435 11.78 -51.97 -20.11
N ALA B 2436 11.36 -50.71 -19.99
CA ALA B 2436 11.74 -49.72 -20.98
C ALA B 2436 13.25 -49.56 -21.02
N LEU B 2437 13.87 -49.41 -19.85
CA LEU B 2437 15.32 -49.27 -19.80
C LEU B 2437 15.99 -50.50 -20.38
N ALA B 2438 15.59 -51.69 -19.92
CA ALA B 2438 16.23 -52.90 -20.39
C ALA B 2438 16.11 -53.03 -21.90
N LYS B 2439 14.93 -52.77 -22.45
CA LYS B 2439 14.80 -52.76 -23.90
C LYS B 2439 15.66 -51.67 -24.51
N GLU B 2440 15.71 -50.50 -23.88
CA GLU B 2440 16.41 -49.37 -24.48
C GLU B 2440 17.90 -49.66 -24.64
N VAL B 2441 18.55 -50.11 -23.57
CA VAL B 2441 19.99 -50.36 -23.66
C VAL B 2441 20.28 -51.52 -24.59
N GLY B 2442 19.44 -52.54 -24.57
CA GLY B 2442 19.59 -53.68 -25.45
C GLY B 2442 19.44 -55.01 -24.76
N CYS B 2443 19.05 -55.00 -23.49
CA CYS B 2443 18.93 -56.24 -22.73
C CYS B 2443 17.62 -56.94 -23.06
N PRO B 2444 17.55 -58.26 -22.90
CA PRO B 2444 16.30 -58.99 -23.12
C PRO B 2444 15.42 -58.93 -21.88
N SER B 2445 14.33 -58.17 -21.97
CA SER B 2445 13.42 -57.99 -20.84
C SER B 2445 12.39 -59.11 -20.77
N SER B 2446 12.87 -60.35 -20.82
CA SER B 2446 11.98 -61.51 -20.76
C SER B 2446 11.63 -61.84 -19.31
N SER B 2447 12.63 -62.17 -18.51
CA SER B 2447 12.47 -62.39 -17.09
C SER B 2447 13.48 -61.52 -16.35
N VAL B 2448 13.17 -61.18 -15.11
CA VAL B 2448 14.02 -60.26 -14.37
C VAL B 2448 15.42 -60.85 -14.22
N GLN B 2449 15.50 -62.13 -13.87
CA GLN B 2449 16.81 -62.74 -13.65
C GLN B 2449 17.68 -62.64 -14.89
N GLU B 2450 17.08 -62.77 -16.07
CA GLU B 2450 17.84 -62.63 -17.31
C GLU B 2450 18.02 -61.17 -17.70
N MET B 2451 17.08 -60.31 -17.31
CA MET B 2451 17.21 -58.89 -17.63
C MET B 2451 18.28 -58.24 -16.77
N VAL B 2452 18.13 -58.31 -15.45
CA VAL B 2452 19.06 -57.62 -14.56
C VAL B 2452 20.47 -58.15 -14.76
N SER B 2453 20.61 -59.45 -15.00
CA SER B 2453 21.93 -60.02 -15.24
C SER B 2453 22.58 -59.49 -16.51
N CYS B 2454 21.81 -58.83 -17.37
CA CYS B 2454 22.39 -58.18 -18.55
C CYS B 2454 22.78 -56.73 -18.25
N LEU B 2455 21.93 -55.98 -17.55
CA LEU B 2455 22.28 -54.63 -17.17
C LEU B 2455 23.53 -54.61 -16.31
N ARG B 2456 23.78 -55.68 -15.55
CA ARG B 2456 24.95 -55.74 -14.70
C ARG B 2456 26.25 -55.79 -15.50
N GLN B 2457 26.18 -56.00 -16.80
CA GLN B 2457 27.35 -55.93 -17.68
C GLN B 2457 27.50 -54.58 -18.36
N GLU B 2458 26.41 -53.86 -18.58
CA GLU B 2458 26.49 -52.61 -19.32
C GLU B 2458 27.37 -51.62 -18.56
N PRO B 2459 28.29 -50.92 -19.24
CA PRO B 2459 29.06 -49.89 -18.55
C PRO B 2459 28.13 -48.78 -18.06
N ALA B 2460 28.55 -48.13 -16.98
CA ALA B 2460 27.71 -47.10 -16.39
C ALA B 2460 27.43 -45.99 -17.40
N ARG B 2461 28.41 -45.64 -18.21
CA ARG B 2461 28.22 -44.57 -19.20
C ARG B 2461 27.06 -44.90 -20.13
N ILE B 2462 27.05 -46.13 -20.67
CA ILE B 2462 25.98 -46.52 -21.57
C ILE B 2462 24.67 -46.66 -20.82
N LEU B 2463 24.73 -47.07 -19.56
CA LEU B 2463 23.53 -47.29 -18.77
C LEU B 2463 22.98 -46.01 -18.17
N ASN B 2464 23.77 -44.94 -18.15
CA ASN B 2464 23.33 -43.64 -17.67
C ASN B 2464 23.03 -42.67 -18.79
N ASP B 2465 23.49 -42.96 -20.00
CA ASP B 2465 22.97 -42.29 -21.19
C ASP B 2465 21.58 -42.79 -21.54
N ALA B 2466 21.16 -43.92 -20.97
CA ALA B 2466 19.82 -44.44 -21.20
C ALA B 2466 18.82 -43.80 -20.27
N GLN B 2467 19.11 -43.76 -18.98
CA GLN B 2467 18.14 -43.21 -18.04
C GLN B 2467 17.89 -41.74 -18.32
N THR B 2468 18.92 -40.99 -18.70
CA THR B 2468 18.68 -39.60 -19.05
C THR B 2468 17.80 -39.48 -20.28
N LYS B 2469 17.82 -40.50 -21.15
CA LYS B 2469 16.94 -40.48 -22.32
C LYS B 2469 15.51 -40.77 -21.91
N LEU B 2470 15.31 -41.74 -21.03
CA LEU B 2470 13.97 -42.08 -20.57
C LEU B 2470 13.41 -41.05 -19.60
N LEU B 2471 14.27 -40.25 -18.98
CA LEU B 2471 13.85 -39.43 -17.86
C LEU B 2471 13.43 -38.03 -18.27
N ALA B 2472 13.55 -37.66 -19.54
CA ALA B 2472 13.20 -36.32 -19.96
C ALA B 2472 11.69 -36.15 -19.96
N VAL B 2473 11.21 -35.06 -19.35
CA VAL B 2473 9.76 -34.85 -19.34
C VAL B 2473 9.37 -34.06 -20.59
N SER B 2474 9.44 -34.75 -21.71
CA SER B 2474 8.62 -34.45 -22.89
C SER B 2474 8.15 -35.72 -23.58
N GLY B 2475 8.76 -36.86 -23.30
CA GLY B 2475 8.30 -38.14 -23.76
C GLY B 2475 7.91 -39.01 -22.58
N PRO B 2476 8.80 -39.91 -22.16
CA PRO B 2476 8.39 -40.90 -21.14
C PRO B 2476 8.25 -40.32 -19.74
N PHE B 2477 9.21 -39.52 -19.29
CA PHE B 2477 9.24 -39.02 -17.93
C PHE B 2477 9.20 -40.18 -16.93
N HIS B 2478 10.25 -40.99 -16.98
CA HIS B 2478 10.41 -42.12 -16.08
C HIS B 2478 11.25 -41.67 -14.90
N TYR B 2479 10.61 -41.36 -13.78
CA TYR B 2479 11.32 -41.05 -12.56
C TYR B 2479 11.48 -42.31 -11.72
N TRP B 2480 12.66 -42.47 -11.14
CA TRP B 2480 13.00 -43.64 -10.34
C TRP B 2480 13.02 -43.24 -8.87
N GLY B 2481 12.31 -43.99 -8.04
CA GLY B 2481 12.12 -43.61 -6.67
C GLY B 2481 11.89 -44.80 -5.77
N PRO B 2482 11.64 -44.54 -4.50
CA PRO B 2482 11.52 -45.63 -3.54
C PRO B 2482 10.27 -46.47 -3.76
N VAL B 2483 10.44 -47.67 -4.31
CA VAL B 2483 9.34 -48.60 -4.40
C VAL B 2483 8.97 -49.07 -3.00
N VAL B 2484 7.78 -49.64 -2.87
CA VAL B 2484 7.39 -50.37 -1.67
C VAL B 2484 7.73 -51.83 -1.88
N ASP B 2485 8.41 -52.44 -0.91
CA ASP B 2485 8.93 -53.79 -1.06
C ASP B 2485 8.62 -54.69 0.13
N GLY B 2486 7.90 -54.21 1.14
CA GLY B 2486 7.55 -55.04 2.26
C GLY B 2486 8.66 -55.19 3.28
N GLN B 2487 9.88 -55.43 2.82
CA GLN B 2487 10.98 -55.71 3.73
C GLN B 2487 11.43 -54.43 4.44
N TYR B 2488 11.91 -53.45 3.70
CA TYR B 2488 12.34 -52.19 4.31
C TYR B 2488 11.18 -51.21 4.44
N LEU B 2489 10.55 -50.87 3.32
CA LEU B 2489 9.36 -50.05 3.29
C LEU B 2489 8.18 -50.93 2.88
N ARG B 2490 7.14 -50.95 3.70
CA ARG B 2490 6.05 -51.91 3.54
C ARG B 2490 4.71 -51.29 3.16
N GLU B 2491 4.45 -50.05 3.57
CA GLU B 2491 3.20 -49.38 3.29
C GLU B 2491 3.49 -48.01 2.70
N THR B 2492 2.59 -47.54 1.83
CA THR B 2492 2.82 -46.27 1.18
C THR B 2492 2.93 -45.15 2.22
N PRO B 2493 3.77 -44.14 2.00
CA PRO B 2493 4.01 -43.16 3.07
C PRO B 2493 2.75 -42.41 3.49
N ALA B 2494 1.79 -42.23 2.59
CA ALA B 2494 0.54 -41.61 3.00
C ALA B 2494 -0.20 -42.48 4.00
N ARG B 2495 -0.21 -43.79 3.78
CA ARG B 2495 -0.90 -44.70 4.68
C ARG B 2495 -0.13 -44.93 5.96
N VAL B 2496 1.20 -44.85 5.92
CA VAL B 2496 1.98 -44.98 7.14
C VAL B 2496 1.75 -43.79 8.05
N LEU B 2497 1.60 -42.60 7.48
CA LEU B 2497 1.42 -41.41 8.28
C LEU B 2497 0.05 -41.33 8.95
N GLN B 2498 -0.91 -42.15 8.52
CA GLN B 2498 -2.20 -42.17 9.20
C GLN B 2498 -2.07 -42.77 10.59
N ARG B 2499 -1.21 -43.77 10.75
CA ARG B 2499 -1.06 -44.42 12.03
C ARG B 2499 -0.59 -43.42 13.09
N ALA B 2500 -0.65 -43.85 14.35
CA ALA B 2500 -0.33 -42.97 15.45
C ALA B 2500 1.19 -42.78 15.58
N PRO B 2501 1.63 -41.63 16.10
CA PRO B 2501 3.06 -41.46 16.34
C PRO B 2501 3.58 -42.49 17.32
N ARG B 2502 4.84 -42.88 17.11
CA ARG B 2502 5.55 -43.73 18.05
C ARG B 2502 6.79 -43.06 18.62
N VAL B 2503 7.41 -42.14 17.89
CA VAL B 2503 8.59 -41.42 18.34
C VAL B 2503 8.49 -39.99 17.82
N LYS B 2504 8.83 -39.04 18.67
CA LYS B 2504 8.66 -37.63 18.35
C LYS B 2504 9.90 -37.15 17.60
N VAL B 2505 9.79 -37.01 16.29
CA VAL B 2505 10.87 -36.54 15.43
C VAL B 2505 10.53 -35.10 15.03
N ASP B 2506 11.34 -34.16 15.49
CA ASP B 2506 11.16 -32.79 15.07
C ASP B 2506 11.30 -32.69 13.57
N LEU B 2507 11.01 -31.52 13.02
CA LEU B 2507 11.02 -31.38 11.57
C LEU B 2507 11.17 -29.90 11.23
N LEU B 2508 12.16 -29.60 10.40
CA LEU B 2508 12.35 -28.27 9.86
C LEU B 2508 12.22 -28.45 8.35
N ILE B 2509 11.00 -28.38 7.88
CA ILE B 2509 10.69 -28.62 6.49
C ILE B 2509 10.61 -27.28 5.79
N GLY B 2510 10.66 -27.29 4.47
CA GLY B 2510 10.62 -26.04 3.75
C GLY B 2510 10.85 -26.26 2.27
N SER B 2511 10.79 -25.16 1.54
CA SER B 2511 10.93 -25.20 0.10
C SER B 2511 11.41 -23.84 -0.36
N SER B 2512 11.71 -23.74 -1.64
CA SER B 2512 12.10 -22.48 -2.24
C SER B 2512 11.31 -22.26 -3.50
N GLN B 2513 11.06 -20.98 -3.81
CA GLN B 2513 10.27 -20.67 -4.99
C GLN B 2513 11.06 -20.91 -6.26
N ASP B 2514 12.38 -20.86 -6.19
CA ASP B 2514 13.20 -21.16 -7.35
C ASP B 2514 13.15 -22.63 -7.71
N ASP B 2515 12.63 -23.48 -6.83
CA ASP B 2515 12.53 -24.89 -7.11
C ASP B 2515 11.49 -25.13 -8.20
N GLY B 2516 11.35 -26.39 -8.60
CA GLY B 2516 10.39 -26.71 -9.63
C GLY B 2516 10.79 -27.95 -10.39
N LEU B 2517 9.82 -28.77 -10.77
CA LEU B 2517 10.14 -30.05 -11.38
C LEU B 2517 10.95 -29.89 -12.67
N ILE B 2518 10.88 -28.73 -13.32
CA ILE B 2518 11.70 -28.48 -14.51
C ILE B 2518 13.08 -27.96 -14.15
N ASN B 2519 13.24 -27.36 -12.98
CA ASN B 2519 14.55 -26.90 -12.55
C ASN B 2519 15.43 -28.05 -12.11
N ARG B 2520 14.85 -29.08 -11.52
CA ARG B 2520 15.64 -30.23 -11.09
C ARG B 2520 16.13 -31.05 -12.28
N ALA B 2521 15.35 -31.13 -13.34
CA ALA B 2521 15.74 -31.82 -14.56
C ALA B 2521 16.56 -30.94 -15.48
N LYS B 2522 17.19 -29.89 -14.96
CA LYS B 2522 17.99 -29.01 -15.79
C LYS B 2522 19.09 -29.77 -16.50
N ALA B 2523 19.77 -30.67 -15.78
CA ALA B 2523 20.85 -31.43 -16.40
C ALA B 2523 20.33 -32.35 -17.49
N VAL B 2524 19.11 -32.86 -17.35
CA VAL B 2524 18.58 -33.78 -18.35
C VAL B 2524 18.28 -33.05 -19.64
N LYS B 2525 17.70 -31.84 -19.54
CA LYS B 2525 17.40 -31.09 -20.75
C LYS B 2525 18.68 -30.75 -21.52
N GLN B 2526 19.70 -30.27 -20.82
CA GLN B 2526 20.96 -29.96 -21.50
C GLN B 2526 21.52 -31.19 -22.18
N PHE B 2527 21.27 -32.38 -21.63
CA PHE B 2527 21.69 -33.61 -22.29
C PHE B 2527 20.83 -33.87 -23.52
N GLU B 2528 19.53 -33.64 -23.43
CA GLU B 2528 18.66 -33.88 -24.58
C GLU B 2528 19.03 -32.99 -25.75
N GLU B 2529 19.34 -31.72 -25.49
CA GLU B 2529 19.84 -30.86 -26.54
C GLU B 2529 21.06 -31.48 -27.22
N SER B 2530 21.99 -32.00 -26.42
CA SER B 2530 23.17 -32.64 -26.98
C SER B 2530 22.79 -33.82 -27.87
N GLN B 2531 21.68 -34.50 -27.55
CA GLN B 2531 21.18 -35.59 -28.38
C GLN B 2531 20.27 -35.11 -29.50
N GLY B 2532 20.34 -33.83 -29.85
CA GLY B 2532 19.60 -33.33 -30.99
C GLY B 2532 18.16 -32.99 -30.67
N ARG B 2533 17.37 -34.01 -30.33
CA ARG B 2533 15.92 -33.81 -30.19
C ARG B 2533 15.63 -32.75 -29.14
N THR B 2534 14.63 -31.93 -29.41
CA THR B 2534 14.29 -30.79 -28.56
C THR B 2534 12.78 -30.65 -28.49
N SER B 2535 12.32 -29.51 -27.99
CA SER B 2535 10.90 -29.25 -27.85
C SER B 2535 10.21 -29.31 -29.22
N SER B 2536 9.01 -29.90 -29.24
CA SER B 2536 8.25 -30.07 -30.46
C SER B 2536 6.78 -30.01 -30.15
N LYS B 2537 5.96 -30.04 -31.20
CA LYS B 2537 4.52 -29.95 -31.05
C LYS B 2537 4.00 -31.00 -30.06
N THR B 2538 4.49 -32.23 -30.20
CA THR B 2538 4.03 -33.31 -29.32
C THR B 2538 4.44 -33.06 -27.88
N ALA B 2539 5.66 -32.53 -27.68
CA ALA B 2539 6.15 -32.31 -26.33
C ALA B 2539 5.22 -31.40 -25.54
N PHE B 2540 4.72 -30.35 -26.16
CA PHE B 2540 3.91 -29.36 -25.45
C PHE B 2540 2.68 -30.01 -24.84
N DHA B 2541 2.07 -30.94 -25.57
CA DHA B 2541 0.95 -31.72 -25.06
CB DHA B 2541 -0.31 -31.48 -25.37
C DHA B 2541 1.47 -32.84 -24.10
O DHA B 2541 0.77 -33.13 -23.11
H DHA B 2541 2.29 -31.21 -26.51
HB1 DHA B 2541 -0.68 -30.70 -26.04
HB2 DHA B 2541 -1.10 -32.11 -24.95
N GLN B 2542 2.63 -33.42 -24.38
CA GLN B 2542 3.13 -34.55 -23.60
C GLN B 2542 3.79 -34.11 -22.31
N ALA B 2543 4.44 -32.95 -22.34
CA ALA B 2543 5.03 -32.43 -21.11
C ALA B 2543 3.95 -32.14 -20.08
N LEU B 2544 2.82 -31.60 -20.50
CA LEU B 2544 1.73 -31.36 -19.58
C LEU B 2544 1.13 -32.67 -19.08
N GLN B 2545 0.96 -33.66 -19.97
CA GLN B 2545 0.37 -34.92 -19.57
C GLN B 2545 1.23 -35.63 -18.54
N ASN B 2546 2.54 -35.69 -18.79
CA ASN B 2546 3.45 -36.34 -17.86
C ASN B 2546 3.36 -35.69 -16.48
N SER B 2547 3.49 -34.37 -16.44
CA SER B 2547 3.17 -33.65 -15.23
C SER B 2547 1.67 -33.77 -14.95
N LEU B 2548 1.28 -33.54 -13.72
CA LEU B 2548 -0.12 -33.44 -13.32
C LEU B 2548 -0.92 -34.69 -13.66
N GLY B 2549 -0.28 -35.78 -14.09
CA GLY B 2549 -0.98 -36.90 -14.67
C GLY B 2549 -0.60 -38.25 -14.09
N GLY B 2550 -0.29 -39.20 -14.98
CA GLY B 2550 0.07 -40.55 -14.56
C GLY B 2550 -0.58 -41.61 -15.41
N ASP B 2554 -4.63 -38.78 -15.12
CA ASP B 2554 -6.08 -38.60 -15.16
C ASP B 2554 -6.47 -37.61 -16.23
N ALA B 2555 -7.77 -37.51 -16.51
CA ALA B 2555 -8.30 -36.59 -17.51
C ALA B 2555 -9.12 -35.48 -16.91
N GLY B 2556 -9.79 -35.72 -15.78
CA GLY B 2556 -10.50 -34.64 -15.10
C GLY B 2556 -9.60 -33.76 -14.28
N VAL B 2557 -8.52 -34.33 -13.73
CA VAL B 2557 -7.57 -33.52 -12.98
C VAL B 2557 -6.81 -32.59 -13.92
N GLN B 2558 -6.53 -33.05 -15.14
CA GLN B 2558 -5.78 -32.22 -16.06
C GLN B 2558 -6.58 -31.00 -16.49
N ALA B 2559 -7.89 -31.16 -16.67
CA ALA B 2559 -8.72 -30.03 -17.08
C ALA B 2559 -8.73 -28.96 -15.99
N ALA B 2560 -8.87 -29.37 -14.74
CA ALA B 2560 -8.89 -28.40 -13.65
C ALA B 2560 -7.53 -27.72 -13.52
N ALA B 2561 -6.46 -28.51 -13.45
CA ALA B 2561 -5.13 -27.92 -13.34
C ALA B 2561 -4.79 -27.09 -14.56
N THR B 2562 -5.36 -27.44 -15.72
CA THR B 2562 -5.10 -26.66 -16.92
C THR B 2562 -5.74 -25.30 -16.86
N TRP B 2563 -6.89 -25.18 -16.21
CA TRP B 2563 -7.51 -23.86 -16.08
C TRP B 2563 -6.80 -23.03 -15.02
N TYR B 2564 -6.65 -23.59 -13.82
CA TYR B 2564 -6.23 -22.77 -12.69
C TYR B 2564 -4.93 -22.05 -12.98
N TYR B 2565 -3.96 -22.78 -13.54
CA TYR B 2565 -2.68 -22.19 -13.94
C TYR B 2565 -2.68 -21.75 -15.40
N SER B 2566 -3.81 -21.84 -16.08
CA SER B 2566 -3.94 -21.32 -17.44
C SER B 2566 -2.91 -21.95 -18.37
N LEU B 2567 -2.77 -23.27 -18.27
CA LEU B 2567 -1.90 -23.99 -19.19
C LEU B 2567 -2.56 -24.09 -20.55
N GLU B 2568 -1.77 -23.92 -21.61
CA GLU B 2568 -2.22 -24.03 -22.98
C GLU B 2568 -1.30 -25.02 -23.68
N HIS B 2569 -1.60 -26.30 -23.56
CA HIS B 2569 -0.73 -27.31 -24.14
C HIS B 2569 -0.91 -27.45 -25.64
N ASP B 2570 -1.95 -26.83 -26.21
CA ASP B 2570 -2.03 -26.71 -27.67
C ASP B 2570 -1.19 -25.55 -28.18
N SER B 2571 -0.95 -24.53 -27.35
CA SER B 2571 -0.21 -23.36 -27.77
C SER B 2571 1.29 -23.63 -27.69
N ASP B 2572 2.00 -23.30 -28.77
CA ASP B 2572 3.41 -23.64 -28.92
C ASP B 2572 4.29 -22.44 -28.57
N ASP B 2573 4.36 -22.14 -27.28
CA ASP B 2573 5.29 -21.13 -26.78
C ASP B 2573 5.90 -21.55 -25.45
C1 T44 B 2574 9.43 -24.47 -23.75
C2 T44 B 2574 8.64 -25.61 -23.74
C3 T44 B 2574 8.93 -26.66 -22.89
C4 T44 B 2574 10.01 -26.59 -22.02
C5 T44 B 2574 10.81 -25.45 -22.05
C6 T44 B 2574 10.53 -24.40 -22.90
C7 T44 B 2574 9.08 -23.31 -24.66
CA T44 B 2574 7.79 -22.58 -24.27
C T44 B 2574 8.07 -21.41 -23.32
C1' T44 B 2574 11.02 -28.69 -21.43
C2' T44 B 2574 11.08 -29.15 -22.73
C3' T44 B 2574 11.78 -30.32 -23.00
C4' T44 B 2574 12.44 -31.02 -21.99
C5' T44 B 2574 12.37 -30.51 -20.69
C6' T44 B 2574 11.67 -29.36 -20.40
N T44 B 2574 7.12 -22.07 -25.50
O4 T44 B 2574 10.24 -27.59 -21.08
O4' T44 B 2574 13.12 -32.15 -22.27
O T44 B 2574 8.21 -21.68 -22.10
I3 T44 B 2574 7.70 -28.36 -22.92
I3' T44 B 2574 11.84 -31.06 -24.97
I5 T44 B 2574 12.49 -25.31 -20.80
I5' T44 B 2574 13.35 -31.53 -19.14
N ALA B 2575 8.13 -20.18 -23.80
CA ALA B 2575 8.43 -19.04 -22.95
C ALA B 2575 7.42 -18.90 -21.82
N SER B 2576 6.13 -19.02 -22.14
CA SER B 2576 5.07 -18.84 -21.17
C SER B 2576 4.47 -20.14 -20.69
N PHE B 2577 4.27 -21.10 -21.59
CA PHE B 2577 3.74 -22.40 -21.17
C PHE B 2577 4.67 -23.05 -20.16
N SER B 2578 5.95 -23.16 -20.48
CA SER B 2578 6.89 -23.75 -19.56
C SER B 2578 7.02 -22.94 -18.28
N ARG B 2579 6.87 -21.62 -18.37
CA ARG B 2579 6.92 -20.80 -17.18
C ARG B 2579 5.67 -20.98 -16.31
N ALA B 2580 4.53 -21.23 -16.94
CA ALA B 2580 3.29 -21.49 -16.21
C ALA B 2580 3.05 -22.96 -15.97
N LEU B 2581 3.93 -23.83 -16.44
CA LEU B 2581 3.89 -25.24 -16.11
C LEU B 2581 4.89 -25.62 -15.03
N GLU B 2582 5.96 -24.83 -14.86
CA GLU B 2582 6.82 -25.06 -13.71
C GLU B 2582 6.09 -24.73 -12.43
N GLN B 2583 5.17 -23.77 -12.47
CA GLN B 2583 4.44 -23.38 -11.29
C GLN B 2583 3.34 -24.37 -10.94
N ALA B 2584 2.80 -25.08 -11.94
CA ALA B 2584 1.82 -26.12 -11.63
C ALA B 2584 2.51 -27.36 -11.08
N THR B 2585 3.73 -27.63 -11.48
CA THR B 2585 4.49 -28.76 -10.97
C THR B 2585 5.27 -28.41 -9.73
N ARG B 2586 5.63 -27.14 -9.54
CA ARG B 2586 6.14 -26.71 -8.26
C ARG B 2586 5.08 -26.83 -7.18
N ASP B 2587 3.84 -26.50 -7.51
CA ASP B 2587 2.77 -26.60 -6.52
C ASP B 2587 2.40 -28.05 -6.25
N TYR B 2588 2.34 -28.87 -7.28
CA TYR B 2588 1.84 -30.22 -7.10
C TYR B 2588 2.84 -31.08 -6.36
N PHE B 2589 4.12 -30.98 -6.72
CA PHE B 2589 5.14 -31.91 -6.27
C PHE B 2589 6.00 -31.38 -5.14
N ILE B 2590 6.24 -30.09 -5.07
CA ILE B 2590 7.36 -29.55 -4.31
C ILE B 2590 6.88 -28.75 -3.11
N ILE B 2591 5.88 -27.89 -3.26
CA ILE B 2591 5.56 -26.92 -2.24
C ILE B 2591 4.25 -27.20 -1.52
N CYS B 2592 3.34 -27.95 -2.11
CA CYS B 2592 2.15 -28.35 -1.37
C CYS B 2592 2.44 -29.57 -0.51
N PRO B 2593 3.16 -30.58 -1.00
CA PRO B 2593 3.52 -31.69 -0.13
C PRO B 2593 4.36 -31.29 1.07
N VAL B 2594 5.11 -30.19 0.99
CA VAL B 2594 5.87 -29.72 2.15
C VAL B 2594 4.99 -28.82 3.00
N ILE B 2595 3.71 -28.73 2.67
CA ILE B 2595 2.73 -28.15 3.56
C ILE B 2595 1.70 -29.17 3.99
N ASP B 2596 1.46 -30.22 3.19
CA ASP B 2596 0.67 -31.34 3.67
C ASP B 2596 1.41 -32.08 4.76
N MET B 2597 2.72 -32.28 4.59
CA MET B 2597 3.51 -32.93 5.63
C MET B 2597 3.78 -31.98 6.79
N ALA B 2598 4.08 -30.71 6.51
CA ALA B 2598 4.29 -29.78 7.60
C ALA B 2598 3.05 -29.61 8.45
N SER B 2599 1.88 -29.94 7.91
CA SER B 2599 0.64 -29.93 8.69
C SER B 2599 0.37 -31.28 9.32
N HIS B 2600 0.40 -32.35 8.53
CA HIS B 2600 0.16 -33.67 9.08
C HIS B 2600 1.17 -34.03 10.14
N TRP B 2601 2.34 -33.39 10.16
CA TRP B 2601 3.28 -33.59 11.24
C TRP B 2601 2.86 -32.84 12.49
N ALA B 2602 2.18 -31.71 12.33
CA ALA B 2602 1.74 -30.94 13.48
C ALA B 2602 0.34 -31.33 13.94
N ARG B 2603 -0.55 -31.69 13.02
CA ARG B 2603 -1.89 -32.11 13.41
C ARG B 2603 -1.82 -33.37 14.26
N THR B 2604 -1.39 -34.48 13.67
CA THR B 2604 -1.18 -35.72 14.41
C THR B 2604 0.22 -35.64 15.00
N VAL B 2605 0.33 -34.91 16.11
CA VAL B 2605 1.60 -34.35 16.55
C VAL B 2605 2.68 -35.42 16.60
N ARG B 2606 3.71 -35.26 15.77
CA ARG B 2606 4.90 -36.11 15.78
C ARG B 2606 6.11 -35.37 16.30
N GLY B 2607 5.93 -34.15 16.80
CA GLY B 2607 7.03 -33.32 17.22
C GLY B 2607 6.89 -31.94 16.63
N ASN B 2608 7.85 -31.08 16.98
CA ASN B 2608 7.80 -29.72 16.46
C ASN B 2608 7.77 -29.74 14.94
N VAL B 2609 7.34 -28.62 14.37
CA VAL B 2609 7.39 -28.45 12.93
C VAL B 2609 7.68 -26.99 12.64
N PHE B 2610 8.79 -26.72 11.97
CA PHE B 2610 9.16 -25.37 11.58
C PHE B 2610 9.25 -25.34 10.07
N MET B 2611 8.58 -24.38 9.46
CA MET B 2611 8.55 -24.25 8.02
C MET B 2611 9.23 -22.96 7.62
N TYR B 2612 9.98 -23.01 6.52
CA TYR B 2612 10.51 -21.80 5.92
C TYR B 2612 10.07 -21.76 4.47
N HIS B 2613 10.49 -20.72 3.77
CA HIS B 2613 10.19 -20.60 2.36
C HIS B 2613 11.20 -19.63 1.78
N ALA B 2614 12.11 -20.13 0.95
CA ALA B 2614 13.14 -19.30 0.38
C ALA B 2614 12.60 -18.63 -0.88
N PRO B 2615 12.28 -17.34 -0.86
CA PRO B 2615 11.65 -16.72 -2.02
C PRO B 2615 12.59 -16.73 -3.22
N GLU B 2616 12.01 -16.56 -4.40
CA GLU B 2616 12.79 -16.65 -5.62
C GLU B 2616 13.90 -15.62 -5.62
N SER B 2617 15.11 -16.07 -5.94
CA SER B 2617 16.26 -15.18 -6.13
C SER B 2617 16.77 -15.37 -7.54
N TYR B 2618 16.97 -14.26 -8.24
CA TYR B 2618 17.44 -14.27 -9.61
C TYR B 2618 18.95 -14.17 -9.70
N SER B 2619 19.65 -14.20 -8.57
CA SER B 2619 21.06 -13.86 -8.55
C SER B 2619 21.94 -15.03 -8.94
N HIS B 2620 21.80 -16.17 -8.26
CA HIS B 2620 22.82 -17.22 -8.26
C HIS B 2620 22.33 -18.45 -9.00
N SER B 2621 22.51 -18.45 -10.32
CA SER B 2621 22.56 -19.68 -11.07
C SER B 2621 24.03 -20.09 -11.19
N SER B 2622 24.28 -21.22 -11.83
CA SER B 2622 25.58 -21.84 -11.97
C SER B 2622 26.01 -22.54 -10.69
N LEU B 2623 25.26 -22.41 -9.60
CA LEU B 2623 25.39 -23.28 -8.44
C LEU B 2623 24.13 -24.12 -8.37
N GLU B 2624 24.28 -25.44 -8.44
CA GLU B 2624 23.10 -26.29 -8.38
C GLU B 2624 22.65 -26.42 -6.93
N LEU B 2625 22.40 -25.28 -6.29
CA LEU B 2625 21.98 -25.24 -4.90
C LEU B 2625 21.05 -24.04 -4.78
N LEU B 2626 19.89 -24.24 -4.20
CA LEU B 2626 18.96 -23.12 -4.13
C LEU B 2626 19.14 -22.38 -2.81
N THR B 2627 18.51 -21.21 -2.73
CA THR B 2627 18.92 -20.21 -1.76
C THR B 2627 18.72 -20.63 -0.32
N ASP B 2628 18.14 -21.80 -0.07
CA ASP B 2628 18.06 -22.29 1.30
C ASP B 2628 19.16 -23.28 1.63
N VAL B 2629 19.78 -23.91 0.63
CA VAL B 2629 20.90 -24.81 0.88
C VAL B 2629 22.22 -24.09 0.75
N LEU B 2630 22.30 -22.99 0.02
CA LEU B 2630 23.51 -22.19 -0.02
C LEU B 2630 23.46 -21.04 0.97
N TYR B 2631 22.54 -21.07 1.90
CA TYR B 2631 22.58 -20.24 3.10
C TYR B 2631 22.69 -21.07 4.35
N ALA B 2632 22.03 -22.22 4.39
CA ALA B 2632 22.13 -23.08 5.54
C ALA B 2632 23.52 -23.69 5.70
N PHE B 2633 24.32 -23.70 4.63
CA PHE B 2633 25.63 -24.33 4.65
C PHE B 2633 26.75 -23.34 4.44
N GLY B 2634 26.48 -22.05 4.54
CA GLY B 2634 27.53 -21.05 4.47
C GLY B 2634 28.25 -21.01 3.15
N LEU B 2635 27.53 -21.17 2.05
CA LEU B 2635 28.17 -20.99 0.76
C LEU B 2635 28.78 -19.61 0.59
N PRO B 2636 28.18 -18.52 1.06
CA PRO B 2636 28.82 -17.22 0.90
C PRO B 2636 30.21 -17.14 1.48
N PHE B 2637 30.52 -17.93 2.49
CA PHE B 2637 31.79 -17.83 3.17
C PHE B 2637 32.88 -18.67 2.55
N TYR B 2638 32.60 -19.44 1.52
CA TYR B 2638 33.61 -20.32 0.98
C TYR B 2638 34.75 -19.49 0.41
N PRO B 2639 35.99 -19.97 0.50
CA PRO B 2639 37.07 -19.25 -0.18
C PRO B 2639 36.85 -19.14 -1.68
N ALA B 2640 36.27 -20.16 -2.29
CA ALA B 2640 36.06 -20.13 -3.73
C ALA B 2640 35.11 -19.01 -4.13
N TYR B 2641 34.04 -18.82 -3.37
CA TYR B 2641 33.03 -17.81 -3.68
C TYR B 2641 33.30 -16.54 -2.88
N GLU B 2642 34.50 -15.98 -3.09
CA GLU B 2642 34.87 -14.70 -2.52
C GLU B 2642 34.65 -13.64 -3.58
N GLY B 2643 33.84 -12.63 -3.26
CA GLY B 2643 33.52 -11.59 -4.20
C GLY B 2643 32.27 -11.84 -5.00
N GLN B 2644 31.64 -13.01 -4.88
CA GLN B 2644 30.39 -13.28 -5.57
C GLN B 2644 29.17 -13.03 -4.71
N PHE B 2645 29.31 -12.99 -3.40
CA PHE B 2645 28.19 -12.81 -2.49
C PHE B 2645 28.38 -11.51 -1.73
N THR B 2646 27.33 -10.69 -1.69
CA THR B 2646 27.41 -9.41 -1.00
C THR B 2646 27.60 -9.65 0.49
N LEU B 2647 27.78 -8.56 1.24
CA LEU B 2647 27.77 -8.67 2.69
C LEU B 2647 26.36 -8.75 3.25
N GLU B 2648 25.35 -8.54 2.43
CA GLU B 2648 23.98 -8.75 2.86
C GLU B 2648 23.55 -10.20 2.73
N GLU B 2649 24.30 -11.01 1.98
CA GLU B 2649 24.12 -12.45 1.95
C GLU B 2649 25.05 -13.17 2.90
N LYS B 2650 26.30 -12.74 2.99
CA LYS B 2650 27.19 -13.33 3.98
C LYS B 2650 26.65 -13.12 5.38
N SER B 2651 25.88 -12.06 5.59
CA SER B 2651 25.30 -11.81 6.89
C SER B 2651 23.96 -12.51 7.06
N LEU B 2652 23.17 -12.59 6.00
CA LEU B 2652 21.95 -13.38 6.06
C LEU B 2652 22.27 -14.86 6.19
N SER B 2653 23.27 -15.34 5.47
CA SER B 2653 23.63 -16.74 5.58
C SER B 2653 24.08 -17.09 6.98
N LEU B 2654 24.65 -16.14 7.70
CA LEU B 2654 25.13 -16.40 9.04
C LEU B 2654 24.03 -16.35 10.09
N LYS B 2655 22.86 -15.83 9.74
CA LYS B 2655 21.69 -15.94 10.59
C LYS B 2655 20.90 -17.19 10.31
N ILE B 2656 21.09 -17.80 9.13
CA ILE B 2656 20.41 -19.03 8.80
C ILE B 2656 21.26 -20.25 9.11
N MET B 2657 22.58 -20.09 9.20
CA MET B 2657 23.40 -21.17 9.74
C MET B 2657 23.24 -21.32 11.24
N GLN B 2658 22.58 -20.36 11.90
CA GLN B 2658 22.25 -20.47 13.31
C GLN B 2658 20.83 -20.95 13.54
N TYR B 2659 19.90 -20.65 12.64
CA TYR B 2659 18.60 -21.31 12.70
C TYR B 2659 18.76 -22.80 12.45
N PHE B 2660 19.61 -23.17 11.51
CA PHE B 2660 19.79 -24.58 11.19
C PHE B 2660 20.76 -25.27 12.12
N SER B 2661 21.51 -24.54 12.94
CA SER B 2661 22.36 -25.13 13.95
C SER B 2661 21.69 -25.20 15.30
N ASN B 2662 20.80 -24.25 15.61
CA ASN B 2662 19.96 -24.40 16.78
C ASN B 2662 19.02 -25.57 16.64
N PHE B 2663 18.49 -25.79 15.43
CA PHE B 2663 17.60 -26.92 15.23
C PHE B 2663 18.34 -28.23 15.37
N ILE B 2664 19.54 -28.31 14.82
CA ILE B 2664 20.29 -29.56 14.90
C ILE B 2664 20.68 -29.86 16.33
N ARG B 2665 20.81 -28.84 17.16
CA ARG B 2665 21.25 -29.01 18.54
C ARG B 2665 20.08 -29.23 19.49
N SER B 2666 19.10 -28.33 19.46
CA SER B 2666 18.01 -28.36 20.43
C SER B 2666 16.70 -28.88 19.85
N GLY B 2667 16.50 -28.78 18.55
CA GLY B 2667 15.23 -29.14 17.95
C GLY B 2667 14.27 -28.00 17.82
N ASN B 2668 14.72 -26.77 17.96
CA ASN B 2668 13.88 -25.59 17.90
C ASN B 2668 14.75 -24.42 17.47
N PRO B 2669 14.74 -24.00 16.20
CA PRO B 2669 15.76 -23.06 15.72
C PRO B 2669 15.97 -21.83 16.58
N ASN B 2670 15.00 -21.47 17.40
CA ASN B 2670 15.16 -20.27 18.21
C ASN B 2670 16.16 -20.48 19.34
N TYR B 2671 16.28 -21.70 19.86
CA TYR B 2671 16.99 -21.96 21.10
C TYR B 2671 18.17 -22.90 20.87
N PRO B 2672 19.41 -22.51 21.16
CA PRO B 2672 20.55 -23.37 20.83
C PRO B 2672 20.77 -24.53 21.78
N HIS B 2673 20.21 -24.47 22.98
CA HIS B 2673 20.32 -25.56 23.95
C HIS B 2673 18.92 -26.03 24.32
N GLU B 2674 18.75 -27.33 24.39
CA GLU B 2674 17.44 -27.88 24.71
C GLU B 2674 17.10 -27.76 26.19
N PHE B 2675 17.99 -27.18 27.00
CA PHE B 2675 17.75 -26.96 28.42
C PHE B 2675 17.94 -25.51 28.78
N SER B 2676 17.67 -24.60 27.86
CA SER B 2676 17.76 -23.17 28.14
C SER B 2676 16.97 -22.44 27.07
N ARG B 2677 15.85 -21.83 27.47
CA ARG B 2677 14.94 -21.19 26.55
C ARG B 2677 15.19 -19.69 26.46
N ARG B 2678 16.44 -19.26 26.54
CA ARG B 2678 16.79 -17.88 26.27
C ARG B 2678 16.43 -17.56 24.83
N ALA B 2679 15.75 -16.43 24.62
CA ALA B 2679 15.26 -16.09 23.30
C ALA B 2679 16.42 -15.76 22.37
N PRO B 2680 16.24 -15.92 21.07
CA PRO B 2680 17.32 -15.60 20.12
C PRO B 2680 17.43 -14.11 19.85
N GLU B 2681 18.67 -13.67 19.63
CA GLU B 2681 18.96 -12.28 19.36
C GLU B 2681 19.51 -12.04 17.96
N PHE B 2682 20.09 -13.06 17.33
CA PHE B 2682 20.67 -12.88 16.01
C PHE B 2682 19.62 -12.48 14.98
N ALA B 2683 18.42 -13.06 15.07
CA ALA B 2683 17.35 -12.78 14.11
C ALA B 2683 16.02 -12.90 14.82
N ALA B 2684 14.95 -12.64 14.08
CA ALA B 2684 13.62 -12.70 14.67
C ALA B 2684 13.26 -14.14 15.03
N PRO B 2685 12.43 -14.34 16.04
CA PRO B 2685 12.05 -15.71 16.41
C PRO B 2685 11.41 -16.43 15.24
N TRP B 2686 11.70 -17.73 15.15
CA TRP B 2686 11.09 -18.58 14.14
C TRP B 2686 9.87 -19.22 14.77
N PRO B 2687 8.66 -18.87 14.35
CA PRO B 2687 7.47 -19.41 15.01
C PRO B 2687 7.17 -20.84 14.61
N ASP B 2688 6.75 -21.63 15.59
CA ASP B 2688 6.34 -23.00 15.32
C ASP B 2688 5.17 -23.01 14.37
N PHE B 2689 5.15 -24.00 13.48
CA PHE B 2689 4.12 -24.09 12.46
C PHE B 2689 2.92 -24.82 13.03
N VAL B 2690 1.80 -24.13 13.16
CA VAL B 2690 0.54 -24.70 13.60
C VAL B 2690 -0.44 -24.69 12.43
N PRO B 2691 -1.15 -25.77 12.15
CA PRO B 2691 -1.91 -25.86 10.89
C PRO B 2691 -3.19 -25.03 10.87
N ARG B 2692 -3.56 -24.36 11.95
CA ARG B 2692 -4.82 -23.63 11.97
C ARG B 2692 -4.82 -22.54 10.92
N ASP B 2693 -5.91 -22.47 10.16
CA ASP B 2693 -5.99 -21.51 9.06
C ASP B 2693 -5.86 -20.07 9.55
N GLY B 2694 -6.17 -19.80 10.81
CA GLY B 2694 -6.01 -18.45 11.32
C GLY B 2694 -4.59 -17.95 11.20
N ALA B 2695 -3.63 -18.81 11.51
CA ALA B 2695 -2.22 -18.44 11.38
C ALA B 2695 -1.38 -19.71 11.39
N GLU B 2696 -0.70 -19.99 10.28
CA GLU B 2696 0.24 -21.10 10.18
C GLU B 2696 1.59 -20.51 9.74
N SER B 2697 2.35 -20.03 10.71
CA SER B 2697 3.46 -19.18 10.36
C SER B 2697 4.61 -19.99 9.78
N TYR B 2698 5.43 -19.30 8.98
CA TYR B 2698 6.68 -19.86 8.48
C TYR B 2698 7.69 -18.74 8.49
N LYS B 2699 8.85 -18.98 7.90
CA LYS B 2699 9.95 -18.03 7.89
C LYS B 2699 10.37 -17.78 6.46
N GLU B 2700 10.21 -16.55 6.00
CA GLU B 2700 10.64 -16.20 4.65
C GLU B 2700 12.15 -15.95 4.70
N LEU B 2701 12.93 -16.84 4.09
CA LEU B 2701 14.39 -16.72 4.13
C LEU B 2701 14.83 -15.61 3.19
N SER B 2702 14.46 -14.39 3.54
CA SER B 2702 14.88 -13.19 2.84
C SER B 2702 15.83 -12.41 3.74
N VAL B 2703 16.20 -11.21 3.31
CA VAL B 2703 17.24 -10.47 4.02
C VAL B 2703 16.78 -10.14 5.43
N LEU B 2704 15.51 -9.79 5.59
CA LEU B 2704 14.98 -9.42 6.90
C LEU B 2704 14.53 -10.63 7.72
N LEU B 2705 14.48 -11.81 7.12
CA LEU B 2705 13.98 -13.01 7.79
C LEU B 2705 12.64 -12.75 8.49
N PRO B 2706 11.62 -12.33 7.75
CA PRO B 2706 10.34 -12.04 8.39
C PRO B 2706 9.41 -13.24 8.38
N ASN B 2707 8.70 -13.43 9.48
CA ASN B 2707 7.66 -14.44 9.52
C ASN B 2707 6.49 -14.01 8.67
N ARG B 2708 5.86 -14.99 8.04
CA ARG B 2708 4.66 -14.75 7.26
C ARG B 2708 3.66 -15.83 7.61
N GLN B 2709 2.51 -15.83 6.92
CA GLN B 2709 1.47 -16.79 7.21
C GLN B 2709 0.77 -17.18 5.92
N GLY B 2710 0.20 -18.37 5.90
CA GLY B 2710 -0.53 -18.82 4.74
C GLY B 2710 0.35 -18.89 3.52
N LEU B 2711 1.24 -19.88 3.48
CA LEU B 2711 2.24 -19.93 2.41
C LEU B 2711 1.57 -19.89 1.04
N LYS B 2712 0.78 -20.91 0.71
CA LYS B 2712 -0.04 -20.89 -0.49
C LYS B 2712 -1.42 -21.42 -0.10
N LYS B 2713 -2.27 -20.52 0.38
CA LYS B 2713 -3.62 -20.92 0.72
C LYS B 2713 -4.43 -21.23 -0.53
N ALA B 2714 -4.38 -20.34 -1.51
CA ALA B 2714 -5.21 -20.51 -2.68
C ALA B 2714 -4.75 -21.69 -3.52
N ASP B 2715 -3.43 -21.87 -3.67
CA ASP B 2715 -2.91 -22.86 -4.59
C ASP B 2715 -2.81 -24.25 -3.98
N CYS B 2716 -2.52 -24.36 -2.70
CA CYS B 2716 -2.43 -25.66 -2.06
C CYS B 2716 -3.74 -26.08 -1.43
N SER B 2717 -4.77 -25.24 -1.49
CA SER B 2717 -6.13 -25.73 -1.27
C SER B 2717 -6.70 -26.31 -2.55
N PHE B 2718 -6.20 -25.88 -3.71
CA PHE B 2718 -6.61 -26.48 -4.97
C PHE B 2718 -6.15 -27.92 -5.05
N TRP B 2719 -4.88 -28.16 -4.79
CA TRP B 2719 -4.34 -29.51 -4.91
C TRP B 2719 -4.77 -30.39 -3.74
N SER B 2720 -4.72 -29.86 -2.52
CA SER B 2720 -5.00 -30.68 -1.35
C SER B 2720 -6.49 -30.97 -1.20
N LYS B 2721 -7.34 -29.97 -1.42
CA LYS B 2721 -8.77 -30.11 -1.18
C LYS B 2721 -9.52 -30.49 -2.45
N TYR B 2722 -9.41 -29.68 -3.50
CA TYR B 2722 -10.22 -29.93 -4.69
C TYR B 2722 -9.71 -31.14 -5.45
N ILE B 2723 -8.47 -31.09 -5.92
CA ILE B 2723 -7.98 -32.13 -6.81
C ILE B 2723 -8.02 -33.48 -6.13
N GLN B 2724 -7.57 -33.55 -4.88
CA GLN B 2724 -7.62 -34.81 -4.16
C GLN B 2724 -9.03 -35.37 -4.16
N SER B 2725 -10.04 -34.50 -4.07
CA SER B 2725 -11.41 -34.96 -4.27
C SER B 2725 -11.61 -35.49 -5.67
N LEU B 2726 -11.11 -34.78 -6.68
CA LEU B 2726 -11.25 -35.23 -8.05
C LEU B 2726 -10.58 -36.57 -8.29
N LYS B 2727 -9.59 -36.94 -7.48
CA LYS B 2727 -8.93 -38.22 -7.66
C LYS B 2727 -9.91 -39.37 -7.51
N ALA B 2728 -10.83 -39.27 -6.56
CA ALA B 2728 -11.84 -40.30 -6.34
C ALA B 2728 -12.65 -40.53 -7.62
C1 NAG C . -21.56 20.33 -66.94
C2 NAG C . -21.04 18.94 -66.54
C3 NAG C . -20.15 18.30 -67.61
C4 NAG C . -20.64 18.49 -69.04
C5 NAG C . -21.08 19.92 -69.13
C6 NAG C . -21.52 20.31 -70.52
C7 NAG C . -20.95 18.42 -64.23
C8 NAG C . -20.37 18.67 -62.88
N2 NAG C . -20.39 19.03 -65.26
O3 NAG C . -20.19 16.90 -67.36
O4 NAG C . -19.62 18.21 -70.04
O5 NAG C . -22.15 20.01 -68.20
O6 NAG C . -20.37 20.69 -71.28
O7 NAG C . -21.93 17.71 -64.39
H2 NAG C . -21.91 18.30 -66.41
H3 NAG C . -19.13 18.68 -67.52
H4 NAG C . -21.51 17.84 -69.21
H5 NAG C . -20.25 20.57 -68.82
H61 NAG C . -22.23 21.14 -70.47
H62 NAG C . -22.02 19.46 -71.01
H81 NAG C . -20.42 19.71 -62.66
H82 NAG C . -19.36 18.36 -62.87
H83 NAG C . -20.92 18.13 -62.15
HN2 NAG C . -19.56 19.60 -65.14
HO3 NAG C . -19.78 16.43 -68.09
HO6 NAG C . -20.64 21.31 -71.97
C1 NAG C . -20.08 17.18 -70.96
C2 NAG C . -19.21 17.13 -72.21
C3 NAG C . -19.66 16.01 -73.15
C4 NAG C . -19.65 14.69 -72.40
C5 NAG C . -20.56 14.82 -71.20
C6 NAG C . -20.56 13.52 -70.40
C7 NAG C . -18.61 18.60 -74.07
C8 NAG C . -18.80 19.96 -74.66
N2 NAG C . -19.23 18.39 -72.91
O3 NAG C . -18.81 15.91 -74.28
O4 NAG C . -20.07 13.63 -73.28
O5 NAG C . -20.15 15.89 -70.35
O6 NAG C . -21.13 13.77 -69.11
O7 NAG C . -17.96 17.75 -74.63
H2 NAG C . -18.18 16.91 -71.90
H3 NAG C . -20.69 16.22 -73.46
H4 NAG C . -18.62 14.50 -72.04
H5 NAG C . -21.59 15.00 -71.56
H61 NAG C . -19.54 13.16 -70.29
H62 NAG C . -21.14 12.76 -70.93
H81 NAG C . -18.51 20.70 -73.94
H82 NAG C . -19.81 20.11 -74.93
H83 NAG C . -18.18 20.05 -75.52
HN2 NAG C . -19.75 19.14 -72.50
HO3 NAG C . -19.24 15.37 -74.95
HO6 NAG C . -21.14 12.94 -68.60
C1 MAN C . -19.05 12.60 -73.34
C2 MAN C . -18.72 12.19 -74.78
C3 MAN C . -19.76 11.23 -75.35
C4 MAN C . -19.94 10.07 -74.39
C5 MAN C . -20.33 10.60 -73.01
C6 MAN C . -20.55 9.45 -72.04
O2 MAN C . -17.44 11.53 -74.81
O3 MAN C . -19.32 10.74 -76.62
O4 MAN C . -20.95 9.17 -74.87
O5 MAN C . -19.30 11.46 -72.53
O6 MAN C . -21.38 8.47 -72.67
H2 MAN C . -18.69 13.08 -75.42
H3 MAN C . -20.72 11.75 -75.45
H4 MAN C . -18.99 9.53 -74.30
H5 MAN C . -21.27 11.17 -73.12
H61 MAN C . -21.02 9.82 -71.14
H62 MAN C . -19.59 9.01 -71.78
HO2 MAN C . -16.77 12.15 -74.51
HO3 MAN C . -19.23 11.48 -77.24
HO4 MAN C . -20.70 8.84 -75.73
HO6 MAN C . -21.09 7.59 -72.40
C1 NAG D . -23.10 -38.45 34.63
C2 NAG D . -22.55 -39.00 33.34
C3 NAG D . -22.51 -40.51 33.40
C4 NAG D . -21.80 -40.98 34.66
C5 NAG D . -22.38 -40.28 35.88
C6 NAG D . -21.64 -40.68 37.15
C7 NAG D . -24.66 -38.81 32.15
C8 NAG D . -25.28 -38.40 30.86
N2 NAG D . -23.34 -38.61 32.20
O3 NAG D . -21.82 -41.01 32.24
O4 NAG D . -21.90 -42.39 34.75
O5 NAG D . -22.29 -38.88 35.70
O6 NAG D . -20.49 -39.84 37.36
O7 NAG D . -25.28 -39.31 33.06
H2 NAG D . -21.53 -38.62 33.21
H3 NAG D . -23.54 -40.89 33.42
H4 NAG D . -20.74 -40.69 34.60
H5 NAG D . -23.43 -40.58 36.00
H61 NAG D . -21.33 -41.72 37.10
H62 NAG D . -22.31 -40.58 38.01
H81 NAG D . -26.33 -38.59 30.90
H82 NAG D . -24.85 -38.96 30.07
H83 NAG D . -25.11 -37.36 30.70
HN2 NAG D . -22.87 -38.18 31.42
HO3 NAG D . -20.94 -40.63 32.19
HO6 NAG D . -20.78 -38.92 37.41
C1 NAG D . -20.58 -42.91 34.53
C2 NAG D . -20.41 -44.36 34.98
C3 NAG D . -19.01 -44.84 34.59
C4 NAG D . -18.63 -44.48 33.17
C5 NAG D . -18.90 -43.01 32.86
C6 NAG D . -18.59 -42.68 31.40
C7 NAG D . -21.78 -44.71 36.98
C8 NAG D . -21.86 -45.00 38.45
N2 NAG D . -20.59 -44.57 36.41
O3 NAG D . -18.95 -46.27 34.73
O4 NAG D . -17.24 -44.76 32.99
O5 NAG D . -20.27 -42.80 33.15
O6 NAG D . -19.49 -41.70 30.90
O7 NAG D . -22.80 -44.62 36.30
H2 NAG D . -21.14 -44.99 34.44
H3 NAG D . -18.30 -44.37 35.28
H4 NAG D . -19.21 -45.10 32.48
H5 NAG D . -18.26 -42.38 33.50
H61 NAG D . -18.67 -43.58 30.79
H62 NAG D . -17.57 -42.31 31.31
H81 NAG D . -22.88 -45.11 38.72
H82 NAG D . -21.44 -44.19 38.99
H83 NAG D . -21.33 -45.89 38.67
HN2 NAG D . -19.75 -44.65 36.98
HO3 NAG D . -18.10 -46.57 34.36
HO4 NAG D . -17.13 -45.70 32.79
HO6 NAG D . -20.23 -42.14 30.44
C1 NAG E . 0.70 -11.17 -55.80
C2 NAG E . -0.36 -11.94 -55.03
C3 NAG E . -1.40 -12.58 -55.94
C4 NAG E . -1.94 -11.54 -56.89
C5 NAG E . -0.79 -10.92 -57.68
C6 NAG E . -1.29 -9.90 -58.69
C7 NAG E . 1.18 -13.80 -54.74
C8 NAG E . 1.76 -14.80 -53.79
N2 NAG E . 0.27 -12.97 -54.22
O3 NAG E . -2.47 -13.14 -55.16
O4 NAG E . -2.90 -12.13 -57.78
O5 NAG E . 0.11 -10.29 -56.76
O6 NAG E . -1.89 -8.79 -58.00
O7 NAG E . 1.51 -13.74 -55.91
H2 NAG E . -0.88 -11.25 -54.35
H3 NAG E . -0.92 -13.38 -56.53
H4 NAG E . -2.43 -10.74 -56.30
H5 NAG E . -0.27 -11.73 -58.22
H61 NAG E . -2.02 -10.37 -59.35
H62 NAG E . -0.45 -9.54 -59.30
H81 NAG E . 0.98 -15.36 -53.34
H82 NAG E . 2.32 -14.30 -53.03
H83 NAG E . 2.41 -15.46 -54.32
HN2 NAG E . 0.02 -13.05 -53.24
HO3 NAG E . -3.10 -13.57 -55.74
HO6 NAG E . -2.21 -8.15 -58.65
C1 NAG E . -4.19 -11.54 -57.50
C2 NAG E . -5.14 -11.76 -58.67
C3 NAG E . -6.51 -11.16 -58.36
C4 NAG E . -7.02 -11.68 -57.02
C5 NAG E . -5.98 -11.42 -55.93
C6 NAG E . -6.46 -11.97 -54.60
C7 NAG E . -4.00 -11.91 -60.80
C8 NAG E . -3.50 -11.16 -62.00
N2 NAG E . -4.62 -11.17 -59.89
O3 NAG E . -7.44 -11.51 -59.39
O4 NAG E . -8.24 -11.02 -56.68
O5 NAG E . -4.75 -12.03 -56.28
O6 NAG E . -5.55 -11.57 -53.56
O7 NAG E . -3.84 -13.11 -60.68
H2 NAG E . -5.26 -12.84 -58.82
H3 NAG E . -6.41 -10.07 -58.30
H4 NAG E . -7.19 -12.75 -57.10
H5 NAG E . -5.84 -10.34 -55.83
H61 NAG E . -6.51 -13.06 -54.64
H62 NAG E . -7.45 -11.59 -54.37
H81 NAG E . -2.79 -10.44 -61.71
H82 NAG E . -4.32 -10.68 -62.49
H83 NAG E . -3.05 -11.84 -62.69
HN2 NAG E . -4.72 -10.17 -60.03
HO3 NAG E . -8.29 -11.10 -59.21
HO4 NAG E . -8.57 -11.35 -55.84
HO6 NAG E . -5.85 -11.93 -52.71
C1 NAG F . 10.34 -45.16 58.11
C2 NAG F . 9.07 -45.48 57.23
C3 NAG F . 7.82 -45.89 57.97
C4 NAG F . 8.16 -47.00 58.93
C5 NAG F . 9.26 -46.45 59.83
C6 NAG F . 9.54 -47.44 60.95
C7 NAG F . 9.15 -44.24 55.16
C8 NAG F . 8.66 -43.05 54.39
N2 NAG F . 8.73 -44.32 56.41
O3 NAG F . 6.86 -46.34 57.02
O4 NAG F . 6.99 -47.36 59.68
O5 NAG F . 10.45 -46.19 59.08
O6 NAG F . 9.98 -46.72 62.11
O7 NAG F . 9.87 -45.08 54.66
H2 NAG F . 9.34 -46.30 56.56
H3 NAG F . 7.43 -45.03 58.54
H4 NAG F . 8.53 -47.86 58.37
H5 NAG F . 8.89 -45.52 60.27
H61 NAG F . 8.64 -48.01 61.18
H62 NAG F . 10.32 -48.13 60.63
H81 NAG F . 9.00 -42.17 54.86
H82 NAG F . 7.60 -43.06 54.37
H83 NAG F . 9.04 -43.09 53.41
HN2 NAG F . 8.14 -43.61 56.81
HO3 NAG F . 5.99 -46.40 57.42
HO6 NAG F . 10.18 -47.35 62.81
C1 NAG F . 6.38 -48.60 59.25
C2 NAG F . 5.12 -48.76 60.07
C3 NAG F . 4.44 -50.08 59.79
C4 NAG F . 4.05 -50.10 58.33
C5 NAG F . 5.27 -49.78 57.46
C6 NAG F . 4.80 -49.58 56.03
C7 NAG F . 4.44 -48.56 62.41
C8 NAG F . 4.90 -48.29 63.81
N2 NAG F . 5.39 -48.54 61.47
O3 NAG F . 3.27 -50.18 60.59
O4 NAG F . 3.53 -51.40 57.99
O5 NAG F . 5.98 -48.60 57.88
O6 NAG F . 5.93 -49.34 55.18
O7 NAG F . 3.27 -48.78 62.14
H2 NAG F . 4.41 -48.01 59.69
H3 NAG F . 5.13 -50.91 60.00
H4 NAG F . 3.28 -49.33 58.15
H5 NAG F . 5.94 -50.64 57.49
H61 NAG F . 4.12 -48.74 55.97
H62 NAG F . 4.27 -50.48 55.69
H81 NAG F . 5.33 -47.32 63.86
H82 NAG F . 5.63 -49.01 64.08
H83 NAG F . 4.07 -48.36 64.47
HN2 NAG F . 6.34 -48.35 61.74
HO3 NAG F . 2.79 -50.99 60.38
HO6 NAG F . 5.63 -49.21 54.27
C1 MAN F . 2.15 -51.33 57.57
C2 MAN F . 1.37 -52.53 58.11
C3 MAN F . -0.03 -52.62 57.52
C4 MAN F . -0.04 -52.37 56.03
C5 MAN F . 1.38 -52.31 55.49
C6 MAN F . 1.36 -52.16 53.99
O2 MAN F . 1.28 -52.48 59.54
O3 MAN F . -0.89 -51.65 58.16
O4 MAN F . -0.71 -53.44 55.34
O5 MAN F . 2.02 -51.20 56.14
O6 MAN F . 0.38 -53.07 53.47
H2 MAN F . 1.91 -53.44 57.82
H3 MAN F . -0.42 -53.62 57.71
H4 MAN F . -0.54 -51.42 55.82
H5 MAN F . 1.90 -53.24 55.76
H61 MAN F . 2.35 -52.40 53.57
H62 MAN F . 1.10 -51.14 53.71
HO2 MAN F . 1.86 -53.15 59.92
HO3 MAN F . -0.87 -51.79 59.12
HO4 MAN F . -1.62 -53.50 55.68
HO6 MAN F . -0.39 -52.57 53.18
C1 NAG G . -61.14 -1.65 -29.81
C2 NAG G . -61.15 -3.13 -29.49
C3 NAG G . -60.89 -3.97 -30.73
C4 NAG G . -61.61 -3.44 -31.96
C5 NAG G . -61.40 -1.95 -32.11
C6 NAG G . -62.13 -1.38 -33.31
C7 NAG G . -60.45 -3.96 -27.33
C8 NAG G . -59.30 -4.30 -26.43
N2 NAG G . -60.14 -3.47 -28.52
O3 NAG G . -61.34 -5.29 -30.46
O4 NAG G . -61.11 -4.11 -33.12
O5 NAG G . -61.91 -1.31 -30.94
O6 NAG G . -62.18 0.04 -33.20
O7 NAG G . -61.60 -4.14 -26.98
H2 NAG G . -62.15 -3.40 -29.09
H3 NAG G . -59.81 -3.96 -30.93
H4 NAG G . -62.68 -3.63 -31.85
H5 NAG G . -60.33 -1.73 -32.21
H61 NAG G . -63.14 -1.79 -33.35
H62 NAG G . -61.61 -1.67 -34.23
H81 NAG G . -58.79 -3.41 -26.16
H82 NAG G . -58.63 -4.94 -26.96
H83 NAG G . -59.65 -4.78 -25.57
HN2 NAG G . -59.18 -3.33 -28.77
HO3 NAG G . -61.13 -5.86 -31.21
HO4 NAG G . -61.61 -3.83 -33.90
HO6 NAG G . -62.62 0.41 -33.98
C1 NAG H . -37.92 17.11 -35.10
C2 NAG H . -38.29 15.92 -35.97
C3 NAG H . -39.41 16.24 -36.93
C4 NAG H . -40.56 16.78 -36.09
C5 NAG H . -40.12 18.11 -35.54
C6 NAG H . -41.20 18.73 -34.69
C7 NAG H . -37.15 14.49 -37.47
C8 NAG H . -35.89 14.18 -38.21
N2 NAG H . -37.12 15.56 -36.71
O3 NAG H . -39.80 15.06 -37.62
O4 NAG H . -41.74 16.95 -36.88
O5 NAG H . -38.98 17.97 -34.70
O6 NAG H . -40.66 19.88 -34.04
O7 NAG H . -38.16 13.82 -37.55
H2 NAG H . -38.61 15.07 -35.36
H3 NAG H . -39.07 17.02 -37.63
H4 NAG H . -40.75 16.08 -35.26
H5 NAG H . -39.89 18.79 -36.36
H61 NAG H . -41.56 18.01 -33.94
H62 NAG H . -42.06 19.02 -35.31
H81 NAG H . -35.11 14.01 -37.51
H82 NAG H . -35.64 14.99 -38.83
H83 NAG H . -36.04 13.31 -38.80
HN2 NAG H . -36.29 16.12 -36.64
HO3 NAG H . -40.53 15.27 -38.21
HO4 NAG H . -42.43 17.31 -36.33
HO6 NAG H . -41.35 20.29 -33.49
C1 NAG I . -32.03 49.74 -42.83
C2 NAG I . -32.74 50.49 -41.68
C3 NAG I . -34.18 50.06 -41.60
C4 NAG I . -34.85 50.37 -42.93
C5 NAG I . -34.08 49.77 -44.11
C6 NAG I . -34.61 50.33 -45.42
C7 NAG I . -31.08 51.17 -40.09
C8 NAG I . -30.37 50.90 -38.80
N2 NAG I . -32.02 50.30 -40.44
O3 NAG I . -34.86 50.75 -40.54
O4 NAG I . -36.19 49.83 -42.92
O5 NAG I . -32.69 50.07 -44.05
O6 NAG I . -36.02 50.58 -45.31
O7 NAG I . -30.81 52.14 -40.78
H2 NAG I . -32.72 51.56 -41.92
H3 NAG I . -34.23 48.97 -41.42
H4 NAG I . -34.89 51.45 -43.05
H5 NAG I . -34.22 48.68 -44.11
H61 NAG I . -34.44 49.61 -46.22
H62 NAG I . -34.09 51.25 -45.67
H81 NAG I . -29.88 49.96 -38.86
H82 NAG I . -31.07 50.89 -38.01
H83 NAG I . -29.64 51.65 -38.63
HN2 NAG I . -32.23 49.50 -39.86
HO3 NAG I . -35.78 50.47 -40.52
HO4 NAG I . -36.62 50.05 -43.77
HO6 NAG I . -36.35 50.95 -46.14
C1 NAG J . 14.29 45.04 10.90
C2 NAG J . 13.56 45.94 9.92
C3 NAG J . 14.49 47.01 9.37
C4 NAG J . 15.03 47.82 10.54
C5 NAG J . 15.78 46.89 11.49
C6 NAG J . 16.22 47.67 12.72
C7 NAG J . 11.79 44.67 8.88
C8 NAG J . 11.35 43.90 7.67
N2 NAG J . 13.03 45.15 8.83
O3 NAG J . 13.77 47.85 8.47
O4 NAG J . 15.92 48.84 10.08
O5 NAG J . 14.93 45.82 11.91
O6 NAG J . 16.52 46.77 13.79
O7 NAG J . 11.09 44.85 9.84
H2 NAG J . 12.72 46.42 10.44
H3 NAG J . 15.32 46.53 8.86
H4 NAG J . 14.18 48.27 11.08
H5 NAG J . 16.66 46.50 10.97
H61 NAG J . 15.43 48.36 13.03
H62 NAG J . 17.11 48.26 12.48
H81 NAG J . 12.00 43.08 7.52
H82 NAG J . 11.36 44.53 6.82
H83 NAG J . 10.36 43.54 7.83
HN2 NAG J . 13.61 44.98 8.01
HO3 NAG J . 14.37 48.55 8.14
HO4 NAG J . 16.24 49.35 10.84
HO6 NAG J . 16.78 47.26 14.58
C1 NAG K . -12.59 -44.03 60.65
C2 NAG K . -11.18 -44.58 60.78
C3 NAG K . -11.14 -45.95 61.43
C4 NAG K . -11.99 -45.94 62.69
C5 NAG K . -13.41 -45.64 62.27
C6 NAG K . -14.34 -45.74 63.45
C7 NAG K . -9.30 -45.12 59.34
C8 NAG K . -8.83 -45.24 57.93
N2 NAG K . -10.55 -44.70 59.48
O3 NAG K . -9.80 -46.31 61.74
O4 NAG K . -11.93 -47.21 63.33
O5 NAG K . -13.45 -44.32 61.74
O6 NAG K . -14.32 -47.07 63.98
O7 NAG K . -8.58 -45.38 60.29
H2 NAG K . -10.59 -43.88 61.40
H3 NAG K . -11.58 -46.68 60.73
H4 NAG K . -11.62 -45.15 63.36
H5 NAG K . -13.71 -46.37 61.50
H61 NAG K . -15.36 -45.49 63.14
H62 NAG K . -14.04 -45.03 64.23
H81 NAG K . -9.01 -44.33 57.40
H82 NAG K . -9.37 -46.03 57.44
H83 NAG K . -7.79 -45.46 57.91
HN2 NAG K . -11.09 -44.50 58.66
HO3 NAG K . -9.78 -47.20 62.13
HO4 NAG K . -12.47 -47.19 64.13
HO6 NAG K . -14.89 -47.13 64.76
C1 NAG L . -30.06 -23.96 53.28
C2 NAG L . -30.00 -24.35 54.77
C3 NAG L . -31.33 -24.15 55.48
C4 NAG L . -31.83 -22.74 55.23
C5 NAG L . -32.01 -22.54 53.74
C6 NAG L . -32.48 -21.11 53.47
C7 NAG L . -28.41 -26.06 55.46
C8 NAG L . -28.11 -27.52 55.58
N2 NAG L . -29.59 -25.74 54.95
O3 NAG L . -31.18 -24.33 56.89
O4 NAG L . -33.07 -22.55 55.92
O5 NAG L . -30.79 -22.75 53.04
O6 NAG L . -33.25 -20.62 54.56
O7 NAG L . -27.60 -25.21 55.82
H2 NAG L . -29.25 -23.71 55.26
H3 NAG L . -32.06 -24.86 55.08
H4 NAG L . -31.07 -22.03 55.61
H5 NAG L . -32.77 -23.24 53.38
H61 NAG L . -33.08 -21.09 52.55
H62 NAG L . -31.61 -20.46 53.32
H81 NAG L . -28.19 -27.97 54.63
H82 NAG L . -27.13 -27.64 55.96
H83 NAG L . -28.81 -27.96 56.24
HN2 NAG L . -30.24 -26.46 54.68
HO3 NAG L . -32.05 -24.21 57.32
HO4 NAG L . -33.38 -21.65 55.76
HO6 NAG L . -33.55 -19.73 54.37
C1 NAG M . -3.53 9.23 -75.47
C2 NAG M . -4.89 9.92 -75.54
C3 NAG M . -5.67 9.61 -76.80
C4 NAG M . -4.81 9.70 -78.03
C5 NAG M . -3.63 8.77 -77.84
C6 NAG M . -2.72 8.77 -79.07
C7 NAG M . -6.97 9.95 -74.27
C8 NAG M . -7.73 9.38 -73.11
N2 NAG M . -5.73 9.49 -74.44
O3 NAG M . -6.76 10.53 -76.90
O4 NAG M . -5.58 9.30 -79.16
O5 NAG M . -2.88 9.25 -76.73
O6 NAG M . -2.96 7.61 -79.85
O7 NAG M . -7.46 10.80 -75.00
H2 NAG M . -4.74 11.01 -75.47
H3 NAG M . -6.07 8.58 -76.72
H4 NAG M . -4.45 10.73 -78.16
H5 NAG M . -3.99 7.75 -77.65
H61 NAG M . -1.68 8.80 -78.75
H62 NAG M . -2.92 9.66 -79.67
H81 NAG M . -7.21 9.58 -72.21
H82 NAG M . -7.82 8.33 -73.24
H83 NAG M . -8.70 9.82 -73.07
HN2 NAG M . -5.38 8.79 -73.80
HO3 NAG M . -7.30 10.32 -77.68
HO4 NAG M . -5.03 9.33 -79.96
HO6 NAG M . -2.41 7.62 -80.64
C1 NAG N . 17.72 2.52 -64.51
C2 NAG N . 18.71 1.38 -64.82
C3 NAG N . 19.11 1.38 -66.28
C4 NAG N . 17.89 1.50 -67.18
C5 NAG N . 17.11 2.74 -66.79
C6 NAG N . 15.91 2.99 -67.69
C7 NAG N . 20.71 0.44 -63.84
C8 NAG N . 21.97 0.71 -63.05
N2 NAG N . 19.93 1.49 -64.04
O3 NAG N . 19.82 0.17 -66.57
O4 NAG N . 18.31 1.58 -68.55
O5 NAG N . 16.66 2.57 -65.46
O6 NAG N . 15.10 4.04 -67.13
O7 NAG N . 20.43 -0.66 -64.27
H2 NAG N . 18.23 0.43 -64.62
H3 NAG N . 19.77 2.24 -66.47
H4 NAG N . 17.25 0.61 -67.03
H5 NAG N . 17.78 3.61 -66.85
H61 NAG N . 15.31 2.08 -67.78
H62 NAG N . 16.24 3.28 -68.68
H81 NAG N . 21.71 1.07 -62.09
H82 NAG N . 22.55 1.43 -63.56
H83 NAG N . 22.51 -0.19 -62.96
HN2 NAG N . 20.19 2.39 -63.67
HO3 NAG N . 20.10 0.18 -67.49
HO4 NAG N . 17.54 1.67 -69.11
HO6 NAG N . 14.35 4.21 -67.71
C1 NAG O . 34.02 -59.17 6.77
C2 NAG O . 33.16 -59.98 5.81
C3 NAG O . 32.33 -60.96 6.61
C4 NAG O . 33.32 -61.87 7.31
C5 NAG O . 34.26 -61.04 8.19
C6 NAG O . 35.30 -61.92 8.87
C7 NAG O . 32.58 -59.02 3.71
C8 NAG O . 31.79 -57.99 2.94
N2 NAG O . 32.37 -59.06 5.02
O3 NAG O . 31.48 -61.71 5.76
O4 NAG O . 32.60 -62.82 8.11
O5 NAG O . 34.93 -60.06 7.40
O6 NAG O . 35.86 -61.22 9.98
O7 NAG O . 33.37 -59.77 3.18
H2 NAG O . 33.83 -60.54 5.14
H3 NAG O . 31.75 -60.42 7.36
H4 NAG O . 33.91 -62.40 6.56
H5 NAG O . 33.67 -60.55 8.96
H61 NAG O . 36.09 -62.19 8.16
H62 NAG O . 34.83 -62.85 9.22
H81 NAG O . 32.05 -57.02 3.29
H82 NAG O . 30.76 -58.15 3.09
H83 NAG O . 32.02 -58.08 1.91
HN2 NAG O . 31.71 -58.45 5.47
HO3 NAG O . 30.97 -62.35 6.29
HO4 NAG O . 33.22 -63.41 8.55
HO6 NAG O . 36.54 -61.77 10.40
C1 NAG P . 28.75 -38.07 26.76
C2 NAG P . 27.89 -39.32 26.68
C3 NAG P . 28.59 -40.52 27.29
C4 NAG P . 29.94 -40.63 26.62
C5 NAG P . 30.76 -39.44 27.04
C6 NAG P . 32.14 -39.49 26.40
C7 NAG P . 25.75 -40.00 27.40
C8 NAG P . 24.52 -39.67 28.19
N2 NAG P . 26.67 -39.07 27.38
O3 NAG P . 27.82 -41.70 27.07
O4 NAG P . 30.60 -41.84 27.00
O5 NAG P . 30.15 -38.23 26.61
O6 NAG P . 32.79 -38.24 26.60
O7 NAG P . 25.90 -41.04 26.81
H2 NAG P . 27.66 -39.57 25.64
H3 NAG P . 28.73 -40.35 28.37
H4 NAG P . 29.80 -40.61 25.53
H5 NAG P . 30.88 -39.44 28.13
H61 NAG P . 32.05 -39.71 25.33
H62 NAG P . 32.72 -40.29 26.86
H81 NAG P . 24.03 -38.85 27.77
H82 NAG P . 24.79 -39.45 29.19
H83 NAG P . 23.88 -40.52 28.19
HN2 NAG P . 26.55 -38.20 27.88
HO3 NAG P . 28.29 -42.45 27.43
HO4 NAG P . 31.46 -41.89 26.57
HO6 NAG P . 33.66 -38.26 26.18
C1 NAG Q . 43.58 -21.99 53.70
C2 NAG Q . 44.08 -23.39 54.07
C3 NAG Q . 45.57 -23.60 53.87
C4 NAG Q . 45.98 -22.99 52.55
C5 NAG Q . 45.56 -21.53 52.60
C6 NAG Q . 46.16 -20.68 51.49
C7 NAG Q . 43.08 -24.77 55.77
C8 NAG Q . 42.87 -24.98 57.23
N2 NAG Q . 43.77 -23.69 55.44
O3 NAG Q . 45.85 -25.00 53.89
O4 NAG Q . 47.40 -23.10 52.38
O5 NAG Q . 44.14 -21.49 52.50
O6 NAG Q . 45.62 -19.37 51.63
O7 NAG Q . 42.67 -25.56 54.93
H2 NAG Q . 43.55 -24.12 53.43
H3 NAG Q . 46.11 -23.10 54.68
H4 NAG Q . 45.47 -23.50 51.73
H5 NAG Q . 45.87 -21.11 53.56
H61 NAG Q . 45.90 -21.10 50.51
H62 NAG Q . 47.24 -20.66 51.58
H81 NAG Q . 42.36 -24.14 57.63
H82 NAG Q . 42.29 -25.85 57.39
H83 NAG Q . 43.81 -25.08 57.72
HN2 NAG Q . 44.10 -23.06 56.16
HO3 NAG Q . 46.81 -25.14 53.80
HO4 NAG Q . 47.66 -22.66 51.56
HO6 NAG Q . 46.01 -18.79 50.95
C1 NAG R . 23.28 36.84 21.98
C2 NAG R . 22.91 38.31 21.86
C3 NAG R . 23.30 39.05 23.13
C4 NAG R . 22.85 38.32 24.36
C5 NAG R . 23.19 36.84 24.30
C6 NAG R . 22.64 36.12 25.52
C7 NAG R . 23.18 40.19 20.44
C8 NAG R . 23.95 40.87 19.35
N2 NAG R . 23.58 38.98 20.77
O3 NAG R . 22.69 40.34 23.10
O4 NAG R . 23.53 38.92 25.48
O5 NAG R . 22.66 36.26 23.11
O6 NAG R . 21.30 36.54 25.77
O7 NAG R . 22.26 40.72 21.02
H2 NAG R . 21.83 38.40 21.73
H3 NAG R . 24.40 39.17 23.15
H4 NAG R . 21.77 38.43 24.48
H5 NAG R . 24.29 36.73 24.30
H61 NAG R . 23.27 36.34 26.40
H62 NAG R . 22.66 35.04 25.36
H81 NAG R . 23.87 40.30 18.46
H82 NAG R . 24.98 40.94 19.62
H83 NAG R . 23.56 41.84 19.18
HN2 NAG R . 24.36 38.56 20.28
HO3 NAG R . 22.93 40.83 23.89
HO4 NAG R . 23.19 38.53 26.30
HO6 NAG R . 20.95 36.06 26.54
#